data_8WV6
#
_entry.id   8WV6
#
_cell.length_a   1.00
_cell.length_b   1.00
_cell.length_c   1.00
_cell.angle_alpha   90.00
_cell.angle_beta   90.00
_cell.angle_gamma   90.00
#
_symmetry.space_group_name_H-M   'P 1'
#
loop_
_entity.id
_entity.type
_entity.pdbx_description
1 polymer 'Bifunctional protein PaaZ'
2 water water
#
_entity_poly.entity_id   1
_entity_poly.type   'polypeptide(L)'
_entity_poly.pdbx_seq_one_letter_code
;MGHHHHHHQQLASFLSGTWQSGRGRSRLIHHAISGEALWEVTSEGLDMAAARQFAIEKGAPALRAMTFIERAAMLKAVAK
HLLSEKERFYALSAQTGATRADSWVDIEGGIGTLFTYASLGSRELPDDTLWPEDELIPLSKEGGFAARHLLTSKSGVAVH
INAFNFPCWGMLEKLAPTWLGGMPAIIKPATATAQLTQAMVKSIVDSGLVPEGAISLICGSAGDLLDHLDSQDVVTFTGS
AATGQMLRVQPNIVAKSIPFTMEADSLNCCVLGEDVTPDQPEFALFIREVVREMTTKAGQKCTAIRRIIVPQALVNAVSD
ALVARLQKVVVGDPAQEGVKMGALVNAEQRADVQEKVNILLAAGCEIRLGGQADLSAAGAFFPPTLLYCPQPDETPAVHA
TEAFGPVATLMPAQNQRHALQLACAGGGSLAGTLVTADPQIARQFIADAARTHGRIQILNEESAKESTGHGSPLPQLVHG
GPGRAGGGEELGGLRAVKHYMQRTAVQGSPTMLAAISKQWVRGAKVEEDRIHPFRKYFEELQPGDSLLTPRRTMTEADIV
NFACLSGDHFYAHMDKIAAAESIFGERVVHGYFVLSAAAGLFVDAGVGPVIANYGLESLRFIEPVKPGDTIQVRLTCKRK
TLKKQRSAEEKPTGVVEWAVEVFNQHQTPVALYSILTLVARQHGDFVD
;
_entity_poly.pdbx_strand_id   A,B,E,G,I,K
#
# COMPACT_ATOMS: atom_id res chain seq x y z
N GLN A 9 69.94 -38.54 -33.55
CA GLN A 9 68.73 -38.27 -32.79
C GLN A 9 67.58 -37.86 -33.72
N GLN A 10 66.89 -38.85 -34.27
CA GLN A 10 65.83 -38.56 -35.23
C GLN A 10 64.49 -38.36 -34.53
N LEU A 11 63.74 -37.37 -35.02
CA LEU A 11 62.50 -36.91 -34.39
C LEU A 11 61.38 -37.88 -34.75
N ALA A 12 60.68 -38.38 -33.74
CA ALA A 12 59.68 -39.42 -33.95
C ALA A 12 58.32 -38.82 -34.28
N SER A 13 57.48 -39.64 -34.91
CA SER A 13 56.10 -39.32 -35.23
C SER A 13 55.18 -40.19 -34.40
N PHE A 14 54.07 -39.63 -33.94
CA PHE A 14 53.11 -40.35 -33.11
C PHE A 14 51.87 -40.66 -33.93
N LEU A 15 51.84 -41.83 -34.55
CA LEU A 15 50.66 -42.24 -35.29
C LEU A 15 50.31 -43.68 -34.92
N SER A 16 49.02 -43.99 -35.06
CA SER A 16 48.45 -45.29 -34.69
C SER A 16 48.80 -45.67 -33.25
N GLY A 17 49.08 -44.69 -32.40
CA GLY A 17 49.37 -44.94 -31.01
C GLY A 17 50.82 -45.31 -30.71
N THR A 18 51.72 -45.24 -31.68
CA THR A 18 53.10 -45.64 -31.48
C THR A 18 54.04 -44.52 -31.88
N TRP A 19 55.05 -44.30 -31.04
CA TRP A 19 56.14 -43.39 -31.36
C TRP A 19 57.10 -44.09 -32.31
N GLN A 20 57.16 -43.62 -33.56
CA GLN A 20 57.94 -44.27 -34.59
C GLN A 20 58.58 -43.20 -35.48
N SER A 21 59.49 -43.64 -36.35
CA SER A 21 60.18 -42.75 -37.26
C SER A 21 60.23 -43.36 -38.66
N GLY A 22 60.82 -42.60 -39.58
CA GLY A 22 60.94 -43.03 -40.96
C GLY A 22 62.40 -43.24 -41.37
N ARG A 23 62.59 -43.66 -42.62
CA ARG A 23 63.91 -44.00 -43.14
C ARG A 23 63.98 -43.62 -44.61
N GLY A 24 65.00 -42.84 -44.96
CA GLY A 24 65.19 -42.42 -46.34
C GLY A 24 65.80 -41.04 -46.44
N ARG A 25 65.32 -40.24 -47.39
CA ARG A 25 65.78 -38.86 -47.49
C ARG A 25 65.23 -38.05 -46.33
N SER A 26 66.13 -37.59 -45.47
CA SER A 26 65.77 -36.86 -44.27
C SER A 26 65.95 -35.37 -44.49
N ARG A 27 65.56 -34.59 -43.49
CA ARG A 27 65.87 -33.17 -43.42
C ARG A 27 66.40 -32.87 -42.03
N LEU A 28 67.31 -31.90 -41.95
CA LEU A 28 67.99 -31.59 -40.71
C LEU A 28 67.41 -30.31 -40.09
N ILE A 29 67.34 -30.30 -38.77
CA ILE A 29 67.01 -29.09 -38.03
C ILE A 29 68.29 -28.55 -37.44
N HIS A 30 68.64 -27.33 -37.80
CA HIS A 30 69.84 -26.68 -37.29
C HIS A 30 69.49 -25.72 -36.17
N HIS A 31 70.49 -25.46 -35.33
CA HIS A 31 70.35 -24.47 -34.27
C HIS A 31 70.42 -23.08 -34.89
N ALA A 32 69.48 -22.22 -34.52
CA ALA A 32 69.39 -20.91 -35.15
C ALA A 32 70.60 -20.05 -34.83
N ILE A 33 71.16 -20.20 -33.63
CA ILE A 33 72.26 -19.37 -33.19
C ILE A 33 73.60 -20.00 -33.56
N SER A 34 73.82 -21.25 -33.15
CA SER A 34 75.11 -21.87 -33.37
C SER A 34 75.25 -22.37 -34.80
N GLY A 35 74.18 -22.94 -35.37
CA GLY A 35 74.23 -23.47 -36.71
C GLY A 35 74.41 -24.97 -36.80
N GLU A 36 74.50 -25.65 -35.66
CA GLU A 36 74.72 -27.09 -35.66
C GLU A 36 73.44 -27.85 -35.95
N ALA A 37 73.56 -28.96 -36.66
CA ALA A 37 72.43 -29.83 -36.91
C ALA A 37 72.14 -30.69 -35.69
N LEU A 38 71.05 -30.39 -34.98
CA LEU A 38 70.75 -31.07 -33.72
C LEU A 38 69.53 -31.97 -33.78
N TRP A 39 68.84 -32.06 -34.91
CA TRP A 39 67.81 -33.06 -35.15
C TRP A 39 67.78 -33.36 -36.64
N GLU A 40 67.42 -34.59 -36.98
CA GLU A 40 67.10 -34.91 -38.37
C GLU A 40 65.73 -35.56 -38.42
N VAL A 41 65.01 -35.30 -39.51
CA VAL A 41 63.56 -35.50 -39.57
C VAL A 41 63.21 -36.26 -40.84
N THR A 42 62.40 -37.31 -40.69
CA THR A 42 61.96 -38.13 -41.82
C THR A 42 60.78 -38.96 -41.36
N SER A 43 59.85 -39.22 -42.29
CA SER A 43 58.70 -40.07 -42.02
C SER A 43 58.40 -41.01 -43.17
N GLU A 44 59.41 -41.43 -43.92
CA GLU A 44 59.18 -42.28 -45.07
C GLU A 44 58.87 -43.71 -44.63
N GLY A 45 57.96 -44.36 -45.34
CA GLY A 45 57.57 -45.72 -45.02
C GLY A 45 56.54 -45.86 -43.92
N LEU A 46 56.08 -44.75 -43.34
CA LEU A 46 55.03 -44.79 -42.33
C LEU A 46 53.67 -44.94 -43.01
N ASP A 47 52.79 -45.71 -42.38
CA ASP A 47 51.49 -46.02 -42.95
C ASP A 47 50.52 -44.90 -42.59
N MET A 48 50.33 -43.96 -43.52
CA MET A 48 49.44 -42.84 -43.26
C MET A 48 47.99 -43.28 -43.24
N ALA A 49 47.63 -44.26 -44.07
CA ALA A 49 46.26 -44.75 -44.09
C ALA A 49 45.89 -45.40 -42.76
N ALA A 50 46.83 -46.16 -42.17
CA ALA A 50 46.59 -46.74 -40.86
C ALA A 50 46.44 -45.66 -39.80
N ALA A 51 47.21 -44.58 -39.91
CA ALA A 51 47.10 -43.48 -38.96
C ALA A 51 45.74 -42.80 -39.04
N ARG A 52 45.24 -42.55 -40.25
CA ARG A 52 43.92 -41.96 -40.39
C ARG A 52 42.84 -42.91 -39.88
N GLN A 53 42.94 -44.19 -40.21
CA GLN A 53 41.94 -45.15 -39.76
C GLN A 53 41.98 -45.31 -38.25
N PHE A 54 43.15 -45.14 -37.65
CA PHE A 54 43.26 -45.17 -36.20
C PHE A 54 42.63 -43.94 -35.57
N ALA A 55 42.81 -42.78 -36.21
CA ALA A 55 42.16 -41.57 -35.71
C ALA A 55 40.64 -41.69 -35.77
N ILE A 56 40.11 -42.26 -36.85
CA ILE A 56 38.67 -42.18 -37.03
C ILE A 56 37.95 -43.32 -36.32
N GLU A 57 38.57 -44.51 -36.21
CA GLU A 57 37.80 -45.62 -35.65
C GLU A 57 37.80 -45.61 -34.13
N LYS A 58 38.79 -45.01 -33.50
CA LYS A 58 38.77 -45.01 -32.04
C LYS A 58 38.93 -43.65 -31.39
N GLY A 59 39.60 -42.70 -32.04
CA GLY A 59 39.66 -41.36 -31.47
C GLY A 59 38.35 -40.61 -31.59
N ALA A 60 37.74 -40.66 -32.77
CA ALA A 60 36.55 -39.86 -33.03
C ALA A 60 35.32 -40.31 -32.25
N PRO A 61 34.97 -41.59 -32.18
CA PRO A 61 33.78 -41.95 -31.38
C PRO A 61 33.98 -41.71 -29.90
N ALA A 62 35.22 -41.85 -29.42
CA ALA A 62 35.53 -41.49 -28.04
C ALA A 62 35.32 -40.00 -27.78
N LEU A 63 35.76 -39.14 -28.70
CA LEU A 63 35.55 -37.71 -28.50
C LEU A 63 34.09 -37.33 -28.66
N ARG A 64 33.37 -38.04 -29.54
CA ARG A 64 31.97 -37.70 -29.78
C ARG A 64 31.05 -38.19 -28.68
N ALA A 65 31.49 -39.19 -27.90
CA ALA A 65 30.65 -39.61 -26.78
C ALA A 65 30.63 -38.57 -25.67
N MET A 66 31.66 -37.74 -25.57
CA MET A 66 31.69 -36.71 -24.54
C MET A 66 30.75 -35.57 -24.89
N THR A 67 30.15 -34.96 -23.86
CA THR A 67 29.39 -33.75 -24.08
C THR A 67 30.34 -32.58 -24.27
N PHE A 68 29.78 -31.43 -24.67
CA PHE A 68 30.62 -30.26 -24.87
C PHE A 68 31.25 -29.80 -23.55
N ILE A 69 30.55 -30.00 -22.44
CA ILE A 69 31.05 -29.62 -21.13
C ILE A 69 32.24 -30.49 -20.75
N GLU A 70 32.17 -31.80 -21.03
CA GLU A 70 33.29 -32.69 -20.76
C GLU A 70 34.50 -32.34 -21.63
N ARG A 71 34.27 -31.92 -22.87
CA ARG A 71 35.38 -31.58 -23.74
C ARG A 71 36.03 -30.28 -23.32
N ALA A 72 35.23 -29.32 -22.84
CA ALA A 72 35.79 -28.10 -22.29
C ALA A 72 36.60 -28.39 -21.03
N ALA A 73 36.10 -29.28 -20.17
CA ALA A 73 36.87 -29.69 -18.99
C ALA A 73 38.18 -30.36 -19.39
N MET A 74 38.17 -31.15 -20.46
CA MET A 74 39.39 -31.77 -20.95
C MET A 74 40.38 -30.73 -21.47
N LEU A 75 39.89 -29.73 -22.21
CA LEU A 75 40.75 -28.64 -22.65
C LEU A 75 41.41 -27.96 -21.45
N LYS A 76 40.65 -27.74 -20.38
CA LYS A 76 41.21 -27.04 -19.23
C LYS A 76 42.25 -27.89 -18.51
N ALA A 77 41.98 -29.19 -18.33
CA ALA A 77 42.96 -30.07 -17.71
C ALA A 77 44.25 -30.13 -18.53
N VAL A 78 44.11 -30.20 -19.86
CA VAL A 78 45.29 -30.23 -20.72
C VAL A 78 46.06 -28.93 -20.64
N ALA A 79 45.36 -27.79 -20.59
CA ALA A 79 46.04 -26.51 -20.47
C ALA A 79 46.84 -26.44 -19.18
N LYS A 80 46.25 -26.90 -18.07
CA LYS A 80 46.98 -26.86 -16.80
C LYS A 80 48.22 -27.76 -16.86
N HIS A 81 48.07 -28.98 -17.36
CA HIS A 81 49.20 -29.89 -17.43
C HIS A 81 50.30 -29.35 -18.33
N LEU A 82 49.93 -28.69 -19.42
CA LEU A 82 50.94 -28.06 -20.27
C LEU A 82 51.62 -26.91 -19.56
N LEU A 83 50.85 -26.15 -18.77
CA LEU A 83 51.42 -24.99 -18.09
C LEU A 83 52.46 -25.39 -17.06
N SER A 84 52.23 -26.50 -16.35
CA SER A 84 53.21 -26.94 -15.35
C SER A 84 54.56 -27.24 -16.00
N GLU A 85 54.57 -27.84 -17.19
CA GLU A 85 55.78 -28.30 -17.84
C GLU A 85 56.37 -27.30 -18.83
N LYS A 86 56.12 -26.00 -18.64
CA LYS A 86 56.50 -25.04 -19.67
C LYS A 86 58.00 -24.80 -19.78
N GLU A 87 58.77 -25.09 -18.72
CA GLU A 87 60.21 -24.86 -18.78
C GLU A 87 60.87 -25.66 -19.89
N ARG A 88 60.47 -26.93 -20.06
CA ARG A 88 60.98 -27.73 -21.15
C ARG A 88 60.72 -27.05 -22.50
N PHE A 89 59.51 -26.52 -22.67
CA PHE A 89 59.18 -25.84 -23.93
C PHE A 89 60.03 -24.59 -24.11
N TYR A 90 60.29 -23.85 -23.04
CA TYR A 90 61.14 -22.67 -23.16
C TYR A 90 62.55 -23.05 -23.59
N ALA A 91 63.09 -24.12 -22.99
CA ALA A 91 64.43 -24.56 -23.34
C ALA A 91 64.50 -25.02 -24.79
N LEU A 92 63.43 -25.63 -25.30
CA LEU A 92 63.43 -26.03 -26.70
C LEU A 92 63.27 -24.82 -27.61
N SER A 93 62.46 -23.85 -27.20
CA SER A 93 62.28 -22.62 -27.99
C SER A 93 63.57 -21.82 -28.08
N ALA A 94 64.45 -21.96 -27.10
CA ALA A 94 65.77 -21.36 -27.18
C ALA A 94 66.49 -21.75 -28.47
N GLN A 95 66.31 -22.99 -28.92
CA GLN A 95 67.01 -23.48 -30.12
C GLN A 95 66.50 -22.84 -31.40
N THR A 96 65.33 -22.21 -31.37
CA THR A 96 64.72 -21.65 -32.56
C THR A 96 65.24 -20.26 -32.90
N GLY A 97 65.88 -19.58 -31.94
CA GLY A 97 66.35 -18.23 -32.17
C GLY A 97 65.53 -17.15 -31.51
N ALA A 98 64.80 -17.48 -30.46
CA ALA A 98 63.84 -16.56 -29.85
C ALA A 98 64.34 -16.06 -28.50
N THR A 99 64.16 -14.76 -28.26
CA THR A 99 64.32 -14.23 -26.91
C THR A 99 63.24 -14.80 -26.01
N ARG A 100 63.30 -14.46 -24.73
CA ARG A 100 62.35 -15.04 -23.77
C ARG A 100 60.96 -14.43 -23.94
N ALA A 101 60.88 -13.22 -24.48
CA ALA A 101 59.57 -12.61 -24.70
C ALA A 101 58.85 -13.26 -25.87
N ASP A 102 59.59 -13.59 -26.93
CA ASP A 102 59.01 -14.28 -28.08
C ASP A 102 58.51 -15.66 -27.68
N SER A 103 59.35 -16.45 -27.02
CA SER A 103 58.92 -17.74 -26.52
C SER A 103 57.77 -17.59 -25.54
N TRP A 104 57.75 -16.49 -24.78
CA TRP A 104 56.62 -16.27 -23.89
C TRP A 104 55.33 -16.14 -24.68
N VAL A 105 55.33 -15.29 -25.72
CA VAL A 105 54.09 -15.11 -26.47
C VAL A 105 53.67 -16.43 -27.10
N ASP A 106 54.61 -17.18 -27.67
CA ASP A 106 54.26 -18.47 -28.28
C ASP A 106 53.68 -19.44 -27.25
N ILE A 107 54.46 -19.77 -26.22
CA ILE A 107 54.07 -20.80 -25.26
C ILE A 107 52.81 -20.40 -24.52
N GLU A 108 52.86 -19.25 -23.83
CA GLU A 108 51.74 -18.85 -22.99
C GLU A 108 50.54 -18.41 -23.80
N GLY A 109 50.73 -17.98 -25.05
CA GLY A 109 49.58 -17.69 -25.88
C GLY A 109 48.87 -18.95 -26.35
N GLY A 110 49.62 -20.00 -26.67
CA GLY A 110 48.97 -21.27 -26.96
C GLY A 110 48.19 -21.80 -25.78
N ILE A 111 48.82 -21.80 -24.60
CA ILE A 111 48.14 -22.33 -23.42
C ILE A 111 46.95 -21.45 -23.06
N GLY A 112 47.09 -20.13 -23.22
CA GLY A 112 45.96 -19.24 -22.99
C GLY A 112 44.83 -19.45 -23.97
N THR A 113 45.15 -19.81 -25.21
CA THR A 113 44.10 -20.17 -26.17
C THR A 113 43.32 -21.37 -25.68
N LEU A 114 44.02 -22.40 -25.18
CA LEU A 114 43.33 -23.53 -24.57
C LEU A 114 42.41 -23.08 -23.44
N PHE A 115 42.92 -22.25 -22.55
CA PHE A 115 42.12 -21.81 -21.41
C PHE A 115 40.90 -21.01 -21.84
N THR A 116 41.07 -20.14 -22.84
CA THR A 116 39.96 -19.32 -23.32
C THR A 116 38.88 -20.17 -23.97
N TYR A 117 39.26 -21.12 -24.81
CA TYR A 117 38.26 -21.97 -25.43
C TYR A 117 37.58 -22.87 -24.39
N ALA A 118 38.30 -23.29 -23.35
CA ALA A 118 37.67 -24.03 -22.28
C ALA A 118 36.60 -23.20 -21.59
N SER A 119 36.92 -21.96 -21.22
CA SER A 119 35.94 -21.11 -20.56
C SER A 119 34.75 -20.82 -21.47
N LEU A 120 35.02 -20.50 -22.73
CA LEU A 120 33.95 -20.21 -23.69
C LEU A 120 33.02 -21.40 -23.88
N GLY A 121 33.60 -22.59 -24.00
CA GLY A 121 32.79 -23.78 -24.14
C GLY A 121 31.95 -24.07 -22.91
N SER A 122 32.58 -24.11 -21.74
CA SER A 122 31.83 -24.40 -20.52
C SER A 122 30.75 -23.36 -20.28
N ARG A 123 30.91 -22.16 -20.84
CA ARG A 123 29.95 -21.12 -20.54
C ARG A 123 28.81 -21.06 -21.56
N GLU A 124 29.04 -21.47 -22.81
CA GLU A 124 28.05 -21.20 -23.85
C GLU A 124 27.55 -22.45 -24.57
N LEU A 125 28.19 -23.60 -24.38
CA LEU A 125 27.82 -24.75 -25.18
C LEU A 125 26.87 -25.67 -24.42
N PRO A 126 26.02 -26.42 -25.11
CA PRO A 126 25.04 -27.26 -24.41
C PRO A 126 25.70 -28.43 -23.71
N ASP A 127 25.01 -28.93 -22.69
CA ASP A 127 25.41 -30.16 -22.00
C ASP A 127 24.85 -31.35 -22.77
N ASP A 128 25.41 -31.57 -23.95
CA ASP A 128 24.90 -32.56 -24.88
C ASP A 128 26.00 -32.88 -25.89
N THR A 129 25.72 -33.85 -26.73
CA THR A 129 26.61 -34.15 -27.85
C THR A 129 26.16 -33.50 -29.14
N LEU A 130 24.92 -32.99 -29.19
CA LEU A 130 24.40 -32.18 -30.28
C LEU A 130 24.37 -30.72 -29.82
N TRP A 131 24.28 -29.80 -30.77
CA TRP A 131 24.26 -28.36 -30.46
C TRP A 131 23.17 -27.67 -31.26
N PRO A 132 22.03 -27.33 -30.64
CA PRO A 132 21.04 -26.47 -31.29
C PRO A 132 21.50 -25.02 -31.27
N GLU A 133 21.64 -24.42 -32.46
CA GLU A 133 22.29 -23.12 -32.51
C GLU A 133 21.32 -21.95 -32.51
N ASP A 134 20.12 -22.10 -33.06
CA ASP A 134 19.16 -21.01 -33.07
C ASP A 134 17.89 -21.45 -32.34
N GLU A 135 16.96 -20.51 -32.19
CA GLU A 135 15.67 -20.83 -31.60
C GLU A 135 14.78 -21.51 -32.63
N LEU A 136 13.65 -22.04 -32.15
CA LEU A 136 12.69 -22.70 -33.03
C LEU A 136 12.14 -21.71 -34.05
N ILE A 137 12.12 -22.14 -35.31
CA ILE A 137 11.60 -21.34 -36.42
C ILE A 137 10.18 -21.83 -36.72
N PRO A 138 9.15 -21.04 -36.50
CA PRO A 138 7.79 -21.49 -36.82
C PRO A 138 7.55 -21.48 -38.32
N LEU A 139 6.91 -22.54 -38.82
CA LEU A 139 6.68 -22.68 -40.24
C LEU A 139 5.23 -23.01 -40.61
N SER A 140 4.26 -22.67 -39.77
CA SER A 140 2.87 -22.99 -40.10
C SER A 140 1.93 -22.13 -39.27
N LYS A 141 0.63 -22.30 -39.54
CA LYS A 141 -0.39 -21.53 -38.84
C LYS A 141 -0.76 -22.15 -37.50
N GLU A 142 -1.07 -23.45 -37.48
CA GLU A 142 -1.53 -24.08 -36.26
C GLU A 142 -0.38 -24.56 -35.37
N GLY A 143 0.85 -24.60 -35.89
CA GLY A 143 2.00 -24.93 -35.08
C GLY A 143 2.49 -26.35 -35.20
N GLY A 144 1.91 -27.16 -36.07
CA GLY A 144 2.35 -28.54 -36.20
C GLY A 144 3.65 -28.74 -36.92
N PHE A 145 4.23 -27.70 -37.49
CA PHE A 145 5.40 -27.84 -38.37
C PHE A 145 6.34 -26.67 -38.14
N ALA A 146 7.57 -26.97 -37.70
CA ALA A 146 8.57 -25.97 -37.36
C ALA A 146 9.93 -26.52 -37.75
N ALA A 147 10.98 -25.76 -37.45
CA ALA A 147 12.34 -26.20 -37.76
C ALA A 147 13.33 -25.48 -36.88
N ARG A 148 14.48 -26.11 -36.68
CA ARG A 148 15.64 -25.44 -36.09
C ARG A 148 16.91 -26.09 -36.64
N HIS A 149 18.01 -25.37 -36.48
CA HIS A 149 19.31 -25.81 -36.98
C HIS A 149 20.10 -26.50 -35.88
N LEU A 150 20.71 -27.62 -36.21
CA LEU A 150 21.56 -28.36 -35.28
C LEU A 150 22.95 -28.52 -35.85
N LEU A 151 23.92 -28.50 -34.96
CA LEU A 151 25.32 -28.78 -35.30
C LEU A 151 25.69 -30.13 -34.69
N THR A 152 26.25 -31.01 -35.51
CA THR A 152 26.78 -32.29 -35.04
C THR A 152 28.21 -32.42 -35.54
N SER A 153 29.01 -33.22 -34.85
CA SER A 153 30.42 -33.38 -35.22
C SER A 153 30.56 -34.12 -36.53
N LYS A 154 31.54 -33.70 -37.33
CA LYS A 154 31.96 -34.52 -38.45
C LYS A 154 32.65 -35.78 -37.95
N SER A 155 32.51 -36.86 -38.71
CA SER A 155 33.03 -38.16 -38.30
C SER A 155 34.49 -38.37 -38.67
N GLY A 156 35.07 -37.52 -39.49
CA GLY A 156 36.42 -37.72 -39.99
C GLY A 156 37.52 -37.25 -39.05
N VAL A 157 38.65 -36.89 -39.64
CA VAL A 157 39.82 -36.43 -38.92
C VAL A 157 40.22 -35.07 -39.49
N ALA A 158 40.72 -34.19 -38.63
CA ALA A 158 41.16 -32.87 -39.03
C ALA A 158 42.67 -32.85 -39.15
N VAL A 159 43.17 -32.53 -40.34
CA VAL A 159 44.59 -32.45 -40.63
C VAL A 159 45.00 -30.98 -40.59
N HIS A 160 45.98 -30.66 -39.75
CA HIS A 160 46.45 -29.29 -39.59
C HIS A 160 47.90 -29.21 -40.03
N ILE A 161 48.14 -28.50 -41.13
CA ILE A 161 49.48 -28.33 -41.68
C ILE A 161 49.96 -26.95 -41.26
N ASN A 162 50.86 -26.89 -40.29
CA ASN A 162 51.23 -25.65 -39.64
C ASN A 162 52.54 -25.11 -40.18
N ALA A 163 52.75 -23.81 -39.94
CA ALA A 163 53.95 -23.11 -40.33
C ALA A 163 54.95 -23.07 -39.18
N PHE A 164 56.19 -22.65 -39.48
CA PHE A 164 57.23 -22.67 -38.48
C PHE A 164 57.18 -21.48 -37.53
N ASN A 165 56.38 -20.47 -37.82
CA ASN A 165 56.42 -19.21 -37.06
C ASN A 165 56.13 -19.44 -35.59
N PHE A 166 55.03 -20.13 -35.29
CA PHE A 166 54.52 -20.30 -33.93
C PHE A 166 54.27 -21.78 -33.72
N PRO A 167 55.33 -22.55 -33.43
CA PRO A 167 55.16 -24.01 -33.36
C PRO A 167 54.23 -24.50 -32.27
N CYS A 168 54.03 -23.73 -31.20
CA CYS A 168 53.09 -24.11 -30.16
C CYS A 168 51.74 -23.42 -30.31
N TRP A 169 51.72 -22.09 -30.45
CA TRP A 169 50.45 -21.40 -30.62
C TRP A 169 49.75 -21.87 -31.88
N GLY A 170 50.51 -22.07 -32.97
CA GLY A 170 49.90 -22.49 -34.21
C GLY A 170 49.25 -23.85 -34.11
N MET A 171 49.79 -24.72 -33.26
CA MET A 171 49.16 -26.03 -33.08
C MET A 171 47.90 -25.92 -32.22
N LEU A 172 47.97 -25.15 -31.13
CA LEU A 172 46.92 -25.19 -30.14
C LEU A 172 45.73 -24.33 -30.53
N GLU A 173 45.96 -23.23 -31.26
CA GLU A 173 44.85 -22.40 -31.71
C GLU A 173 43.96 -23.15 -32.69
N LYS A 174 44.49 -24.14 -33.39
CA LYS A 174 43.67 -25.03 -34.19
C LYS A 174 43.16 -26.23 -33.41
N LEU A 175 43.99 -26.78 -32.51
CA LEU A 175 43.61 -27.99 -31.79
C LEU A 175 42.42 -27.75 -30.86
N ALA A 176 42.35 -26.59 -30.22
CA ALA A 176 41.27 -26.35 -29.27
C ALA A 176 39.89 -26.42 -29.91
N PRO A 177 39.59 -25.70 -31.00
CA PRO A 177 38.26 -25.85 -31.62
C PRO A 177 38.05 -27.22 -32.25
N THR A 178 39.10 -27.87 -32.72
CA THR A 178 38.94 -29.21 -33.27
C THR A 178 38.38 -30.16 -32.23
N TRP A 179 39.01 -30.25 -31.06
CA TRP A 179 38.51 -31.12 -30.00
C TRP A 179 37.15 -30.67 -29.51
N LEU A 180 36.98 -29.36 -29.28
CA LEU A 180 35.68 -28.89 -28.80
C LEU A 180 34.57 -29.27 -29.78
N GLY A 181 34.87 -29.31 -31.06
CA GLY A 181 33.95 -29.78 -32.07
C GLY A 181 33.80 -31.28 -32.16
N GLY A 182 34.66 -32.04 -31.51
CA GLY A 182 34.54 -33.47 -31.43
C GLY A 182 35.30 -34.24 -32.49
N MET A 183 36.38 -33.67 -33.01
CA MET A 183 37.14 -34.29 -34.09
C MET A 183 38.54 -34.64 -33.63
N PRO A 184 39.06 -35.79 -34.02
CA PRO A 184 40.49 -36.06 -33.82
C PRO A 184 41.33 -35.23 -34.78
N ALA A 185 42.57 -34.96 -34.37
CA ALA A 185 43.47 -34.12 -35.14
C ALA A 185 44.75 -34.86 -35.50
N ILE A 186 45.15 -34.73 -36.76
CA ILE A 186 46.47 -35.12 -37.22
C ILE A 186 47.25 -33.86 -37.50
N ILE A 187 48.40 -33.70 -36.86
CA ILE A 187 49.16 -32.47 -36.91
C ILE A 187 50.45 -32.71 -37.67
N LYS A 188 50.73 -31.84 -38.64
CA LYS A 188 51.95 -31.91 -39.45
C LYS A 188 52.65 -30.56 -39.36
N PRO A 189 53.64 -30.41 -38.49
CA PRO A 189 54.28 -29.10 -38.36
C PRO A 189 55.28 -28.87 -39.46
N ALA A 190 55.82 -27.65 -39.50
CA ALA A 190 56.90 -27.34 -40.42
C ALA A 190 58.17 -28.04 -39.95
N THR A 191 58.91 -28.60 -40.90
CA THR A 191 60.10 -29.38 -40.55
C THR A 191 61.12 -28.54 -39.81
N ALA A 192 61.17 -27.24 -40.07
CA ALA A 192 62.25 -26.40 -39.56
C ALA A 192 62.17 -26.23 -38.05
N THR A 193 61.01 -26.47 -37.43
CA THR A 193 60.86 -26.29 -36.00
C THR A 193 59.98 -27.38 -35.37
N ALA A 194 60.00 -28.59 -35.92
CA ALA A 194 59.07 -29.62 -35.48
C ALA A 194 59.43 -30.17 -34.10
N GLN A 195 60.68 -29.95 -33.66
CA GLN A 195 61.12 -30.48 -32.38
C GLN A 195 60.31 -29.89 -31.23
N LEU A 196 59.77 -28.69 -31.41
CA LEU A 196 59.04 -28.03 -30.33
C LEU A 196 57.59 -28.51 -30.30
N THR A 197 57.04 -28.83 -31.47
CA THR A 197 55.71 -29.42 -31.53
C THR A 197 55.72 -30.82 -30.94
N GLN A 198 56.79 -31.58 -31.20
CA GLN A 198 56.87 -32.95 -30.72
C GLN A 198 56.76 -33.01 -29.20
N ALA A 199 57.44 -32.09 -28.50
CA ALA A 199 57.46 -32.15 -27.04
C ALA A 199 56.09 -31.83 -26.45
N MET A 200 55.38 -30.90 -27.08
CA MET A 200 54.04 -30.58 -26.61
C MET A 200 53.09 -31.74 -26.86
N VAL A 201 53.24 -32.41 -28.01
CA VAL A 201 52.42 -33.60 -28.26
C VAL A 201 52.73 -34.68 -27.24
N LYS A 202 54.01 -34.81 -26.86
CA LYS A 202 54.38 -35.84 -25.89
C LYS A 202 53.84 -35.52 -24.50
N SER A 203 53.88 -34.25 -24.10
CA SER A 203 53.22 -33.83 -22.87
C SER A 203 51.74 -34.22 -22.87
N ILE A 204 51.02 -33.86 -23.95
CA ILE A 204 49.59 -34.14 -24.01
C ILE A 204 49.33 -35.64 -23.95
N VAL A 205 50.14 -36.43 -24.66
CA VAL A 205 49.90 -37.86 -24.75
C VAL A 205 50.25 -38.58 -23.45
N ASP A 206 51.37 -38.20 -22.81
CA ASP A 206 51.80 -38.80 -21.56
C ASP A 206 51.01 -38.30 -20.36
N SER A 207 50.20 -37.26 -20.52
CA SER A 207 49.31 -36.87 -19.43
C SER A 207 48.19 -37.87 -19.20
N GLY A 208 47.83 -38.67 -20.20
CA GLY A 208 46.66 -39.52 -20.09
C GLY A 208 45.34 -38.80 -19.99
N LEU A 209 45.30 -37.51 -20.32
CA LEU A 209 44.10 -36.69 -20.16
C LEU A 209 43.13 -36.78 -21.33
N VAL A 210 43.60 -37.17 -22.51
CA VAL A 210 42.76 -37.12 -23.70
C VAL A 210 42.47 -38.54 -24.16
N PRO A 211 41.39 -38.76 -24.91
CA PRO A 211 41.09 -40.11 -25.39
C PRO A 211 42.19 -40.62 -26.31
N GLU A 212 42.18 -41.93 -26.51
CA GLU A 212 43.19 -42.56 -27.37
C GLU A 212 42.84 -42.31 -28.83
N GLY A 213 43.85 -41.91 -29.60
CA GLY A 213 43.63 -41.58 -31.00
C GLY A 213 43.11 -40.18 -31.23
N ALA A 214 43.04 -39.35 -30.19
CA ALA A 214 42.55 -38.00 -30.32
C ALA A 214 43.60 -37.01 -30.79
N ILE A 215 44.86 -37.42 -30.89
CA ILE A 215 45.94 -36.56 -31.36
C ILE A 215 46.99 -37.43 -32.03
N SER A 216 47.35 -37.08 -33.26
CA SER A 216 48.42 -37.72 -33.99
C SER A 216 49.35 -36.65 -34.53
N LEU A 217 50.59 -37.03 -34.79
CA LEU A 217 51.65 -36.10 -35.14
C LEU A 217 52.51 -36.70 -36.24
N ILE A 218 52.65 -35.98 -37.34
CA ILE A 218 53.49 -36.40 -38.45
C ILE A 218 54.67 -35.45 -38.54
N CYS A 219 55.84 -35.93 -38.13
CA CYS A 219 57.09 -35.19 -38.24
C CYS A 219 57.71 -35.55 -39.59
N GLY A 220 57.84 -34.56 -40.46
CA GLY A 220 58.33 -34.82 -41.80
C GLY A 220 57.28 -34.61 -42.87
N SER A 221 57.29 -35.47 -43.87
CA SER A 221 56.39 -35.33 -45.01
C SER A 221 55.09 -36.07 -44.77
N ALA A 222 54.02 -35.57 -45.38
CA ALA A 222 52.70 -36.16 -45.21
C ALA A 222 52.47 -37.38 -46.09
N GLY A 223 53.40 -37.70 -46.97
CA GLY A 223 53.27 -38.88 -47.80
C GLY A 223 52.08 -38.82 -48.74
N ASP A 224 51.21 -39.82 -48.65
CA ASP A 224 49.99 -39.87 -49.45
C ASP A 224 48.75 -39.76 -48.56
N LEU A 225 48.85 -38.99 -47.48
CA LEU A 225 47.73 -38.91 -46.53
C LEU A 225 46.52 -38.23 -47.16
N LEU A 226 46.74 -37.15 -47.92
CA LEU A 226 45.61 -36.43 -48.51
C LEU A 226 44.85 -37.27 -49.53
N ASP A 227 45.53 -38.21 -50.20
CA ASP A 227 44.86 -39.10 -51.14
C ASP A 227 43.89 -40.04 -50.45
N HIS A 228 44.03 -40.26 -49.15
CA HIS A 228 43.19 -41.19 -48.40
C HIS A 228 42.07 -40.50 -47.64
N LEU A 229 41.91 -39.20 -47.80
CA LEU A 229 40.87 -38.46 -47.09
C LEU A 229 39.54 -38.54 -47.83
N ASP A 230 38.46 -38.55 -47.08
CA ASP A 230 37.12 -38.48 -47.63
C ASP A 230 36.41 -37.21 -47.14
N SER A 231 35.12 -37.11 -47.43
CA SER A 231 34.42 -35.83 -47.31
C SER A 231 34.06 -35.46 -45.89
N GLN A 232 34.32 -36.33 -44.91
CA GLN A 232 34.07 -36.02 -43.51
C GLN A 232 35.30 -35.48 -42.80
N ASP A 233 36.39 -35.26 -43.52
CA ASP A 233 37.63 -34.71 -43.00
C ASP A 233 37.73 -33.23 -43.34
N VAL A 234 38.68 -32.54 -42.71
CA VAL A 234 38.96 -31.14 -43.01
C VAL A 234 40.47 -30.96 -43.02
N VAL A 235 40.94 -29.99 -43.82
CA VAL A 235 42.36 -29.67 -43.92
C VAL A 235 42.54 -28.17 -43.71
N THR A 236 43.54 -27.81 -42.91
CA THR A 236 43.95 -26.42 -42.76
C THR A 236 45.41 -26.30 -43.14
N PHE A 237 45.79 -25.20 -43.78
CA PHE A 237 47.16 -24.97 -44.17
C PHE A 237 47.58 -23.56 -43.80
N THR A 238 48.76 -23.45 -43.19
CA THR A 238 49.41 -22.16 -42.96
C THR A 238 50.79 -22.24 -43.59
N GLY A 239 51.15 -21.21 -44.34
CA GLY A 239 52.46 -21.21 -44.96
C GLY A 239 52.46 -20.38 -46.23
N SER A 240 53.39 -20.70 -47.12
CA SER A 240 53.55 -19.96 -48.36
C SER A 240 52.36 -20.20 -49.28
N ALA A 241 52.18 -19.26 -50.23
CA ALA A 241 51.00 -19.29 -51.08
C ALA A 241 51.10 -20.39 -52.14
N ALA A 242 52.30 -20.66 -52.65
CA ALA A 242 52.45 -21.67 -53.68
C ALA A 242 52.08 -23.06 -53.16
N THR A 243 52.61 -23.42 -51.99
CA THR A 243 52.30 -24.70 -51.38
C THR A 243 50.82 -24.84 -51.06
N GLY A 244 50.22 -23.80 -50.48
CA GLY A 244 48.80 -23.86 -50.17
C GLY A 244 47.93 -23.99 -51.39
N GLN A 245 48.21 -23.20 -52.42
CA GLN A 245 47.42 -23.25 -53.64
C GLN A 245 47.62 -24.56 -54.37
N MET A 246 48.78 -25.20 -54.19
CA MET A 246 48.96 -26.55 -54.71
C MET A 246 48.10 -27.55 -53.95
N LEU A 247 48.06 -27.46 -52.63
CA LEU A 247 47.21 -28.34 -51.84
C LEU A 247 45.73 -28.14 -52.19
N ARG A 248 45.35 -26.92 -52.53
CA ARG A 248 43.94 -26.60 -52.75
C ARG A 248 43.39 -27.30 -53.99
N VAL A 249 44.24 -27.66 -54.94
CA VAL A 249 43.81 -28.40 -56.12
C VAL A 249 44.24 -29.86 -56.08
N GLN A 250 44.60 -30.36 -54.90
CA GLN A 250 44.84 -31.79 -54.73
C GLN A 250 43.65 -32.57 -55.26
N PRO A 251 43.86 -33.55 -56.15
CA PRO A 251 42.71 -34.17 -56.83
C PRO A 251 41.72 -34.83 -55.88
N ASN A 252 42.21 -35.49 -54.83
CA ASN A 252 41.29 -36.08 -53.87
C ASN A 252 40.49 -35.03 -53.12
N ILE A 253 41.13 -33.92 -52.73
CA ILE A 253 40.46 -32.89 -51.96
C ILE A 253 39.36 -32.22 -52.78
N VAL A 254 39.56 -32.08 -54.09
CA VAL A 254 38.55 -31.44 -54.92
C VAL A 254 37.47 -32.44 -55.32
N ALA A 255 37.83 -33.71 -55.47
CA ALA A 255 36.85 -34.70 -55.91
C ALA A 255 35.84 -35.01 -54.81
N LYS A 256 36.26 -34.97 -53.55
CA LYS A 256 35.38 -35.31 -52.44
C LYS A 256 34.80 -34.09 -51.74
N SER A 257 35.13 -32.88 -52.21
CA SER A 257 34.64 -31.65 -51.60
C SER A 257 35.09 -31.53 -50.15
N ILE A 258 36.37 -31.80 -49.91
CA ILE A 258 36.89 -31.74 -48.55
C ILE A 258 37.14 -30.28 -48.17
N PRO A 259 36.59 -29.78 -47.07
CA PRO A 259 36.81 -28.38 -46.69
C PRO A 259 38.29 -28.11 -46.50
N PHE A 260 38.76 -27.01 -47.09
CA PHE A 260 40.16 -26.66 -47.11
C PHE A 260 40.29 -25.19 -46.76
N THR A 261 41.06 -24.89 -45.72
CA THR A 261 41.27 -23.53 -45.25
C THR A 261 42.75 -23.17 -45.38
N MET A 262 43.04 -22.09 -46.08
CA MET A 262 44.40 -21.67 -46.34
C MET A 262 44.64 -20.32 -45.67
N GLU A 263 45.82 -20.16 -45.08
CA GLU A 263 46.29 -18.88 -44.55
C GLU A 263 47.71 -18.64 -45.04
N ALA A 264 47.94 -17.52 -45.71
CA ALA A 264 49.15 -17.28 -46.47
C ALA A 264 49.82 -15.98 -46.04
N ASP A 265 50.79 -15.55 -46.84
CA ASP A 265 51.56 -14.33 -46.55
C ASP A 265 50.76 -13.09 -46.91
N SER A 266 50.81 -12.09 -46.03
CA SER A 266 50.06 -10.86 -46.22
C SER A 266 50.97 -9.66 -45.95
N LEU A 267 50.64 -8.54 -46.59
CA LEU A 267 51.39 -7.30 -46.41
C LEU A 267 50.60 -6.38 -45.49
N ASN A 268 50.79 -6.59 -44.19
CA ASN A 268 50.07 -5.83 -43.18
C ASN A 268 50.58 -4.39 -43.14
N CYS A 269 49.66 -3.45 -43.04
CA CYS A 269 49.98 -2.03 -43.11
C CYS A 269 49.78 -1.37 -41.76
N CYS A 270 50.28 -0.13 -41.66
CA CYS A 270 50.06 0.72 -40.49
C CYS A 270 50.02 2.15 -40.98
N VAL A 271 48.84 2.76 -40.93
CA VAL A 271 48.61 4.10 -41.45
C VAL A 271 48.66 5.08 -40.29
N LEU A 272 49.30 6.23 -40.52
CA LEU A 272 49.21 7.37 -39.61
C LEU A 272 48.18 8.35 -40.15
N GLY A 273 47.31 8.83 -39.28
CA GLY A 273 46.25 9.72 -39.72
C GLY A 273 46.78 11.10 -40.10
N GLU A 274 45.97 11.82 -40.86
CA GLU A 274 46.32 13.19 -41.19
C GLU A 274 46.26 14.10 -39.97
N ASP A 275 45.39 13.82 -39.00
CA ASP A 275 45.26 14.66 -37.82
C ASP A 275 46.48 14.61 -36.91
N VAL A 276 47.39 13.67 -37.14
CA VAL A 276 48.49 13.42 -36.20
C VAL A 276 49.67 14.33 -36.53
N THR A 277 50.20 14.98 -35.51
CA THR A 277 51.35 15.87 -35.60
C THR A 277 52.41 15.41 -34.61
N PRO A 278 53.68 15.72 -34.88
CA PRO A 278 54.75 15.13 -34.05
C PRO A 278 54.70 15.52 -32.58
N ASP A 279 54.05 16.62 -32.22
CA ASP A 279 54.00 17.02 -30.82
C ASP A 279 52.92 16.28 -30.03
N GLN A 280 52.25 15.29 -30.62
CA GLN A 280 51.19 14.55 -29.95
C GLN A 280 51.68 13.19 -29.45
N PRO A 281 51.02 12.63 -28.44
CA PRO A 281 51.37 11.27 -27.99
C PRO A 281 51.15 10.21 -29.06
N GLU A 282 50.17 10.42 -29.94
CA GLU A 282 49.91 9.45 -31.00
C GLU A 282 51.14 9.21 -31.85
N PHE A 283 51.95 10.24 -32.10
CA PHE A 283 53.15 10.08 -32.90
C PHE A 283 54.14 9.11 -32.24
N ALA A 284 54.38 9.31 -30.94
CA ALA A 284 55.30 8.45 -30.22
C ALA A 284 54.81 7.02 -30.15
N LEU A 285 53.52 6.83 -29.86
CA LEU A 285 53.04 5.45 -29.79
C LEU A 285 53.01 4.81 -31.18
N PHE A 286 52.82 5.58 -32.24
CA PHE A 286 52.94 5.05 -33.59
C PHE A 286 54.34 4.53 -33.87
N ILE A 287 55.36 5.34 -33.54
CA ILE A 287 56.74 4.89 -33.71
C ILE A 287 56.99 3.61 -32.92
N ARG A 288 56.62 3.61 -31.64
CA ARG A 288 56.85 2.45 -30.79
C ARG A 288 56.15 1.21 -31.35
N GLU A 289 54.94 1.38 -31.87
CA GLU A 289 54.17 0.28 -32.44
C GLU A 289 54.87 -0.31 -33.65
N VAL A 290 55.25 0.55 -34.60
CA VAL A 290 55.93 0.06 -35.80
C VAL A 290 57.20 -0.70 -35.42
N VAL A 291 57.96 -0.19 -34.45
CA VAL A 291 59.23 -0.82 -34.14
C VAL A 291 59.01 -2.17 -33.47
N ARG A 292 58.08 -2.23 -32.51
CA ARG A 292 57.80 -3.49 -31.84
C ARG A 292 57.34 -4.55 -32.83
N GLU A 293 56.42 -4.17 -33.73
CA GLU A 293 55.95 -5.13 -34.72
C GLU A 293 57.05 -5.51 -35.70
N MET A 294 58.01 -4.62 -35.94
CA MET A 294 59.10 -4.94 -36.86
C MET A 294 60.10 -5.90 -36.24
N THR A 295 60.31 -5.83 -34.92
CA THR A 295 61.43 -6.55 -34.35
C THR A 295 61.04 -7.72 -33.44
N THR A 296 59.77 -7.88 -33.08
CA THR A 296 59.40 -9.06 -32.30
C THR A 296 59.55 -10.33 -33.11
N LYS A 297 60.20 -11.34 -32.53
CA LYS A 297 60.56 -12.59 -33.22
C LYS A 297 61.37 -12.32 -34.47
N ALA A 298 62.11 -11.22 -34.48
CA ALA A 298 62.79 -10.73 -35.68
C ALA A 298 61.79 -10.52 -36.82
N GLY A 299 60.58 -10.09 -36.48
CA GLY A 299 59.56 -9.86 -37.48
C GLY A 299 59.14 -11.09 -38.25
N GLN A 300 59.09 -12.25 -37.60
CA GLN A 300 58.75 -13.51 -38.26
C GLN A 300 57.31 -13.94 -38.03
N LYS A 301 56.46 -13.08 -37.49
CA LYS A 301 55.06 -13.44 -37.35
C LYS A 301 54.28 -12.99 -38.57
N CYS A 302 53.16 -13.68 -38.84
CA CYS A 302 52.38 -13.41 -40.03
C CYS A 302 51.64 -12.08 -39.96
N THR A 303 51.60 -11.46 -38.79
CA THR A 303 50.95 -10.18 -38.60
C THR A 303 51.94 -9.03 -38.44
N ALA A 304 53.19 -9.20 -38.86
CA ALA A 304 54.18 -8.14 -38.75
C ALA A 304 53.94 -7.06 -39.79
N ILE A 305 54.24 -5.82 -39.41
CA ILE A 305 54.01 -4.67 -40.28
C ILE A 305 55.03 -4.66 -41.40
N ARG A 306 54.54 -4.65 -42.64
CA ARG A 306 55.40 -4.63 -43.82
C ARG A 306 55.32 -3.33 -44.59
N ARG A 307 54.24 -2.57 -44.45
CA ARG A 307 54.03 -1.35 -45.19
C ARG A 307 53.63 -0.23 -44.24
N ILE A 308 54.44 0.82 -44.19
CA ILE A 308 54.17 1.97 -43.33
C ILE A 308 53.76 3.13 -44.22
N ILE A 309 52.56 3.63 -44.01
CA ILE A 309 51.95 4.64 -44.87
C ILE A 309 51.71 5.89 -44.02
N VAL A 310 52.42 6.97 -44.35
CA VAL A 310 52.35 8.21 -43.58
C VAL A 310 52.02 9.33 -44.54
N PRO A 311 51.59 10.49 -44.03
CA PRO A 311 51.36 11.64 -44.90
C PRO A 311 52.68 12.21 -45.41
N GLN A 312 52.60 12.83 -46.59
CA GLN A 312 53.80 13.33 -47.27
C GLN A 312 54.64 14.24 -46.38
N ALA A 313 53.98 15.15 -45.65
CA ALA A 313 54.72 16.08 -44.81
C ALA A 313 55.48 15.37 -43.69
N LEU A 314 54.85 14.37 -43.07
CA LEU A 314 55.42 13.70 -41.90
C LEU A 314 56.52 12.73 -42.26
N VAL A 315 56.83 12.55 -43.54
CA VAL A 315 57.66 11.43 -43.99
C VAL A 315 59.04 11.49 -43.36
N ASN A 316 59.70 12.65 -43.48
CA ASN A 316 61.09 12.76 -43.04
C ASN A 316 61.22 12.66 -41.53
N ALA A 317 60.27 13.26 -40.79
CA ALA A 317 60.30 13.14 -39.34
C ALA A 317 60.09 11.69 -38.91
N VAL A 318 59.15 10.99 -39.57
CA VAL A 318 58.89 9.60 -39.25
C VAL A 318 60.12 8.75 -39.55
N SER A 319 60.79 9.04 -40.66
CA SER A 319 61.94 8.24 -41.05
C SER A 319 63.13 8.52 -40.13
N ASP A 320 63.24 9.74 -39.61
CA ASP A 320 64.23 10.00 -38.57
C ASP A 320 63.94 9.19 -37.32
N ALA A 321 62.70 9.25 -36.84
CA ALA A 321 62.36 8.63 -35.57
C ALA A 321 62.46 7.11 -35.64
N LEU A 322 62.05 6.52 -36.76
CA LEU A 322 62.08 5.07 -36.88
C LEU A 322 63.51 4.56 -36.80
N VAL A 323 64.42 5.11 -37.62
CA VAL A 323 65.80 4.66 -37.58
C VAL A 323 66.42 4.96 -36.23
N ALA A 324 66.02 6.08 -35.61
CA ALA A 324 66.56 6.42 -34.29
C ALA A 324 66.23 5.34 -33.27
N ARG A 325 64.93 5.03 -33.11
CA ARG A 325 64.55 3.99 -32.17
C ARG A 325 65.04 2.62 -32.60
N LEU A 326 65.27 2.42 -33.89
CA LEU A 326 65.58 1.11 -34.44
C LEU A 326 67.06 0.79 -34.37
N GLN A 327 67.91 1.80 -34.21
CA GLN A 327 69.34 1.57 -34.05
C GLN A 327 69.68 1.10 -32.65
N LYS A 328 68.83 1.42 -31.66
CA LYS A 328 69.07 0.98 -30.29
C LYS A 328 68.63 -0.46 -30.05
N VAL A 329 68.22 -1.18 -31.09
CA VAL A 329 67.86 -2.59 -30.94
C VAL A 329 69.10 -3.43 -31.19
N VAL A 330 69.54 -4.15 -30.15
CA VAL A 330 70.76 -4.94 -30.22
C VAL A 330 70.42 -6.32 -30.75
N VAL A 331 71.03 -6.70 -31.86
CA VAL A 331 70.87 -8.02 -32.44
C VAL A 331 71.97 -8.92 -31.89
N GLY A 332 71.60 -10.11 -31.43
CA GLY A 332 72.61 -11.03 -30.93
C GLY A 332 71.98 -12.26 -30.31
N ASP A 333 72.80 -12.99 -29.58
CA ASP A 333 72.39 -14.24 -28.95
C ASP A 333 71.62 -13.94 -27.67
N PRO A 334 70.32 -14.22 -27.61
CA PRO A 334 69.52 -13.78 -26.46
C PRO A 334 69.97 -14.37 -25.13
N ALA A 335 70.80 -15.41 -25.15
CA ALA A 335 71.37 -15.91 -23.91
C ALA A 335 72.34 -14.91 -23.30
N GLN A 336 72.80 -13.95 -24.09
CA GLN A 336 73.68 -12.90 -23.59
C GLN A 336 72.89 -11.65 -23.23
N GLU A 337 73.10 -11.18 -22.01
CA GLU A 337 72.35 -10.04 -21.51
C GLU A 337 72.73 -8.77 -22.25
N GLY A 338 71.73 -8.13 -22.84
CA GLY A 338 71.90 -6.99 -23.72
C GLY A 338 71.28 -7.17 -25.07
N VAL A 339 70.79 -8.36 -25.39
CA VAL A 339 70.17 -8.68 -26.67
C VAL A 339 68.68 -8.43 -26.55
N LYS A 340 68.11 -7.75 -27.54
CA LYS A 340 66.68 -7.47 -27.56
C LYS A 340 65.95 -8.16 -28.71
N MET A 341 66.68 -8.70 -29.68
CA MET A 341 66.07 -9.34 -30.84
C MET A 341 67.02 -10.40 -31.38
N GLY A 342 66.54 -11.63 -31.47
CA GLY A 342 67.39 -12.75 -31.85
C GLY A 342 67.55 -12.94 -33.34
N ALA A 343 67.66 -14.21 -33.73
CA ALA A 343 67.94 -14.58 -35.11
C ALA A 343 66.68 -15.09 -35.80
N LEU A 344 66.78 -15.27 -37.11
CA LEU A 344 65.82 -16.06 -37.83
C LEU A 344 65.99 -17.53 -37.45
N VAL A 345 65.22 -18.39 -38.11
CA VAL A 345 65.28 -19.81 -37.73
C VAL A 345 66.26 -20.60 -38.59
N ASN A 346 66.64 -20.10 -39.77
CA ASN A 346 67.43 -20.87 -40.71
C ASN A 346 68.34 -19.95 -41.49
N ALA A 347 69.45 -20.51 -41.98
CA ALA A 347 70.19 -19.81 -43.01
C ALA A 347 69.41 -19.76 -44.31
N GLU A 348 68.58 -20.78 -44.55
CA GLU A 348 67.67 -20.76 -45.70
C GLU A 348 66.67 -19.61 -45.59
N GLN A 349 66.08 -19.42 -44.41
CA GLN A 349 65.17 -18.30 -44.20
C GLN A 349 65.89 -16.96 -44.41
N ARG A 350 67.11 -16.85 -43.89
CA ARG A 350 67.87 -15.62 -44.05
C ARG A 350 68.17 -15.34 -45.52
N ALA A 351 68.49 -16.38 -46.28
CA ALA A 351 68.67 -16.22 -47.72
C ALA A 351 67.39 -15.74 -48.38
N ASP A 352 66.24 -16.31 -47.99
CA ASP A 352 64.98 -15.90 -48.59
C ASP A 352 64.66 -14.45 -48.28
N VAL A 353 64.93 -14.02 -47.04
CA VAL A 353 64.70 -12.63 -46.67
C VAL A 353 65.59 -11.70 -47.46
N GLN A 354 66.88 -12.04 -47.57
CA GLN A 354 67.79 -11.20 -48.35
C GLN A 354 67.36 -11.13 -49.81
N GLU A 355 66.86 -12.23 -50.35
CA GLU A 355 66.48 -12.28 -51.76
C GLU A 355 65.21 -11.46 -52.00
N LYS A 356 64.26 -11.48 -51.05
CA LYS A 356 63.11 -10.58 -51.14
C LYS A 356 63.53 -9.12 -51.03
N VAL A 357 64.43 -8.81 -50.10
CA VAL A 357 64.91 -7.43 -49.96
C VAL A 357 65.58 -6.97 -51.24
N ASN A 358 66.36 -7.85 -51.88
CA ASN A 358 67.01 -7.48 -53.14
C ASN A 358 65.99 -7.28 -54.23
N ILE A 359 64.92 -8.07 -54.23
CA ILE A 359 63.83 -7.86 -55.19
C ILE A 359 63.24 -6.47 -55.00
N LEU A 360 62.98 -6.09 -53.75
CA LEU A 360 62.38 -4.78 -53.50
C LEU A 360 63.32 -3.65 -53.91
N LEU A 361 64.63 -3.81 -53.63
CA LEU A 361 65.60 -2.80 -54.03
C LEU A 361 65.68 -2.68 -55.55
N ALA A 362 65.69 -3.81 -56.25
CA ALA A 362 65.69 -3.77 -57.71
C ALA A 362 64.40 -3.18 -58.27
N ALA A 363 63.31 -3.25 -57.51
CA ALA A 363 62.04 -2.67 -57.93
C ALA A 363 61.90 -1.20 -57.54
N GLY A 364 62.97 -0.58 -57.06
CA GLY A 364 62.93 0.83 -56.75
C GLY A 364 62.62 1.21 -55.31
N CYS A 365 63.37 0.65 -54.37
CA CYS A 365 63.26 1.05 -52.97
C CYS A 365 64.63 1.48 -52.46
N GLU A 366 64.63 2.56 -51.68
CA GLU A 366 65.84 3.14 -51.11
C GLU A 366 66.03 2.62 -49.70
N ILE A 367 67.26 2.27 -49.36
CA ILE A 367 67.57 1.82 -48.01
C ILE A 367 67.69 3.03 -47.10
N ARG A 368 66.95 3.01 -45.99
CA ARG A 368 67.11 3.97 -44.90
C ARG A 368 67.92 3.40 -43.75
N LEU A 369 67.83 2.09 -43.53
CA LEU A 369 68.64 1.40 -42.53
C LEU A 369 69.00 0.04 -43.09
N GLY A 370 70.11 -0.53 -42.61
CA GLY A 370 70.78 -1.66 -43.21
C GLY A 370 69.91 -2.74 -43.82
N GLY A 371 70.24 -3.18 -45.03
CA GLY A 371 69.47 -4.20 -45.71
C GLY A 371 70.29 -5.39 -46.16
N GLN A 372 71.60 -5.35 -45.92
CA GLN A 372 72.45 -6.47 -46.27
C GLN A 372 72.86 -7.24 -45.02
N ALA A 373 72.72 -8.56 -45.08
CA ALA A 373 73.01 -9.42 -43.94
C ALA A 373 74.32 -10.15 -44.15
N ASP A 374 74.73 -10.89 -43.12
CA ASP A 374 75.93 -11.73 -43.17
C ASP A 374 75.52 -13.09 -43.70
N LEU A 375 75.63 -13.27 -45.02
CA LEU A 375 75.16 -14.49 -45.68
C LEU A 375 76.11 -15.66 -45.52
N SER A 376 77.07 -15.59 -44.60
CA SER A 376 77.95 -16.71 -44.32
C SER A 376 78.19 -16.97 -42.84
N ALA A 377 77.81 -16.05 -41.96
CA ALA A 377 78.02 -16.26 -40.53
C ALA A 377 77.17 -17.41 -40.02
N ALA A 378 77.52 -17.91 -38.83
CA ALA A 378 76.89 -19.11 -38.31
C ALA A 378 75.44 -18.85 -37.90
N GLY A 379 75.22 -17.88 -37.03
CA GLY A 379 73.87 -17.52 -36.65
C GLY A 379 73.10 -16.91 -37.81
N ALA A 380 71.78 -17.12 -37.78
CA ALA A 380 70.90 -16.63 -38.85
C ALA A 380 70.33 -15.27 -38.48
N PHE A 381 71.25 -14.33 -38.22
CA PHE A 381 70.87 -12.99 -37.81
C PHE A 381 70.62 -12.11 -39.04
N PHE A 382 69.64 -11.22 -38.91
CA PHE A 382 69.35 -10.21 -39.91
C PHE A 382 69.29 -8.86 -39.19
N PRO A 383 69.84 -7.80 -39.78
CA PRO A 383 69.71 -6.48 -39.15
C PRO A 383 68.35 -5.88 -39.42
N PRO A 384 67.79 -5.14 -38.47
CA PRO A 384 66.54 -4.40 -38.73
C PRO A 384 66.68 -3.51 -39.96
N THR A 385 65.80 -3.74 -40.93
CA THR A 385 65.88 -3.09 -42.23
C THR A 385 64.65 -2.22 -42.42
N LEU A 386 64.88 -0.95 -42.77
CA LEU A 386 63.80 -0.02 -43.07
C LEU A 386 64.03 0.53 -44.47
N LEU A 387 63.05 0.32 -45.34
CA LEU A 387 63.14 0.71 -46.74
C LEU A 387 62.27 1.92 -47.00
N TYR A 388 62.49 2.53 -48.15
CA TYR A 388 61.73 3.70 -48.56
C TYR A 388 61.21 3.48 -49.97
N CYS A 389 59.99 3.94 -50.22
CA CYS A 389 59.38 3.87 -51.55
C CYS A 389 58.95 5.27 -51.95
N PRO A 390 59.69 5.94 -52.84
CA PRO A 390 59.32 7.32 -53.20
C PRO A 390 58.09 7.42 -54.07
N GLN A 391 57.84 6.44 -54.93
CA GLN A 391 56.66 6.42 -55.81
C GLN A 391 55.81 5.21 -55.43
N PRO A 392 54.90 5.36 -54.48
CA PRO A 392 54.16 4.18 -54.00
C PRO A 392 53.09 3.71 -54.96
N ASP A 393 52.41 4.61 -55.67
CA ASP A 393 51.27 4.22 -56.48
C ASP A 393 51.61 3.97 -57.93
N GLU A 394 52.89 3.75 -58.25
CA GLU A 394 53.29 3.22 -59.55
C GLU A 394 54.34 2.12 -59.42
N THR A 395 54.67 1.70 -58.21
CA THR A 395 55.61 0.62 -57.94
C THR A 395 54.85 -0.59 -57.41
N PRO A 396 54.40 -1.52 -58.27
CA PRO A 396 53.50 -2.57 -57.80
C PRO A 396 54.17 -3.63 -56.95
N ALA A 397 55.50 -3.71 -56.99
CA ALA A 397 56.18 -4.78 -56.26
C ALA A 397 56.17 -4.54 -54.76
N VAL A 398 55.93 -3.31 -54.33
CA VAL A 398 55.95 -3.02 -52.90
C VAL A 398 54.68 -3.51 -52.22
N HIS A 399 53.60 -3.72 -52.98
CA HIS A 399 52.36 -4.26 -52.45
C HIS A 399 52.22 -5.76 -52.71
N ALA A 400 53.25 -6.41 -53.24
CA ALA A 400 53.13 -7.83 -53.56
C ALA A 400 54.25 -8.65 -52.95
N THR A 401 55.36 -8.00 -52.59
CA THR A 401 56.56 -8.70 -52.14
C THR A 401 56.66 -8.61 -50.63
N GLU A 402 56.81 -9.76 -49.99
CA GLU A 402 56.82 -9.83 -48.53
C GLU A 402 58.12 -10.46 -48.08
N ALA A 403 58.98 -9.65 -47.47
CA ALA A 403 60.24 -10.12 -46.91
C ALA A 403 59.97 -10.61 -45.50
N PHE A 404 60.06 -11.93 -45.29
CA PHE A 404 59.64 -12.55 -44.03
C PHE A 404 60.72 -12.41 -42.96
N GLY A 405 60.91 -11.17 -42.51
CA GLY A 405 61.93 -10.87 -41.53
C GLY A 405 61.76 -9.49 -40.95
N PRO A 406 62.82 -8.95 -40.37
CA PRO A 406 62.75 -7.60 -39.76
C PRO A 406 62.89 -6.51 -40.82
N VAL A 407 61.91 -6.42 -41.72
CA VAL A 407 61.97 -5.57 -42.90
C VAL A 407 60.63 -4.88 -43.05
N ALA A 408 60.67 -3.58 -43.31
CA ALA A 408 59.47 -2.83 -43.64
C ALA A 408 59.81 -1.71 -44.60
N THR A 409 58.78 -1.24 -45.31
CA THR A 409 58.91 -0.16 -46.26
C THR A 409 58.06 1.02 -45.80
N LEU A 410 58.68 2.19 -45.75
CA LEU A 410 57.98 3.44 -45.51
C LEU A 410 57.56 4.04 -46.84
N MET A 411 56.37 4.62 -46.89
CA MET A 411 55.87 5.20 -48.13
C MET A 411 54.95 6.37 -47.85
N PRO A 412 54.96 7.39 -48.71
CA PRO A 412 54.16 8.58 -48.47
C PRO A 412 52.77 8.50 -49.10
N ALA A 413 51.84 9.22 -48.49
CA ALA A 413 50.46 9.28 -48.96
C ALA A 413 50.06 10.73 -49.17
N GLN A 414 48.85 10.92 -49.68
CA GLN A 414 48.28 12.24 -49.86
C GLN A 414 46.82 12.26 -49.41
N ASN A 415 46.36 13.45 -49.02
CA ASN A 415 44.95 13.86 -48.97
C ASN A 415 44.05 12.89 -48.22
N GLN A 416 44.60 12.00 -47.39
CA GLN A 416 43.86 11.15 -46.45
C GLN A 416 43.01 10.11 -47.18
N ARG A 417 42.92 10.15 -48.50
CA ARG A 417 42.24 9.13 -49.27
C ARG A 417 43.20 8.27 -50.07
N HIS A 418 44.28 8.87 -50.57
CA HIS A 418 45.36 8.09 -51.17
C HIS A 418 45.90 7.07 -50.20
N ALA A 419 45.91 7.39 -48.90
CA ALA A 419 46.36 6.44 -47.90
C ALA A 419 45.43 5.24 -47.81
N LEU A 420 44.12 5.48 -47.92
CA LEU A 420 43.16 4.38 -47.93
C LEU A 420 43.36 3.50 -49.17
N GLN A 421 43.56 4.13 -50.33
CA GLN A 421 43.83 3.35 -51.54
C GLN A 421 45.11 2.54 -51.40
N LEU A 422 46.14 3.12 -50.78
CA LEU A 422 47.38 2.40 -50.58
C LEU A 422 47.19 1.21 -49.65
N ALA A 423 46.48 1.42 -48.54
CA ALA A 423 46.19 0.32 -47.62
C ALA A 423 45.43 -0.80 -48.33
N CYS A 424 44.49 -0.45 -49.20
CA CYS A 424 43.74 -1.48 -49.91
C CYS A 424 44.54 -2.13 -51.02
N ALA A 425 45.61 -1.48 -51.50
CA ALA A 425 46.42 -2.05 -52.56
C ALA A 425 47.18 -3.30 -52.15
N GLY A 426 47.14 -3.68 -50.87
CA GLY A 426 47.82 -4.90 -50.45
C GLY A 426 47.24 -6.17 -51.01
N GLY A 427 45.99 -6.13 -51.47
CA GLY A 427 45.38 -7.31 -52.06
C GLY A 427 44.71 -8.24 -51.07
N GLY A 428 44.49 -7.78 -49.84
CA GLY A 428 43.92 -8.62 -48.81
C GLY A 428 44.94 -8.98 -47.75
N SER A 429 44.76 -8.44 -46.55
CA SER A 429 45.74 -8.58 -45.48
C SER A 429 45.10 -9.25 -44.27
N LEU A 430 45.95 -9.63 -43.31
CA LEU A 430 45.45 -10.17 -42.05
C LEU A 430 45.17 -9.06 -41.04
N ALA A 431 46.04 -8.06 -40.97
CA ALA A 431 45.99 -7.07 -39.91
C ALA A 431 46.37 -5.69 -40.44
N GLY A 432 45.68 -4.68 -39.96
CA GLY A 432 46.01 -3.30 -40.27
C GLY A 432 45.82 -2.43 -39.06
N THR A 433 46.57 -1.33 -39.00
CA THR A 433 46.53 -0.41 -37.87
C THR A 433 46.42 1.02 -38.35
N LEU A 434 45.55 1.80 -37.70
CA LEU A 434 45.40 3.22 -37.99
C LEU A 434 45.59 3.99 -36.69
N VAL A 435 46.63 4.81 -36.63
CA VAL A 435 46.91 5.65 -35.48
C VAL A 435 46.25 7.00 -35.75
N THR A 436 45.31 7.37 -34.90
CA THR A 436 44.51 8.57 -35.11
C THR A 436 43.89 8.97 -33.78
N ALA A 437 43.48 10.22 -33.71
CA ALA A 437 42.73 10.71 -32.57
C ALA A 437 41.31 11.07 -32.94
N ASP A 438 41.01 11.23 -34.23
CA ASP A 438 39.71 11.65 -34.71
C ASP A 438 38.82 10.43 -34.95
N PRO A 439 37.68 10.31 -34.27
CA PRO A 439 36.81 9.15 -34.54
C PRO A 439 36.21 9.14 -35.95
N GLN A 440 36.02 10.30 -36.57
CA GLN A 440 35.48 10.31 -37.93
C GLN A 440 36.48 9.75 -38.93
N ILE A 441 37.77 10.02 -38.71
CA ILE A 441 38.80 9.45 -39.57
C ILE A 441 38.76 7.93 -39.47
N ALA A 442 38.62 7.41 -38.24
CA ALA A 442 38.59 5.97 -38.05
C ALA A 442 37.36 5.35 -38.68
N ARG A 443 36.24 6.07 -38.66
CA ARG A 443 35.04 5.58 -39.33
C ARG A 443 35.23 5.49 -40.83
N GLN A 444 35.78 6.55 -41.44
CA GLN A 444 36.05 6.52 -42.87
C GLN A 444 37.01 5.39 -43.23
N PHE A 445 38.06 5.22 -42.44
CA PHE A 445 39.04 4.17 -42.71
C PHE A 445 38.39 2.79 -42.66
N ILE A 446 37.60 2.53 -41.62
CA ILE A 446 36.93 1.23 -41.52
C ILE A 446 36.01 1.02 -42.70
N ALA A 447 35.13 1.99 -42.96
CA ALA A 447 34.14 1.83 -44.01
C ALA A 447 34.78 1.55 -45.36
N ASP A 448 35.95 2.13 -45.64
CA ASP A 448 36.59 1.87 -46.92
C ASP A 448 37.49 0.65 -46.93
N ALA A 449 38.20 0.35 -45.83
CA ALA A 449 39.27 -0.64 -45.87
C ALA A 449 39.05 -1.89 -45.04
N ALA A 450 37.88 -2.06 -44.41
CA ALA A 450 37.66 -3.32 -43.70
C ALA A 450 37.46 -4.48 -44.66
N ARG A 451 37.02 -4.20 -45.88
CA ARG A 451 36.76 -5.27 -46.83
C ARG A 451 38.03 -5.95 -47.33
N THR A 452 39.21 -5.37 -47.09
CA THR A 452 40.46 -6.03 -47.45
C THR A 452 41.32 -6.34 -46.24
N HIS A 453 40.79 -6.25 -45.03
CA HIS A 453 41.54 -6.59 -43.83
C HIS A 453 40.71 -7.52 -42.96
N GLY A 454 41.38 -8.48 -42.32
CA GLY A 454 40.69 -9.35 -41.39
C GLY A 454 40.59 -8.78 -40.00
N ARG A 455 41.55 -7.94 -39.62
CA ARG A 455 41.56 -7.32 -38.30
C ARG A 455 42.15 -5.92 -38.43
N ILE A 456 41.53 -4.95 -37.77
CA ILE A 456 41.96 -3.57 -37.85
C ILE A 456 42.03 -2.98 -36.44
N GLN A 457 43.18 -2.43 -36.09
CA GLN A 457 43.39 -1.78 -34.81
C GLN A 457 43.32 -0.27 -34.99
N ILE A 458 42.45 0.38 -34.26
CA ILE A 458 42.46 1.83 -34.13
C ILE A 458 43.25 2.14 -32.86
N LEU A 459 44.40 2.79 -33.02
CA LEU A 459 45.36 2.97 -31.94
C LEU A 459 45.42 4.44 -31.57
N ASN A 460 44.78 4.82 -30.47
CA ASN A 460 44.89 6.18 -29.97
C ASN A 460 45.49 6.14 -28.56
N GLU A 461 45.51 7.28 -27.88
CA GLU A 461 46.15 7.35 -26.57
C GLU A 461 45.43 6.52 -25.54
N GLU A 462 44.10 6.41 -25.64
CA GLU A 462 43.34 5.69 -24.62
C GLU A 462 43.50 4.18 -24.76
N SER A 463 43.44 3.67 -25.99
CA SER A 463 43.55 2.22 -26.17
C SER A 463 44.98 1.73 -25.97
N ALA A 464 45.97 2.62 -26.11
CA ALA A 464 47.37 2.20 -26.07
C ALA A 464 47.78 1.65 -24.71
N LYS A 465 47.06 1.96 -23.64
CA LYS A 465 47.52 1.60 -22.31
C LYS A 465 47.38 0.11 -22.04
N GLU A 466 46.33 -0.52 -22.59
CA GLU A 466 46.11 -1.95 -22.40
C GLU A 466 46.03 -2.70 -23.72
N SER A 467 46.21 -2.01 -24.85
CA SER A 467 46.17 -2.67 -26.16
C SER A 467 47.10 -3.87 -26.19
N THR A 468 46.63 -4.95 -26.80
CA THR A 468 47.42 -6.17 -26.89
C THR A 468 48.41 -6.17 -28.04
N GLY A 469 48.21 -5.33 -29.05
CA GLY A 469 49.17 -5.20 -30.12
C GLY A 469 48.53 -5.35 -31.49
N HIS A 470 49.29 -4.94 -32.50
CA HIS A 470 48.86 -5.10 -33.88
C HIS A 470 49.03 -6.54 -34.34
N GLY A 471 50.04 -7.22 -33.82
CA GLY A 471 50.41 -8.53 -34.31
C GLY A 471 49.89 -9.70 -33.51
N SER A 472 49.21 -9.46 -32.40
CA SER A 472 48.74 -10.54 -31.55
C SER A 472 47.31 -10.89 -31.90
N PRO A 473 47.03 -12.04 -32.48
CA PRO A 473 45.63 -12.48 -32.67
C PRO A 473 45.07 -13.00 -31.36
N LEU A 474 43.96 -12.46 -30.95
CA LEU A 474 43.33 -12.92 -29.73
C LEU A 474 42.36 -14.06 -30.03
N PRO A 475 42.23 -15.02 -29.11
CA PRO A 475 41.35 -16.16 -29.36
C PRO A 475 39.89 -15.80 -29.62
N GLN A 476 39.43 -14.64 -29.17
CA GLN A 476 38.04 -14.24 -29.35
C GLN A 476 37.78 -13.53 -30.67
N LEU A 477 38.81 -13.24 -31.44
CA LEU A 477 38.69 -12.48 -32.68
C LEU A 477 39.11 -13.34 -33.86
N VAL A 478 38.41 -13.17 -34.99
CA VAL A 478 38.75 -13.93 -36.19
C VAL A 478 40.18 -13.61 -36.60
N HIS A 479 40.84 -14.62 -37.17
CA HIS A 479 42.21 -14.48 -37.64
C HIS A 479 42.27 -15.00 -39.07
N GLY A 480 42.41 -14.08 -40.03
CA GLY A 480 42.40 -14.44 -41.43
C GLY A 480 42.21 -13.21 -42.27
N GLY A 481 41.97 -13.43 -43.55
CA GLY A 481 41.70 -12.35 -44.46
C GLY A 481 41.48 -12.80 -45.88
N PRO A 482 40.95 -11.92 -46.72
CA PRO A 482 40.67 -12.28 -48.11
C PRO A 482 41.93 -12.23 -48.96
N GLY A 483 41.78 -12.74 -50.18
CA GLY A 483 42.77 -12.51 -51.21
C GLY A 483 44.14 -13.09 -50.88
N ARG A 484 45.14 -12.20 -50.88
CA ARG A 484 46.52 -12.60 -50.65
C ARG A 484 46.69 -13.31 -49.31
N ALA A 485 45.84 -13.01 -48.33
CA ALA A 485 45.96 -13.63 -47.01
C ALA A 485 45.38 -15.03 -46.94
N GLY A 486 44.74 -15.52 -48.01
CA GLY A 486 44.36 -16.92 -48.13
C GLY A 486 42.87 -17.17 -48.16
N GLY A 487 42.08 -16.23 -47.65
CA GLY A 487 40.65 -16.38 -47.65
C GLY A 487 40.07 -17.10 -46.45
N GLY A 488 40.91 -17.69 -45.60
CA GLY A 488 40.44 -18.48 -44.49
C GLY A 488 40.12 -17.65 -43.27
N GLU A 489 39.57 -18.33 -42.27
CA GLU A 489 39.16 -17.74 -41.01
C GLU A 489 39.49 -18.69 -39.88
N GLU A 490 40.08 -18.16 -38.81
CA GLU A 490 40.35 -18.93 -37.62
C GLU A 490 39.98 -18.12 -36.40
N LEU A 491 39.94 -18.78 -35.25
CA LEU A 491 39.93 -18.17 -33.92
C LEU A 491 38.77 -17.23 -33.67
N GLY A 492 37.62 -17.40 -34.29
CA GLY A 492 36.58 -16.42 -34.01
C GLY A 492 35.70 -16.76 -32.82
N GLY A 493 36.28 -17.23 -31.73
CA GLY A 493 35.46 -17.78 -30.68
C GLY A 493 34.85 -19.11 -31.12
N LEU A 494 33.54 -19.24 -30.97
CA LEU A 494 32.85 -20.48 -31.33
C LEU A 494 32.69 -20.66 -32.84
N ARG A 495 32.92 -19.62 -33.63
CA ARG A 495 32.95 -19.78 -35.08
C ARG A 495 33.96 -20.84 -35.51
N ALA A 496 35.14 -20.82 -34.89
CA ALA A 496 36.15 -21.82 -35.20
C ALA A 496 35.70 -23.21 -34.82
N VAL A 497 34.94 -23.34 -33.73
CA VAL A 497 34.37 -24.64 -33.36
C VAL A 497 33.43 -25.13 -34.45
N LYS A 498 32.61 -24.24 -35.00
CA LYS A 498 31.69 -24.66 -36.05
C LYS A 498 32.40 -25.08 -37.33
N HIS A 499 33.64 -24.63 -37.54
CA HIS A 499 34.34 -25.15 -38.73
C HIS A 499 34.52 -26.66 -38.74
N TYR A 500 34.37 -27.36 -37.61
CA TYR A 500 34.56 -28.80 -37.55
C TYR A 500 33.26 -29.56 -37.34
N MET A 501 32.12 -28.93 -37.62
CA MET A 501 30.81 -29.54 -37.44
C MET A 501 30.01 -29.40 -38.72
N GLN A 502 28.85 -30.05 -38.76
CA GLN A 502 27.93 -29.93 -39.86
C GLN A 502 26.65 -29.28 -39.37
N ARG A 503 26.17 -28.28 -40.11
CA ARG A 503 24.94 -27.58 -39.81
C ARG A 503 23.80 -28.20 -40.60
N THR A 504 22.74 -28.58 -39.90
CA THR A 504 21.64 -29.30 -40.51
C THR A 504 20.32 -28.73 -40.00
N ALA A 505 19.47 -28.28 -40.92
CA ALA A 505 18.11 -27.89 -40.59
C ALA A 505 17.24 -29.12 -40.42
N VAL A 506 16.49 -29.16 -39.32
CA VAL A 506 15.62 -30.28 -38.99
C VAL A 506 14.19 -29.78 -38.93
N GLN A 507 13.32 -30.35 -39.76
CA GLN A 507 11.91 -30.02 -39.80
C GLN A 507 11.07 -31.12 -39.16
N GLY A 508 9.98 -30.71 -38.51
CA GLY A 508 9.06 -31.66 -37.92
C GLY A 508 8.13 -30.96 -36.95
N SER A 509 7.40 -31.78 -36.19
CA SER A 509 6.52 -31.22 -35.19
C SER A 509 7.32 -30.78 -33.96
N PRO A 510 6.82 -29.80 -33.21
CA PRO A 510 7.58 -29.33 -32.04
C PRO A 510 7.90 -30.41 -31.01
N THR A 511 7.12 -31.48 -30.90
CA THR A 511 7.48 -32.51 -29.92
C THR A 511 8.65 -33.34 -30.43
N MET A 512 8.67 -33.62 -31.74
CA MET A 512 9.81 -34.30 -32.32
C MET A 512 11.07 -33.46 -32.21
N LEU A 513 10.95 -32.15 -32.43
CA LEU A 513 12.12 -31.29 -32.32
C LEU A 513 12.59 -31.16 -30.88
N ALA A 514 11.66 -31.16 -29.93
CA ALA A 514 12.03 -31.16 -28.53
C ALA A 514 12.78 -32.44 -28.14
N ALA A 515 12.36 -33.59 -28.69
CA ALA A 515 13.07 -34.82 -28.40
C ALA A 515 14.43 -34.87 -29.09
N ILE A 516 14.52 -34.32 -30.30
CA ILE A 516 15.78 -34.31 -31.01
C ILE A 516 16.79 -33.40 -30.32
N SER A 517 16.31 -32.24 -29.83
CA SER A 517 17.17 -31.24 -29.21
C SER A 517 17.51 -31.53 -27.77
N LYS A 518 16.73 -32.37 -27.08
CA LYS A 518 16.80 -32.52 -25.63
C LYS A 518 16.58 -31.20 -24.92
N GLN A 519 15.77 -30.33 -25.53
CA GLN A 519 15.33 -29.07 -24.97
C GLN A 519 13.87 -28.90 -25.33
N TRP A 520 13.09 -28.35 -24.42
CA TRP A 520 11.70 -28.06 -24.73
C TRP A 520 11.63 -26.87 -25.68
N VAL A 521 10.71 -26.93 -26.63
CA VAL A 521 10.49 -25.84 -27.57
C VAL A 521 9.01 -25.48 -27.54
N ARG A 522 8.71 -24.31 -28.08
CA ARG A 522 7.33 -23.81 -28.09
CA ARG A 522 7.33 -23.83 -28.07
C ARG A 522 6.42 -24.77 -28.85
N GLY A 523 5.33 -25.17 -28.20
CA GLY A 523 4.36 -26.06 -28.81
C GLY A 523 4.63 -27.54 -28.62
N ALA A 524 5.68 -27.89 -27.89
CA ALA A 524 5.98 -29.29 -27.64
C ALA A 524 5.20 -29.80 -26.44
N LYS A 525 4.95 -31.09 -26.42
CA LYS A 525 4.25 -31.74 -25.32
C LYS A 525 4.99 -31.48 -24.01
N VAL A 526 4.23 -31.25 -22.95
CA VAL A 526 4.77 -31.06 -21.62
C VAL A 526 4.35 -32.24 -20.76
N GLU A 527 4.85 -32.24 -19.53
CA GLU A 527 4.46 -33.22 -18.52
C GLU A 527 4.25 -32.50 -17.19
N GLU A 528 3.15 -32.82 -16.52
CA GLU A 528 2.82 -32.25 -15.23
C GLU A 528 2.89 -33.34 -14.17
N ASP A 529 3.27 -32.94 -12.95
CA ASP A 529 3.73 -33.88 -11.94
C ASP A 529 3.04 -33.78 -10.59
N ARG A 530 2.21 -32.77 -10.36
CA ARG A 530 1.58 -32.34 -9.11
C ARG A 530 2.62 -32.12 -8.00
N ILE A 531 3.91 -32.18 -8.29
CA ILE A 531 4.96 -31.59 -7.48
C ILE A 531 5.46 -30.36 -8.22
N HIS A 532 5.54 -29.23 -7.51
CA HIS A 532 6.03 -28.00 -8.11
C HIS A 532 7.42 -28.22 -8.68
N PRO A 533 7.70 -27.74 -9.90
CA PRO A 533 9.03 -27.96 -10.49
C PRO A 533 10.18 -27.37 -9.70
N PHE A 534 9.94 -26.36 -8.86
CA PHE A 534 11.01 -25.75 -8.09
C PHE A 534 11.47 -26.62 -6.93
N ARG A 535 10.67 -27.59 -6.51
CA ARG A 535 11.07 -28.48 -5.44
C ARG A 535 11.98 -29.61 -5.90
N LYS A 536 12.19 -29.75 -7.20
CA LYS A 536 13.01 -30.81 -7.76
C LYS A 536 14.47 -30.41 -7.86
N TYR A 537 15.34 -31.37 -7.58
CA TYR A 537 16.77 -31.18 -7.75
C TYR A 537 17.15 -31.27 -9.24
N PHE A 538 18.36 -30.83 -9.55
CA PHE A 538 18.78 -30.72 -10.95
C PHE A 538 18.61 -32.05 -11.68
N GLU A 539 18.98 -33.16 -11.04
CA GLU A 539 18.90 -34.46 -11.71
C GLU A 539 17.47 -34.93 -11.89
N GLU A 540 16.55 -34.51 -11.02
CA GLU A 540 15.15 -34.92 -11.15
C GLU A 540 14.38 -34.10 -12.17
N LEU A 541 14.94 -33.01 -12.66
CA LEU A 541 14.25 -32.20 -13.66
C LEU A 541 14.45 -32.77 -15.05
N GLN A 542 13.43 -32.66 -15.88
CA GLN A 542 13.52 -32.98 -17.28
C GLN A 542 13.01 -31.81 -18.10
N PRO A 543 13.58 -31.54 -19.27
CA PRO A 543 12.97 -30.55 -20.17
C PRO A 543 11.54 -30.94 -20.50
N GLY A 544 10.64 -29.97 -20.39
CA GLY A 544 9.23 -30.20 -20.60
C GLY A 544 8.42 -30.36 -19.32
N ASP A 545 9.05 -30.44 -18.15
CA ASP A 545 8.32 -30.44 -16.89
C ASP A 545 7.63 -29.10 -16.68
N SER A 546 6.32 -29.13 -16.45
CA SER A 546 5.50 -27.95 -16.63
C SER A 546 4.56 -27.74 -15.44
N LEU A 547 4.23 -26.48 -15.21
CA LEU A 547 3.31 -26.08 -14.17
C LEU A 547 2.36 -25.02 -14.68
N LEU A 548 1.06 -25.25 -14.57
CA LEU A 548 0.05 -24.24 -14.79
C LEU A 548 -0.32 -23.64 -13.45
N THR A 549 -0.17 -22.34 -13.32
CA THR A 549 -0.41 -21.67 -12.05
C THR A 549 -1.89 -21.35 -11.89
N PRO A 550 -2.31 -20.89 -10.70
CA PRO A 550 -3.63 -20.26 -10.57
C PRO A 550 -3.67 -18.90 -11.26
N ARG A 551 -4.85 -18.31 -11.26
CA ARG A 551 -5.13 -17.09 -12.00
C ARG A 551 -5.10 -15.86 -11.09
N ARG A 552 -4.84 -14.72 -11.70
CA ARG A 552 -4.93 -13.44 -11.03
C ARG A 552 -5.62 -12.44 -11.94
N THR A 553 -6.73 -11.88 -11.47
CA THR A 553 -7.49 -10.90 -12.23
C THR A 553 -6.89 -9.50 -12.02
N MET A 554 -6.57 -8.82 -13.11
CA MET A 554 -6.04 -7.47 -13.03
C MET A 554 -7.14 -6.47 -12.69
N THR A 555 -6.78 -5.46 -11.91
CA THR A 555 -7.70 -4.42 -11.47
C THR A 555 -7.10 -3.05 -11.72
N GLU A 556 -7.95 -2.03 -11.70
CA GLU A 556 -7.47 -0.65 -11.66
C GLU A 556 -6.61 -0.40 -10.43
N ALA A 557 -6.94 -1.06 -9.32
CA ALA A 557 -6.13 -0.94 -8.11
C ALA A 557 -4.71 -1.43 -8.34
N ASP A 558 -4.52 -2.44 -9.19
CA ASP A 558 -3.17 -2.93 -9.47
C ASP A 558 -2.37 -1.92 -10.26
N ILE A 559 -2.98 -1.30 -11.28
CA ILE A 559 -2.32 -0.23 -12.01
C ILE A 559 -1.89 0.89 -11.06
N VAL A 560 -2.80 1.32 -10.19
CA VAL A 560 -2.48 2.42 -9.28
C VAL A 560 -1.35 2.02 -8.34
N ASN A 561 -1.50 0.88 -7.66
CA ASN A 561 -0.49 0.44 -6.68
C ASN A 561 0.87 0.25 -7.32
N PHE A 562 0.94 -0.40 -8.49
CA PHE A 562 2.24 -0.60 -9.13
C PHE A 562 2.87 0.72 -9.55
N ALA A 563 2.11 1.58 -10.24
CA ALA A 563 2.65 2.88 -10.63
C ALA A 563 3.18 3.64 -9.43
N CYS A 564 2.47 3.60 -8.32
CA CYS A 564 2.94 4.30 -7.13
C CYS A 564 4.23 3.69 -6.60
N LEU A 565 4.26 2.38 -6.41
CA LEU A 565 5.42 1.74 -5.79
C LEU A 565 6.67 1.87 -6.66
N SER A 566 6.51 1.74 -7.98
CA SER A 566 7.68 1.77 -8.85
C SER A 566 8.08 3.20 -9.22
N GLY A 567 7.14 4.13 -9.20
CA GLY A 567 7.38 5.48 -9.66
C GLY A 567 7.11 5.72 -11.12
N ASP A 568 6.54 4.76 -11.83
CA ASP A 568 6.30 4.87 -13.26
C ASP A 568 4.88 5.36 -13.48
N HIS A 569 4.74 6.65 -13.77
CA HIS A 569 3.45 7.27 -14.05
C HIS A 569 3.30 7.63 -15.51
N PHE A 570 3.84 6.79 -16.40
CA PHE A 570 3.66 6.96 -17.83
C PHE A 570 2.18 7.09 -18.18
N TYR A 571 1.88 7.99 -19.13
CA TYR A 571 0.48 8.37 -19.36
C TYR A 571 -0.38 7.19 -19.81
N ALA A 572 0.22 6.19 -20.46
CA ALA A 572 -0.56 5.05 -20.91
C ALA A 572 -1.17 4.25 -19.77
N HIS A 573 -0.74 4.47 -18.54
CA HIS A 573 -1.31 3.81 -17.39
C HIS A 573 -2.05 4.75 -16.44
N MET A 574 -1.65 6.02 -16.34
CA MET A 574 -2.17 6.92 -15.32
C MET A 574 -3.03 8.07 -15.83
N ASP A 575 -3.19 8.24 -17.13
CA ASP A 575 -3.86 9.41 -17.69
C ASP A 575 -4.93 8.94 -18.67
N LYS A 576 -6.18 8.96 -18.21
CA LYS A 576 -7.33 8.50 -18.99
C LYS A 576 -7.49 9.29 -20.29
N ILE A 577 -7.32 10.61 -20.21
CA ILE A 577 -7.47 11.45 -21.39
C ILE A 577 -6.43 11.09 -22.45
N ALA A 578 -5.15 11.08 -22.07
CA ALA A 578 -4.11 10.78 -23.05
C ALA A 578 -4.20 9.34 -23.54
N ALA A 579 -4.59 8.41 -22.65
CA ALA A 579 -4.73 7.02 -23.07
C ALA A 579 -5.83 6.86 -24.10
N ALA A 580 -6.88 7.70 -24.03
CA ALA A 580 -7.96 7.61 -25.01
C ALA A 580 -7.46 7.78 -26.43
N GLU A 581 -6.53 8.70 -26.68
CA GLU A 581 -5.98 8.84 -28.03
C GLU A 581 -4.66 8.09 -28.22
N SER A 582 -4.43 7.01 -27.48
CA SER A 582 -3.32 6.13 -27.79
C SER A 582 -3.79 5.02 -28.72
N ILE A 583 -2.88 4.12 -29.08
CA ILE A 583 -3.26 3.01 -29.93
C ILE A 583 -4.13 2.00 -29.18
N PHE A 584 -3.84 1.78 -27.90
CA PHE A 584 -4.66 0.86 -27.12
C PHE A 584 -6.07 1.39 -26.93
N GLY A 585 -6.22 2.70 -26.74
CA GLY A 585 -7.52 3.31 -26.60
C GLY A 585 -8.04 3.44 -25.19
N GLU A 586 -7.26 3.03 -24.20
CA GLU A 586 -7.61 3.19 -22.80
C GLU A 586 -6.37 2.83 -21.97
N ARG A 587 -6.49 2.98 -20.66
CA ARG A 587 -5.37 2.67 -19.77
C ARG A 587 -5.12 1.17 -19.71
N VAL A 588 -3.84 0.80 -19.67
CA VAL A 588 -3.44 -0.60 -19.58
C VAL A 588 -2.52 -0.83 -18.39
N VAL A 589 -2.28 -2.08 -18.07
CA VAL A 589 -1.39 -2.50 -16.99
C VAL A 589 0.06 -2.38 -17.46
N HIS A 590 0.96 -2.08 -16.52
CA HIS A 590 2.39 -2.01 -16.81
C HIS A 590 2.93 -3.38 -17.24
N GLY A 591 3.81 -3.38 -18.24
CA GLY A 591 4.49 -4.60 -18.61
C GLY A 591 5.26 -5.21 -17.45
N TYR A 592 5.95 -4.37 -16.67
CA TYR A 592 6.74 -4.87 -15.55
C TYR A 592 5.85 -5.43 -14.44
N PHE A 593 4.62 -4.94 -14.32
CA PHE A 593 3.73 -5.56 -13.35
C PHE A 593 3.24 -6.92 -13.82
N VAL A 594 3.01 -7.10 -15.12
CA VAL A 594 2.72 -8.44 -15.63
C VAL A 594 3.89 -9.37 -15.34
N LEU A 595 5.12 -8.89 -15.56
CA LEU A 595 6.30 -9.67 -15.25
C LEU A 595 6.36 -10.06 -13.77
N SER A 596 6.19 -9.08 -12.87
CA SER A 596 6.31 -9.35 -11.43
C SER A 596 5.19 -10.24 -10.92
N ALA A 597 3.95 -9.99 -11.38
CA ALA A 597 2.83 -10.81 -10.94
C ALA A 597 2.93 -12.23 -11.47
N ALA A 598 3.55 -12.41 -12.64
CA ALA A 598 3.79 -13.77 -13.14
C ALA A 598 4.79 -14.49 -12.25
N ALA A 599 5.89 -13.82 -11.90
CA ALA A 599 6.79 -14.38 -10.91
C ALA A 599 6.06 -14.72 -9.61
N GLY A 600 5.18 -13.84 -9.16
CA GLY A 600 4.39 -14.13 -7.96
C GLY A 600 3.50 -15.34 -8.08
N LEU A 601 2.98 -15.60 -9.28
CA LEU A 601 2.13 -16.76 -9.48
C LEU A 601 2.94 -18.06 -9.51
N PHE A 602 4.17 -18.05 -10.03
CA PHE A 602 4.83 -19.35 -10.18
C PHE A 602 5.96 -19.61 -9.17
N VAL A 603 6.48 -18.62 -8.49
CA VAL A 603 7.65 -18.84 -7.63
C VAL A 603 7.22 -19.56 -6.37
N ASP A 604 7.92 -20.65 -6.04
CA ASP A 604 7.72 -21.41 -4.81
C ASP A 604 8.50 -20.74 -3.68
N ALA A 605 7.82 -20.47 -2.57
CA ALA A 605 8.38 -19.58 -1.55
C ALA A 605 9.40 -20.27 -0.66
N GLY A 606 9.18 -21.53 -0.29
CA GLY A 606 10.02 -22.17 0.70
C GLY A 606 11.41 -22.47 0.20
N VAL A 607 12.29 -22.81 1.15
CA VAL A 607 13.65 -23.20 0.82
C VAL A 607 13.64 -24.47 -0.01
N GLY A 608 14.40 -24.47 -1.10
CA GLY A 608 14.45 -25.61 -1.99
C GLY A 608 15.69 -25.63 -2.86
N PRO A 609 15.67 -26.44 -3.91
CA PRO A 609 16.84 -26.54 -4.79
C PRO A 609 17.14 -25.28 -5.59
N VAL A 610 16.15 -24.45 -5.88
CA VAL A 610 16.39 -23.24 -6.67
C VAL A 610 17.13 -22.23 -5.81
N ILE A 611 18.27 -21.75 -6.30
CA ILE A 611 19.15 -20.90 -5.52
C ILE A 611 19.05 -19.43 -5.95
N ALA A 612 19.09 -19.17 -7.25
CA ALA A 612 19.15 -17.81 -7.76
C ALA A 612 18.34 -17.68 -9.04
N ASN A 613 17.94 -16.44 -9.35
CA ASN A 613 17.32 -16.14 -10.65
C ASN A 613 18.29 -15.44 -11.61
N TYR A 614 18.76 -14.28 -11.24
CA TYR A 614 19.87 -13.57 -11.87
C TYR A 614 19.74 -13.31 -13.37
N GLY A 615 18.65 -13.69 -14.02
CA GLY A 615 18.65 -13.58 -15.47
C GLY A 615 17.29 -13.74 -16.11
N LEU A 616 16.99 -12.83 -17.02
CA LEU A 616 15.77 -12.87 -17.83
C LEU A 616 16.18 -12.59 -19.25
N GLU A 617 15.77 -13.43 -20.19
CA GLU A 617 16.55 -13.48 -21.42
C GLU A 617 15.91 -12.79 -22.62
N SER A 618 14.64 -13.03 -22.92
CA SER A 618 14.10 -12.38 -24.11
C SER A 618 12.62 -12.12 -23.92
N LEU A 619 12.31 -10.93 -23.43
CA LEU A 619 10.95 -10.55 -23.06
C LEU A 619 10.36 -9.67 -24.15
N ARG A 620 9.20 -10.08 -24.66
CA ARG A 620 8.42 -9.27 -25.58
C ARG A 620 7.01 -9.14 -25.01
N PHE A 621 6.46 -7.93 -25.05
CA PHE A 621 5.09 -7.69 -24.62
C PHE A 621 4.21 -7.68 -25.86
N ILE A 622 3.39 -8.72 -25.98
CA ILE A 622 2.65 -9.03 -27.21
C ILE A 622 1.36 -8.23 -27.26
N GLU A 623 0.51 -8.41 -26.26
CA GLU A 623 -0.79 -7.79 -26.25
C GLU A 623 -0.99 -7.01 -24.96
N PRO A 624 -1.69 -5.89 -25.02
CA PRO A 624 -1.97 -5.14 -23.79
C PRO A 624 -2.86 -5.94 -22.84
N VAL A 625 -2.62 -5.75 -21.55
CA VAL A 625 -3.43 -6.30 -20.49
C VAL A 625 -4.24 -5.17 -19.89
N LYS A 626 -5.55 -5.34 -19.82
CA LYS A 626 -6.47 -4.33 -19.35
C LYS A 626 -7.03 -4.68 -17.98
N PRO A 627 -7.45 -3.69 -17.20
CA PRO A 627 -8.23 -3.97 -16.00
C PRO A 627 -9.47 -4.78 -16.33
N GLY A 628 -9.69 -5.84 -15.57
CA GLY A 628 -10.73 -6.79 -15.87
C GLY A 628 -10.26 -8.03 -16.57
N ASP A 629 -9.04 -8.02 -17.12
CA ASP A 629 -8.44 -9.21 -17.68
C ASP A 629 -7.88 -10.08 -16.56
N THR A 630 -7.73 -11.36 -16.86
CA THR A 630 -7.24 -12.35 -15.90
C THR A 630 -6.08 -13.08 -16.54
N ILE A 631 -4.95 -13.11 -15.85
CA ILE A 631 -3.75 -13.73 -16.38
C ILE A 631 -3.47 -15.04 -15.68
N GLN A 632 -2.81 -15.94 -16.39
CA GLN A 632 -2.41 -17.26 -15.92
C GLN A 632 -1.09 -17.59 -16.58
N VAL A 633 -0.28 -18.39 -15.91
CA VAL A 633 1.10 -18.64 -16.33
C VAL A 633 1.29 -20.14 -16.53
N ARG A 634 2.07 -20.50 -17.55
CA ARG A 634 2.68 -21.82 -17.64
C ARG A 634 4.19 -21.68 -17.52
N LEU A 635 4.78 -22.45 -16.63
CA LEU A 635 6.22 -22.51 -16.39
C LEU A 635 6.72 -23.87 -16.87
N THR A 636 7.55 -23.86 -17.90
CA THR A 636 8.10 -25.11 -18.43
C THR A 636 9.62 -25.07 -18.38
N CYS A 637 10.20 -26.12 -17.80
CA CYS A 637 11.64 -26.29 -17.85
C CYS A 637 12.10 -26.48 -19.29
N LYS A 638 12.94 -25.59 -19.76
CA LYS A 638 13.32 -25.52 -21.18
C LYS A 638 14.67 -26.15 -21.48
N ARG A 639 15.72 -25.80 -20.73
CA ARG A 639 17.06 -26.30 -21.02
C ARG A 639 17.82 -26.45 -19.71
N LYS A 640 18.67 -27.48 -19.63
CA LYS A 640 19.52 -27.71 -18.47
C LYS A 640 20.98 -27.75 -18.90
N THR A 641 21.87 -27.37 -17.99
CA THR A 641 23.30 -27.38 -18.25
C THR A 641 24.03 -27.55 -16.93
N LEU A 642 24.72 -28.67 -16.77
CA LEU A 642 25.48 -28.92 -15.57
C LEU A 642 26.68 -27.98 -15.49
N LYS A 643 27.03 -27.58 -14.28
CA LYS A 643 28.22 -26.78 -14.02
C LYS A 643 29.24 -27.65 -13.28
N LYS A 644 30.46 -27.68 -13.79
CA LYS A 644 31.50 -28.51 -13.18
C LYS A 644 31.97 -27.88 -11.87
N GLN A 645 32.10 -28.70 -10.85
CA GLN A 645 32.65 -28.23 -9.58
C GLN A 645 34.10 -27.86 -9.79
N ARG A 646 34.44 -26.63 -9.42
CA ARG A 646 35.79 -26.12 -9.58
C ARG A 646 36.68 -26.42 -8.39
N SER A 647 36.14 -27.04 -7.34
CA SER A 647 36.85 -27.34 -6.11
C SER A 647 36.24 -28.61 -5.54
N ALA A 648 36.47 -28.84 -4.24
CA ALA A 648 35.83 -29.94 -3.54
C ALA A 648 34.73 -29.50 -2.59
N GLU A 649 34.70 -28.23 -2.18
CA GLU A 649 33.74 -27.75 -1.21
C GLU A 649 32.57 -26.99 -1.82
N GLU A 650 32.77 -26.33 -2.97
CA GLU A 650 31.67 -25.57 -3.56
C GLU A 650 30.49 -26.49 -3.87
N LYS A 651 29.29 -25.98 -3.64
CA LYS A 651 28.11 -26.81 -3.78
C LYS A 651 27.81 -27.05 -5.25
N PRO A 652 27.50 -28.28 -5.66
CA PRO A 652 27.29 -28.57 -7.08
C PRO A 652 25.94 -28.08 -7.56
N THR A 653 25.96 -27.25 -8.59
CA THR A 653 24.75 -26.67 -9.15
C THR A 653 24.70 -26.91 -10.65
N GLY A 654 23.61 -26.47 -11.26
CA GLY A 654 23.48 -26.43 -12.70
C GLY A 654 22.61 -25.26 -13.08
N VAL A 655 22.64 -24.91 -14.36
CA VAL A 655 21.86 -23.80 -14.86
C VAL A 655 20.64 -24.36 -15.57
N VAL A 656 19.47 -23.85 -15.23
CA VAL A 656 18.21 -24.26 -15.84
C VAL A 656 17.52 -23.03 -16.41
N GLU A 657 17.28 -23.05 -17.71
CA GLU A 657 16.45 -22.06 -18.39
C GLU A 657 15.00 -22.49 -18.34
N TRP A 658 14.12 -21.59 -17.98
CA TRP A 658 12.69 -21.88 -17.90
C TRP A 658 11.93 -20.98 -18.87
N ALA A 659 11.15 -21.60 -19.75
CA ALA A 659 10.20 -20.89 -20.60
C ALA A 659 8.98 -20.48 -19.77
N VAL A 660 8.62 -19.21 -19.86
CA VAL A 660 7.46 -18.65 -19.18
C VAL A 660 6.50 -18.10 -20.22
N GLU A 661 5.23 -18.46 -20.11
CA GLU A 661 4.19 -17.99 -21.03
C GLU A 661 3.02 -17.47 -20.22
N VAL A 662 2.67 -16.20 -20.41
CA VAL A 662 1.56 -15.56 -19.71
C VAL A 662 0.37 -15.45 -20.66
N PHE A 663 -0.76 -16.06 -20.29
CA PHE A 663 -1.99 -16.07 -21.07
C PHE A 663 -3.06 -15.24 -20.38
N ASN A 664 -3.91 -14.59 -21.18
CA ASN A 664 -5.08 -13.95 -20.63
C ASN A 664 -6.26 -14.93 -20.69
N GLN A 665 -7.48 -14.43 -20.46
CA GLN A 665 -8.63 -15.33 -20.34
C GLN A 665 -9.11 -15.88 -21.67
N HIS A 666 -8.68 -15.32 -22.79
CA HIS A 666 -8.93 -15.91 -24.10
C HIS A 666 -7.86 -16.91 -24.51
N GLN A 667 -6.96 -17.26 -23.60
CA GLN A 667 -5.80 -18.12 -23.87
C GLN A 667 -4.85 -17.49 -24.88
N THR A 668 -4.92 -16.19 -25.02
CA THR A 668 -4.03 -15.44 -25.89
C THR A 668 -2.77 -15.07 -25.14
N PRO A 669 -1.59 -15.34 -25.69
CA PRO A 669 -0.35 -14.97 -25.01
C PRO A 669 -0.20 -13.46 -24.95
N VAL A 670 0.15 -12.96 -23.77
CA VAL A 670 0.42 -11.54 -23.59
C VAL A 670 1.87 -11.26 -23.24
N ALA A 671 2.64 -12.28 -22.88
CA ALA A 671 4.05 -12.11 -22.58
C ALA A 671 4.77 -13.43 -22.78
N LEU A 672 5.96 -13.37 -23.36
CA LEU A 672 6.79 -14.54 -23.56
C LEU A 672 8.20 -14.18 -23.14
N TYR A 673 8.86 -15.06 -22.41
CA TYR A 673 10.24 -14.82 -22.01
C TYR A 673 10.82 -16.09 -21.40
N SER A 674 12.09 -16.02 -21.03
CA SER A 674 12.79 -17.11 -20.38
C SER A 674 13.55 -16.55 -19.20
N ILE A 675 13.61 -17.33 -18.12
CA ILE A 675 14.41 -16.99 -16.96
C ILE A 675 15.53 -18.01 -16.84
N LEU A 676 16.69 -17.55 -16.39
CA LEU A 676 17.79 -18.41 -16.01
C LEU A 676 17.77 -18.60 -14.50
N THR A 677 18.16 -19.78 -14.04
CA THR A 677 18.28 -20.01 -12.60
C THR A 677 19.47 -20.92 -12.33
N LEU A 678 19.89 -20.95 -11.08
CA LEU A 678 20.82 -21.97 -10.56
C LEU A 678 20.07 -22.94 -9.66
N VAL A 679 20.24 -24.22 -9.93
CA VAL A 679 19.51 -25.28 -9.25
C VAL A 679 20.52 -26.25 -8.66
N ALA A 680 20.43 -26.47 -7.35
CA ALA A 680 21.33 -27.37 -6.67
C ALA A 680 21.20 -28.80 -7.19
N ARG A 681 22.33 -29.48 -7.30
CA ARG A 681 22.37 -30.88 -7.69
C ARG A 681 22.51 -31.77 -6.46
N GLN A 682 22.01 -33.00 -6.59
CA GLN A 682 22.14 -33.97 -5.50
C GLN A 682 23.56 -34.51 -5.41
N HIS A 683 24.19 -34.76 -6.55
CA HIS A 683 25.48 -35.43 -6.61
C HIS A 683 26.50 -34.54 -7.30
N GLY A 684 27.51 -34.12 -6.56
CA GLY A 684 28.65 -33.43 -7.13
C GLY A 684 29.58 -34.39 -7.82
N ASP A 685 30.57 -33.83 -8.50
CA ASP A 685 31.59 -34.65 -9.14
C ASP A 685 32.99 -34.09 -8.91
N PHE A 686 33.27 -33.69 -7.67
CA PHE A 686 34.57 -33.16 -7.23
C PHE A 686 35.24 -32.21 -8.22
N GLN B 9 29.56 78.05 23.07
CA GLN B 9 29.57 76.80 22.31
C GLN B 9 28.22 76.59 21.63
N GLN B 10 27.92 77.43 20.65
CA GLN B 10 26.61 77.39 20.01
C GLN B 10 26.41 76.10 19.22
N LEU B 11 25.18 75.57 19.32
CA LEU B 11 24.84 74.25 18.81
C LEU B 11 24.57 74.34 17.31
N ALA B 12 25.29 73.51 16.54
CA ALA B 12 25.17 73.56 15.08
C ALA B 12 23.95 72.77 14.61
N SER B 13 23.51 73.11 13.41
CA SER B 13 22.40 72.43 12.75
C SER B 13 22.81 72.03 11.35
N PHE B 14 22.48 70.81 10.97
CA PHE B 14 23.02 70.17 9.76
C PHE B 14 21.99 70.27 8.65
N LEU B 15 22.22 71.17 7.70
CA LEU B 15 21.31 71.31 6.57
C LEU B 15 22.10 71.68 5.34
N SER B 16 21.53 71.36 4.17
CA SER B 16 22.18 71.51 2.87
C SER B 16 23.53 70.83 2.81
N GLY B 17 23.76 69.85 3.67
CA GLY B 17 24.98 69.09 3.69
C GLY B 17 26.12 69.69 4.50
N THR B 18 25.91 70.82 5.17
CA THR B 18 26.98 71.45 5.94
C THR B 18 26.51 71.73 7.37
N TRP B 19 27.47 71.68 8.29
CA TRP B 19 27.22 72.04 9.69
C TRP B 19 27.39 73.54 9.85
N GLN B 20 26.31 74.22 10.23
CA GLN B 20 26.33 75.67 10.36
C GLN B 20 25.38 76.09 11.47
N SER B 21 25.43 77.36 11.84
CA SER B 21 24.61 77.92 12.90
C SER B 21 24.02 79.25 12.47
N GLY B 22 23.27 79.86 13.40
CA GLY B 22 22.62 81.14 13.13
C GLY B 22 23.17 82.27 14.00
N ARG B 23 22.57 83.45 13.83
CA ARG B 23 23.00 84.66 14.53
C ARG B 23 21.79 85.52 14.83
N GLY B 24 21.51 85.72 16.12
CA GLY B 24 20.43 86.59 16.53
C GLY B 24 19.96 86.32 17.94
N ARG B 25 18.66 86.39 18.18
CA ARG B 25 18.13 86.05 19.50
C ARG B 25 18.28 84.56 19.74
N SER B 26 18.95 84.22 20.83
CA SER B 26 19.30 82.84 21.15
C SER B 26 18.35 82.25 22.19
N ARG B 27 18.54 80.96 22.43
CA ARG B 27 18.04 80.30 23.63
C ARG B 27 19.16 79.47 24.21
N LEU B 28 19.11 79.23 25.52
CA LEU B 28 20.18 78.55 26.22
C LEU B 28 19.71 77.19 26.71
N ILE B 29 20.61 76.22 26.68
CA ILE B 29 20.37 74.91 27.25
C ILE B 29 21.15 74.82 28.56
N HIS B 30 20.43 74.76 29.67
CA HIS B 30 21.05 74.65 30.97
C HIS B 30 21.22 73.20 31.38
N HIS B 31 22.06 72.99 32.39
CA HIS B 31 22.19 71.68 33.01
C HIS B 31 21.05 71.50 34.00
N ALA B 32 20.37 70.36 33.92
CA ALA B 32 19.18 70.16 34.75
C ALA B 32 19.55 70.03 36.22
N ILE B 33 20.77 69.58 36.51
CA ILE B 33 21.17 69.33 37.89
C ILE B 33 21.94 70.52 38.44
N SER B 34 22.91 71.04 37.68
CA SER B 34 23.72 72.13 38.20
C SER B 34 23.10 73.49 37.91
N GLY B 35 22.52 73.65 36.73
CA GLY B 35 21.88 74.90 36.37
C GLY B 35 22.69 75.79 35.44
N GLU B 36 23.87 75.35 35.03
CA GLU B 36 24.74 76.16 34.19
C GLU B 36 24.33 76.08 32.73
N ALA B 37 24.35 77.23 32.05
CA ALA B 37 24.07 77.27 30.63
C ALA B 37 25.25 76.70 29.86
N LEU B 38 25.11 75.47 29.35
CA LEU B 38 26.21 74.79 28.70
C LEU B 38 26.03 74.64 27.19
N TRP B 39 24.98 75.21 26.61
CA TRP B 39 24.82 75.30 25.16
C TRP B 39 23.97 76.52 24.83
N GLU B 40 24.26 77.11 23.68
CA GLU B 40 23.45 78.18 23.10
C GLU B 40 22.93 77.74 21.74
N VAL B 41 21.66 78.06 21.47
CA VAL B 41 20.92 77.50 20.35
C VAL B 41 20.24 78.62 19.57
N THR B 42 20.50 78.67 18.27
CA THR B 42 19.81 79.60 17.38
C THR B 42 20.00 79.15 15.95
N SER B 43 19.02 79.42 15.09
CA SER B 43 19.11 79.08 13.68
C SER B 43 18.66 80.22 12.78
N GLU B 44 18.71 81.46 13.26
CA GLU B 44 18.26 82.58 12.47
C GLU B 44 19.22 82.83 11.31
N GLY B 45 18.67 83.21 10.16
CA GLY B 45 19.47 83.47 8.98
C GLY B 45 19.85 82.27 8.17
N LEU B 46 19.35 81.08 8.51
CA LEU B 46 19.59 79.89 7.73
C LEU B 46 18.58 79.78 6.61
N ASP B 47 19.03 79.35 5.43
CA ASP B 47 18.16 79.22 4.27
C ASP B 47 17.37 77.92 4.40
N MET B 48 16.14 78.01 4.87
CA MET B 48 15.31 76.82 5.04
C MET B 48 14.86 76.26 3.69
N ALA B 49 14.55 77.14 2.75
CA ALA B 49 14.15 76.68 1.42
C ALA B 49 15.27 75.91 0.74
N ALA B 50 16.52 76.36 0.92
CA ALA B 50 17.65 75.65 0.36
C ALA B 50 17.79 74.26 0.97
N ALA B 51 17.55 74.14 2.28
CA ALA B 51 17.63 72.84 2.93
C ALA B 51 16.55 71.89 2.41
N ARG B 52 15.32 72.38 2.25
CA ARG B 52 14.27 71.54 1.68
C ARG B 52 14.62 71.10 0.26
N GLN B 53 15.11 72.03 -0.55
CA GLN B 53 15.48 71.71 -1.93
C GLN B 53 16.63 70.71 -1.97
N PHE B 54 17.55 70.81 -1.00
CA PHE B 54 18.65 69.85 -0.91
C PHE B 54 18.15 68.46 -0.55
N ALA B 55 17.20 68.37 0.38
CA ALA B 55 16.65 67.07 0.74
C ALA B 55 15.84 66.46 -0.40
N ILE B 56 15.22 67.30 -1.22
CA ILE B 56 14.33 66.79 -2.24
C ILE B 56 15.09 66.40 -3.51
N GLU B 57 16.09 67.18 -3.92
CA GLU B 57 16.71 66.91 -5.21
C GLU B 57 17.67 65.73 -5.17
N LYS B 58 18.34 65.50 -4.04
CA LYS B 58 19.32 64.43 -4.00
C LYS B 58 19.10 63.39 -2.91
N GLY B 59 18.52 63.75 -1.77
CA GLY B 59 18.22 62.74 -0.76
C GLY B 59 17.11 61.80 -1.18
N ALA B 60 16.01 62.36 -1.67
CA ALA B 60 14.82 61.57 -1.97
C ALA B 60 15.01 60.60 -3.13
N PRO B 61 15.57 60.99 -4.29
CA PRO B 61 15.76 59.99 -5.34
C PRO B 61 16.75 58.91 -4.97
N ALA B 62 17.76 59.26 -4.18
CA ALA B 62 18.71 58.26 -3.69
C ALA B 62 18.03 57.24 -2.79
N LEU B 63 17.13 57.68 -1.91
CA LEU B 63 16.41 56.72 -1.08
C LEU B 63 15.42 55.91 -1.90
N ARG B 64 14.77 56.54 -2.88
CA ARG B 64 13.77 55.84 -3.68
C ARG B 64 14.37 54.82 -4.62
N ALA B 65 15.65 55.00 -5.01
CA ALA B 65 16.25 54.01 -5.91
C ALA B 65 16.54 52.70 -5.18
N MET B 66 16.70 52.74 -3.87
CA MET B 66 16.90 51.52 -3.09
C MET B 66 15.60 50.71 -3.02
N THR B 67 15.75 49.39 -3.07
CA THR B 67 14.60 48.53 -2.76
C THR B 67 14.34 48.58 -1.26
N PHE B 68 13.15 48.10 -0.87
CA PHE B 68 12.81 48.05 0.54
C PHE B 68 13.82 47.23 1.34
N ILE B 69 14.33 46.15 0.75
CA ILE B 69 15.32 45.31 1.42
C ILE B 69 16.61 46.10 1.67
N GLU B 70 17.06 46.89 0.69
CA GLU B 70 18.26 47.68 0.88
C GLU B 70 18.06 48.75 1.96
N ARG B 71 16.88 49.35 2.02
CA ARG B 71 16.61 50.35 3.05
C ARG B 71 16.53 49.72 4.44
N ALA B 72 15.97 48.52 4.55
CA ALA B 72 15.95 47.82 5.82
C ALA B 72 17.36 47.43 6.27
N ALA B 73 18.19 46.98 5.34
CA ALA B 73 19.59 46.73 5.65
C ALA B 73 20.30 48.01 6.11
N MET B 74 19.96 49.15 5.52
CA MET B 74 20.57 50.40 5.93
C MET B 74 20.11 50.80 7.35
N LEU B 75 18.83 50.58 7.66
CA LEU B 75 18.38 50.76 9.03
C LEU B 75 19.17 49.91 10.00
N LYS B 76 19.39 48.64 9.66
CA LYS B 76 20.13 47.75 10.55
C LYS B 76 21.58 48.21 10.74
N ALA B 77 22.23 48.61 9.65
CA ALA B 77 23.60 49.11 9.75
C ALA B 77 23.67 50.35 10.63
N VAL B 78 22.72 51.28 10.46
CA VAL B 78 22.71 52.48 11.28
C VAL B 78 22.48 52.14 12.74
N ALA B 79 21.59 51.20 13.02
CA ALA B 79 21.36 50.79 14.40
C ALA B 79 22.62 50.21 15.02
N LYS B 80 23.31 49.33 14.30
CA LYS B 80 24.57 48.78 14.81
C LYS B 80 25.57 49.88 15.12
N HIS B 81 25.75 50.82 14.18
CA HIS B 81 26.72 51.88 14.37
C HIS B 81 26.37 52.76 15.56
N LEU B 82 25.09 53.11 15.71
CA LEU B 82 24.66 53.93 16.85
C LEU B 82 24.86 53.18 18.15
N LEU B 83 24.60 51.86 18.14
CA LEU B 83 24.76 51.08 19.36
C LEU B 83 26.22 51.03 19.81
N SER B 84 27.15 50.96 18.85
CA SER B 84 28.56 50.88 19.21
C SER B 84 29.04 52.14 19.93
N GLU B 85 28.33 53.25 19.79
CA GLU B 85 28.76 54.54 20.31
C GLU B 85 27.83 55.09 21.38
N LYS B 86 27.13 54.22 22.12
CA LYS B 86 26.11 54.69 23.04
C LYS B 86 26.65 55.44 24.25
N GLU B 87 27.94 55.28 24.57
CA GLU B 87 28.49 55.94 25.76
C GLU B 87 28.44 57.46 25.63
N ARG B 88 28.79 57.99 24.47
CA ARG B 88 28.64 59.42 24.22
C ARG B 88 27.21 59.88 24.49
N PHE B 89 26.24 59.11 24.01
CA PHE B 89 24.84 59.47 24.21
C PHE B 89 24.45 59.43 25.68
N TYR B 90 24.96 58.44 26.42
CA TYR B 90 24.68 58.39 27.86
C TYR B 90 25.26 59.60 28.58
N ALA B 91 26.49 59.98 28.22
CA ALA B 91 27.11 61.14 28.86
C ALA B 91 26.32 62.41 28.57
N LEU B 92 25.78 62.54 27.35
CA LEU B 92 24.95 63.70 27.06
C LEU B 92 23.61 63.63 27.78
N SER B 93 23.03 62.43 27.89
CA SER B 93 21.76 62.26 28.57
C SER B 93 21.86 62.58 30.06
N ALA B 94 23.04 62.36 30.66
CA ALA B 94 23.25 62.76 32.04
C ALA B 94 23.00 64.25 32.26
N GLN B 95 23.20 65.08 31.24
CA GLN B 95 23.04 66.53 31.39
C GLN B 95 21.58 66.95 31.47
N THR B 96 20.66 66.08 31.11
CA THR B 96 19.24 66.41 31.06
C THR B 96 18.51 66.09 32.35
N GLY B 97 19.17 65.46 33.31
CA GLY B 97 18.52 65.11 34.55
C GLY B 97 18.00 63.70 34.64
N ALA B 98 18.58 62.78 33.87
CA ALA B 98 18.09 61.42 33.80
C ALA B 98 19.01 60.47 34.56
N THR B 99 18.42 59.51 35.25
CA THR B 99 19.18 58.42 35.82
C THR B 99 19.58 57.42 34.72
N ARG B 100 20.42 56.46 35.09
CA ARG B 100 20.92 55.49 34.12
C ARG B 100 19.79 54.70 33.47
N ALA B 101 18.70 54.46 34.21
CA ALA B 101 17.62 53.65 33.67
C ALA B 101 16.78 54.42 32.65
N ASP B 102 16.57 55.73 32.88
CA ASP B 102 15.83 56.52 31.91
C ASP B 102 16.65 56.75 30.64
N SER B 103 17.93 57.06 30.78
CA SER B 103 18.79 57.13 29.60
C SER B 103 18.82 55.79 28.89
N TRP B 104 18.75 54.70 29.65
CA TRP B 104 18.68 53.38 29.02
C TRP B 104 17.42 53.27 28.17
N VAL B 105 16.25 53.58 28.74
CA VAL B 105 15.03 53.41 27.97
C VAL B 105 15.06 54.28 26.72
N ASP B 106 15.49 55.53 26.85
CA ASP B 106 15.55 56.42 25.69
C ASP B 106 16.51 55.90 24.63
N ILE B 107 17.78 55.73 24.98
CA ILE B 107 18.81 55.37 24.01
C ILE B 107 18.52 53.99 23.42
N GLU B 108 18.45 52.98 24.28
CA GLU B 108 18.27 51.60 23.84
C GLU B 108 16.93 51.37 23.17
N GLY B 109 15.88 52.10 23.54
CA GLY B 109 14.61 51.95 22.87
C GLY B 109 14.61 52.58 21.49
N GLY B 110 15.28 53.72 21.32
CA GLY B 110 15.43 54.26 19.99
C GLY B 110 16.17 53.31 19.07
N ILE B 111 17.32 52.80 19.52
CA ILE B 111 18.07 51.88 18.69
C ILE B 111 17.29 50.59 18.46
N GLY B 112 16.55 50.13 19.47
CA GLY B 112 15.72 48.94 19.30
C GLY B 112 14.58 49.14 18.32
N THR B 113 14.05 50.36 18.24
CA THR B 113 13.09 50.69 17.20
C THR B 113 13.70 50.54 15.82
N LEU B 114 14.92 51.07 15.63
CA LEU B 114 15.61 50.85 14.36
C LEU B 114 15.74 49.37 14.04
N PHE B 115 16.13 48.58 15.04
CA PHE B 115 16.32 47.14 14.80
C PHE B 115 15.00 46.45 14.45
N THR B 116 13.92 46.82 15.13
CA THR B 116 12.62 46.20 14.88
C THR B 116 12.11 46.53 13.49
N TYR B 117 12.23 47.79 13.08
CA TYR B 117 11.77 48.13 11.74
C TYR B 117 12.65 47.47 10.68
N ALA B 118 13.96 47.33 10.94
CA ALA B 118 14.81 46.59 10.01
C ALA B 118 14.33 45.16 9.85
N SER B 119 14.00 44.50 10.97
CA SER B 119 13.54 43.12 10.92
C SER B 119 12.21 43.00 10.18
N LEU B 120 11.23 43.84 10.53
CA LEU B 120 9.94 43.81 9.84
C LEU B 120 10.09 44.08 8.35
N GLY B 121 10.91 45.05 7.98
CA GLY B 121 11.13 45.33 6.57
C GLY B 121 11.73 44.15 5.83
N SER B 122 12.81 43.58 6.37
CA SER B 122 13.40 42.41 5.75
C SER B 122 12.38 41.29 5.59
N ARG B 123 11.50 41.13 6.58
CA ARG B 123 10.69 39.93 6.65
C ARG B 123 9.43 40.03 5.79
N GLU B 124 8.86 41.23 5.62
CA GLU B 124 7.57 41.30 4.95
C GLU B 124 7.39 42.45 3.96
N LEU B 125 8.46 43.06 3.46
CA LEU B 125 8.31 44.05 2.40
C LEU B 125 8.90 43.52 1.10
N PRO B 126 8.40 43.99 -0.05
CA PRO B 126 8.85 43.43 -1.33
C PRO B 126 10.25 43.87 -1.69
N ASP B 127 10.91 43.04 -2.49
CA ASP B 127 12.23 43.36 -3.04
C ASP B 127 12.03 44.19 -4.31
N ASP B 128 11.57 45.41 -4.10
CA ASP B 128 11.19 46.31 -5.18
C ASP B 128 11.18 47.73 -4.63
N THR B 129 10.96 48.68 -5.51
CA THR B 129 10.76 50.07 -5.13
C THR B 129 9.29 50.44 -5.00
N LEU B 130 8.40 49.63 -5.54
CA LEU B 130 6.95 49.73 -5.37
C LEU B 130 6.49 48.65 -4.41
N TRP B 131 5.35 48.89 -3.76
CA TRP B 131 4.81 47.96 -2.77
C TRP B 131 3.36 47.60 -3.10
N PRO B 132 3.13 46.46 -3.75
CA PRO B 132 1.75 45.98 -3.95
C PRO B 132 1.20 45.42 -2.64
N GLU B 133 0.16 46.07 -2.10
CA GLU B 133 -0.23 45.77 -0.73
C GLU B 133 -1.29 44.68 -0.60
N ASP B 134 -2.24 44.59 -1.52
CA ASP B 134 -3.28 43.56 -1.42
C ASP B 134 -3.17 42.62 -2.62
N GLU B 135 -3.99 41.57 -2.60
CA GLU B 135 -4.05 40.65 -3.73
C GLU B 135 -4.86 41.25 -4.88
N LEU B 136 -4.84 40.55 -6.01
CA LEU B 136 -5.54 41.05 -7.19
C LEU B 136 -7.05 40.97 -7.01
N ILE B 137 -7.72 42.07 -7.34
CA ILE B 137 -9.17 42.22 -7.23
C ILE B 137 -9.77 42.00 -8.62
N PRO B 138 -10.54 40.95 -8.85
CA PRO B 138 -11.16 40.78 -10.17
C PRO B 138 -12.37 41.68 -10.34
N LEU B 139 -12.44 42.35 -11.49
CA LEU B 139 -13.52 43.29 -11.78
C LEU B 139 -14.26 42.95 -13.06
N SER B 140 -14.29 41.69 -13.46
CA SER B 140 -15.02 41.32 -14.67
C SER B 140 -15.30 39.83 -14.65
N LYS B 141 -15.83 39.34 -15.77
CA LYS B 141 -16.26 37.94 -15.83
C LYS B 141 -15.32 37.09 -16.67
N GLU B 142 -14.84 37.61 -17.79
CA GLU B 142 -13.86 36.88 -18.59
C GLU B 142 -12.44 37.09 -18.13
N GLY B 143 -12.21 37.97 -17.15
CA GLY B 143 -10.89 38.16 -16.58
C GLY B 143 -10.02 39.19 -17.27
N GLY B 144 -10.56 40.03 -18.13
CA GLY B 144 -9.74 41.00 -18.82
C GLY B 144 -9.49 42.28 -18.07
N PHE B 145 -10.17 42.50 -16.96
CA PHE B 145 -10.12 43.78 -16.26
C PHE B 145 -10.04 43.53 -14.76
N ALA B 146 -8.98 44.02 -14.13
CA ALA B 146 -8.72 43.74 -12.72
C ALA B 146 -8.06 44.97 -12.10
N ALA B 147 -7.84 44.90 -10.79
CA ALA B 147 -7.23 46.00 -10.06
C ALA B 147 -6.46 45.45 -8.86
N ARG B 148 -5.47 46.22 -8.43
CA ARG B 148 -4.86 46.03 -7.11
C ARG B 148 -4.30 47.36 -6.63
N HIS B 149 -4.04 47.45 -5.33
CA HIS B 149 -3.54 48.67 -4.74
C HIS B 149 -2.03 48.64 -4.61
N LEU B 150 -1.39 49.77 -4.93
CA LEU B 150 0.05 49.92 -4.81
C LEU B 150 0.38 51.10 -3.91
N LEU B 151 1.54 51.01 -3.28
CA LEU B 151 2.09 52.10 -2.50
C LEU B 151 3.41 52.52 -3.12
N THR B 152 3.55 53.81 -3.39
CA THR B 152 4.80 54.39 -3.86
C THR B 152 5.22 55.49 -2.90
N SER B 153 6.51 55.79 -2.86
CA SER B 153 7.00 56.81 -1.95
C SER B 153 6.47 58.18 -2.36
N LYS B 154 6.11 58.98 -1.37
CA LYS B 154 5.92 60.40 -1.63
C LYS B 154 7.27 61.02 -1.98
N SER B 155 7.23 62.09 -2.77
CA SER B 155 8.45 62.65 -3.30
C SER B 155 9.02 63.79 -2.47
N GLY B 156 8.29 64.28 -1.48
CA GLY B 156 8.72 65.41 -0.68
C GLY B 156 9.68 65.04 0.43
N VAL B 157 9.65 65.84 1.49
CA VAL B 157 10.48 65.65 2.67
C VAL B 157 9.56 65.56 3.88
N ALA B 158 9.95 64.76 4.86
CA ALA B 158 9.19 64.61 6.10
C ALA B 158 9.82 65.49 7.17
N VAL B 159 9.02 66.35 7.78
CA VAL B 159 9.45 67.24 8.85
C VAL B 159 8.91 66.70 10.16
N HIS B 160 9.80 66.33 11.07
CA HIS B 160 9.45 65.77 12.37
C HIS B 160 9.80 66.78 13.46
N ILE B 161 8.78 67.39 14.07
CA ILE B 161 8.96 68.33 15.16
C ILE B 161 8.75 67.59 16.46
N ASN B 162 9.84 67.30 17.17
CA ASN B 162 9.82 66.44 18.33
C ASN B 162 9.78 67.26 19.62
N ALA B 163 9.36 66.60 20.70
CA ALA B 163 9.27 67.19 22.02
C ALA B 163 10.51 66.80 22.84
N PHE B 164 10.70 67.48 23.97
CA PHE B 164 11.95 67.30 24.72
C PHE B 164 12.04 65.98 25.46
N ASN B 165 10.91 65.31 25.71
CA ASN B 165 10.91 64.12 26.58
C ASN B 165 11.96 63.11 26.15
N PHE B 166 11.83 62.59 24.93
CA PHE B 166 12.67 61.51 24.42
C PHE B 166 13.46 62.04 23.23
N PRO B 167 14.61 62.66 23.47
CA PRO B 167 15.36 63.26 22.37
C PRO B 167 15.91 62.25 21.38
N CYS B 168 16.12 61.00 21.79
CA CYS B 168 16.59 59.96 20.88
C CYS B 168 15.49 59.01 20.42
N TRP B 169 14.68 58.50 21.35
CA TRP B 169 13.58 57.65 20.95
C TRP B 169 12.60 58.42 20.08
N GLY B 170 12.27 59.65 20.47
CA GLY B 170 11.32 60.46 19.73
C GLY B 170 11.76 60.80 18.34
N MET B 171 13.05 60.78 18.07
CA MET B 171 13.54 61.02 16.72
C MET B 171 13.58 59.73 15.91
N LEU B 172 14.01 58.63 16.52
CA LEU B 172 14.23 57.40 15.76
C LEU B 172 12.93 56.65 15.48
N GLU B 173 11.95 56.73 16.39
CA GLU B 173 10.68 56.08 16.14
C GLU B 173 9.94 56.69 14.96
N LYS B 174 10.24 57.94 14.61
CA LYS B 174 9.70 58.56 13.40
C LYS B 174 10.63 58.37 12.22
N LEU B 175 11.94 58.39 12.46
CA LEU B 175 12.91 58.31 11.37
C LEU B 175 12.89 56.94 10.70
N ALA B 176 12.71 55.86 11.47
CA ALA B 176 12.80 54.53 10.89
C ALA B 176 11.73 54.27 9.83
N PRO B 177 10.42 54.49 10.07
CA PRO B 177 9.46 54.32 8.98
C PRO B 177 9.57 55.36 7.89
N THR B 178 10.10 56.55 8.20
CA THR B 178 10.29 57.57 7.17
C THR B 178 11.26 57.10 6.10
N TRP B 179 12.39 56.50 6.52
CA TRP B 179 13.33 55.96 5.56
C TRP B 179 12.80 54.68 4.94
N LEU B 180 12.20 53.81 5.73
CA LEU B 180 11.62 52.60 5.15
C LEU B 180 10.60 52.95 4.07
N GLY B 181 9.88 54.05 4.22
CA GLY B 181 8.99 54.54 3.20
C GLY B 181 9.63 55.23 2.03
N GLY B 182 10.91 55.58 2.15
CA GLY B 182 11.66 56.16 1.05
C GLY B 182 11.71 57.66 1.00
N MET B 183 11.55 58.34 2.15
CA MET B 183 11.50 59.78 2.22
C MET B 183 12.63 60.34 3.06
N PRO B 184 13.24 61.45 2.64
CA PRO B 184 14.18 62.15 3.52
C PRO B 184 13.46 62.76 4.71
N ALA B 185 14.23 63.20 5.70
CA ALA B 185 13.69 63.70 6.95
C ALA B 185 14.42 64.95 7.41
N ILE B 186 13.65 65.97 7.76
CA ILE B 186 14.17 67.17 8.40
C ILE B 186 13.67 67.17 9.83
N ILE B 187 14.59 67.09 10.78
CA ILE B 187 14.26 66.90 12.18
C ILE B 187 14.45 68.21 12.92
N LYS B 188 13.45 68.58 13.72
CA LYS B 188 13.49 69.80 14.54
C LYS B 188 13.22 69.41 15.98
N PRO B 189 14.24 69.18 16.78
CA PRO B 189 14.00 68.80 18.17
C PRO B 189 13.56 69.98 19.00
N ALA B 190 13.14 69.67 20.23
CA ALA B 190 12.85 70.73 21.19
C ALA B 190 14.14 71.38 21.64
N THR B 191 14.12 72.72 21.71
CA THR B 191 15.32 73.47 22.06
C THR B 191 15.93 72.98 23.38
N ALA B 192 15.08 72.66 24.35
CA ALA B 192 15.54 72.39 25.70
C ALA B 192 16.47 71.19 25.79
N THR B 193 16.48 70.30 24.80
CA THR B 193 17.32 69.12 24.83
C THR B 193 17.93 68.77 23.48
N ALA B 194 18.23 69.77 22.64
CA ALA B 194 18.64 69.48 21.27
C ALA B 194 20.06 68.95 21.20
N GLN B 195 20.84 69.11 22.28
CA GLN B 195 22.22 68.68 22.28
C GLN B 195 22.34 67.17 22.14
N LEU B 196 21.35 66.43 22.62
CA LEU B 196 21.40 64.97 22.51
C LEU B 196 20.99 64.52 21.12
N THR B 197 20.07 65.26 20.50
CA THR B 197 19.65 64.92 19.15
C THR B 197 20.76 65.22 18.15
N GLN B 198 21.48 66.33 18.36
CA GLN B 198 22.54 66.70 17.44
C GLN B 198 23.63 65.62 17.36
N ALA B 199 23.97 65.03 18.50
CA ALA B 199 25.06 64.06 18.52
C ALA B 199 24.67 62.79 17.79
N MET B 200 23.43 62.36 17.94
CA MET B 200 22.96 61.19 17.21
C MET B 200 22.91 61.48 15.71
N VAL B 201 22.49 62.69 15.33
CA VAL B 201 22.48 63.05 13.91
C VAL B 201 23.91 63.07 13.37
N LYS B 202 24.84 63.62 14.13
CA LYS B 202 26.24 63.66 13.70
C LYS B 202 26.81 62.26 13.57
N SER B 203 26.47 61.36 14.49
CA SER B 203 26.89 59.97 14.39
C SER B 203 26.39 59.34 13.09
N ILE B 204 25.09 59.51 12.80
CA ILE B 204 24.52 58.91 11.59
C ILE B 204 25.19 59.49 10.34
N VAL B 205 25.44 60.80 10.33
CA VAL B 205 26.05 61.43 9.16
C VAL B 205 27.48 60.97 8.98
N ASP B 206 28.27 60.93 10.05
CA ASP B 206 29.67 60.55 9.98
C ASP B 206 29.87 59.06 9.79
N SER B 207 28.82 58.25 9.92
CA SER B 207 28.95 56.83 9.63
C SER B 207 29.13 56.56 8.14
N GLY B 208 28.64 57.43 7.28
CA GLY B 208 28.65 57.16 5.85
C GLY B 208 27.67 56.11 5.40
N LEU B 209 26.72 55.72 6.26
CA LEU B 209 25.82 54.61 5.96
C LEU B 209 24.57 55.02 5.21
N VAL B 210 24.19 56.30 5.24
CA VAL B 210 22.94 56.71 4.61
C VAL B 210 23.25 57.62 3.43
N PRO B 211 22.35 57.76 2.47
CA PRO B 211 22.63 58.62 1.31
C PRO B 211 22.76 60.08 1.71
N GLU B 212 23.33 60.87 0.82
CA GLU B 212 23.43 62.31 1.05
C GLU B 212 22.06 62.95 0.96
N GLY B 213 21.77 63.86 1.88
CA GLY B 213 20.48 64.51 1.92
C GLY B 213 19.36 63.70 2.55
N ALA B 214 19.66 62.53 3.09
CA ALA B 214 18.63 61.70 3.70
C ALA B 214 18.30 62.12 5.12
N ILE B 215 19.07 63.02 5.72
CA ILE B 215 18.85 63.45 7.10
C ILE B 215 19.32 64.89 7.25
N SER B 216 18.43 65.76 7.67
CA SER B 216 18.76 67.13 8.01
C SER B 216 18.27 67.42 9.42
N LEU B 217 18.83 68.47 10.02
CA LEU B 217 18.58 68.80 11.42
C LEU B 217 18.54 70.29 11.61
N ILE B 218 17.47 70.79 12.23
CA ILE B 218 17.31 72.20 12.52
C ILE B 218 17.33 72.37 14.03
N CYS B 219 18.39 73.00 14.54
CA CYS B 219 18.50 73.33 15.95
C CYS B 219 18.03 74.77 16.13
N GLY B 220 16.95 74.95 16.87
CA GLY B 220 16.32 76.24 17.03
C GLY B 220 14.98 76.31 16.32
N SER B 221 14.73 77.47 15.72
CA SER B 221 13.44 77.72 15.08
C SER B 221 13.44 77.19 13.65
N ALA B 222 12.26 76.75 13.21
CA ALA B 222 12.10 76.28 11.83
C ALA B 222 11.99 77.44 10.85
N GLY B 223 12.00 78.68 11.32
CA GLY B 223 11.92 79.82 10.43
C GLY B 223 10.60 79.87 9.69
N ASP B 224 10.65 79.97 8.36
CA ASP B 224 9.46 79.85 7.54
C ASP B 224 9.53 78.61 6.66
N LEU B 225 10.02 77.50 7.23
CA LEU B 225 10.13 76.26 6.47
C LEU B 225 8.77 75.73 6.07
N LEU B 226 7.76 75.88 6.94
CA LEU B 226 6.43 75.39 6.61
C LEU B 226 5.78 76.18 5.49
N ASP B 227 6.21 77.41 5.25
CA ASP B 227 5.67 78.19 4.16
C ASP B 227 6.15 77.71 2.79
N HIS B 228 7.20 76.89 2.76
CA HIS B 228 7.80 76.43 1.53
C HIS B 228 7.43 74.99 1.19
N LEU B 229 6.67 74.31 2.04
CA LEU B 229 6.29 72.94 1.79
C LEU B 229 5.18 72.86 0.76
N ASP B 230 5.15 71.74 0.04
CA ASP B 230 4.07 71.46 -0.89
C ASP B 230 3.44 70.12 -0.55
N SER B 231 2.53 69.65 -1.43
CA SER B 231 1.62 68.58 -1.07
C SER B 231 2.28 67.21 -1.02
N GLN B 232 3.53 67.08 -1.43
CA GLN B 232 4.22 65.80 -1.31
C GLN B 232 5.04 65.69 -0.04
N ASP B 233 4.99 66.69 0.84
CA ASP B 233 5.67 66.64 2.13
C ASP B 233 4.70 66.20 3.21
N VAL B 234 5.25 65.81 4.36
CA VAL B 234 4.44 65.45 5.52
C VAL B 234 5.04 66.11 6.76
N VAL B 235 4.18 66.46 7.70
CA VAL B 235 4.60 67.13 8.94
C VAL B 235 4.07 66.32 10.12
N THR B 236 4.94 66.07 11.09
CA THR B 236 4.56 65.42 12.33
C THR B 236 4.94 66.31 13.50
N PHE B 237 4.09 66.38 14.51
CA PHE B 237 4.34 67.25 15.66
C PHE B 237 4.10 66.51 16.96
N THR B 238 4.94 66.79 17.95
CA THR B 238 4.81 66.24 19.29
C THR B 238 5.07 67.37 20.28
N GLY B 239 4.14 67.61 21.18
CA GLY B 239 4.34 68.65 22.18
C GLY B 239 3.03 69.17 22.73
N SER B 240 3.02 70.45 23.08
CA SER B 240 1.84 71.05 23.67
C SER B 240 0.73 71.19 22.63
N ALA B 241 -0.52 71.11 23.11
CA ALA B 241 -1.65 71.15 22.21
C ALA B 241 -1.81 72.51 21.53
N ALA B 242 -1.43 73.59 22.23
CA ALA B 242 -1.58 74.92 21.65
C ALA B 242 -0.67 75.10 20.43
N THR B 243 0.61 74.72 20.58
CA THR B 243 1.55 74.82 19.48
C THR B 243 1.13 73.93 18.31
N GLY B 244 0.69 72.71 18.61
CA GLY B 244 0.27 71.82 17.54
C GLY B 244 -0.95 72.34 16.79
N GLN B 245 -1.95 72.82 17.53
CA GLN B 245 -3.14 73.33 16.87
C GLN B 245 -2.84 74.59 16.09
N MET B 246 -1.88 75.39 16.54
CA MET B 246 -1.44 76.53 15.74
C MET B 246 -0.81 76.06 14.44
N LEU B 247 0.05 75.05 14.50
CA LEU B 247 0.65 74.49 13.29
C LEU B 247 -0.40 73.90 12.36
N ARG B 248 -1.48 73.37 12.92
CA ARG B 248 -2.49 72.68 12.12
C ARG B 248 -3.23 73.64 11.20
N VAL B 249 -3.32 74.92 11.56
CA VAL B 249 -3.97 75.91 10.71
C VAL B 249 -2.94 76.79 9.99
N GLN B 250 -1.69 76.34 9.91
CA GLN B 250 -0.71 76.97 9.04
C GLN B 250 -1.32 77.21 7.67
N PRO B 251 -1.37 78.47 7.19
CA PRO B 251 -2.06 78.72 5.92
C PRO B 251 -1.53 77.90 4.77
N ASN B 252 -0.21 77.78 4.62
CA ASN B 252 0.35 76.94 3.57
C ASN B 252 -0.04 75.47 3.77
N ILE B 253 0.03 74.98 5.01
CA ILE B 253 -0.26 73.57 5.27
C ILE B 253 -1.72 73.24 4.94
N VAL B 254 -2.63 74.18 5.17
CA VAL B 254 -4.03 73.89 4.86
C VAL B 254 -4.31 74.10 3.38
N ALA B 255 -3.59 75.01 2.72
CA ALA B 255 -3.87 75.28 1.32
C ALA B 255 -3.42 74.14 0.42
N LYS B 256 -2.37 73.43 0.81
CA LYS B 256 -1.79 72.38 -0.03
C LYS B 256 -2.23 70.98 0.36
N SER B 257 -3.05 70.83 1.41
CA SER B 257 -3.50 69.53 1.88
C SER B 257 -2.33 68.69 2.37
N ILE B 258 -1.41 69.33 3.07
CA ILE B 258 -0.22 68.60 3.56
C ILE B 258 -0.61 67.76 4.78
N PRO B 259 -0.31 66.47 4.78
CA PRO B 259 -0.67 65.63 5.93
C PRO B 259 0.03 66.14 7.19
N PHE B 260 -0.73 66.19 8.28
CA PHE B 260 -0.27 66.73 9.55
C PHE B 260 -0.74 65.81 10.67
N THR B 261 0.21 65.26 11.42
CA THR B 261 -0.08 64.38 12.55
C THR B 261 0.35 65.07 13.84
N MET B 262 -0.53 65.06 14.82
CA MET B 262 -0.32 65.76 16.07
C MET B 262 -0.44 64.79 17.25
N GLU B 263 0.47 64.91 18.20
CA GLU B 263 0.48 64.10 19.41
C GLU B 263 0.60 65.05 20.60
N ALA B 264 -0.50 65.23 21.33
CA ALA B 264 -0.61 66.22 22.40
C ALA B 264 -0.52 65.56 23.77
N ASP B 265 -0.81 66.35 24.81
CA ASP B 265 -0.82 65.85 26.18
C ASP B 265 -2.08 65.06 26.47
N SER B 266 -1.92 63.93 27.17
CA SER B 266 -3.04 63.09 27.53
C SER B 266 -3.01 62.80 29.02
N LEU B 267 -4.18 62.48 29.56
CA LEU B 267 -4.35 62.13 30.97
C LEU B 267 -4.55 60.62 31.07
N ASN B 268 -3.44 59.89 31.11
CA ASN B 268 -3.50 58.44 31.15
C ASN B 268 -4.02 57.97 32.50
N CYS B 269 -4.90 56.98 32.49
CA CYS B 269 -5.52 56.46 33.69
C CYS B 269 -4.96 55.08 34.03
N CYS B 270 -5.26 54.64 35.25
CA CYS B 270 -4.96 53.27 35.66
C CYS B 270 -6.07 52.87 36.64
N VAL B 271 -6.87 51.89 36.26
CA VAL B 271 -8.08 51.52 36.99
C VAL B 271 -7.79 50.25 37.78
N LEU B 272 -8.30 50.19 39.00
CA LEU B 272 -8.28 48.97 39.80
C LEU B 272 -9.64 48.30 39.72
N GLY B 273 -9.66 47.05 39.27
CA GLY B 273 -10.91 46.34 39.13
C GLY B 273 -11.54 45.99 40.46
N GLU B 274 -12.87 45.93 40.48
CA GLU B 274 -13.60 45.61 41.69
C GLU B 274 -13.23 44.27 42.28
N ASP B 275 -12.78 43.32 41.47
CA ASP B 275 -12.61 41.95 41.93
C ASP B 275 -11.42 41.76 42.86
N VAL B 276 -10.54 42.73 42.98
CA VAL B 276 -9.32 42.53 43.74
C VAL B 276 -9.50 43.05 45.15
N THR B 277 -8.90 42.34 46.10
CA THR B 277 -8.86 42.70 47.51
C THR B 277 -7.41 42.96 47.89
N PRO B 278 -7.16 43.74 48.95
CA PRO B 278 -5.78 44.09 49.30
C PRO B 278 -4.89 42.90 49.60
N ASP B 279 -5.47 41.73 49.89
CA ASP B 279 -4.67 40.54 50.17
C ASP B 279 -4.29 39.75 48.93
N GLN B 280 -4.51 40.32 47.71
CA GLN B 280 -4.23 39.65 46.44
C GLN B 280 -2.94 40.19 45.82
N PRO B 281 -2.26 39.39 44.99
CA PRO B 281 -1.06 39.88 44.30
C PRO B 281 -1.34 41.05 43.37
N GLU B 282 -2.53 41.07 42.76
CA GLU B 282 -2.87 42.15 41.84
C GLU B 282 -2.78 43.50 42.53
N PHE B 283 -3.16 43.58 43.81
CA PHE B 283 -3.10 44.84 44.54
C PHE B 283 -1.67 45.36 44.62
N ALA B 284 -0.73 44.48 44.95
CA ALA B 284 0.67 44.88 45.07
C ALA B 284 1.26 45.28 43.73
N LEU B 285 0.97 44.51 42.67
CA LEU B 285 1.52 44.90 41.37
C LEU B 285 0.89 46.18 40.86
N PHE B 286 -0.38 46.45 41.22
CA PHE B 286 -1.01 47.73 40.89
C PHE B 286 -0.29 48.89 41.56
N ILE B 287 -0.02 48.77 42.86
CA ILE B 287 0.72 49.82 43.57
C ILE B 287 2.07 50.04 42.92
N ARG B 288 2.81 48.95 42.67
CA ARG B 288 4.14 49.07 42.08
C ARG B 288 4.08 49.72 40.70
N GLU B 289 3.05 49.39 39.92
CA GLU B 289 2.90 49.94 38.58
C GLU B 289 2.64 51.43 38.63
N VAL B 290 1.70 51.86 39.48
CA VAL B 290 1.41 53.29 39.60
C VAL B 290 2.65 54.05 40.03
N VAL B 291 3.41 53.50 40.98
CA VAL B 291 4.59 54.22 41.45
C VAL B 291 5.65 54.31 40.35
N ARG B 292 5.89 53.21 39.64
CA ARG B 292 6.91 53.23 38.59
C ARG B 292 6.55 54.21 37.49
N GLU B 293 5.30 54.17 37.03
CA GLU B 293 4.88 55.12 36.00
C GLU B 293 4.85 56.55 36.52
N MET B 294 4.71 56.74 37.84
CA MET B 294 4.77 58.09 38.39
C MET B 294 6.19 58.61 38.47
N THR B 295 7.17 57.74 38.66
CA THR B 295 8.50 58.21 39.03
C THR B 295 9.58 58.02 37.98
N THR B 296 9.41 57.16 36.97
CA THR B 296 10.47 57.03 35.98
C THR B 296 10.62 58.31 35.18
N LYS B 297 11.87 58.73 34.96
CA LYS B 297 12.22 59.98 34.33
C LYS B 297 11.48 61.16 34.95
N ALA B 298 11.24 61.11 36.25
CA ALA B 298 10.49 62.14 36.97
C ALA B 298 9.13 62.37 36.34
N GLY B 299 8.53 61.29 35.82
CA GLY B 299 7.19 61.37 35.27
C GLY B 299 7.05 62.28 34.08
N GLN B 300 8.09 62.41 33.27
CA GLN B 300 8.06 63.25 32.08
C GLN B 300 7.75 62.48 30.81
N LYS B 301 7.19 61.29 30.91
CA LYS B 301 6.79 60.54 29.73
C LYS B 301 5.38 60.93 29.31
N CYS B 302 5.14 60.87 27.99
CA CYS B 302 3.82 61.18 27.46
C CYS B 302 2.77 60.16 27.90
N THR B 303 3.20 59.00 28.37
CA THR B 303 2.32 57.92 28.77
C THR B 303 2.27 57.72 30.29
N ALA B 304 2.87 58.63 31.05
CA ALA B 304 2.88 58.48 32.50
C ALA B 304 1.48 58.63 33.07
N ILE B 305 1.23 57.92 34.16
CA ILE B 305 -0.10 57.85 34.75
C ILE B 305 -0.42 59.17 35.44
N ARG B 306 -1.61 59.69 35.20
CA ARG B 306 -2.05 60.96 35.77
C ARG B 306 -3.30 60.86 36.61
N ARG B 307 -4.17 59.88 36.36
CA ARG B 307 -5.39 59.67 37.12
C ARG B 307 -5.43 58.23 37.60
N ILE B 308 -5.68 58.05 38.89
CA ILE B 308 -5.79 56.75 39.52
C ILE B 308 -7.23 56.57 39.95
N ILE B 309 -7.88 55.52 39.46
CA ILE B 309 -9.29 55.29 39.67
C ILE B 309 -9.45 53.97 40.42
N VAL B 310 -9.95 54.06 41.66
CA VAL B 310 -10.04 52.90 42.53
C VAL B 310 -11.46 52.81 43.07
N PRO B 311 -11.87 51.63 43.52
CA PRO B 311 -13.19 51.51 44.15
C PRO B 311 -13.22 52.26 45.48
N GLN B 312 -14.41 52.80 45.79
CA GLN B 312 -14.59 53.65 46.96
C GLN B 312 -14.04 53.01 48.23
N ALA B 313 -14.31 51.72 48.42
CA ALA B 313 -13.89 51.05 49.65
C ALA B 313 -12.37 50.96 49.76
N LEU B 314 -11.69 50.76 48.63
CA LEU B 314 -10.25 50.54 48.61
C LEU B 314 -9.43 51.82 48.72
N VAL B 315 -10.08 52.98 48.79
CA VAL B 315 -9.37 54.25 48.61
C VAL B 315 -8.33 54.47 49.70
N ASN B 316 -8.72 54.26 50.96
CA ASN B 316 -7.82 54.56 52.06
C ASN B 316 -6.61 53.63 52.06
N ALA B 317 -6.83 52.34 51.85
CA ALA B 317 -5.71 51.39 51.79
C ALA B 317 -4.79 51.71 50.62
N VAL B 318 -5.38 52.03 49.46
CA VAL B 318 -4.58 52.36 48.28
C VAL B 318 -3.73 53.60 48.54
N SER B 319 -4.32 54.61 49.17
CA SER B 319 -3.59 55.85 49.42
C SER B 319 -2.46 55.62 50.41
N ASP B 320 -2.73 54.85 51.47
CA ASP B 320 -1.67 54.48 52.41
C ASP B 320 -0.52 53.79 51.69
N ALA B 321 -0.85 52.78 50.87
CA ALA B 321 0.21 52.03 50.19
C ALA B 321 0.99 52.91 49.22
N LEU B 322 0.30 53.80 48.51
CA LEU B 322 0.98 54.65 47.55
C LEU B 322 1.93 55.62 48.23
N VAL B 323 1.46 56.30 49.29
CA VAL B 323 2.35 57.23 49.98
C VAL B 323 3.50 56.48 50.64
N ALA B 324 3.24 55.27 51.14
CA ALA B 324 4.30 54.49 51.76
C ALA B 324 5.39 54.14 50.76
N ARG B 325 5.01 53.55 49.63
CA ARG B 325 6.03 53.17 48.64
C ARG B 325 6.64 54.39 47.97
N LEU B 326 5.93 55.52 47.98
CA LEU B 326 6.36 56.71 47.25
C LEU B 326 7.27 57.59 48.08
N GLN B 327 7.20 57.47 49.41
CA GLN B 327 8.11 58.24 50.26
C GLN B 327 9.50 57.63 50.26
N LYS B 328 9.62 56.35 49.90
CA LYS B 328 10.90 55.67 49.85
C LYS B 328 11.71 56.01 48.61
N VAL B 329 11.24 56.94 47.77
CA VAL B 329 11.94 57.31 46.55
C VAL B 329 12.82 58.51 46.84
N VAL B 330 14.12 58.38 46.59
CA VAL B 330 15.09 59.41 46.87
C VAL B 330 15.31 60.22 45.59
N VAL B 331 15.04 61.52 45.67
CA VAL B 331 15.27 62.43 44.54
C VAL B 331 16.55 63.20 44.78
N GLY B 332 17.41 63.23 43.76
CA GLY B 332 18.67 63.94 43.88
C GLY B 332 19.48 63.77 42.61
N ASP B 333 20.75 64.18 42.68
CA ASP B 333 21.62 64.06 41.53
C ASP B 333 21.96 62.60 41.29
N PRO B 334 21.57 62.01 40.15
CA PRO B 334 21.75 60.55 39.97
C PRO B 334 23.18 60.11 40.03
N ALA B 335 24.14 61.03 39.97
CA ALA B 335 25.54 60.66 40.11
C ALA B 335 25.87 60.21 41.53
N GLN B 336 24.95 60.47 42.48
CA GLN B 336 25.13 60.00 43.84
C GLN B 336 24.44 58.66 44.06
N GLU B 337 25.06 57.82 44.88
CA GLU B 337 24.53 56.49 45.14
C GLU B 337 23.40 56.55 46.16
N GLY B 338 22.24 56.01 45.79
CA GLY B 338 21.04 56.11 46.58
C GLY B 338 19.95 56.92 45.92
N VAL B 339 20.25 57.58 44.81
CA VAL B 339 19.28 58.38 44.06
C VAL B 339 18.52 57.44 43.14
N LYS B 340 17.19 57.60 43.11
CA LYS B 340 16.34 56.77 42.28
C LYS B 340 15.51 57.57 41.27
N MET B 341 15.37 58.87 41.46
CA MET B 341 14.56 59.70 40.60
C MET B 341 15.22 61.07 40.48
N GLY B 342 15.63 61.42 39.26
CA GLY B 342 16.34 62.66 39.05
C GLY B 342 15.48 63.90 38.99
N ALA B 343 15.80 64.81 38.09
CA ALA B 343 15.16 66.12 38.04
C ALA B 343 14.43 66.32 36.72
N LEU B 344 13.57 67.33 36.70
CA LEU B 344 13.02 67.82 35.45
C LEU B 344 14.12 68.45 34.61
N VAL B 345 13.80 68.74 33.35
CA VAL B 345 14.86 69.16 32.43
C VAL B 345 15.32 70.59 32.64
N ASN B 346 14.48 71.46 33.23
CA ASN B 346 14.89 72.84 33.46
C ASN B 346 13.92 73.48 34.44
N ALA B 347 14.33 74.63 34.98
CA ALA B 347 13.51 75.33 35.96
C ALA B 347 12.18 75.79 35.37
N GLU B 348 12.15 76.05 34.06
CA GLU B 348 10.89 76.42 33.41
C GLU B 348 9.87 75.30 33.52
N GLN B 349 10.28 74.06 33.26
CA GLN B 349 9.38 72.93 33.44
C GLN B 349 8.93 72.81 34.88
N ARG B 350 9.83 73.07 35.83
CA ARG B 350 9.46 73.00 37.24
C ARG B 350 8.39 74.02 37.58
N ALA B 351 8.53 75.25 37.08
CA ALA B 351 7.50 76.26 37.29
C ALA B 351 6.19 75.85 36.64
N ASP B 352 6.26 75.26 35.45
CA ASP B 352 5.03 74.83 34.76
C ASP B 352 4.31 73.75 35.56
N VAL B 353 5.05 72.75 36.05
CA VAL B 353 4.44 71.70 36.84
C VAL B 353 3.87 72.26 38.14
N GLN B 354 4.57 73.21 38.75
CA GLN B 354 4.07 73.80 39.98
C GLN B 354 2.78 74.57 39.74
N GLU B 355 2.69 75.33 38.65
CA GLU B 355 1.48 76.10 38.41
C GLU B 355 0.32 75.19 38.02
N LYS B 356 0.61 74.07 37.34
CA LYS B 356 -0.45 73.09 37.08
C LYS B 356 -0.95 72.45 38.38
N VAL B 357 -0.02 72.09 39.27
CA VAL B 357 -0.41 71.55 40.57
C VAL B 357 -1.22 72.57 41.36
N ASN B 358 -0.83 73.84 41.28
CA ASN B 358 -1.57 74.88 41.98
C ASN B 358 -2.98 75.04 41.42
N ILE B 359 -3.12 74.90 40.10
CA ILE B 359 -4.45 74.93 39.50
C ILE B 359 -5.30 73.77 40.01
N LEU B 360 -4.71 72.58 40.07
CA LEU B 360 -5.46 71.41 40.54
C LEU B 360 -5.89 71.58 41.98
N LEU B 361 -5.03 72.15 42.82
CA LEU B 361 -5.39 72.40 44.21
C LEU B 361 -6.48 73.46 44.31
N ALA B 362 -6.35 74.55 43.56
CA ALA B 362 -7.37 75.59 43.52
C ALA B 362 -8.69 75.07 43.01
N ALA B 363 -8.70 73.96 42.29
CA ALA B 363 -9.94 73.38 41.78
C ALA B 363 -10.46 72.23 42.62
N GLY B 364 -9.92 72.00 43.81
CA GLY B 364 -10.48 71.00 44.70
C GLY B 364 -9.72 69.70 44.87
N CYS B 365 -8.40 69.77 45.03
CA CYS B 365 -7.60 68.59 45.30
C CYS B 365 -6.85 68.75 46.61
N GLU B 366 -6.82 67.69 47.41
CA GLU B 366 -6.10 67.67 48.68
C GLU B 366 -4.70 67.08 48.47
N ILE B 367 -3.74 67.62 49.21
CA ILE B 367 -2.38 67.08 49.21
C ILE B 367 -2.37 65.78 50.01
N ARG B 368 -1.97 64.69 49.36
CA ARG B 368 -1.58 63.50 50.10
C ARG B 368 -0.07 63.40 50.29
N LEU B 369 0.71 64.02 49.41
CA LEU B 369 2.17 63.98 49.54
C LEU B 369 2.78 65.06 48.65
N GLY B 370 3.61 65.90 49.24
CA GLY B 370 4.54 66.75 48.52
C GLY B 370 4.03 67.58 47.37
N GLY B 371 3.24 68.62 47.63
CA GLY B 371 2.74 69.47 46.57
C GLY B 371 3.66 70.58 46.10
N GLN B 372 4.52 71.08 46.97
CA GLN B 372 5.35 72.24 46.65
C GLN B 372 6.80 71.83 46.46
N ALA B 373 7.47 72.47 45.51
CA ALA B 373 8.85 72.20 45.20
C ALA B 373 9.72 73.40 45.57
N ASP B 374 11.03 73.15 45.64
CA ASP B 374 12.01 74.19 45.88
C ASP B 374 12.17 75.02 44.61
N LEU B 375 11.42 76.12 44.53
CA LEU B 375 11.38 76.92 43.31
C LEU B 375 12.54 77.92 43.24
N SER B 376 13.61 77.67 43.99
CA SER B 376 14.81 78.52 43.94
C SER B 376 16.10 77.75 43.76
N ALA B 377 16.12 76.44 44.01
CA ALA B 377 17.37 75.69 43.98
C ALA B 377 17.92 75.59 42.56
N ALA B 378 19.20 75.21 42.46
CA ALA B 378 19.85 75.16 41.16
C ALA B 378 19.29 74.03 40.30
N GLY B 379 19.25 72.81 40.83
CA GLY B 379 18.67 71.71 40.10
C GLY B 379 17.16 71.82 40.01
N ALA B 380 16.62 71.27 38.93
CA ALA B 380 15.19 71.34 38.65
C ALA B 380 14.46 70.13 39.22
N PHE B 381 14.55 69.99 40.53
CA PHE B 381 13.98 68.86 41.24
C PHE B 381 12.54 69.13 41.62
N PHE B 382 11.72 68.09 41.53
CA PHE B 382 10.35 68.12 42.02
C PHE B 382 10.12 66.91 42.92
N PRO B 383 9.46 67.07 44.05
CA PRO B 383 9.18 65.91 44.89
C PRO B 383 8.01 65.13 44.34
N PRO B 384 8.03 63.80 44.46
CA PRO B 384 6.86 63.00 44.09
C PRO B 384 5.62 63.51 44.79
N THR B 385 4.54 63.61 44.02
CA THR B 385 3.31 64.25 44.47
C THR B 385 2.14 63.35 44.17
N LEU B 386 1.32 63.10 45.17
CA LEU B 386 0.11 62.30 45.02
C LEU B 386 -1.06 63.10 45.56
N LEU B 387 -2.02 63.38 44.68
CA LEU B 387 -3.16 64.23 44.99
C LEU B 387 -4.39 63.38 45.22
N TYR B 388 -5.43 64.01 45.76
CA TYR B 388 -6.69 63.34 46.01
C TYR B 388 -7.83 64.23 45.53
N CYS B 389 -8.77 63.64 44.80
CA CYS B 389 -9.97 64.33 44.34
C CYS B 389 -11.17 63.69 44.99
N PRO B 390 -11.87 64.37 45.90
CA PRO B 390 -12.99 63.73 46.60
C PRO B 390 -14.28 63.72 45.80
N GLN B 391 -14.50 64.70 44.92
CA GLN B 391 -15.69 64.77 44.08
C GLN B 391 -15.27 64.56 42.64
N PRO B 392 -15.10 63.31 42.21
CA PRO B 392 -14.48 63.08 40.90
C PRO B 392 -15.37 63.48 39.73
N ASP B 393 -16.68 63.26 39.83
CA ASP B 393 -17.54 63.48 38.68
C ASP B 393 -18.20 64.85 38.66
N GLU B 394 -17.79 65.75 39.56
CA GLU B 394 -18.19 67.15 39.48
C GLU B 394 -17.03 68.12 39.57
N THR B 395 -15.79 67.63 39.48
CA THR B 395 -14.61 68.46 39.46
C THR B 395 -13.98 68.38 38.08
N PRO B 396 -14.37 69.23 37.13
CA PRO B 396 -13.94 69.00 35.74
C PRO B 396 -12.48 69.34 35.46
N ALA B 397 -11.76 69.96 36.39
CA ALA B 397 -10.37 70.31 36.13
C ALA B 397 -9.46 69.10 36.20
N VAL B 398 -9.80 68.10 37.02
CA VAL B 398 -8.94 66.93 37.16
C VAL B 398 -8.96 66.07 35.90
N HIS B 399 -9.93 66.29 35.01
CA HIS B 399 -10.00 65.58 33.74
C HIS B 399 -9.49 66.42 32.57
N ALA B 400 -8.87 67.56 32.84
CA ALA B 400 -8.38 68.40 31.75
C ALA B 400 -6.96 68.89 32.02
N THR B 401 -6.54 68.87 33.27
CA THR B 401 -5.27 69.47 33.67
C THR B 401 -4.21 68.40 33.87
N GLU B 402 -3.08 68.58 33.20
CA GLU B 402 -1.98 67.62 33.25
C GLU B 402 -0.72 68.32 33.74
N ALA B 403 -0.33 68.03 34.98
CA ALA B 403 0.97 68.41 35.50
C ALA B 403 2.01 67.47 34.91
N PHE B 404 2.98 68.03 34.19
CA PHE B 404 3.93 67.22 33.42
C PHE B 404 5.15 66.85 34.26
N GLY B 405 4.91 66.04 35.28
CA GLY B 405 5.95 65.62 36.18
C GLY B 405 5.47 64.53 37.12
N PRO B 406 6.20 64.31 38.20
CA PRO B 406 5.84 63.24 39.14
C PRO B 406 4.61 63.59 39.97
N VAL B 407 3.46 63.67 39.31
CA VAL B 407 2.21 64.11 39.92
C VAL B 407 1.09 63.23 39.41
N ALA B 408 0.30 62.68 40.33
CA ALA B 408 -0.87 61.90 39.95
C ALA B 408 -1.97 62.15 40.96
N THR B 409 -3.21 62.00 40.50
CA THR B 409 -4.38 62.22 41.33
C THR B 409 -5.12 60.91 41.54
N LEU B 410 -5.32 60.55 42.80
CA LEU B 410 -6.15 59.43 43.19
C LEU B 410 -7.60 59.89 43.26
N MET B 411 -8.52 59.02 42.85
CA MET B 411 -9.93 59.36 42.89
C MET B 411 -10.79 58.11 43.01
N PRO B 412 -11.92 58.19 43.69
CA PRO B 412 -12.75 57.01 43.93
C PRO B 412 -13.78 56.77 42.84
N ALA B 413 -14.28 55.53 42.81
CA ALA B 413 -15.26 55.11 41.83
C ALA B 413 -16.32 54.26 42.51
N GLN B 414 -17.31 53.82 41.71
CA GLN B 414 -18.41 53.03 42.22
C GLN B 414 -18.93 52.08 41.14
N ASN B 415 -19.44 50.93 41.58
CA ASN B 415 -20.22 49.97 40.78
C ASN B 415 -19.55 49.59 39.47
N GLN B 416 -18.23 49.79 39.34
CA GLN B 416 -17.44 49.27 38.23
C GLN B 416 -17.82 49.90 36.89
N ARG B 417 -18.87 50.70 36.88
CA ARG B 417 -19.30 51.41 35.68
C ARG B 417 -19.04 52.90 35.78
N HIS B 418 -19.21 53.47 36.97
CA HIS B 418 -18.70 54.82 37.22
C HIS B 418 -17.20 54.89 36.92
N ALA B 419 -16.47 53.82 37.17
CA ALA B 419 -15.05 53.80 36.85
C ALA B 419 -14.82 53.90 35.35
N LEU B 420 -15.62 53.18 34.56
CA LEU B 420 -15.53 53.27 33.11
C LEU B 420 -15.84 54.69 32.63
N GLN B 421 -16.89 55.29 33.17
CA GLN B 421 -17.22 56.66 32.79
C GLN B 421 -16.12 57.62 33.17
N LEU B 422 -15.48 57.41 34.32
CA LEU B 422 -14.40 58.29 34.74
C LEU B 422 -13.18 58.12 33.84
N ALA B 423 -12.87 56.87 33.46
CA ALA B 423 -11.77 56.64 32.52
C ALA B 423 -12.03 57.32 31.19
N CYS B 424 -13.28 57.30 30.73
CA CYS B 424 -13.58 57.96 29.46
C CYS B 424 -13.67 59.48 29.58
N ALA B 425 -13.85 60.01 30.78
CA ALA B 425 -13.91 61.47 30.94
C ALA B 425 -12.59 62.17 30.63
N GLY B 426 -11.52 61.43 30.40
CA GLY B 426 -10.25 62.05 30.05
C GLY B 426 -10.27 62.79 28.72
N GLY B 427 -11.19 62.44 27.83
CA GLY B 427 -11.30 63.13 26.56
C GLY B 427 -10.41 62.60 25.47
N GLY B 428 -9.90 61.38 25.61
CA GLY B 428 -8.95 60.83 24.66
C GLY B 428 -7.56 60.74 25.25
N SER B 429 -7.04 59.53 25.41
CA SER B 429 -5.75 59.33 26.06
C SER B 429 -4.89 58.41 25.21
N LEU B 430 -3.58 58.45 25.48
CA LEU B 430 -2.66 57.54 24.80
C LEU B 430 -2.75 56.13 25.38
N ALA B 431 -2.73 56.00 26.70
CA ALA B 431 -2.59 54.71 27.35
C ALA B 431 -3.46 54.63 28.59
N GLY B 432 -4.00 53.44 28.84
CA GLY B 432 -4.74 53.17 30.06
C GLY B 432 -4.45 51.77 30.54
N THR B 433 -4.65 51.54 31.83
CA THR B 433 -4.34 50.26 32.46
C THR B 433 -5.48 49.82 33.35
N LEU B 434 -5.83 48.53 33.26
CA LEU B 434 -6.81 47.91 34.15
C LEU B 434 -6.13 46.75 34.85
N VAL B 435 -6.09 46.81 36.18
CA VAL B 435 -5.56 45.73 37.00
C VAL B 435 -6.75 44.88 37.42
N THR B 436 -6.79 43.65 36.94
CA THR B 436 -7.93 42.78 37.20
C THR B 436 -7.46 41.34 37.05
N ALA B 437 -8.21 40.43 37.64
CA ALA B 437 -8.00 39.01 37.41
C ALA B 437 -9.17 38.36 36.69
N ASP B 438 -10.28 39.07 36.52
CA ASP B 438 -11.48 38.52 35.93
C ASP B 438 -11.53 38.88 34.45
N PRO B 439 -11.53 37.91 33.54
CA PRO B 439 -11.53 38.23 32.11
C PRO B 439 -12.78 38.94 31.62
N GLN B 440 -13.93 38.73 32.28
CA GLN B 440 -15.16 39.39 31.85
C GLN B 440 -15.12 40.88 32.17
N ILE B 441 -14.51 41.24 33.30
CA ILE B 441 -14.32 42.65 33.62
C ILE B 441 -13.47 43.32 32.55
N ALA B 442 -12.42 42.61 32.09
CA ALA B 442 -11.54 43.19 31.08
C ALA B 442 -12.25 43.32 29.75
N ARG B 443 -13.12 42.37 29.41
CA ARG B 443 -13.92 42.50 28.19
C ARG B 443 -14.82 43.73 28.26
N GLN B 444 -15.53 43.91 29.38
CA GLN B 444 -16.40 45.06 29.52
C GLN B 444 -15.61 46.37 29.42
N PHE B 445 -14.46 46.43 30.10
CA PHE B 445 -13.66 47.64 30.08
C PHE B 445 -13.19 47.97 28.68
N ILE B 446 -12.71 46.98 27.94
CA ILE B 446 -12.29 47.22 26.56
C ILE B 446 -13.47 47.72 25.74
N ALA B 447 -14.54 46.93 25.68
CA ALA B 447 -15.66 47.26 24.79
C ALA B 447 -16.23 48.63 25.10
N ASP B 448 -16.09 49.12 26.33
CA ASP B 448 -16.61 50.45 26.66
C ASP B 448 -15.59 51.56 26.48
N ALA B 449 -14.30 51.34 26.73
CA ALA B 449 -13.35 52.44 26.84
C ALA B 449 -12.18 52.35 25.88
N ALA B 450 -12.15 51.40 24.96
CA ALA B 450 -11.10 51.39 23.94
C ALA B 450 -11.22 52.56 23.00
N ARG B 451 -12.44 53.06 22.80
CA ARG B 451 -12.65 54.14 21.86
C ARG B 451 -12.08 55.46 22.33
N THR B 452 -11.68 55.59 23.59
CA THR B 452 -10.99 56.79 24.04
C THR B 452 -9.53 56.55 24.38
N HIS B 453 -9.03 55.33 24.18
CA HIS B 453 -7.64 55.04 24.48
C HIS B 453 -6.94 54.48 23.25
N GLY B 454 -5.70 54.92 23.02
CA GLY B 454 -4.91 54.33 21.97
C GLY B 454 -4.30 52.99 22.32
N ARG B 455 -3.95 52.79 23.59
CA ARG B 455 -3.38 51.54 24.06
C ARG B 455 -3.92 51.24 25.44
N ILE B 456 -4.26 49.98 25.69
CA ILE B 456 -4.79 49.53 26.97
C ILE B 456 -4.09 48.25 27.34
N GLN B 457 -3.59 48.16 28.58
CA GLN B 457 -3.02 46.91 29.06
C GLN B 457 -3.85 46.38 30.21
N ILE B 458 -4.23 45.11 30.12
CA ILE B 458 -4.84 44.39 31.22
C ILE B 458 -3.70 43.77 32.02
N LEU B 459 -3.57 44.17 33.27
CA LEU B 459 -2.42 43.81 34.09
C LEU B 459 -2.87 42.88 35.20
N ASN B 460 -2.61 41.58 35.02
CA ASN B 460 -2.89 40.57 36.03
C ASN B 460 -1.56 39.92 36.41
N GLU B 461 -1.64 38.88 37.24
CA GLU B 461 -0.43 38.25 37.76
C GLU B 461 0.40 37.60 36.65
N GLU B 462 -0.27 37.02 35.65
CA GLU B 462 0.46 36.29 34.62
C GLU B 462 1.21 37.23 33.68
N SER B 463 0.58 38.33 33.28
CA SER B 463 1.24 39.25 32.36
C SER B 463 2.34 40.06 33.04
N ALA B 464 2.31 40.15 34.38
CA ALA B 464 3.22 41.03 35.10
C ALA B 464 4.67 40.56 35.09
N LYS B 465 4.94 39.30 34.74
CA LYS B 465 6.30 38.79 34.88
C LYS B 465 7.18 39.20 33.69
N GLU B 466 6.56 39.53 32.56
CA GLU B 466 7.30 39.93 31.37
C GLU B 466 6.73 41.19 30.72
N SER B 467 5.69 41.76 31.31
CA SER B 467 5.07 42.97 30.78
C SER B 467 6.12 44.06 30.59
N THR B 468 5.98 44.83 29.51
CA THR B 468 6.94 45.88 29.23
C THR B 468 6.59 47.19 29.93
N GLY B 469 5.34 47.36 30.34
CA GLY B 469 4.96 48.54 31.10
C GLY B 469 3.78 49.32 30.56
N HIS B 470 3.20 50.17 31.40
CA HIS B 470 2.12 51.05 30.96
C HIS B 470 2.63 52.18 30.08
N GLY B 471 3.83 52.67 30.34
CA GLY B 471 4.36 53.83 29.66
C GLY B 471 5.28 53.58 28.51
N SER B 472 5.53 52.32 28.15
CA SER B 472 6.52 52.02 27.11
C SER B 472 5.82 51.69 25.80
N PRO B 473 5.95 52.53 24.78
CA PRO B 473 5.38 52.20 23.46
C PRO B 473 6.28 51.21 22.74
N LEU B 474 5.74 50.06 22.41
CA LEU B 474 6.51 49.11 21.64
C LEU B 474 6.38 49.42 20.15
N PRO B 475 7.45 49.19 19.38
CA PRO B 475 7.41 49.52 17.95
C PRO B 475 6.32 48.79 17.17
N GLN B 476 5.86 47.64 17.63
CA GLN B 476 4.85 46.88 16.91
C GLN B 476 3.42 47.35 17.16
N LEU B 477 3.19 48.18 18.16
CA LEU B 477 1.85 48.62 18.54
C LEU B 477 1.70 50.11 18.25
N VAL B 478 0.49 50.51 17.86
CA VAL B 478 0.24 51.91 17.56
C VAL B 478 0.48 52.76 18.80
N HIS B 479 0.83 54.02 18.57
CA HIS B 479 1.09 54.98 19.63
C HIS B 479 0.35 56.27 19.27
N GLY B 480 -0.76 56.52 19.96
CA GLY B 480 -1.57 57.69 19.66
C GLY B 480 -2.89 57.60 20.41
N GLY B 481 -3.79 58.50 20.05
CA GLY B 481 -5.11 58.51 20.65
C GLY B 481 -5.97 59.65 20.14
N PRO B 482 -7.27 59.53 20.33
CA PRO B 482 -8.20 60.56 19.83
C PRO B 482 -8.21 61.79 20.73
N GLY B 483 -8.90 62.81 20.25
CA GLY B 483 -9.27 63.94 21.09
C GLY B 483 -8.09 64.67 21.69
N ARG B 484 -8.10 64.73 23.02
CA ARG B 484 -7.05 65.43 23.77
C ARG B 484 -5.65 64.92 23.44
N ALA B 485 -5.52 63.67 22.98
CA ALA B 485 -4.21 63.13 22.68
C ALA B 485 -3.73 63.45 21.26
N GLY B 486 -4.43 64.30 20.52
CA GLY B 486 -3.96 64.82 19.25
C GLY B 486 -4.65 64.23 18.03
N GLY B 487 -4.94 62.94 18.06
CA GLY B 487 -5.60 62.29 16.96
C GLY B 487 -4.71 61.46 16.07
N GLY B 488 -3.40 61.63 16.16
CA GLY B 488 -2.47 60.92 15.30
C GLY B 488 -2.25 59.49 15.70
N GLU B 489 -1.41 58.82 14.91
CA GLU B 489 -1.06 57.42 15.09
C GLU B 489 0.37 57.22 14.64
N GLU B 490 1.17 56.61 15.50
CA GLU B 490 2.55 56.29 15.18
C GLU B 490 2.81 54.83 15.47
N LEU B 491 3.95 54.34 14.98
CA LEU B 491 4.56 53.08 15.41
C LEU B 491 3.68 51.86 15.26
N GLY B 492 2.79 51.79 14.30
CA GLY B 492 1.99 50.58 14.25
C GLY B 492 2.57 49.45 13.42
N GLY B 493 3.85 49.15 13.59
CA GLY B 493 4.51 48.32 12.62
C GLY B 493 4.59 49.01 11.28
N LEU B 494 4.26 48.27 10.21
CA LEU B 494 4.29 48.82 8.87
C LEU B 494 3.18 49.86 8.64
N ARG B 495 2.20 49.92 9.54
CA ARG B 495 1.22 50.99 9.50
C ARG B 495 1.90 52.35 9.47
N ALA B 496 3.01 52.50 10.20
CA ALA B 496 3.74 53.75 10.20
C ALA B 496 4.46 53.98 8.89
N VAL B 497 5.01 52.93 8.29
CA VAL B 497 5.65 53.05 6.98
C VAL B 497 4.67 53.62 5.96
N LYS B 498 3.41 53.20 6.01
CA LYS B 498 2.45 53.67 5.02
C LYS B 498 2.10 55.15 5.12
N HIS B 499 2.49 55.85 6.18
CA HIS B 499 2.16 57.27 6.29
C HIS B 499 3.04 58.14 5.40
N TYR B 500 4.13 57.61 4.87
CA TYR B 500 5.03 58.34 3.99
C TYR B 500 4.88 57.92 2.55
N MET B 501 3.79 57.22 2.24
CA MET B 501 3.53 56.64 0.94
C MET B 501 2.13 57.01 0.46
N GLN B 502 1.96 57.05 -0.85
CA GLN B 502 0.68 57.27 -1.48
C GLN B 502 0.11 55.93 -1.90
N ARG B 503 -1.16 55.71 -1.61
CA ARG B 503 -1.87 54.49 -2.01
C ARG B 503 -2.62 54.78 -3.29
N THR B 504 -2.47 53.89 -4.28
CA THR B 504 -3.06 54.09 -5.59
C THR B 504 -3.72 52.80 -6.06
N ALA B 505 -4.96 52.91 -6.52
CA ALA B 505 -5.61 51.79 -7.17
C ALA B 505 -5.23 51.79 -8.65
N VAL B 506 -4.79 50.64 -9.14
CA VAL B 506 -4.34 50.50 -10.52
C VAL B 506 -5.24 49.48 -11.21
N GLN B 507 -6.03 49.96 -12.17
CA GLN B 507 -6.93 49.14 -12.95
C GLN B 507 -6.30 48.80 -14.29
N GLY B 508 -6.60 47.61 -14.79
CA GLY B 508 -6.16 47.22 -16.11
C GLY B 508 -6.26 45.71 -16.28
N SER B 509 -5.65 45.24 -17.35
CA SER B 509 -5.64 43.82 -17.59
C SER B 509 -4.66 43.15 -16.63
N PRO B 510 -4.88 41.87 -16.32
CA PRO B 510 -3.92 41.17 -15.46
C PRO B 510 -2.49 41.24 -15.93
N THR B 511 -2.22 41.10 -17.23
CA THR B 511 -0.86 41.16 -17.74
C THR B 511 -0.19 42.50 -17.44
N MET B 512 -0.92 43.61 -17.65
CA MET B 512 -0.40 44.92 -17.29
C MET B 512 -0.14 45.02 -15.79
N LEU B 513 -1.06 44.49 -14.98
CA LEU B 513 -0.88 44.56 -13.54
C LEU B 513 0.32 43.74 -13.09
N ALA B 514 0.58 42.62 -13.76
CA ALA B 514 1.76 41.82 -13.45
C ALA B 514 3.03 42.57 -13.81
N ALA B 515 3.07 43.18 -14.98
CA ALA B 515 4.25 43.95 -15.37
C ALA B 515 4.49 45.13 -14.44
N ILE B 516 3.41 45.77 -13.99
CA ILE B 516 3.56 46.91 -13.10
C ILE B 516 4.01 46.46 -11.71
N SER B 517 3.43 45.37 -11.22
CA SER B 517 3.73 44.86 -9.89
C SER B 517 5.09 44.20 -9.79
N LYS B 518 5.63 43.71 -10.92
CA LYS B 518 6.80 42.84 -10.92
C LYS B 518 6.53 41.56 -10.15
N GLN B 519 5.25 41.22 -9.98
CA GLN B 519 4.80 39.96 -9.45
C GLN B 519 3.75 39.41 -10.39
N TRP B 520 3.79 38.11 -10.63
CA TRP B 520 2.76 37.49 -11.45
C TRP B 520 1.41 37.53 -10.74
N VAL B 521 0.35 37.74 -11.50
CA VAL B 521 -1.01 37.77 -10.96
C VAL B 521 -1.86 36.82 -11.79
N ARG B 522 -2.97 36.39 -11.19
CA ARG B 522 -3.84 35.41 -11.81
CA ARG B 522 -3.84 35.41 -11.81
C ARG B 522 -4.41 35.94 -13.13
N GLY B 523 -4.30 35.13 -14.18
CA GLY B 523 -4.78 35.50 -15.49
C GLY B 523 -3.77 36.18 -16.38
N ALA B 524 -2.54 36.36 -15.92
CA ALA B 524 -1.53 37.06 -16.69
C ALA B 524 -0.75 36.08 -17.57
N LYS B 525 -0.14 36.64 -18.61
CA LYS B 525 0.68 35.85 -19.52
C LYS B 525 1.80 35.13 -18.76
N VAL B 526 2.08 33.92 -19.19
CA VAL B 526 3.16 33.13 -18.60
C VAL B 526 4.20 32.83 -19.67
N GLU B 527 5.35 32.32 -19.22
CA GLU B 527 6.44 31.92 -20.09
C GLU B 527 6.83 30.48 -19.77
N GLU B 528 6.73 29.61 -20.78
CA GLU B 528 7.13 28.21 -20.65
C GLU B 528 8.48 28.03 -21.33
N ASP B 529 9.33 27.17 -20.78
CA ASP B 529 10.76 27.27 -21.01
C ASP B 529 11.40 25.92 -21.34
N ARG B 530 10.61 24.84 -21.32
CA ARG B 530 11.06 23.46 -21.52
C ARG B 530 12.22 23.05 -20.61
N ILE B 531 12.58 23.90 -19.65
CA ILE B 531 13.40 23.51 -18.51
C ILE B 531 12.52 23.66 -17.27
N HIS B 532 12.49 22.63 -16.44
CA HIS B 532 11.68 22.66 -15.23
C HIS B 532 12.05 23.88 -14.38
N PRO B 533 11.08 24.63 -13.87
CA PRO B 533 11.40 25.82 -13.07
C PRO B 533 12.20 25.54 -11.80
N PHE B 534 12.07 24.36 -11.20
CA PHE B 534 12.84 24.03 -10.00
C PHE B 534 14.32 23.82 -10.27
N ARG B 535 14.76 23.86 -11.52
CA ARG B 535 16.17 23.71 -11.82
C ARG B 535 16.88 25.04 -12.01
N LYS B 536 16.14 26.14 -11.97
CA LYS B 536 16.72 27.46 -12.14
C LYS B 536 17.16 28.02 -10.79
N TYR B 537 18.34 28.64 -10.77
CA TYR B 537 18.77 29.38 -9.61
C TYR B 537 17.92 30.63 -9.46
N PHE B 538 18.06 31.28 -8.29
CA PHE B 538 17.22 32.42 -7.97
C PHE B 538 17.27 33.49 -9.07
N GLU B 539 18.48 33.94 -9.44
CA GLU B 539 18.61 35.03 -10.39
C GLU B 539 18.03 34.71 -11.77
N GLU B 540 18.02 33.46 -12.19
CA GLU B 540 17.45 33.11 -13.49
C GLU B 540 15.92 33.09 -13.49
N LEU B 541 15.29 32.95 -12.33
CA LEU B 541 13.84 32.91 -12.24
C LEU B 541 13.24 34.28 -12.50
N GLN B 542 12.11 34.29 -13.19
CA GLN B 542 11.29 35.46 -13.39
C GLN B 542 9.85 35.15 -13.02
N PRO B 543 9.14 36.09 -12.41
CA PRO B 543 7.70 35.92 -12.21
C PRO B 543 6.99 35.67 -13.53
N GLY B 544 6.14 34.66 -13.56
CA GLY B 544 5.52 34.25 -14.79
C GLY B 544 6.15 33.05 -15.46
N ASP B 545 7.29 32.57 -14.96
CA ASP B 545 7.84 31.29 -15.41
C ASP B 545 6.93 30.16 -14.96
N SER B 546 6.48 29.35 -15.90
CA SER B 546 5.34 28.48 -15.66
C SER B 546 5.57 27.11 -16.27
N LEU B 547 5.00 26.10 -15.61
CA LEU B 547 5.09 24.72 -16.03
C LEU B 547 3.72 24.09 -15.97
N LEU B 548 3.30 23.46 -17.07
CA LEU B 548 2.12 22.61 -17.07
C LEU B 548 2.56 21.17 -16.88
N THR B 549 2.13 20.55 -15.80
CA THR B 549 2.51 19.19 -15.48
C THR B 549 1.72 18.20 -16.32
N PRO B 550 2.06 16.91 -16.26
CA PRO B 550 1.18 15.89 -16.83
C PRO B 550 -0.01 15.61 -15.91
N ARG B 551 -0.86 14.70 -16.36
CA ARG B 551 -2.13 14.42 -15.74
C ARG B 551 -2.09 13.16 -14.88
N ARG B 552 -2.99 13.13 -13.90
CA ARG B 552 -3.21 11.95 -13.07
C ARG B 552 -4.71 11.76 -12.91
N THR B 553 -5.20 10.59 -13.31
CA THR B 553 -6.61 10.25 -13.19
C THR B 553 -6.89 9.74 -11.78
N MET B 554 -7.86 10.34 -11.11
CA MET B 554 -8.26 9.90 -9.78
C MET B 554 -9.09 8.63 -9.88
N THR B 555 -8.93 7.75 -8.89
CA THR B 555 -9.62 6.48 -8.85
C THR B 555 -10.17 6.25 -7.45
N GLU B 556 -11.08 5.27 -7.35
CA GLU B 556 -11.54 4.82 -6.05
C GLU B 556 -10.37 4.28 -5.22
N ALA B 557 -9.41 3.64 -5.89
CA ALA B 557 -8.26 3.08 -5.19
C ALA B 557 -7.45 4.18 -4.52
N ASP B 558 -7.40 5.37 -5.12
CA ASP B 558 -6.68 6.48 -4.51
C ASP B 558 -7.37 6.95 -3.24
N ILE B 559 -8.69 7.04 -3.27
CA ILE B 559 -9.45 7.42 -2.08
C ILE B 559 -9.18 6.42 -0.96
N VAL B 560 -9.25 5.13 -1.28
CA VAL B 560 -9.03 4.10 -0.28
C VAL B 560 -7.61 4.17 0.28
N ASN B 561 -6.61 4.25 -0.61
CA ASN B 561 -5.23 4.23 -0.15
C ASN B 561 -4.89 5.45 0.69
N PHE B 562 -5.38 6.63 0.29
CA PHE B 562 -5.09 7.82 1.08
C PHE B 562 -5.81 7.79 2.42
N ALA B 563 -7.10 7.44 2.43
CA ALA B 563 -7.80 7.30 3.70
C ALA B 563 -7.05 6.36 4.64
N CYS B 564 -6.60 5.22 4.13
CA CYS B 564 -5.86 4.28 4.95
C CYS B 564 -4.56 4.89 5.47
N LEU B 565 -3.72 5.41 4.56
CA LEU B 565 -2.39 5.84 4.96
C LEU B 565 -2.45 7.02 5.94
N SER B 566 -3.35 7.97 5.71
CA SER B 566 -3.45 9.13 6.57
C SER B 566 -4.30 8.87 7.82
N GLY B 567 -5.25 7.95 7.74
CA GLY B 567 -6.16 7.68 8.83
C GLY B 567 -7.44 8.47 8.81
N ASP B 568 -7.67 9.29 7.79
CA ASP B 568 -8.87 10.11 7.69
C ASP B 568 -9.95 9.31 6.97
N HIS B 569 -10.92 8.83 7.74
CA HIS B 569 -12.06 8.09 7.21
C HIS B 569 -13.36 8.87 7.33
N PHE B 570 -13.30 10.18 7.07
CA PHE B 570 -14.49 11.00 7.03
C PHE B 570 -15.53 10.40 6.08
N TYR B 571 -16.79 10.43 6.49
CA TYR B 571 -17.83 9.72 5.75
C TYR B 571 -17.96 10.20 4.32
N ALA B 572 -17.57 11.45 4.03
CA ALA B 572 -17.68 11.94 2.65
C ALA B 572 -16.79 11.19 1.69
N HIS B 573 -15.77 10.49 2.17
CA HIS B 573 -14.90 9.70 1.32
C HIS B 573 -15.08 8.19 1.45
N MET B 574 -15.50 7.70 2.62
CA MET B 574 -15.46 6.27 2.89
C MET B 574 -16.83 5.62 3.07
N ASP B 575 -17.92 6.38 3.03
CA ASP B 575 -19.25 5.86 3.38
C ASP B 575 -20.20 6.21 2.24
N LYS B 576 -20.56 5.21 1.44
CA LYS B 576 -21.40 5.42 0.27
C LYS B 576 -22.80 5.89 0.66
N ILE B 577 -23.34 5.32 1.73
CA ILE B 577 -24.70 5.64 2.17
C ILE B 577 -24.79 7.08 2.66
N ALA B 578 -23.83 7.49 3.50
CA ALA B 578 -23.85 8.85 4.01
C ALA B 578 -23.50 9.85 2.92
N ALA B 579 -22.58 9.49 2.02
CA ALA B 579 -22.21 10.38 0.94
C ALA B 579 -23.40 10.65 0.02
N ALA B 580 -24.21 9.63 -0.27
CA ALA B 580 -25.39 9.84 -1.11
C ALA B 580 -26.30 10.93 -0.55
N GLU B 581 -26.39 11.04 0.77
CA GLU B 581 -27.19 12.08 1.41
C GLU B 581 -26.42 13.35 1.70
N SER B 582 -25.25 13.53 1.10
CA SER B 582 -24.49 14.76 1.30
C SER B 582 -24.80 15.75 0.18
N ILE B 583 -24.14 16.91 0.25
CA ILE B 583 -24.35 17.93 -0.77
C ILE B 583 -23.71 17.51 -2.09
N PHE B 584 -22.58 16.81 -2.03
CA PHE B 584 -21.92 16.36 -3.25
C PHE B 584 -22.72 15.25 -3.92
N GLY B 585 -23.33 14.37 -3.14
CA GLY B 585 -24.15 13.32 -3.68
C GLY B 585 -23.46 11.99 -3.88
N GLU B 586 -22.15 11.92 -3.67
CA GLU B 586 -21.41 10.67 -3.72
C GLU B 586 -20.05 10.90 -3.09
N ARG B 587 -19.25 9.84 -3.05
CA ARG B 587 -17.92 9.93 -2.44
C ARG B 587 -16.97 10.76 -3.30
N VAL B 588 -16.18 11.59 -2.65
CA VAL B 588 -15.22 12.47 -3.32
C VAL B 588 -13.81 12.19 -2.77
N VAL B 589 -12.82 12.73 -3.44
CA VAL B 589 -11.42 12.60 -3.08
C VAL B 589 -11.09 13.58 -1.94
N HIS B 590 -10.20 13.16 -1.04
CA HIS B 590 -9.70 14.03 0.02
C HIS B 590 -9.02 15.26 -0.57
N GLY B 591 -9.34 16.44 -0.03
CA GLY B 591 -8.65 17.64 -0.44
C GLY B 591 -7.15 17.56 -0.23
N TYR B 592 -6.73 16.98 0.90
CA TYR B 592 -5.30 16.85 1.17
C TYR B 592 -4.64 15.90 0.17
N PHE B 593 -5.37 14.93 -0.37
CA PHE B 593 -4.79 14.11 -1.41
C PHE B 593 -4.64 14.87 -2.72
N VAL B 594 -5.59 15.76 -3.04
CA VAL B 594 -5.40 16.60 -4.20
C VAL B 594 -4.14 17.45 -4.03
N LEU B 595 -3.94 18.01 -2.84
CA LEU B 595 -2.74 18.76 -2.54
C LEU B 595 -1.47 17.93 -2.71
N SER B 596 -1.43 16.74 -2.10
CA SER B 596 -0.24 15.88 -2.17
C SER B 596 0.05 15.41 -3.59
N ALA B 597 -0.98 14.94 -4.32
CA ALA B 597 -0.77 14.49 -5.69
C ALA B 597 -0.37 15.65 -6.60
N ALA B 598 -0.81 16.87 -6.30
CA ALA B 598 -0.33 18.00 -7.09
C ALA B 598 1.16 18.23 -6.88
N ALA B 599 1.60 18.23 -5.62
CA ALA B 599 3.03 18.29 -5.34
C ALA B 599 3.77 17.17 -6.06
N GLY B 600 3.19 15.97 -6.08
CA GLY B 600 3.79 14.85 -6.81
C GLY B 600 3.87 15.08 -8.31
N LEU B 601 2.96 15.89 -8.86
CA LEU B 601 3.01 16.19 -10.28
C LEU B 601 4.06 17.24 -10.62
N PHE B 602 4.27 18.26 -9.75
CA PHE B 602 5.15 19.35 -10.16
C PHE B 602 6.54 19.35 -9.52
N VAL B 603 6.75 18.64 -8.42
CA VAL B 603 8.03 18.72 -7.73
C VAL B 603 9.09 18.01 -8.55
N ASP B 604 10.26 18.65 -8.69
CA ASP B 604 11.42 18.04 -9.33
C ASP B 604 12.23 17.26 -8.30
N ALA B 605 12.50 15.99 -8.60
CA ALA B 605 13.03 15.08 -7.59
C ALA B 605 14.50 15.31 -7.28
N GLY B 606 15.33 15.58 -8.28
CA GLY B 606 16.76 15.59 -8.08
C GLY B 606 17.27 16.83 -7.37
N VAL B 607 18.50 16.73 -6.89
CA VAL B 607 19.18 17.85 -6.24
C VAL B 607 19.23 19.04 -7.18
N GLY B 608 18.85 20.20 -6.68
CA GLY B 608 18.86 21.42 -7.44
C GLY B 608 18.81 22.66 -6.58
N PRO B 609 18.47 23.79 -7.18
CA PRO B 609 18.45 25.06 -6.42
C PRO B 609 17.38 25.10 -5.33
N VAL B 610 16.23 24.46 -5.51
CA VAL B 610 15.18 24.52 -4.51
C VAL B 610 15.63 23.78 -3.26
N ILE B 611 15.64 24.48 -2.13
CA ILE B 611 16.21 23.97 -0.89
C ILE B 611 15.13 23.50 0.07
N ALA B 612 14.09 24.31 0.25
CA ALA B 612 13.05 24.03 1.24
C ALA B 612 11.69 24.44 0.69
N ASN B 613 10.64 23.93 1.32
CA ASN B 613 9.27 24.31 0.99
C ASN B 613 8.57 25.01 2.15
N TYR B 614 8.45 24.35 3.28
CA TYR B 614 8.18 25.00 4.57
C TYR B 614 6.92 25.87 4.66
N GLY B 615 6.10 26.00 3.63
CA GLY B 615 5.01 26.95 3.73
C GLY B 615 3.99 26.89 2.62
N LEU B 616 2.71 26.90 3.03
CA LEU B 616 1.57 26.95 2.13
C LEU B 616 0.69 28.08 2.61
N GLU B 617 0.13 28.87 1.69
CA GLU B 617 -0.30 30.19 2.14
C GLU B 617 -1.80 30.46 2.08
N SER B 618 -2.50 30.04 1.03
CA SER B 618 -3.93 30.28 1.02
C SER B 618 -4.62 29.21 0.19
N LEU B 619 -5.05 28.13 0.84
CA LEU B 619 -5.61 26.99 0.16
C LEU B 619 -7.12 26.99 0.32
N ARG B 620 -7.82 27.02 -0.81
CA ARG B 620 -9.27 26.87 -0.85
C ARG B 620 -9.59 25.70 -1.78
N PHE B 621 -10.50 24.85 -1.36
CA PHE B 621 -10.98 23.76 -2.21
C PHE B 621 -12.29 24.21 -2.86
N ILE B 622 -12.25 24.40 -4.17
CA ILE B 622 -13.33 25.01 -4.92
C ILE B 622 -14.36 23.99 -5.36
N GLU B 623 -13.94 23.03 -6.18
CA GLU B 623 -14.84 22.02 -6.69
C GLU B 623 -14.42 20.66 -6.15
N PRO B 624 -15.38 19.79 -5.87
CA PRO B 624 -15.04 18.42 -5.47
C PRO B 624 -14.47 17.62 -6.63
N VAL B 625 -13.55 16.73 -6.31
CA VAL B 625 -12.92 15.84 -7.27
C VAL B 625 -13.46 14.44 -7.04
N LYS B 626 -13.98 13.81 -8.09
CA LYS B 626 -14.59 12.50 -8.02
C LYS B 626 -13.69 11.44 -8.65
N PRO B 627 -13.84 10.18 -8.26
CA PRO B 627 -13.20 9.10 -9.03
C PRO B 627 -13.61 9.15 -10.48
N GLY B 628 -12.62 9.09 -11.37
CA GLY B 628 -12.84 9.28 -12.78
C GLY B 628 -12.42 10.63 -13.32
N ASP B 629 -12.19 11.62 -12.45
CA ASP B 629 -11.67 12.90 -12.90
C ASP B 629 -10.16 12.83 -13.07
N THR B 630 -9.65 13.67 -13.96
CA THR B 630 -8.22 13.72 -14.27
C THR B 630 -7.74 15.12 -13.95
N ILE B 631 -6.73 15.23 -13.11
CA ILE B 631 -6.26 16.53 -12.64
C ILE B 631 -4.94 16.86 -13.30
N GLN B 632 -4.67 18.16 -13.41
CA GLN B 632 -3.47 18.69 -14.03
C GLN B 632 -3.14 19.99 -13.32
N VAL B 633 -1.86 20.33 -13.27
CA VAL B 633 -1.37 21.41 -12.44
C VAL B 633 -0.64 22.40 -13.32
N ARG B 634 -0.82 23.70 -13.03
CA ARG B 634 0.07 24.73 -13.53
C ARG B 634 0.80 25.39 -12.37
N LEU B 635 2.13 25.41 -12.43
CA LEU B 635 2.99 26.00 -11.41
C LEU B 635 3.64 27.23 -12.01
N THR B 636 3.33 28.39 -11.45
CA THR B 636 3.88 29.64 -11.94
C THR B 636 4.64 30.34 -10.83
N CYS B 637 5.86 30.79 -11.15
CA CYS B 637 6.61 31.63 -10.24
C CYS B 637 5.91 32.96 -10.05
N LYS B 638 5.53 33.28 -8.82
CA LYS B 638 4.68 34.43 -8.53
C LYS B 638 5.45 35.62 -8.02
N ARG B 639 6.33 35.42 -7.04
CA ARG B 639 7.03 36.53 -6.38
C ARG B 639 8.40 36.05 -5.91
N LYS B 640 9.40 36.92 -6.03
CA LYS B 640 10.73 36.64 -5.53
C LYS B 640 11.15 37.69 -4.51
N THR B 641 11.86 37.26 -3.47
CA THR B 641 12.38 38.16 -2.45
C THR B 641 13.74 37.67 -2.00
N LEU B 642 14.77 38.44 -2.35
CA LEU B 642 16.13 38.11 -1.97
C LEU B 642 16.32 38.23 -0.46
N LYS B 643 17.13 37.34 0.10
CA LYS B 643 17.47 37.39 1.52
C LYS B 643 18.94 37.75 1.67
N LYS B 644 19.19 38.81 2.45
CA LYS B 644 20.56 39.30 2.63
C LYS B 644 21.36 38.31 3.46
N GLN B 645 22.58 38.02 3.00
CA GLN B 645 23.48 37.20 3.78
C GLN B 645 23.83 37.93 5.07
N ARG B 646 23.65 37.25 6.20
CA ARG B 646 23.94 37.82 7.50
C ARG B 646 25.39 37.61 7.91
N SER B 647 26.20 37.00 7.06
CA SER B 647 27.60 36.70 7.33
C SER B 647 28.29 36.54 5.98
N ALA B 648 29.50 35.99 5.99
CA ALA B 648 30.13 35.52 4.77
C ALA B 648 30.05 34.01 4.61
N GLU B 649 29.66 33.30 5.67
CA GLU B 649 29.55 31.85 5.61
C GLU B 649 28.25 31.37 5.00
N GLU B 650 27.12 31.97 5.38
CA GLU B 650 25.82 31.46 4.97
C GLU B 650 25.69 31.47 3.44
N LYS B 651 25.03 30.45 2.93
CA LYS B 651 24.86 30.35 1.49
C LYS B 651 23.70 31.25 1.05
N PRO B 652 23.85 32.00 -0.04
CA PRO B 652 22.85 33.01 -0.40
C PRO B 652 21.59 32.38 -0.95
N THR B 653 20.47 32.71 -0.34
CA THR B 653 19.16 32.21 -0.74
C THR B 653 18.21 33.37 -0.98
N GLY B 654 17.08 33.05 -1.57
CA GLY B 654 15.97 33.98 -1.67
C GLY B 654 14.68 33.21 -1.51
N VAL B 655 13.61 33.93 -1.22
CA VAL B 655 12.29 33.34 -1.06
C VAL B 655 11.57 33.44 -2.39
N VAL B 656 10.96 32.34 -2.82
CA VAL B 656 10.13 32.33 -4.02
C VAL B 656 8.75 31.82 -3.62
N GLU B 657 7.73 32.61 -3.90
CA GLU B 657 6.34 32.20 -3.78
C GLU B 657 5.86 31.72 -5.15
N TRP B 658 5.18 30.58 -5.17
CA TRP B 658 4.68 30.01 -6.41
C TRP B 658 3.18 29.90 -6.34
N ALA B 659 2.50 30.32 -7.40
CA ALA B 659 1.07 30.07 -7.55
C ALA B 659 0.86 28.66 -8.09
N VAL B 660 -0.06 27.92 -7.49
CA VAL B 660 -0.39 26.57 -7.93
C VAL B 660 -1.87 26.54 -8.27
N GLU B 661 -2.20 26.05 -9.46
CA GLU B 661 -3.58 25.92 -9.92
C GLU B 661 -3.83 24.47 -10.34
N VAL B 662 -4.80 23.82 -9.69
CA VAL B 662 -5.14 22.43 -9.98
C VAL B 662 -6.44 22.42 -10.78
N PHE B 663 -6.41 21.87 -11.99
CA PHE B 663 -7.54 21.84 -12.90
C PHE B 663 -8.03 20.41 -13.09
N ASN B 664 -9.32 20.27 -13.36
CA ASN B 664 -9.85 18.97 -13.79
C ASN B 664 -9.91 18.95 -15.32
N GLN B 665 -10.57 17.93 -15.87
CA GLN B 665 -10.58 17.73 -17.32
C GLN B 665 -11.53 18.67 -18.05
N HIS B 666 -12.41 19.38 -17.35
CA HIS B 666 -13.16 20.47 -17.94
C HIS B 666 -12.42 21.80 -17.85
N GLN B 667 -11.11 21.77 -17.61
CA GLN B 667 -10.30 22.96 -17.32
C GLN B 667 -10.87 23.79 -16.19
N THR B 668 -11.66 23.21 -15.33
CA THR B 668 -12.24 23.88 -14.19
C THR B 668 -11.25 23.85 -13.04
N PRO B 669 -10.95 24.99 -12.41
CA PRO B 669 -10.07 24.98 -11.24
C PRO B 669 -10.73 24.29 -10.07
N VAL B 670 -10.01 23.36 -9.44
CA VAL B 670 -10.50 22.67 -8.25
C VAL B 670 -9.69 23.01 -7.01
N ALA B 671 -8.53 23.65 -7.15
CA ALA B 671 -7.75 24.05 -5.99
C ALA B 671 -6.82 25.19 -6.40
N LEU B 672 -6.67 26.16 -5.52
CA LEU B 672 -5.85 27.34 -5.74
C LEU B 672 -5.09 27.64 -4.47
N TYR B 673 -3.80 27.90 -4.58
CA TYR B 673 -3.00 28.19 -3.40
C TYR B 673 -1.59 28.61 -3.83
N SER B 674 -0.82 29.06 -2.84
CA SER B 674 0.56 29.47 -3.04
C SER B 674 1.45 28.61 -2.14
N ILE B 675 2.66 28.34 -2.60
CA ILE B 675 3.66 27.71 -1.76
C ILE B 675 4.84 28.66 -1.65
N LEU B 676 5.56 28.57 -0.54
CA LEU B 676 6.78 29.33 -0.33
C LEU B 676 7.96 28.39 -0.42
N THR B 677 9.07 28.87 -0.97
CA THR B 677 10.25 28.02 -1.07
C THR B 677 11.50 28.84 -0.78
N LEU B 678 12.57 28.15 -0.41
CA LEU B 678 13.91 28.73 -0.38
C LEU B 678 14.67 28.26 -1.60
N VAL B 679 15.22 29.19 -2.35
CA VAL B 679 15.91 28.90 -3.60
C VAL B 679 17.28 29.53 -3.53
N ALA B 680 18.29 28.79 -3.96
CA ALA B 680 19.67 29.23 -3.85
C ALA B 680 20.01 30.25 -4.95
N ARG B 681 20.95 31.12 -4.63
CA ARG B 681 21.43 32.13 -5.57
C ARG B 681 22.80 31.76 -6.08
N GLN B 682 23.14 32.28 -7.26
CA GLN B 682 24.46 32.06 -7.83
C GLN B 682 25.49 33.03 -7.23
N HIS B 683 25.04 34.19 -6.79
CA HIS B 683 25.94 35.25 -6.35
C HIS B 683 25.44 35.81 -5.02
N GLY B 684 26.23 35.60 -3.97
CA GLY B 684 25.95 36.19 -2.68
C GLY B 684 26.32 37.66 -2.66
N ASP B 685 25.96 38.31 -1.55
CA ASP B 685 26.33 39.70 -1.36
C ASP B 685 26.93 39.94 0.02
N PHE B 686 27.60 38.92 0.57
CA PHE B 686 28.32 38.98 1.84
C PHE B 686 27.62 39.74 2.96
N GLN C 9 -10.03 -40.79 75.84
CA GLN C 9 -9.96 -39.60 75.01
C GLN C 9 -11.01 -39.67 73.91
N GLN C 10 -12.19 -39.11 74.16
CA GLN C 10 -13.30 -39.25 73.22
C GLN C 10 -13.21 -38.20 72.12
N LEU C 11 -13.42 -38.65 70.89
CA LEU C 11 -13.32 -37.82 69.70
C LEU C 11 -14.58 -36.97 69.58
N ALA C 12 -14.41 -35.66 69.64
CA ALA C 12 -15.53 -34.73 69.56
C ALA C 12 -15.97 -34.55 68.12
N SER C 13 -17.24 -34.20 67.94
CA SER C 13 -17.82 -33.95 66.64
C SER C 13 -18.42 -32.54 66.62
N PHE C 14 -18.13 -31.81 65.55
CA PHE C 14 -18.44 -30.38 65.47
C PHE C 14 -19.75 -30.17 64.75
N LEU C 15 -20.82 -29.96 65.52
CA LEU C 15 -22.12 -29.70 64.93
C LEU C 15 -22.81 -28.59 65.71
N SER C 16 -23.66 -27.85 65.00
CA SER C 16 -24.37 -26.70 65.56
C SER C 16 -23.41 -25.63 66.07
N GLY C 17 -22.18 -25.63 65.56
CA GLY C 17 -21.18 -24.67 65.95
C GLY C 17 -20.42 -24.98 67.23
N THR C 18 -20.68 -26.11 67.87
CA THR C 18 -19.99 -26.45 69.12
C THR C 18 -19.33 -27.81 69.01
N TRP C 19 -18.15 -27.93 69.61
CA TRP C 19 -17.46 -29.20 69.72
C TRP C 19 -18.05 -30.00 70.88
N GLN C 20 -18.62 -31.16 70.57
CA GLN C 20 -19.26 -31.97 71.58
C GLN C 20 -19.15 -33.45 71.21
N SER C 21 -19.44 -34.31 72.18
CA SER C 21 -19.32 -35.75 72.03
C SER C 21 -20.63 -36.42 72.40
N GLY C 22 -20.66 -37.74 72.24
CA GLY C 22 -21.82 -38.53 72.58
C GLY C 22 -21.59 -39.37 73.82
N ARG C 23 -22.66 -40.03 74.26
CA ARG C 23 -22.66 -40.80 75.50
C ARG C 23 -23.47 -42.07 75.31
N GLY C 24 -22.83 -43.21 75.42
CA GLY C 24 -23.49 -44.48 75.27
C GLY C 24 -22.50 -45.53 74.75
N ARG C 25 -23.03 -46.44 73.93
CA ARG C 25 -22.18 -47.47 73.34
C ARG C 25 -21.26 -46.85 72.30
N SER C 26 -19.97 -47.14 72.43
CA SER C 26 -18.94 -46.46 71.65
C SER C 26 -18.27 -47.44 70.69
N ARG C 27 -17.27 -46.93 69.97
CA ARG C 27 -16.36 -47.73 69.18
C ARG C 27 -14.96 -47.16 69.34
N LEU C 28 -13.95 -48.02 69.24
CA LEU C 28 -12.58 -47.65 69.55
C LEU C 28 -11.74 -47.60 68.29
N ILE C 29 -10.79 -46.67 68.26
CA ILE C 29 -9.82 -46.56 67.17
C ILE C 29 -8.49 -47.06 67.69
N HIS C 30 -8.07 -48.22 67.21
CA HIS C 30 -6.81 -48.81 67.60
C HIS C 30 -5.69 -48.33 66.70
N HIS C 31 -4.47 -48.36 67.22
CA HIS C 31 -3.29 -48.06 66.43
C HIS C 31 -3.01 -49.24 65.51
N ALA C 32 -2.80 -48.94 64.23
CA ALA C 32 -2.67 -50.02 63.24
C ALA C 32 -1.39 -50.81 63.44
N ILE C 33 -0.34 -50.15 63.94
CA ILE C 33 0.93 -50.84 64.15
C ILE C 33 1.01 -51.47 65.54
N SER C 34 0.82 -50.67 66.59
CA SER C 34 0.98 -51.20 67.94
C SER C 34 -0.25 -51.99 68.38
N GLY C 35 -1.44 -51.45 68.13
CA GLY C 35 -2.67 -52.10 68.56
C GLY C 35 -3.36 -51.42 69.73
N GLU C 36 -2.79 -50.34 70.26
CA GLU C 36 -3.39 -49.67 71.40
C GLU C 36 -4.62 -48.88 70.99
N ALA C 37 -5.65 -48.93 71.82
CA ALA C 37 -6.83 -48.14 71.58
C ALA C 37 -6.59 -46.71 72.02
N LEU C 38 -6.37 -45.82 71.05
CA LEU C 38 -5.99 -44.44 71.36
C LEU C 38 -7.08 -43.42 71.09
N TRP C 39 -8.29 -43.85 70.73
CA TRP C 39 -9.45 -42.98 70.65
C TRP C 39 -10.71 -43.79 70.91
N GLU C 40 -11.74 -43.13 71.42
CA GLU C 40 -13.06 -43.69 71.56
C GLU C 40 -14.05 -42.80 70.83
N VAL C 41 -14.99 -43.41 70.12
CA VAL C 41 -15.86 -42.69 69.19
C VAL C 41 -17.32 -42.99 69.52
N THR C 42 -18.12 -41.94 69.68
CA THR C 42 -19.55 -42.07 69.91
C THR C 42 -20.21 -40.72 69.66
N SER C 43 -21.45 -40.75 69.15
CA SER C 43 -22.20 -39.53 68.90
C SER C 43 -23.65 -39.67 69.35
N GLU C 44 -23.94 -40.57 70.30
CA GLU C 44 -25.31 -40.78 70.72
C GLU C 44 -25.81 -39.59 71.53
N GLY C 45 -27.09 -39.28 71.40
CA GLY C 45 -27.68 -38.18 72.12
C GLY C 45 -27.41 -36.81 71.55
N LEU C 46 -26.79 -36.71 70.37
CA LEU C 46 -26.58 -35.43 69.71
C LEU C 46 -27.78 -35.12 68.83
N ASP C 47 -28.19 -33.85 68.81
CA ASP C 47 -29.38 -33.43 68.08
C ASP C 47 -29.00 -33.26 66.61
N MET C 48 -29.21 -34.30 65.81
CA MET C 48 -28.92 -34.24 64.38
C MET C 48 -29.82 -33.25 63.66
N ALA C 49 -31.10 -33.18 64.03
CA ALA C 49 -32.01 -32.22 63.42
C ALA C 49 -31.56 -30.79 63.69
N ALA C 50 -31.08 -30.53 64.90
CA ALA C 50 -30.52 -29.21 65.19
C ALA C 50 -29.31 -28.91 64.32
N ALA C 51 -28.46 -29.91 64.09
CA ALA C 51 -27.28 -29.70 63.26
C ALA C 51 -27.65 -29.37 61.82
N ARG C 52 -28.57 -30.13 61.23
CA ARG C 52 -29.03 -29.82 59.88
C ARG C 52 -29.66 -28.43 59.81
N GLN C 53 -30.51 -28.11 60.78
CA GLN C 53 -31.14 -26.79 60.78
C GLN C 53 -30.10 -25.69 60.94
N PHE C 54 -29.02 -25.96 61.66
CA PHE C 54 -27.96 -24.98 61.81
C PHE C 54 -27.22 -24.76 60.51
N ALA C 55 -26.93 -25.85 59.78
CA ALA C 55 -26.30 -25.70 58.47
C ALA C 55 -27.18 -24.94 57.50
N ILE C 56 -28.48 -25.20 57.54
CA ILE C 56 -29.38 -24.63 56.53
C ILE C 56 -29.73 -23.18 56.83
N GLU C 57 -29.89 -22.81 58.10
CA GLU C 57 -30.40 -21.49 58.41
C GLU C 57 -29.31 -20.42 58.32
N LYS C 58 -28.05 -20.79 58.52
CA LYS C 58 -26.98 -19.79 58.50
C LYS C 58 -25.76 -20.16 57.68
N GLY C 59 -25.48 -21.43 57.46
CA GLY C 59 -24.38 -21.79 56.58
C GLY C 59 -24.72 -21.55 55.12
N ALA C 60 -25.90 -22.03 54.72
CA ALA C 60 -26.28 -22.01 53.31
C ALA C 60 -26.49 -20.60 52.75
N PRO C 61 -27.24 -19.70 53.39
CA PRO C 61 -27.37 -18.35 52.81
C PRO C 61 -26.07 -17.59 52.82
N ALA C 62 -25.22 -17.84 53.82
CA ALA C 62 -23.91 -17.23 53.86
C ALA C 62 -23.06 -17.65 52.67
N LEU C 63 -23.10 -18.94 52.31
CA LEU C 63 -22.34 -19.37 51.14
C LEU C 63 -22.99 -18.89 49.85
N ARG C 64 -24.31 -18.81 49.82
CA ARG C 64 -25.01 -18.43 48.58
C ARG C 64 -24.88 -16.95 48.29
N ALA C 65 -24.65 -16.12 49.30
CA ALA C 65 -24.47 -14.70 49.02
C ALA C 65 -23.14 -14.44 48.32
N MET C 66 -22.18 -15.35 48.44
CA MET C 66 -20.90 -15.19 47.77
C MET C 66 -21.00 -15.55 46.29
N THR C 67 -20.32 -14.77 45.46
CA THR C 67 -20.18 -15.15 44.06
C THR C 67 -19.25 -16.34 43.95
N PHE C 68 -19.24 -16.97 42.76
CA PHE C 68 -18.36 -18.10 42.53
C PHE C 68 -16.89 -17.70 42.66
N ILE C 69 -16.56 -16.46 42.26
CA ILE C 69 -15.18 -15.96 42.40
C ILE C 69 -14.79 -15.90 43.87
N GLU C 70 -15.68 -15.39 44.73
CA GLU C 70 -15.38 -15.32 46.16
C GLU C 70 -15.26 -16.70 46.78
N ARG C 71 -16.10 -17.66 46.35
CA ARG C 71 -16.03 -19.00 46.91
C ARG C 71 -14.76 -19.70 46.47
N ALA C 72 -14.33 -19.47 45.23
CA ALA C 72 -13.04 -19.98 44.77
C ALA C 72 -11.90 -19.39 45.57
N ALA C 73 -11.96 -18.09 45.86
CA ALA C 73 -10.94 -17.47 46.72
C ALA C 73 -10.94 -18.10 48.11
N MET C 74 -12.11 -18.39 48.66
CA MET C 74 -12.18 -19.05 49.96
C MET C 74 -11.57 -20.44 49.92
N LEU C 75 -11.84 -21.20 48.85
CA LEU C 75 -11.19 -22.50 48.68
C LEU C 75 -9.68 -22.37 48.67
N LYS C 76 -9.15 -21.39 47.94
CA LYS C 76 -7.70 -21.24 47.85
C LYS C 76 -7.09 -20.86 49.20
N ALA C 77 -7.73 -19.94 49.92
CA ALA C 77 -7.25 -19.57 51.25
C ALA C 77 -7.26 -20.76 52.20
N VAL C 78 -8.30 -21.59 52.13
CA VAL C 78 -8.38 -22.77 52.99
C VAL C 78 -7.31 -23.78 52.62
N ALA C 79 -7.05 -23.96 51.31
CA ALA C 79 -5.99 -24.87 50.90
C ALA C 79 -4.64 -24.42 51.43
N LYS C 80 -4.35 -23.12 51.33
CA LYS C 80 -3.07 -22.64 51.82
C LYS C 80 -2.94 -22.85 53.32
N HIS C 81 -3.98 -22.49 54.08
CA HIS C 81 -3.93 -22.67 55.52
C HIS C 81 -3.78 -24.14 55.91
N LEU C 82 -4.42 -25.04 55.16
CA LEU C 82 -4.28 -26.46 55.44
C LEU C 82 -2.87 -26.92 55.15
N LEU C 83 -2.29 -26.45 54.04
CA LEU C 83 -0.96 -26.88 53.64
C LEU C 83 0.09 -26.44 54.65
N SER C 84 -0.08 -25.26 55.25
CA SER C 84 0.90 -24.80 56.22
C SER C 84 0.99 -25.73 57.42
N GLU C 85 -0.12 -26.34 57.82
CA GLU C 85 -0.21 -27.14 59.04
C GLU C 85 -0.19 -28.65 58.76
N LYS C 86 0.47 -29.08 57.69
CA LYS C 86 0.37 -30.47 57.27
C LYS C 86 1.14 -31.44 58.16
N GLU C 87 2.08 -30.96 58.97
CA GLU C 87 2.83 -31.86 59.84
C GLU C 87 1.94 -32.58 60.84
N ARG C 88 1.01 -31.85 61.46
CA ARG C 88 0.05 -32.48 62.36
C ARG C 88 -0.72 -33.59 61.66
N PHE C 89 -1.11 -33.34 60.41
CA PHE C 89 -1.81 -34.36 59.63
C PHE C 89 -0.94 -35.57 59.37
N TYR C 90 0.33 -35.35 59.04
CA TYR C 90 1.25 -36.48 58.84
C TYR C 90 1.40 -37.30 60.12
N ALA C 91 1.46 -36.62 61.26
CA ALA C 91 1.59 -37.34 62.53
C ALA C 91 0.36 -38.18 62.81
N LEU C 92 -0.83 -37.64 62.57
CA LEU C 92 -2.03 -38.44 62.81
C LEU C 92 -2.17 -39.55 61.77
N SER C 93 -1.63 -39.34 60.58
CA SER C 93 -1.66 -40.37 59.54
C SER C 93 -0.72 -41.52 59.87
N ALA C 94 0.38 -41.23 60.56
CA ALA C 94 1.26 -42.30 61.05
C ALA C 94 0.49 -43.34 61.86
N GLN C 95 -0.55 -42.93 62.58
CA GLN C 95 -1.29 -43.85 63.45
C GLN C 95 -2.10 -44.87 62.66
N THR C 96 -2.27 -44.67 61.36
CA THR C 96 -3.18 -45.49 60.58
C THR C 96 -2.49 -46.64 59.86
N GLY C 97 -1.16 -46.67 59.83
CA GLY C 97 -0.45 -47.70 59.13
C GLY C 97 0.06 -47.32 57.76
N ALA C 98 0.41 -46.06 57.56
CA ALA C 98 0.80 -45.55 56.26
C ALA C 98 2.26 -45.13 56.26
N THR C 99 2.98 -45.51 55.23
CA THR C 99 4.30 -44.96 55.00
C THR C 99 4.20 -43.48 54.66
N ARG C 100 5.36 -42.83 54.55
CA ARG C 100 5.39 -41.40 54.25
C ARG C 100 4.80 -41.09 52.89
N ALA C 101 4.97 -41.99 51.92
CA ALA C 101 4.49 -41.72 50.57
C ALA C 101 2.97 -41.85 50.48
N ASP C 102 2.39 -42.84 51.18
CA ASP C 102 0.94 -42.97 51.19
C ASP C 102 0.29 -41.76 51.83
N SER C 103 0.79 -41.32 52.98
CA SER C 103 0.28 -40.13 53.63
C SER C 103 0.50 -38.90 52.76
N TRP C 104 1.61 -38.85 52.03
CA TRP C 104 1.80 -37.75 51.08
C TRP C 104 0.67 -37.75 50.06
N VAL C 105 0.41 -38.90 49.45
CA VAL C 105 -0.69 -39.04 48.50
C VAL C 105 -1.97 -38.49 49.11
N ASP C 106 -2.39 -39.03 50.24
CA ASP C 106 -3.66 -38.60 50.86
C ASP C 106 -3.66 -37.10 51.14
N ILE C 107 -2.74 -36.64 51.98
CA ILE C 107 -2.77 -35.27 52.48
C ILE C 107 -2.63 -34.27 51.34
N GLU C 108 -1.52 -34.35 50.60
CA GLU C 108 -1.27 -33.31 49.61
C GLU C 108 -2.08 -33.50 48.35
N GLY C 109 -2.65 -34.69 48.09
CA GLY C 109 -3.61 -34.81 47.02
C GLY C 109 -4.93 -34.17 47.37
N GLY C 110 -5.38 -34.30 48.62
CA GLY C 110 -6.56 -33.57 49.03
C GLY C 110 -6.38 -32.06 48.92
N ILE C 111 -5.26 -31.56 49.44
CA ILE C 111 -5.03 -30.13 49.38
C ILE C 111 -4.87 -29.67 47.93
N GLY C 112 -4.24 -30.50 47.09
CA GLY C 112 -4.13 -30.16 45.68
C GLY C 112 -5.47 -30.16 44.97
N THR C 113 -6.39 -31.02 45.39
CA THR C 113 -7.75 -30.96 44.86
C THR C 113 -8.40 -29.62 45.18
N LEU C 114 -8.23 -29.15 46.42
CA LEU C 114 -8.73 -27.82 46.76
C LEU C 114 -8.12 -26.75 45.84
N PHE C 115 -6.81 -26.80 45.65
CA PHE C 115 -6.16 -25.81 44.79
C PHE C 115 -6.69 -25.86 43.36
N THR C 116 -6.87 -27.08 42.83
CA THR C 116 -7.34 -27.24 41.45
C THR C 116 -8.75 -26.71 41.28
N TYR C 117 -9.63 -26.98 42.24
CA TYR C 117 -10.99 -26.47 42.12
C TYR C 117 -11.03 -24.96 42.28
N ALA C 118 -10.19 -24.39 43.16
CA ALA C 118 -10.07 -22.95 43.23
C ALA C 118 -9.67 -22.36 41.88
N SER C 119 -8.69 -22.98 41.22
CA SER C 119 -8.24 -22.47 39.93
C SER C 119 -9.32 -22.58 38.87
N LEU C 120 -9.91 -23.77 38.71
CA LEU C 120 -10.99 -23.96 37.73
C LEU C 120 -12.12 -22.98 37.96
N GLY C 121 -12.50 -22.77 39.22
CA GLY C 121 -13.60 -21.86 39.51
C GLY C 121 -13.26 -20.42 39.19
N SER C 122 -12.10 -19.94 39.64
CA SER C 122 -11.74 -18.56 39.34
C SER C 122 -11.55 -18.36 37.84
N ARG C 123 -11.31 -19.44 37.09
CA ARG C 123 -11.01 -19.26 35.68
C ARG C 123 -12.25 -19.38 34.79
N GLU C 124 -13.27 -20.14 35.21
CA GLU C 124 -14.34 -20.48 34.28
C GLU C 124 -15.73 -20.12 34.79
N LEU C 125 -15.88 -19.78 36.07
CA LEU C 125 -17.22 -19.54 36.61
C LEU C 125 -17.58 -18.07 36.63
N PRO C 126 -18.86 -17.73 36.60
CA PRO C 126 -19.25 -16.31 36.52
C PRO C 126 -19.04 -15.58 37.83
N ASP C 127 -18.93 -14.26 37.72
CA ASP C 127 -18.87 -13.37 38.88
C ASP C 127 -20.29 -12.99 39.30
N ASP C 128 -21.00 -14.00 39.79
CA ASP C 128 -22.41 -13.86 40.15
C ASP C 128 -22.75 -14.98 41.11
N THR C 129 -23.98 -14.96 41.59
CA THR C 129 -24.50 -16.05 42.41
C THR C 129 -25.29 -17.07 41.60
N LEU C 130 -25.59 -16.76 40.34
CA LEU C 130 -26.25 -17.66 39.39
C LEU C 130 -25.27 -18.02 38.29
N TRP C 131 -25.45 -19.20 37.70
CA TRP C 131 -24.53 -19.70 36.67
C TRP C 131 -25.28 -20.00 35.38
N PRO C 132 -25.24 -19.11 34.37
CA PRO C 132 -25.81 -19.40 33.05
C PRO C 132 -24.87 -20.30 32.26
N GLU C 133 -25.29 -21.55 32.04
CA GLU C 133 -24.34 -22.53 31.53
C GLU C 133 -24.19 -22.52 30.01
N ASP C 134 -25.25 -22.25 29.25
CA ASP C 134 -25.17 -22.31 27.81
C ASP C 134 -25.49 -20.95 27.20
N GLU C 135 -25.28 -20.83 25.89
CA GLU C 135 -25.66 -19.65 25.16
C GLU C 135 -27.17 -19.60 24.96
N LEU C 136 -27.66 -18.44 24.52
CA LEU C 136 -29.08 -18.24 24.32
C LEU C 136 -29.62 -19.14 23.20
N ILE C 137 -30.77 -19.73 23.44
CA ILE C 137 -31.45 -20.61 22.49
C ILE C 137 -32.62 -19.85 21.88
N PRO C 138 -32.56 -19.48 20.60
CA PRO C 138 -33.69 -18.77 20.00
C PRO C 138 -34.88 -19.70 19.77
N LEU C 139 -36.07 -19.21 20.10
CA LEU C 139 -37.29 -20.00 19.98
C LEU C 139 -38.40 -19.30 19.22
N SER C 140 -38.08 -18.35 18.34
CA SER C 140 -39.13 -17.59 17.67
C SER C 140 -38.62 -17.08 16.33
N LYS C 141 -39.56 -16.58 15.52
CA LYS C 141 -39.22 -15.99 14.23
C LYS C 141 -38.60 -14.61 14.40
N GLU C 142 -39.31 -13.71 15.09
CA GLU C 142 -38.88 -12.32 15.16
C GLU C 142 -37.87 -12.06 16.28
N GLY C 143 -37.61 -13.03 17.14
CA GLY C 143 -36.68 -12.88 18.22
C GLY C 143 -37.29 -12.42 19.53
N GLY C 144 -38.59 -12.57 19.72
CA GLY C 144 -39.21 -12.15 20.94
C GLY C 144 -39.22 -13.16 22.06
N PHE C 145 -38.89 -14.41 21.77
CA PHE C 145 -39.04 -15.52 22.71
C PHE C 145 -37.82 -16.43 22.59
N ALA C 146 -37.07 -16.56 23.68
CA ALA C 146 -35.83 -17.33 23.70
C ALA C 146 -35.74 -18.09 25.01
N ALA C 147 -34.63 -18.78 25.22
CA ALA C 147 -34.43 -19.50 26.47
C ALA C 147 -32.95 -19.77 26.68
N ARG C 148 -32.55 -19.88 27.94
CA ARG C 148 -31.24 -20.43 28.28
C ARG C 148 -31.35 -21.16 29.61
N HIS C 149 -30.31 -21.91 29.94
CA HIS C 149 -30.28 -22.75 31.13
C HIS C 149 -29.46 -22.10 32.23
N LEU C 150 -30.02 -22.02 33.43
CA LEU C 150 -29.32 -21.49 34.59
C LEU C 150 -29.14 -22.57 35.64
N LEU C 151 -28.04 -22.44 36.38
CA LEU C 151 -27.75 -23.27 37.53
C LEU C 151 -27.78 -22.37 38.76
N THR C 152 -28.56 -22.77 39.76
CA THR C 152 -28.59 -22.08 41.04
C THR C 152 -28.35 -23.09 42.16
N SER C 153 -27.82 -22.60 43.28
CA SER C 153 -27.51 -23.46 44.41
C SER C 153 -28.78 -24.08 44.98
N LYS C 154 -28.67 -25.31 45.47
CA LYS C 154 -29.74 -25.87 46.27
C LYS C 154 -29.71 -25.29 47.68
N SER C 155 -30.83 -25.36 48.37
CA SER C 155 -30.98 -24.76 49.69
C SER C 155 -30.52 -25.65 50.83
N GLY C 156 -30.53 -26.96 50.65
CA GLY C 156 -30.28 -27.88 51.73
C GLY C 156 -28.82 -28.03 52.10
N VAL C 157 -28.51 -29.15 52.73
CA VAL C 157 -27.17 -29.48 53.17
C VAL C 157 -26.74 -30.77 52.49
N ALA C 158 -25.45 -30.89 52.21
CA ALA C 158 -24.87 -32.07 51.59
C ALA C 158 -24.21 -32.93 52.64
N VAL C 159 -24.66 -34.18 52.75
CA VAL C 159 -24.14 -35.16 53.70
C VAL C 159 -23.21 -36.09 52.95
N HIS C 160 -21.93 -36.09 53.33
CA HIS C 160 -20.91 -36.91 52.70
C HIS C 160 -20.49 -38.02 53.65
N ILE C 161 -20.85 -39.25 53.34
CA ILE C 161 -20.50 -40.41 54.15
C ILE C 161 -19.29 -41.06 53.49
N ASN C 162 -18.13 -40.93 54.13
CA ASN C 162 -16.85 -41.28 53.54
C ASN C 162 -16.33 -42.60 54.07
N ALA C 163 -15.41 -43.19 53.31
CA ALA C 163 -14.76 -44.43 53.66
C ALA C 163 -13.44 -44.15 54.37
N PHE C 164 -12.84 -45.20 54.93
CA PHE C 164 -11.63 -45.04 55.72
C PHE C 164 -10.36 -44.90 54.89
N ASN C 165 -10.39 -45.32 53.61
CA ASN C 165 -9.19 -45.35 52.78
C ASN C 165 -8.45 -44.03 52.81
N PHE C 166 -9.15 -42.94 52.47
CA PHE C 166 -8.56 -41.62 52.28
C PHE C 166 -9.30 -40.64 53.17
N PRO C 167 -8.91 -40.52 54.44
CA PRO C 167 -9.66 -39.63 55.35
C PRO C 167 -9.50 -38.16 55.03
N CYS C 168 -8.45 -37.77 54.33
CA CYS C 168 -8.25 -36.38 53.96
C CYS C 168 -8.66 -36.09 52.52
N TRP C 169 -8.20 -36.92 51.58
CA TRP C 169 -8.61 -36.73 50.19
C TRP C 169 -10.09 -37.01 50.02
N GLY C 170 -10.60 -38.05 50.70
CA GLY C 170 -12.00 -38.42 50.53
C GLY C 170 -12.94 -37.36 51.03
N MET C 171 -12.51 -36.53 51.98
CA MET C 171 -13.36 -35.45 52.43
C MET C 171 -13.25 -34.24 51.49
N LEU C 172 -12.04 -33.91 51.07
CA LEU C 172 -11.84 -32.65 50.37
C LEU C 172 -12.26 -32.73 48.91
N GLU C 173 -12.14 -33.91 48.29
CA GLU C 173 -12.58 -34.05 46.91
C GLU C 173 -14.09 -33.90 46.78
N LYS C 174 -14.85 -34.19 47.83
CA LYS C 174 -16.27 -33.88 47.86
C LYS C 174 -16.55 -32.47 48.35
N LEU C 175 -15.76 -31.98 49.30
CA LEU C 175 -16.01 -30.69 49.93
C LEU C 175 -15.79 -29.54 48.95
N ALA C 176 -14.78 -29.64 48.09
CA ALA C 176 -14.47 -28.52 47.20
C ALA C 176 -15.63 -28.19 46.27
N PRO C 177 -16.20 -29.13 45.49
CA PRO C 177 -17.35 -28.76 44.67
C PRO C 177 -18.61 -28.49 45.47
N THR C 178 -18.74 -29.07 46.67
CA THR C 178 -19.90 -28.77 47.49
C THR C 178 -19.93 -27.29 47.85
N TRP C 179 -18.80 -26.74 48.29
CA TRP C 179 -18.74 -25.32 48.63
C TRP C 179 -18.83 -24.46 47.38
N LEU C 180 -18.10 -24.84 46.33
CA LEU C 180 -18.13 -24.03 45.12
C LEU C 180 -19.54 -23.96 44.54
N GLY C 181 -20.36 -24.98 44.79
CA GLY C 181 -21.75 -24.98 44.44
C GLY C 181 -22.65 -24.20 45.37
N GLY C 182 -22.13 -23.77 46.52
CA GLY C 182 -22.89 -22.94 47.45
C GLY C 182 -23.67 -23.70 48.51
N MET C 183 -23.29 -24.94 48.79
CA MET C 183 -24.00 -25.79 49.72
C MET C 183 -23.17 -26.05 50.97
N PRO C 184 -23.75 -25.95 52.17
CA PRO C 184 -23.06 -26.44 53.37
C PRO C 184 -22.90 -27.94 53.32
N ALA C 185 -21.90 -28.44 54.04
CA ALA C 185 -21.58 -29.85 54.04
C ALA C 185 -21.57 -30.40 55.46
N ILE C 186 -22.07 -31.63 55.62
CA ILE C 186 -21.95 -32.39 56.85
C ILE C 186 -21.14 -33.64 56.54
N ILE C 187 -19.96 -33.74 57.15
CA ILE C 187 -19.03 -34.83 56.90
C ILE C 187 -19.26 -35.92 57.92
N LYS C 188 -19.31 -37.17 57.46
CA LYS C 188 -19.42 -38.33 58.34
C LYS C 188 -18.33 -39.33 57.94
N PRO C 189 -17.15 -39.25 58.53
CA PRO C 189 -16.08 -40.16 58.15
C PRO C 189 -16.33 -41.58 58.64
N ALA C 190 -15.50 -42.50 58.15
CA ALA C 190 -15.51 -43.84 58.69
C ALA C 190 -14.92 -43.82 60.10
N THR C 191 -15.56 -44.56 61.00
CA THR C 191 -15.14 -44.52 62.40
C THR C 191 -13.68 -44.95 62.56
N ALA C 192 -13.21 -45.87 61.72
CA ALA C 192 -11.91 -46.49 61.93
C ALA C 192 -10.78 -45.49 61.78
N THR C 193 -11.01 -44.35 61.11
CA THR C 193 -9.95 -43.38 60.88
C THR C 193 -10.46 -41.94 61.04
N ALA C 194 -11.42 -41.72 61.93
CA ALA C 194 -12.04 -40.40 62.01
C ALA C 194 -11.12 -39.37 62.66
N GLN C 195 -10.06 -39.83 63.32
CA GLN C 195 -9.15 -38.91 64.00
C GLN C 195 -8.46 -37.95 63.04
N LEU C 196 -8.22 -38.40 61.81
CA LEU C 196 -7.55 -37.55 60.84
C LEU C 196 -8.52 -36.55 60.23
N THR C 197 -9.78 -36.96 60.05
CA THR C 197 -10.79 -36.04 59.54
C THR C 197 -11.09 -34.95 60.55
N GLN C 198 -11.18 -35.31 61.83
CA GLN C 198 -11.51 -34.33 62.85
C GLN C 198 -10.44 -33.25 62.93
N ALA C 199 -9.18 -33.62 62.74
CA ALA C 199 -8.11 -32.64 62.82
C ALA C 199 -8.17 -31.64 61.68
N MET C 200 -8.50 -32.14 60.48
CA MET C 200 -8.61 -31.25 59.34
C MET C 200 -9.82 -30.33 59.46
N VAL C 201 -10.93 -30.85 60.01
CA VAL C 201 -12.10 -30.01 60.26
C VAL C 201 -11.77 -28.96 61.32
N LYS C 202 -10.96 -29.34 62.32
CA LYS C 202 -10.52 -28.41 63.34
C LYS C 202 -9.68 -27.29 62.73
N SER C 203 -8.73 -27.64 61.87
CA SER C 203 -7.97 -26.63 61.15
C SER C 203 -8.89 -25.67 60.38
N ILE C 204 -9.82 -26.22 59.60
CA ILE C 204 -10.69 -25.37 58.78
C ILE C 204 -11.52 -24.44 59.66
N VAL C 205 -12.04 -24.97 60.77
CA VAL C 205 -12.93 -24.19 61.62
C VAL C 205 -12.18 -23.10 62.39
N ASP C 206 -11.06 -23.45 63.01
CA ASP C 206 -10.27 -22.46 63.73
C ASP C 206 -9.43 -21.59 62.81
N SER C 207 -9.52 -21.78 61.50
CA SER C 207 -8.90 -20.83 60.58
C SER C 207 -9.70 -19.54 60.48
N GLY C 208 -11.01 -19.60 60.66
CA GLY C 208 -11.87 -18.44 60.46
C GLY C 208 -12.10 -18.05 59.03
N LEU C 209 -11.73 -18.89 58.07
CA LEU C 209 -11.79 -18.54 56.66
C LEU C 209 -13.11 -18.88 55.99
N VAL C 210 -13.94 -19.73 56.60
CA VAL C 210 -15.20 -20.12 55.97
C VAL C 210 -16.35 -19.56 56.78
N PRO C 211 -17.54 -19.38 56.20
CA PRO C 211 -18.67 -18.88 56.97
C PRO C 211 -19.07 -19.85 58.07
N GLU C 212 -19.84 -19.33 59.03
CA GLU C 212 -20.34 -20.16 60.10
C GLU C 212 -21.37 -21.15 59.58
N GLY C 213 -21.26 -22.40 60.01
CA GLY C 213 -22.18 -23.42 59.58
C GLY C 213 -21.94 -23.97 58.20
N ALA C 214 -20.77 -23.70 57.60
CA ALA C 214 -20.45 -24.20 56.28
C ALA C 214 -19.82 -25.59 56.31
N ILE C 215 -19.48 -26.12 57.47
CA ILE C 215 -18.99 -27.49 57.59
C ILE C 215 -19.35 -28.02 58.98
N SER C 216 -20.03 -29.16 59.00
CA SER C 216 -20.28 -29.89 60.23
C SER C 216 -19.59 -31.25 60.13
N LEU C 217 -19.43 -31.89 61.27
CA LEU C 217 -18.69 -33.15 61.36
C LEU C 217 -19.36 -34.06 62.38
N ILE C 218 -19.74 -35.25 61.94
CA ILE C 218 -20.34 -36.25 62.80
C ILE C 218 -19.34 -37.38 62.96
N CYS C 219 -18.76 -37.50 64.14
CA CYS C 219 -17.87 -38.60 64.49
C CYS C 219 -18.71 -39.71 65.11
N GLY C 220 -18.77 -40.85 64.44
CA GLY C 220 -19.59 -41.95 64.91
C GLY C 220 -20.79 -42.22 64.03
N SER C 221 -21.93 -42.47 64.65
CA SER C 221 -23.14 -42.83 63.93
C SER C 221 -23.91 -41.58 63.51
N ALA C 222 -24.71 -41.71 62.47
CA ALA C 222 -25.52 -40.61 61.98
C ALA C 222 -26.88 -40.50 62.66
N GLY C 223 -27.23 -41.45 63.51
CA GLY C 223 -28.46 -41.33 64.27
C GLY C 223 -29.67 -41.39 63.36
N ASP C 224 -30.48 -40.34 63.40
CA ASP C 224 -31.65 -40.23 62.55
C ASP C 224 -31.52 -39.07 61.55
N LEU C 225 -30.28 -38.79 61.12
CA LEU C 225 -30.06 -37.63 60.26
C LEU C 225 -30.74 -37.81 58.91
N LEU C 226 -30.68 -39.01 58.33
CA LEU C 226 -31.29 -39.22 57.03
C LEU C 226 -32.81 -39.13 57.06
N ASP C 227 -33.41 -39.28 58.24
CA ASP C 227 -34.86 -39.15 58.37
C ASP C 227 -35.32 -37.70 58.29
N HIS C 228 -34.44 -36.73 58.54
CA HIS C 228 -34.80 -35.33 58.61
C HIS C 228 -34.44 -34.54 57.36
N LEU C 229 -34.05 -35.21 56.29
CA LEU C 229 -33.66 -34.52 55.08
C LEU C 229 -34.86 -34.28 54.18
N ASP C 230 -34.78 -33.23 53.36
CA ASP C 230 -35.80 -32.98 52.35
C ASP C 230 -35.18 -32.83 50.96
N SER C 231 -36.00 -32.41 50.00
CA SER C 231 -35.65 -32.51 48.59
C SER C 231 -34.45 -31.65 48.20
N GLN C 232 -34.09 -30.66 48.99
CA GLN C 232 -32.99 -29.77 48.65
C GLN C 232 -31.64 -30.26 49.15
N ASP C 233 -31.60 -31.40 49.84
CA ASP C 233 -30.37 -31.98 50.33
C ASP C 233 -29.82 -32.98 49.32
N VAL C 234 -28.55 -33.34 49.47
CA VAL C 234 -27.94 -34.37 48.65
C VAL C 234 -27.10 -35.26 49.57
N VAL C 235 -26.96 -36.53 49.19
CA VAL C 235 -26.22 -37.51 49.96
C VAL C 235 -25.21 -38.18 49.05
N THR C 236 -24.02 -38.45 49.59
CA THR C 236 -23.00 -39.24 48.90
C THR C 236 -22.50 -40.32 49.82
N PHE C 237 -22.20 -41.50 49.26
CA PHE C 237 -21.72 -42.63 50.07
C PHE C 237 -20.57 -43.33 49.37
N THR C 238 -19.48 -43.51 50.10
CA THR C 238 -18.36 -44.34 49.67
C THR C 238 -18.17 -45.44 50.69
N GLY C 239 -18.06 -46.68 50.24
CA GLY C 239 -17.80 -47.75 51.18
C GLY C 239 -18.35 -49.08 50.67
N SER C 240 -18.74 -49.91 51.63
CA SER C 240 -19.27 -51.23 51.33
C SER C 240 -20.54 -51.12 50.49
N ALA C 241 -20.73 -52.09 49.59
CA ALA C 241 -21.88 -52.06 48.69
C ALA C 241 -23.17 -52.35 49.43
N ALA C 242 -23.13 -53.21 50.45
CA ALA C 242 -24.34 -53.53 51.19
C ALA C 242 -24.84 -52.33 51.97
N THR C 243 -23.94 -51.64 52.66
CA THR C 243 -24.31 -50.43 53.39
C THR C 243 -24.87 -49.36 52.46
N GLY C 244 -24.25 -49.17 51.30
CA GLY C 244 -24.73 -48.17 50.36
C GLY C 244 -26.08 -48.53 49.77
N GLN C 245 -26.28 -49.80 49.43
CA GLN C 245 -27.57 -50.21 48.89
C GLN C 245 -28.66 -50.18 49.95
N MET C 246 -28.28 -50.30 51.23
CA MET C 246 -29.25 -50.07 52.29
C MET C 246 -29.61 -48.59 52.39
N LEU C 247 -28.61 -47.72 52.27
CA LEU C 247 -28.87 -46.28 52.30
C LEU C 247 -29.74 -45.85 51.11
N ARG C 248 -29.59 -46.52 49.97
CA ARG C 248 -30.31 -46.10 48.77
C ARG C 248 -31.81 -46.29 48.91
N VAL C 249 -32.25 -47.27 49.69
CA VAL C 249 -33.67 -47.51 49.89
C VAL C 249 -34.15 -46.93 51.23
N GLN C 250 -33.37 -46.04 51.84
CA GLN C 250 -33.83 -45.33 53.03
C GLN C 250 -35.18 -44.68 52.74
N PRO C 251 -36.21 -44.97 53.53
CA PRO C 251 -37.57 -44.55 53.13
C PRO C 251 -37.73 -43.05 52.97
N ASN C 252 -37.09 -42.25 53.82
CA ASN C 252 -37.16 -40.80 53.64
C ASN C 252 -36.45 -40.36 52.37
N ILE C 253 -35.30 -40.99 52.07
CA ILE C 253 -34.55 -40.64 50.87
C ILE C 253 -35.34 -40.99 49.61
N VAL C 254 -36.14 -42.06 49.65
CA VAL C 254 -36.89 -42.42 48.45
C VAL C 254 -38.20 -41.64 48.35
N ALA C 255 -38.79 -41.24 49.48
CA ALA C 255 -40.05 -40.52 49.42
C ALA C 255 -39.86 -39.09 48.92
N LYS C 256 -38.70 -38.50 49.16
CA LYS C 256 -38.46 -37.10 48.86
C LYS C 256 -37.65 -36.88 47.60
N SER C 257 -37.21 -37.95 46.93
CA SER C 257 -36.40 -37.86 45.72
C SER C 257 -35.08 -37.15 46.01
N ILE C 258 -34.46 -37.48 47.12
CA ILE C 258 -33.18 -36.87 47.47
C ILE C 258 -32.08 -37.49 46.61
N PRO C 259 -31.28 -36.68 45.92
CA PRO C 259 -30.20 -37.25 45.10
C PRO C 259 -29.24 -38.06 45.96
N PHE C 260 -28.87 -39.23 45.46
CA PHE C 260 -28.06 -40.17 46.21
C PHE C 260 -27.11 -40.86 45.23
N THR C 261 -25.81 -40.67 45.42
CA THR C 261 -24.82 -41.31 44.57
C THR C 261 -23.91 -42.16 45.44
N MET C 262 -23.56 -43.32 44.93
CA MET C 262 -22.87 -44.35 45.68
C MET C 262 -21.60 -44.75 44.94
N GLU C 263 -20.52 -44.93 45.68
CA GLU C 263 -19.31 -45.56 45.16
C GLU C 263 -18.98 -46.78 46.01
N ALA C 264 -18.75 -47.90 45.36
CA ALA C 264 -18.59 -49.19 46.02
C ALA C 264 -17.28 -49.85 45.60
N ASP C 265 -17.15 -51.13 45.95
CA ASP C 265 -15.96 -51.91 45.63
C ASP C 265 -15.96 -52.33 44.17
N SER C 266 -14.81 -52.18 43.51
CA SER C 266 -14.69 -52.53 42.11
C SER C 266 -13.46 -53.40 41.89
N LEU C 267 -13.58 -54.31 40.94
CA LEU C 267 -12.50 -55.20 40.54
C LEU C 267 -11.74 -54.57 39.36
N ASN C 268 -10.78 -53.74 39.69
CA ASN C 268 -10.00 -53.05 38.67
C ASN C 268 -9.02 -54.01 38.01
N CYS C 269 -8.93 -53.94 36.69
CA CYS C 269 -8.12 -54.85 35.89
C CYS C 269 -6.90 -54.13 35.33
N CYS C 270 -5.99 -54.91 34.77
CA CYS C 270 -4.84 -54.38 34.04
C CYS C 270 -4.42 -55.41 33.01
N VAL C 271 -4.69 -55.12 31.74
CA VAL C 271 -4.49 -56.04 30.63
C VAL C 271 -3.10 -55.79 30.06
N LEU C 272 -2.43 -56.87 29.66
CA LEU C 272 -1.20 -56.78 28.87
C LEU C 272 -1.54 -57.01 27.40
N GLY C 273 -1.11 -56.08 26.55
CA GLY C 273 -1.45 -56.17 25.14
C GLY C 273 -0.83 -57.38 24.47
N GLU C 274 -1.53 -57.87 23.44
CA GLU C 274 -1.04 -58.98 22.64
C GLU C 274 0.26 -58.66 21.91
N ASP C 275 0.56 -57.38 21.69
CA ASP C 275 1.72 -56.97 20.90
C ASP C 275 3.04 -57.08 21.66
N VAL C 276 3.04 -56.98 22.97
CA VAL C 276 4.27 -56.80 23.73
C VAL C 276 4.92 -58.16 23.95
N THR C 277 6.25 -58.15 24.01
CA THR C 277 7.08 -59.31 24.27
C THR C 277 7.99 -58.98 25.45
N PRO C 278 8.50 -59.99 26.14
CA PRO C 278 9.30 -59.71 27.36
C PRO C 278 10.54 -58.87 27.11
N ASP C 279 11.02 -58.78 25.88
CA ASP C 279 12.19 -57.95 25.60
C ASP C 279 11.86 -56.46 25.47
N GLN C 280 10.58 -56.08 25.60
CA GLN C 280 10.20 -54.69 25.38
C GLN C 280 10.11 -53.93 26.71
N PRO C 281 10.29 -52.60 26.67
CA PRO C 281 10.10 -51.80 27.89
C PRO C 281 8.68 -51.85 28.43
N GLU C 282 7.69 -52.04 27.56
CA GLU C 282 6.31 -52.16 28.01
C GLU C 282 6.15 -53.24 29.07
N PHE C 283 6.85 -54.37 28.90
CA PHE C 283 6.75 -55.46 29.86
C PHE C 283 7.24 -55.04 31.24
N ALA C 284 8.38 -54.34 31.28
CA ALA C 284 8.94 -53.90 32.55
C ALA C 284 8.03 -52.89 33.23
N LEU C 285 7.51 -51.92 32.47
CA LEU C 285 6.65 -50.94 33.12
C LEU C 285 5.32 -51.55 33.53
N PHE C 286 4.85 -52.58 32.83
CA PHE C 286 3.66 -53.32 33.26
C PHE C 286 3.88 -53.98 34.61
N ILE C 287 5.02 -54.66 34.76
CA ILE C 287 5.35 -55.25 36.05
C ILE C 287 5.39 -54.17 37.14
N ARG C 288 6.14 -53.09 36.89
CA ARG C 288 6.26 -52.02 37.87
C ARG C 288 4.89 -51.46 38.26
N GLU C 289 4.00 -51.32 37.28
CA GLU C 289 2.69 -50.77 37.53
C GLU C 289 1.85 -51.69 38.41
N VAL C 290 1.78 -52.97 38.05
CA VAL C 290 1.01 -53.91 38.85
C VAL C 290 1.53 -53.93 40.28
N VAL C 291 2.85 -53.88 40.45
CA VAL C 291 3.38 -54.00 41.81
C VAL C 291 3.09 -52.73 42.61
N ARG C 292 3.27 -51.57 42.00
CA ARG C 292 2.99 -50.33 42.72
C ARG C 292 1.53 -50.25 43.14
N GLU C 293 0.61 -50.61 42.23
CA GLU C 293 -0.80 -50.57 42.59
C GLU C 293 -1.16 -51.65 43.60
N MET C 294 -0.42 -52.77 43.62
CA MET C 294 -0.69 -53.81 44.60
C MET C 294 -0.22 -53.40 45.99
N THR C 295 0.86 -52.64 46.09
CA THR C 295 1.49 -52.44 47.40
C THR C 295 1.36 -51.03 47.96
N THR C 296 0.84 -50.06 47.21
CA THR C 296 0.66 -48.73 47.77
C THR C 296 -0.51 -48.71 48.76
N LYS C 297 -0.29 -48.10 49.93
CA LYS C 297 -1.24 -48.12 51.04
C LYS C 297 -1.64 -49.54 51.42
N ALA C 298 -0.74 -50.50 51.22
CA ALA C 298 -1.04 -51.91 51.38
C ALA C 298 -2.22 -52.33 50.52
N GLY C 299 -2.35 -51.70 49.34
CA GLY C 299 -3.43 -52.03 48.43
C GLY C 299 -4.80 -51.69 48.94
N GLN C 300 -4.94 -50.60 49.69
CA GLN C 300 -6.21 -50.22 50.28
C GLN C 300 -6.91 -49.07 49.55
N LYS C 301 -6.48 -48.74 48.35
CA LYS C 301 -7.18 -47.72 47.58
C LYS C 301 -8.22 -48.38 46.68
N CYS C 302 -9.33 -47.67 46.46
CA CYS C 302 -10.44 -48.22 45.70
C CYS C 302 -10.07 -48.47 44.24
N THR C 303 -8.96 -47.90 43.77
CA THR C 303 -8.48 -48.11 42.42
C THR C 303 -7.30 -49.07 42.34
N ALA C 304 -7.12 -49.92 43.34
CA ALA C 304 -6.03 -50.88 43.32
C ALA C 304 -6.33 -52.01 42.34
N ILE C 305 -5.27 -52.53 41.72
CA ILE C 305 -5.41 -53.55 40.68
C ILE C 305 -5.71 -54.88 41.34
N ARG C 306 -6.83 -55.50 40.94
CA ARG C 306 -7.26 -56.77 41.50
C ARG C 306 -7.21 -57.92 40.51
N ARG C 307 -7.31 -57.65 39.22
CA ARG C 307 -7.33 -58.68 38.20
C ARG C 307 -6.28 -58.36 37.14
N ILE C 308 -5.34 -59.29 36.95
CA ILE C 308 -4.26 -59.12 36.00
C ILE C 308 -4.51 -60.09 34.86
N ILE C 309 -4.68 -59.55 33.65
CA ILE C 309 -5.08 -60.33 32.49
C ILE C 309 -3.94 -60.27 31.48
N VAL C 310 -3.30 -61.42 31.25
CA VAL C 310 -2.15 -61.48 30.35
C VAL C 310 -2.43 -62.56 29.31
N PRO C 311 -1.72 -62.52 28.18
CA PRO C 311 -1.86 -63.59 27.19
C PRO C 311 -1.33 -64.91 27.73
N GLN C 312 -1.98 -66.00 27.30
CA GLN C 312 -1.66 -67.33 27.81
C GLN C 312 -0.17 -67.63 27.75
N ALA C 313 0.50 -67.18 26.69
CA ALA C 313 1.92 -67.48 26.54
C ALA C 313 2.76 -66.73 27.57
N LEU C 314 2.42 -65.47 27.85
CA LEU C 314 3.21 -64.64 28.74
C LEU C 314 2.98 -64.97 30.22
N VAL C 315 2.12 -65.95 30.51
CA VAL C 315 1.65 -66.15 31.89
C VAL C 315 2.81 -66.46 32.82
N ASN C 316 3.64 -67.43 32.43
CA ASN C 316 4.70 -67.87 33.33
C ASN C 316 5.80 -66.83 33.48
N ALA C 317 6.15 -66.13 32.40
CA ALA C 317 7.12 -65.05 32.51
C ALA C 317 6.62 -63.95 33.44
N VAL C 318 5.36 -63.54 33.26
CA VAL C 318 4.76 -62.53 34.13
C VAL C 318 4.74 -63.00 35.57
N SER C 319 4.43 -64.27 35.79
CA SER C 319 4.36 -64.79 37.15
C SER C 319 5.73 -64.83 37.80
N ASP C 320 6.78 -65.12 37.02
CA ASP C 320 8.14 -65.02 37.53
C ASP C 320 8.46 -63.59 37.92
N ALA C 321 8.18 -62.64 37.03
CA ALA C 321 8.61 -61.27 37.25
C ALA C 321 7.86 -60.63 38.42
N LEU C 322 6.56 -60.87 38.52
CA LEU C 322 5.78 -60.31 39.63
C LEU C 322 6.27 -60.86 40.96
N VAL C 323 6.42 -62.18 41.05
CA VAL C 323 6.90 -62.79 42.29
C VAL C 323 8.27 -62.24 42.67
N ALA C 324 9.16 -62.12 41.68
CA ALA C 324 10.50 -61.61 41.95
C ALA C 324 10.45 -60.18 42.49
N ARG C 325 9.79 -59.28 41.76
CA ARG C 325 9.75 -57.88 42.19
C ARG C 325 8.98 -57.71 43.49
N LEU C 326 8.03 -58.60 43.76
CA LEU C 326 7.13 -58.47 44.90
C LEU C 326 7.72 -59.08 46.16
N GLN C 327 8.67 -60.00 46.01
CA GLN C 327 9.36 -60.56 47.17
C GLN C 327 10.25 -59.53 47.84
N LYS C 328 10.70 -58.54 47.07
CA LYS C 328 11.62 -57.50 47.54
C LYS C 328 10.92 -56.39 48.33
N VAL C 329 9.61 -56.45 48.47
CA VAL C 329 8.89 -55.43 49.23
C VAL C 329 8.91 -55.83 50.71
N VAL C 330 9.48 -54.97 51.55
CA VAL C 330 9.61 -55.23 52.97
C VAL C 330 8.38 -54.63 53.67
N VAL C 331 7.64 -55.47 54.36
CA VAL C 331 6.49 -55.00 55.13
C VAL C 331 6.89 -54.93 56.61
N GLY C 332 6.47 -53.85 57.27
CA GLY C 332 6.81 -53.64 58.66
C GLY C 332 6.41 -52.24 59.10
N ASP C 333 6.88 -51.88 60.27
CA ASP C 333 6.58 -50.58 60.86
C ASP C 333 7.29 -49.51 60.06
N PRO C 334 6.58 -48.61 59.37
CA PRO C 334 7.26 -47.67 58.46
C PRO C 334 8.17 -46.69 59.17
N ALA C 335 8.09 -46.59 60.50
CA ALA C 335 9.05 -45.77 61.23
C ALA C 335 10.42 -46.44 61.26
N GLN C 336 10.51 -47.69 60.82
CA GLN C 336 11.77 -48.40 60.68
C GLN C 336 12.33 -48.22 59.28
N GLU C 337 13.59 -47.80 59.21
CA GLU C 337 14.24 -47.59 57.93
C GLU C 337 14.48 -48.92 57.23
N GLY C 338 13.94 -49.04 56.01
CA GLY C 338 13.94 -50.27 55.26
C GLY C 338 12.57 -50.80 54.92
N VAL C 339 11.52 -50.18 55.44
CA VAL C 339 10.15 -50.61 55.20
C VAL C 339 9.63 -49.86 53.97
N LYS C 340 8.93 -50.59 53.10
CA LYS C 340 8.38 -50.02 51.88
C LYS C 340 6.86 -50.05 51.83
N MET C 341 6.24 -50.83 52.71
CA MET C 341 4.79 -50.98 52.70
C MET C 341 4.32 -51.30 54.11
N GLY C 342 3.41 -50.49 54.63
CA GLY C 342 2.97 -50.60 56.01
C GLY C 342 1.88 -51.63 56.21
N ALA C 343 1.03 -51.36 57.20
CA ALA C 343 -0.01 -52.28 57.63
C ALA C 343 -1.36 -51.86 57.09
N LEU C 344 -2.35 -52.74 57.25
CA LEU C 344 -3.73 -52.35 57.14
C LEU C 344 -4.13 -51.47 58.33
N VAL C 345 -5.37 -51.02 58.35
CA VAL C 345 -5.76 -50.06 59.38
C VAL C 345 -6.26 -50.75 60.65
N ASN C 346 -6.63 -52.03 60.55
CA ASN C 346 -7.32 -52.70 61.65
C ASN C 346 -7.07 -54.20 61.56
N ALA C 347 -7.11 -54.86 62.71
CA ALA C 347 -7.17 -56.31 62.72
C ALA C 347 -8.47 -56.81 62.12
N GLU C 348 -9.54 -56.02 62.22
CA GLU C 348 -10.80 -56.37 61.57
C GLU C 348 -10.66 -56.35 60.05
N GLN C 349 -10.00 -55.33 59.51
CA GLN C 349 -9.72 -55.30 58.07
C GLN C 349 -8.85 -56.48 57.66
N ARG C 350 -7.86 -56.82 58.48
CA ARG C 350 -6.98 -57.94 58.17
C ARG C 350 -7.77 -59.25 58.12
N ALA C 351 -8.68 -59.44 59.08
CA ALA C 351 -9.53 -60.62 59.05
C ALA C 351 -10.40 -60.64 57.81
N ASP C 352 -10.94 -59.48 57.42
CA ASP C 352 -11.78 -59.43 56.23
C ASP C 352 -11.00 -59.80 54.98
N VAL C 353 -9.78 -59.28 54.85
CA VAL C 353 -8.93 -59.60 53.71
C VAL C 353 -8.60 -61.08 53.68
N GLN C 354 -8.23 -61.64 54.84
CA GLN C 354 -7.92 -63.07 54.87
C GLN C 354 -9.12 -63.91 54.49
N GLU C 355 -10.31 -63.50 54.93
CA GLU C 355 -11.52 -64.27 54.65
C GLU C 355 -11.89 -64.20 53.17
N LYS C 356 -11.65 -63.04 52.54
CA LYS C 356 -11.86 -62.94 51.10
C LYS C 356 -10.84 -63.78 50.33
N VAL C 357 -9.58 -63.77 50.78
CA VAL C 357 -8.56 -64.60 50.13
C VAL C 357 -8.93 -66.08 50.25
N ASN C 358 -9.44 -66.49 51.42
CA ASN C 358 -9.85 -67.86 51.60
C ASN C 358 -11.03 -68.22 50.73
N ILE C 359 -11.97 -67.28 50.55
CA ILE C 359 -13.08 -67.52 49.62
C ILE C 359 -12.54 -67.76 48.22
N LEU C 360 -11.60 -66.91 47.78
CA LEU C 360 -11.04 -67.05 46.44
C LEU C 360 -10.32 -68.38 46.27
N LEU C 361 -9.55 -68.79 47.28
CA LEU C 361 -8.87 -70.08 47.21
C LEU C 361 -9.86 -71.23 47.15
N ALA C 362 -10.90 -71.17 48.00
CA ALA C 362 -11.93 -72.21 47.97
C ALA C 362 -12.60 -72.28 46.60
N ALA C 363 -12.78 -71.15 45.95
CA ALA C 363 -13.35 -71.12 44.60
C ALA C 363 -12.26 -71.12 43.52
N GLY C 364 -11.33 -72.06 43.61
CA GLY C 364 -10.39 -72.30 42.53
C GLY C 364 -9.35 -71.24 42.25
N CYS C 365 -8.39 -71.06 43.16
CA CYS C 365 -7.28 -70.14 42.93
C CYS C 365 -6.01 -70.73 43.50
N GLU C 366 -4.91 -70.54 42.76
CA GLU C 366 -3.61 -71.08 43.13
C GLU C 366 -2.80 -70.00 43.83
N ILE C 367 -2.14 -70.39 44.92
CA ILE C 367 -1.22 -69.48 45.61
C ILE C 367 0.08 -69.40 44.81
N ARG C 368 0.47 -68.19 44.44
CA ARG C 368 1.78 -67.95 43.84
C ARG C 368 2.74 -67.25 44.79
N LEU C 369 2.23 -66.36 45.63
CA LEU C 369 2.98 -65.78 46.73
C LEU C 369 2.09 -65.83 47.96
N GLY C 370 2.69 -65.63 49.14
CA GLY C 370 2.03 -65.82 50.42
C GLY C 370 0.61 -65.31 50.53
N GLY C 371 -0.28 -66.13 51.08
CA GLY C 371 -1.69 -65.77 51.21
C GLY C 371 -2.23 -65.92 52.62
N GLN C 372 -1.38 -66.34 53.55
CA GLN C 372 -1.81 -66.45 54.94
C GLN C 372 -1.13 -65.38 55.78
N ALA C 373 -1.91 -64.70 56.60
CA ALA C 373 -1.41 -63.63 57.45
C ALA C 373 -1.26 -64.12 58.88
N ASP C 374 -0.87 -63.20 59.76
CA ASP C 374 -0.76 -63.47 61.19
C ASP C 374 -2.03 -62.95 61.86
N LEU C 375 -3.01 -63.82 62.05
CA LEU C 375 -4.30 -63.41 62.57
C LEU C 375 -4.30 -63.24 64.08
N SER C 376 -3.13 -63.13 64.70
CA SER C 376 -3.03 -62.83 66.12
C SER C 376 -1.97 -61.80 66.48
N ALA C 377 -1.15 -61.36 65.52
CA ALA C 377 -0.11 -60.38 65.82
C ALA C 377 -0.72 -59.02 66.17
N ALA C 378 0.09 -58.18 66.80
CA ALA C 378 -0.40 -56.87 67.23
C ALA C 378 -0.62 -55.95 66.03
N GLY C 379 0.36 -55.85 65.14
CA GLY C 379 0.20 -55.06 63.95
C GLY C 379 -0.72 -55.73 62.94
N ALA C 380 -1.43 -54.90 62.18
CA ALA C 380 -2.38 -55.39 61.18
C ALA C 380 -1.69 -55.55 59.83
N PHE C 381 -0.66 -56.39 59.82
CA PHE C 381 0.15 -56.59 58.64
C PHE C 381 -0.40 -57.72 57.79
N PHE C 382 -0.32 -57.54 56.47
CA PHE C 382 -0.65 -58.57 55.51
C PHE C 382 0.52 -58.67 54.53
N PRO C 383 0.94 -59.88 54.14
CA PRO C 383 1.99 -59.99 53.15
C PRO C 383 1.44 -59.79 51.76
N PRO C 384 2.24 -59.27 50.83
CA PRO C 384 1.83 -59.23 49.42
C PRO C 384 1.40 -60.62 48.96
N THR C 385 0.22 -60.67 48.36
CA THR C 385 -0.40 -61.93 47.96
C THR C 385 -0.69 -61.86 46.47
N LEU C 386 -0.22 -62.85 45.73
CA LEU C 386 -0.48 -62.94 44.30
C LEU C 386 -1.11 -64.30 44.02
N LEU C 387 -2.32 -64.28 43.49
CA LEU C 387 -3.07 -65.49 43.24
C LEU C 387 -3.03 -65.84 41.76
N TYR C 388 -3.44 -67.07 41.45
CA TYR C 388 -3.52 -67.54 40.07
C TYR C 388 -4.85 -68.23 39.86
N CYS C 389 -5.50 -67.90 38.75
CA CYS C 389 -6.77 -68.53 38.37
C CYS C 389 -6.54 -69.27 37.06
N PRO C 390 -6.63 -70.60 37.04
CA PRO C 390 -6.36 -71.34 35.81
C PRO C 390 -7.49 -71.32 34.80
N GLN C 391 -8.74 -71.32 35.24
CA GLN C 391 -9.91 -71.35 34.37
C GLN C 391 -10.72 -70.08 34.61
N PRO C 392 -10.35 -68.96 33.98
CA PRO C 392 -10.97 -67.69 34.33
C PRO C 392 -12.42 -67.55 33.86
N ASP C 393 -12.78 -68.12 32.71
CA ASP C 393 -14.13 -67.87 32.20
C ASP C 393 -15.14 -68.89 32.69
N GLU C 394 -14.77 -69.76 33.63
CA GLU C 394 -15.74 -70.58 34.34
C GLU C 394 -15.51 -70.60 35.84
N THR C 395 -14.70 -69.68 36.35
CA THR C 395 -14.54 -69.45 37.79
C THR C 395 -15.21 -68.13 38.13
N PRO C 396 -16.52 -68.11 38.38
CA PRO C 396 -17.23 -66.82 38.45
C PRO C 396 -16.88 -65.99 39.68
N ALA C 397 -16.26 -66.60 40.68
CA ALA C 397 -15.94 -65.87 41.91
C ALA C 397 -14.78 -64.91 41.73
N VAL C 398 -13.90 -65.15 40.76
CA VAL C 398 -12.77 -64.25 40.56
C VAL C 398 -13.22 -62.90 40.01
N HIS C 399 -14.41 -62.81 39.44
CA HIS C 399 -14.96 -61.57 38.93
C HIS C 399 -15.99 -60.95 39.87
N ALA C 400 -16.08 -61.40 41.11
CA ALA C 400 -17.07 -60.84 42.02
C ALA C 400 -16.47 -60.47 43.36
N THR C 401 -15.38 -61.14 43.75
CA THR C 401 -14.84 -61.03 45.09
C THR C 401 -13.58 -60.19 45.08
N GLU C 402 -13.50 -59.19 45.96
CA GLU C 402 -12.31 -58.37 46.09
C GLU C 402 -11.84 -58.35 47.53
N ALA C 403 -10.58 -58.74 47.74
CA ALA C 403 -9.93 -58.63 49.02
C ALA C 403 -9.31 -57.24 49.11
N PHE C 404 -9.75 -56.45 50.09
CA PHE C 404 -9.34 -55.06 50.20
C PHE C 404 -7.96 -54.97 50.84
N GLY C 405 -6.96 -55.44 50.09
CA GLY C 405 -5.62 -55.51 50.61
C GLY C 405 -4.60 -55.71 49.51
N PRO C 406 -3.44 -56.24 49.87
CA PRO C 406 -2.36 -56.47 48.88
C PRO C 406 -2.53 -57.80 48.16
N VAL C 407 -3.65 -57.96 47.48
CA VAL C 407 -4.04 -59.22 46.86
C VAL C 407 -4.44 -58.95 45.42
N ALA C 408 -3.94 -59.77 44.50
CA ALA C 408 -4.31 -59.65 43.11
C ALA C 408 -4.23 -61.03 42.47
N THR C 409 -5.10 -61.28 41.51
CA THR C 409 -5.20 -62.55 40.84
C THR C 409 -4.71 -62.41 39.40
N LEU C 410 -3.75 -63.26 39.02
CA LEU C 410 -3.28 -63.36 37.66
C LEU C 410 -4.11 -64.39 36.91
N MET C 411 -4.42 -64.10 35.64
CA MET C 411 -5.26 -64.98 34.87
C MET C 411 -4.94 -64.89 33.39
N PRO C 412 -5.07 -65.99 32.65
CA PRO C 412 -4.71 -66.00 31.24
C PRO C 412 -5.87 -65.66 30.32
N ALA C 413 -5.51 -65.23 29.11
CA ALA C 413 -6.47 -64.85 28.09
C ALA C 413 -6.06 -65.48 26.75
N GLN C 414 -6.86 -65.21 25.72
CA GLN C 414 -6.57 -65.66 24.37
C GLN C 414 -7.02 -64.61 23.36
N ASN C 415 -6.39 -64.65 22.19
CA ASN C 415 -6.88 -64.02 20.94
C ASN C 415 -7.28 -62.55 21.10
N GLN C 416 -6.79 -61.87 22.14
CA GLN C 416 -6.91 -60.41 22.25
C GLN C 416 -8.34 -59.97 22.50
N ARG C 417 -9.30 -60.87 22.35
CA ARG C 417 -10.70 -60.53 22.58
C ARG C 417 -11.29 -61.25 23.78
N HIS C 418 -10.79 -62.45 24.08
CA HIS C 418 -11.08 -63.04 25.38
C HIS C 418 -10.63 -62.13 26.50
N ALA C 419 -9.54 -61.38 26.28
CA ALA C 419 -9.09 -60.43 27.29
C ALA C 419 -10.06 -59.28 27.48
N LEU C 420 -10.64 -58.79 26.37
CA LEU C 420 -11.66 -57.75 26.46
C LEU C 420 -12.89 -58.28 27.21
N GLN C 421 -13.31 -59.51 26.89
CA GLN C 421 -14.42 -60.11 27.62
C GLN C 421 -14.11 -60.24 29.11
N LEU C 422 -12.88 -60.64 29.44
CA LEU C 422 -12.51 -60.78 30.85
C LEU C 422 -12.52 -59.43 31.54
N ALA C 423 -11.98 -58.39 30.90
CA ALA C 423 -12.05 -57.05 31.45
C ALA C 423 -13.48 -56.64 31.74
N CYS C 424 -14.41 -56.96 30.84
CA CYS C 424 -15.79 -56.57 31.06
C CYS C 424 -16.52 -57.49 32.04
N ALA C 425 -15.96 -58.66 32.35
CA ALA C 425 -16.62 -59.56 33.28
C ALA C 425 -16.65 -59.05 34.71
N GLY C 426 -15.93 -57.98 35.03
CA GLY C 426 -15.95 -57.44 36.37
C GLY C 426 -17.27 -56.85 36.78
N GLY C 427 -18.13 -56.53 35.81
CA GLY C 427 -19.44 -55.98 36.13
C GLY C 427 -19.48 -54.50 36.38
N GLY C 428 -18.49 -53.76 35.89
CA GLY C 428 -18.42 -52.34 36.17
C GLY C 428 -17.33 -52.00 37.16
N SER C 429 -16.33 -51.23 36.73
CA SER C 429 -15.16 -50.94 37.55
C SER C 429 -14.88 -49.46 37.55
N LEU C 430 -14.02 -49.04 38.48
CA LEU C 430 -13.58 -47.65 38.51
C LEU C 430 -12.47 -47.40 37.50
N ALA C 431 -11.46 -48.27 37.47
CA ALA C 431 -10.25 -48.00 36.70
C ALA C 431 -9.76 -49.26 36.03
N GLY C 432 -9.20 -49.09 34.84
CA GLY C 432 -8.55 -50.18 34.12
C GLY C 432 -7.35 -49.67 33.37
N THR C 433 -6.38 -50.55 33.16
CA THR C 433 -5.14 -50.19 32.48
C THR C 433 -4.87 -51.17 31.35
N LEU C 434 -4.47 -50.64 30.21
CA LEU C 434 -4.01 -51.44 29.08
C LEU C 434 -2.57 -51.03 28.78
N VAL C 435 -1.66 -52.00 28.81
CA VAL C 435 -0.27 -51.76 28.45
C VAL C 435 -0.08 -52.31 27.05
N THR C 436 0.24 -51.41 26.12
CA THR C 436 0.39 -51.76 24.72
C THR C 436 1.23 -50.67 24.07
N ALA C 437 1.72 -50.97 22.88
CA ALA C 437 2.39 -49.96 22.06
C ALA C 437 1.69 -49.74 20.73
N ASP C 438 0.67 -50.53 20.42
CA ASP C 438 -0.03 -50.43 19.16
C ASP C 438 -1.30 -49.62 19.33
N PRO C 439 -1.45 -48.48 18.67
CA PRO C 439 -2.67 -47.68 18.86
C PRO C 439 -3.95 -48.35 18.42
N GLN C 440 -3.90 -49.26 17.45
CA GLN C 440 -5.10 -49.96 17.03
C GLN C 440 -5.66 -50.85 18.13
N ILE C 441 -4.77 -51.55 18.84
CA ILE C 441 -5.19 -52.32 20.00
C ILE C 441 -5.87 -51.41 21.01
N ALA C 442 -5.33 -50.21 21.22
CA ALA C 442 -5.89 -49.31 22.21
C ALA C 442 -7.27 -48.83 21.79
N ARG C 443 -7.47 -48.55 20.50
CA ARG C 443 -8.79 -48.14 20.04
C ARG C 443 -9.79 -49.28 20.22
N GLN C 444 -9.40 -50.50 19.87
CA GLN C 444 -10.30 -51.63 20.04
C GLN C 444 -10.69 -51.83 21.50
N PHE C 445 -9.71 -51.77 22.40
CA PHE C 445 -9.97 -51.94 23.81
C PHE C 445 -10.92 -50.87 24.33
N ILE C 446 -10.68 -49.60 23.96
CA ILE C 446 -11.56 -48.53 24.40
C ILE C 446 -12.98 -48.78 23.90
N ALA C 447 -13.13 -48.91 22.58
CA ALA C 447 -14.47 -49.03 22.00
C ALA C 447 -15.24 -50.20 22.57
N ASP C 448 -14.56 -51.27 22.98
CA ASP C 448 -15.28 -52.41 23.54
C ASP C 448 -15.48 -52.35 25.04
N ALA C 449 -14.57 -51.75 25.81
CA ALA C 449 -14.59 -51.91 27.26
C ALA C 449 -14.72 -50.60 28.04
N ALA C 450 -14.89 -49.46 27.37
CA ALA C 450 -15.11 -48.23 28.13
C ALA C 450 -16.47 -48.21 28.81
N ARG C 451 -17.47 -48.89 28.26
CA ARG C 451 -18.79 -48.83 28.85
C ARG C 451 -18.85 -49.47 30.23
N THR C 452 -17.89 -50.32 30.60
CA THR C 452 -17.85 -50.89 31.93
C THR C 452 -16.75 -50.31 32.82
N HIS C 453 -16.10 -49.24 32.40
CA HIS C 453 -15.05 -48.62 33.19
C HIS C 453 -15.29 -47.13 33.31
N GLY C 454 -14.98 -46.57 34.48
CA GLY C 454 -15.07 -45.14 34.64
C GLY C 454 -13.84 -44.40 34.18
N ARG C 455 -12.67 -45.02 34.29
CA ARG C 455 -11.42 -44.43 33.84
C ARG C 455 -10.53 -45.53 33.28
N ILE C 456 -9.86 -45.23 32.17
CA ILE C 456 -8.98 -46.20 31.51
C ILE C 456 -7.71 -45.48 31.11
N GLN C 457 -6.56 -46.08 31.39
CA GLN C 457 -5.30 -45.50 30.96
C GLN C 457 -4.60 -46.45 29.99
N ILE C 458 -4.13 -45.90 28.89
CA ILE C 458 -3.25 -46.59 27.96
C ILE C 458 -1.82 -46.30 28.40
N LEU C 459 -1.09 -47.35 28.74
CA LEU C 459 0.24 -47.23 29.33
C LEU C 459 1.27 -47.75 28.34
N ASN C 460 1.93 -46.83 27.64
CA ASN C 460 3.05 -47.18 26.77
C ASN C 460 4.31 -46.53 27.29
N GLU C 461 5.40 -46.60 26.52
CA GLU C 461 6.68 -46.05 26.97
C GLU C 461 6.64 -44.53 27.05
N GLU C 462 6.04 -43.87 26.06
CA GLU C 462 5.99 -42.41 26.07
C GLU C 462 5.16 -41.88 27.25
N SER C 463 4.08 -42.57 27.59
CA SER C 463 3.22 -42.08 28.65
C SER C 463 3.79 -42.38 30.03
N ALA C 464 4.66 -43.38 30.14
CA ALA C 464 5.16 -43.78 31.44
C ALA C 464 6.06 -42.74 32.08
N LYS C 465 6.62 -41.82 31.30
CA LYS C 465 7.55 -40.82 31.83
C LYS C 465 6.89 -39.95 32.89
N GLU C 466 5.66 -39.49 32.65
CA GLU C 466 5.01 -38.51 33.52
C GLU C 466 3.66 -38.98 34.02
N SER C 467 3.27 -40.22 33.70
CA SER C 467 1.95 -40.71 34.09
C SER C 467 1.74 -40.62 35.59
N THR C 468 0.59 -40.09 35.99
CA THR C 468 0.27 -39.93 37.41
C THR C 468 -0.04 -41.26 38.09
N GLY C 469 -0.45 -42.27 37.35
CA GLY C 469 -0.69 -43.58 37.90
C GLY C 469 -2.03 -44.15 37.47
N HIS C 470 -2.17 -45.47 37.69
CA HIS C 470 -3.45 -46.14 37.47
C HIS C 470 -4.43 -45.81 38.57
N GLY C 471 -3.97 -45.76 39.81
CA GLY C 471 -4.84 -45.65 40.96
C GLY C 471 -5.13 -44.26 41.45
N SER C 472 -4.49 -43.24 40.89
CA SER C 472 -4.64 -41.89 41.40
C SER C 472 -5.74 -41.17 40.63
N PRO C 473 -6.85 -40.81 41.26
CA PRO C 473 -7.90 -40.04 40.58
C PRO C 473 -7.51 -38.57 40.55
N LEU C 474 -7.42 -38.01 39.36
CA LEU C 474 -7.10 -36.61 39.23
C LEU C 474 -8.39 -35.78 39.30
N PRO C 475 -8.30 -34.57 39.86
CA PRO C 475 -9.51 -33.76 40.03
C PRO C 475 -10.14 -33.29 38.74
N GLN C 476 -9.44 -33.36 37.62
CA GLN C 476 -10.01 -32.96 36.33
C GLN C 476 -10.80 -34.07 35.65
N LEU C 477 -10.72 -35.31 36.15
CA LEU C 477 -11.30 -36.46 35.49
C LEU C 477 -12.38 -37.09 36.37
N VAL C 478 -13.43 -37.62 35.74
CA VAL C 478 -14.50 -38.23 36.50
C VAL C 478 -13.96 -39.40 37.31
N HIS C 479 -14.61 -39.69 38.42
CA HIS C 479 -14.20 -40.77 39.31
C HIS C 479 -15.44 -41.57 39.70
N GLY C 480 -15.61 -42.71 39.04
CA GLY C 480 -16.79 -43.52 39.26
C GLY C 480 -16.83 -44.65 38.27
N GLY C 481 -17.97 -45.32 38.21
CA GLY C 481 -18.18 -46.40 37.30
C GLY C 481 -19.56 -46.99 37.43
N PRO C 482 -19.99 -47.78 36.45
CA PRO C 482 -21.31 -48.39 36.51
C PRO C 482 -21.32 -49.68 37.32
N GLY C 483 -22.52 -50.17 37.56
CA GLY C 483 -22.69 -51.52 38.07
C GLY C 483 -22.12 -51.74 39.45
N ARG C 484 -21.15 -52.66 39.52
CA ARG C 484 -20.53 -53.02 40.80
C ARG C 484 -19.82 -51.83 41.42
N ALA C 485 -19.42 -50.85 40.62
CA ALA C 485 -18.74 -49.70 41.19
C ALA C 485 -19.69 -48.65 41.76
N GLY C 486 -20.99 -48.91 41.78
CA GLY C 486 -21.95 -48.07 42.47
C GLY C 486 -22.82 -47.23 41.56
N GLY C 487 -22.27 -46.81 40.42
CA GLY C 487 -23.03 -46.03 39.47
C GLY C 487 -22.83 -44.54 39.54
N GLY C 488 -22.07 -44.04 40.51
CA GLY C 488 -21.92 -42.61 40.71
C GLY C 488 -20.81 -42.00 39.88
N GLU C 489 -20.64 -40.69 40.06
CA GLU C 489 -19.64 -39.92 39.34
C GLU C 489 -19.16 -38.79 40.25
N GLU C 490 -17.85 -38.63 40.33
CA GLU C 490 -17.25 -37.58 41.15
C GLU C 490 -16.16 -36.89 40.34
N LEU C 491 -15.72 -35.74 40.85
CA LEU C 491 -14.43 -35.13 40.49
C LEU C 491 -14.28 -34.80 39.01
N GLY C 492 -15.34 -34.55 38.27
CA GLY C 492 -15.13 -34.36 36.85
C GLY C 492 -14.86 -32.93 36.42
N GLY C 493 -14.10 -32.18 37.21
CA GLY C 493 -14.02 -30.75 36.99
C GLY C 493 -15.27 -30.07 37.49
N LEU C 494 -15.77 -29.10 36.72
CA LEU C 494 -17.02 -28.42 37.06
C LEU C 494 -18.23 -29.35 37.01
N ARG C 495 -18.08 -30.51 36.38
CA ARG C 495 -19.14 -31.51 36.38
C ARG C 495 -19.57 -31.85 37.80
N ALA C 496 -18.62 -31.90 38.73
CA ALA C 496 -18.94 -32.23 40.12
C ALA C 496 -19.59 -31.04 40.82
N VAL C 497 -19.21 -29.82 40.46
CA VAL C 497 -19.89 -28.64 41.00
C VAL C 497 -21.36 -28.67 40.67
N LYS C 498 -21.72 -29.14 39.47
CA LYS C 498 -23.13 -29.13 39.10
C LYS C 498 -23.99 -30.14 39.86
N HIS C 499 -23.42 -31.01 40.70
CA HIS C 499 -24.27 -31.94 41.44
C HIS C 499 -24.93 -31.30 42.64
N TYR C 500 -24.46 -30.15 43.07
CA TYR C 500 -25.03 -29.45 44.21
C TYR C 500 -25.88 -28.26 43.78
N MET C 501 -26.22 -28.21 42.50
CA MET C 501 -27.01 -27.14 41.91
C MET C 501 -28.22 -27.72 41.21
N GLN C 502 -29.17 -26.85 40.90
CA GLN C 502 -30.35 -27.22 40.13
C GLN C 502 -30.28 -26.55 38.77
N ARG C 503 -30.54 -27.30 37.71
CA ARG C 503 -30.56 -26.78 36.36
C ARG C 503 -31.99 -26.40 35.98
N THR C 504 -32.17 -25.20 35.45
CA THR C 504 -33.50 -24.66 35.17
C THR C 504 -33.49 -23.94 33.83
N ALA C 505 -34.41 -24.31 32.95
CA ALA C 505 -34.62 -23.59 31.71
C ALA C 505 -35.48 -22.35 31.98
N VAL C 506 -35.05 -21.20 31.46
CA VAL C 506 -35.76 -19.94 31.64
C VAL C 506 -36.13 -19.41 30.26
N GLN C 507 -37.43 -19.34 29.98
CA GLN C 507 -37.94 -18.79 28.74
C GLN C 507 -38.48 -17.38 28.94
N GLY C 508 -38.34 -16.56 27.91
CA GLY C 508 -38.85 -15.21 27.95
C GLY C 508 -38.24 -14.40 26.84
N SER C 509 -38.45 -13.10 26.91
CA SER C 509 -37.87 -12.23 25.91
C SER C 509 -36.38 -12.06 26.20
N PRO C 510 -35.57 -11.80 25.17
CA PRO C 510 -34.13 -11.60 25.41
C PRO C 510 -33.82 -10.54 26.45
N THR C 511 -34.62 -9.48 26.55
CA THR C 511 -34.36 -8.44 27.55
C THR C 511 -34.53 -8.97 28.97
N MET C 512 -35.61 -9.72 29.21
CA MET C 512 -35.80 -10.38 30.50
C MET C 512 -34.67 -11.35 30.80
N LEU C 513 -34.24 -12.12 29.81
CA LEU C 513 -33.19 -13.10 30.03
C LEU C 513 -31.88 -12.41 30.34
N ALA C 514 -31.61 -11.28 29.70
CA ALA C 514 -30.42 -10.50 30.01
C ALA C 514 -30.46 -9.96 31.43
N ALA C 515 -31.63 -9.53 31.88
CA ALA C 515 -31.73 -9.08 33.27
C ALA C 515 -31.50 -10.22 34.24
N ILE C 516 -32.13 -11.37 33.99
CA ILE C 516 -31.99 -12.51 34.87
C ILE C 516 -30.55 -13.00 34.90
N SER C 517 -29.89 -13.03 33.74
CA SER C 517 -28.55 -13.57 33.62
C SER C 517 -27.47 -12.65 34.16
N LYS C 518 -27.73 -11.33 34.17
CA LYS C 518 -26.71 -10.30 34.38
C LYS C 518 -25.64 -10.36 33.30
N GLN C 519 -26.02 -10.81 32.12
CA GLN C 519 -25.18 -10.84 30.93
C GLN C 519 -26.04 -10.45 29.75
N TRP C 520 -25.49 -9.67 28.83
CA TRP C 520 -26.23 -9.29 27.64
C TRP C 520 -26.37 -10.49 26.71
N VAL C 521 -27.54 -10.61 26.09
CA VAL C 521 -27.83 -11.69 25.14
C VAL C 521 -28.31 -11.06 23.85
N ARG C 522 -28.20 -11.81 22.76
CA ARG C 522 -28.57 -11.31 21.46
CA ARG C 522 -28.57 -11.31 21.46
C ARG C 522 -30.05 -10.97 21.41
N GLY C 523 -30.36 -9.75 20.95
CA GLY C 523 -31.73 -9.29 20.89
C GLY C 523 -32.16 -8.41 22.04
N ALA C 524 -31.35 -8.28 23.08
CA ALA C 524 -31.75 -7.56 24.27
C ALA C 524 -31.50 -6.06 24.13
N LYS C 525 -32.25 -5.30 24.93
CA LYS C 525 -32.09 -3.85 24.99
C LYS C 525 -30.66 -3.47 25.31
N VAL C 526 -30.13 -2.50 24.58
CA VAL C 526 -28.82 -1.93 24.87
C VAL C 526 -29.01 -0.51 25.39
N GLU C 527 -27.91 0.09 25.84
CA GLU C 527 -27.87 1.49 26.26
C GLU C 527 -26.65 2.16 25.64
N GLU C 528 -26.88 3.24 24.90
CA GLU C 528 -25.81 4.02 24.30
C GLU C 528 -25.53 5.24 25.16
N ASP C 529 -24.28 5.71 25.15
CA ASP C 529 -23.82 6.63 26.20
C ASP C 529 -23.38 8.01 25.74
N ARG C 530 -22.82 8.16 24.54
CA ARG C 530 -22.02 9.27 23.96
C ARG C 530 -20.58 9.23 24.45
N ILE C 531 -20.21 8.35 25.38
CA ILE C 531 -18.83 8.05 25.71
C ILE C 531 -18.51 6.68 25.15
N HIS C 532 -17.42 6.59 24.39
CA HIS C 532 -16.99 5.30 23.84
C HIS C 532 -16.81 4.29 24.97
N PRO C 533 -17.32 3.07 24.83
CA PRO C 533 -17.20 2.07 25.91
C PRO C 533 -15.76 1.73 26.29
N PHE C 534 -14.80 1.83 25.37
CA PHE C 534 -13.43 1.48 25.71
C PHE C 534 -12.76 2.51 26.61
N ARG C 535 -13.40 3.63 26.86
CA ARG C 535 -12.87 4.62 27.78
C ARG C 535 -13.35 4.42 29.21
N LYS C 536 -14.30 3.53 29.44
CA LYS C 536 -14.83 3.27 30.76
C LYS C 536 -13.95 2.25 31.49
N TYR C 537 -13.82 2.44 32.80
CA TYR C 537 -13.18 1.45 33.66
C TYR C 537 -14.13 0.30 33.92
N PHE C 538 -13.55 -0.79 34.46
CA PHE C 538 -14.32 -2.01 34.72
C PHE C 538 -15.59 -1.71 35.53
N GLU C 539 -15.46 -1.01 36.65
CA GLU C 539 -16.63 -0.75 37.51
C GLU C 539 -17.68 0.09 36.81
N GLU C 540 -17.31 0.96 35.87
CA GLU C 540 -18.31 1.75 35.18
C GLU C 540 -19.01 1.00 34.06
N LEU C 541 -18.44 -0.09 33.59
CA LEU C 541 -19.03 -0.84 32.49
C LEU C 541 -20.24 -1.63 32.97
N GLN C 542 -21.25 -1.72 32.11
CA GLN C 542 -22.42 -2.53 32.41
C GLN C 542 -22.73 -3.43 31.22
N PRO C 543 -23.13 -4.68 31.45
CA PRO C 543 -23.56 -5.53 30.33
C PRO C 543 -24.69 -4.89 29.54
N GLY C 544 -24.46 -4.70 28.26
CA GLY C 544 -25.41 -4.05 27.38
C GLY C 544 -25.02 -2.65 26.93
N ASP C 545 -23.95 -2.08 27.48
CA ASP C 545 -23.42 -0.81 26.99
C ASP C 545 -22.93 -1.02 25.56
N SER C 546 -23.40 -0.21 24.64
CA SER C 546 -23.30 -0.53 23.22
C SER C 546 -22.90 0.70 22.42
N LEU C 547 -22.19 0.46 21.32
CA LEU C 547 -21.70 1.51 20.44
C LEU C 547 -21.97 1.14 19.00
N LEU C 548 -22.65 2.02 18.28
CA LEU C 548 -22.82 1.93 16.84
C LEU C 548 -21.70 2.73 16.19
N THR C 549 -20.87 2.06 15.40
CA THR C 549 -19.73 2.70 14.77
C THR C 549 -20.14 3.34 13.44
N PRO C 550 -19.27 4.15 12.85
CA PRO C 550 -19.51 4.61 11.47
C PRO C 550 -19.31 3.49 10.47
N ARG C 551 -19.64 3.81 9.23
CA ARG C 551 -19.68 2.84 8.14
C ARG C 551 -18.42 2.86 7.30
N ARG C 552 -18.10 1.72 6.69
CA ARG C 552 -17.01 1.61 5.74
C ARG C 552 -17.50 0.85 4.51
N THR C 553 -17.42 1.48 3.35
CA THR C 553 -17.82 0.88 2.09
C THR C 553 -16.68 0.01 1.55
N MET C 554 -16.99 -1.26 1.28
CA MET C 554 -16.00 -2.17 0.70
C MET C 554 -15.84 -1.93 -0.79
N THR C 555 -14.60 -1.90 -1.25
CA THR C 555 -14.28 -1.70 -2.65
C THR C 555 -13.39 -2.83 -3.15
N GLU C 556 -13.24 -2.90 -4.47
CA GLU C 556 -12.29 -3.84 -5.08
C GLU C 556 -10.87 -3.58 -4.61
N ALA C 557 -10.53 -2.31 -4.39
CA ALA C 557 -9.25 -1.93 -3.83
C ALA C 557 -8.98 -2.62 -2.50
N ASP C 558 -10.01 -2.76 -1.66
CA ASP C 558 -9.81 -3.38 -0.36
C ASP C 558 -9.48 -4.85 -0.50
N ILE C 559 -10.16 -5.54 -1.41
CA ILE C 559 -9.87 -6.94 -1.69
C ILE C 559 -8.43 -7.10 -2.15
N VAL C 560 -8.02 -6.28 -3.13
CA VAL C 560 -6.66 -6.40 -3.65
C VAL C 560 -5.63 -6.10 -2.57
N ASN C 561 -5.81 -5.01 -1.83
CA ASN C 561 -4.84 -4.63 -0.80
C ASN C 561 -4.74 -5.68 0.31
N PHE C 562 -5.87 -6.23 0.75
CA PHE C 562 -5.79 -7.21 1.83
C PHE C 562 -5.17 -8.51 1.36
N ALA C 563 -5.53 -8.98 0.16
CA ALA C 563 -4.91 -10.19 -0.37
C ALA C 563 -3.40 -9.99 -0.53
N CYS C 564 -2.99 -8.80 -0.92
CA CYS C 564 -1.57 -8.55 -1.08
C CYS C 564 -0.84 -8.51 0.25
N LEU C 565 -1.38 -7.75 1.22
CA LEU C 565 -0.71 -7.60 2.51
C LEU C 565 -0.67 -8.92 3.29
N SER C 566 -1.74 -9.69 3.24
CA SER C 566 -1.81 -10.91 4.03
C SER C 566 -1.20 -12.10 3.31
N GLY C 567 -1.18 -12.08 1.98
CA GLY C 567 -0.70 -13.19 1.20
C GLY C 567 -1.73 -14.20 0.78
N ASP C 568 -3.01 -13.97 1.06
CA ASP C 568 -4.07 -14.94 0.78
C ASP C 568 -4.71 -14.61 -0.57
N HIS C 569 -4.30 -15.35 -1.61
CA HIS C 569 -4.80 -15.16 -2.96
C HIS C 569 -5.77 -16.27 -3.35
N PHE C 570 -6.58 -16.72 -2.41
CA PHE C 570 -7.61 -17.70 -2.68
C PHE C 570 -8.52 -17.25 -3.81
N TYR C 571 -8.89 -18.20 -4.69
CA TYR C 571 -9.52 -17.84 -5.95
C TYR C 571 -10.85 -17.12 -5.75
N ALA C 572 -11.53 -17.34 -4.63
CA ALA C 572 -12.81 -16.66 -4.43
C ALA C 572 -12.66 -15.15 -4.29
N HIS C 573 -11.45 -14.65 -4.14
CA HIS C 573 -11.17 -13.24 -4.02
C HIS C 573 -10.41 -12.65 -5.19
N MET C 574 -9.53 -13.43 -5.83
CA MET C 574 -8.58 -12.90 -6.80
C MET C 574 -8.76 -13.38 -8.23
N ASP C 575 -9.68 -14.31 -8.49
CA ASP C 575 -9.83 -14.94 -9.81
C ASP C 575 -11.29 -14.84 -10.21
N LYS C 576 -11.59 -13.93 -11.13
CA LYS C 576 -12.97 -13.67 -11.52
C LYS C 576 -13.57 -14.86 -12.28
N ILE C 577 -12.74 -15.60 -13.02
CA ILE C 577 -13.24 -16.73 -13.79
C ILE C 577 -13.65 -17.88 -12.88
N ALA C 578 -12.79 -18.24 -11.92
CA ALA C 578 -13.16 -19.31 -11.00
C ALA C 578 -14.28 -18.89 -10.07
N ALA C 579 -14.30 -17.62 -9.67
CA ALA C 579 -15.37 -17.13 -8.80
C ALA C 579 -16.70 -17.11 -9.54
N ALA C 580 -16.68 -16.98 -10.87
CA ALA C 580 -17.93 -17.03 -11.63
C ALA C 580 -18.70 -18.32 -11.39
N GLU C 581 -18.02 -19.46 -11.34
CA GLU C 581 -18.71 -20.70 -11.00
C GLU C 581 -18.54 -21.12 -9.55
N SER C 582 -18.36 -20.17 -8.65
CA SER C 582 -18.47 -20.49 -7.23
C SER C 582 -19.93 -20.39 -6.80
N ILE C 583 -20.19 -20.66 -5.52
CA ILE C 583 -21.54 -20.54 -5.00
C ILE C 583 -21.97 -19.07 -4.99
N PHE C 584 -21.03 -18.17 -4.72
CA PHE C 584 -21.36 -16.75 -4.65
C PHE C 584 -21.59 -16.16 -6.04
N GLY C 585 -20.82 -16.61 -7.03
CA GLY C 585 -20.98 -16.16 -8.39
C GLY C 585 -20.16 -14.95 -8.78
N GLU C 586 -19.40 -14.38 -7.84
CA GLU C 586 -18.46 -13.30 -8.14
C GLU C 586 -17.46 -13.23 -6.99
N ARG C 587 -16.49 -12.33 -7.14
CA ARG C 587 -15.47 -12.17 -6.11
C ARG C 587 -16.05 -11.54 -4.86
N VAL C 588 -15.66 -12.07 -3.70
CA VAL C 588 -16.10 -11.54 -2.42
C VAL C 588 -14.92 -11.03 -1.60
N VAL C 589 -15.21 -10.43 -0.47
CA VAL C 589 -14.21 -9.88 0.44
C VAL C 589 -13.76 -10.98 1.41
N HIS C 590 -12.46 -10.99 1.72
CA HIS C 590 -11.91 -11.90 2.71
C HIS C 590 -12.63 -11.75 4.05
N GLY C 591 -13.01 -12.87 4.66
CA GLY C 591 -13.61 -12.81 5.98
C GLY C 591 -12.70 -12.18 7.01
N TYR C 592 -11.40 -12.48 6.93
CA TYR C 592 -10.44 -11.91 7.88
C TYR C 592 -10.33 -10.41 7.71
N PHE C 593 -10.58 -9.90 6.50
CA PHE C 593 -10.60 -8.46 6.33
C PHE C 593 -11.86 -7.83 6.89
N VAL C 594 -12.99 -8.54 6.82
CA VAL C 594 -14.19 -8.07 7.53
C VAL C 594 -13.90 -7.96 9.02
N LEU C 595 -13.25 -8.97 9.58
CA LEU C 595 -12.87 -8.95 10.98
C LEU C 595 -11.95 -7.78 11.32
N SER C 596 -10.92 -7.57 10.49
CA SER C 596 -9.94 -6.51 10.76
C SER C 596 -10.55 -5.12 10.60
N ALA C 597 -11.33 -4.90 9.54
CA ALA C 597 -12.01 -3.63 9.35
C ALA C 597 -13.02 -3.36 10.46
N ALA C 598 -13.66 -4.40 11.00
CA ALA C 598 -14.54 -4.19 12.13
C ALA C 598 -13.76 -3.71 13.35
N ALA C 599 -12.65 -4.39 13.66
CA ALA C 599 -11.76 -3.89 14.70
C ALA C 599 -11.35 -2.44 14.45
N GLY C 600 -11.06 -2.10 13.20
CA GLY C 600 -10.72 -0.72 12.88
C GLY C 600 -11.87 0.25 13.14
N LEU C 601 -13.10 -0.19 12.94
CA LEU C 601 -14.25 0.68 13.19
C LEU C 601 -14.53 0.89 14.67
N PHE C 602 -14.31 -0.13 15.52
CA PHE C 602 -14.74 0.09 16.91
C PHE C 602 -13.62 0.36 17.90
N VAL C 603 -12.36 0.08 17.57
CA VAL C 603 -11.30 0.16 18.56
C VAL C 603 -10.96 1.64 18.81
N ASP C 604 -10.88 2.01 20.08
CA ASP C 604 -10.44 3.34 20.47
C ASP C 604 -8.92 3.38 20.52
N ALA C 605 -8.33 4.42 19.93
CA ALA C 605 -6.89 4.40 19.70
C ALA C 605 -6.10 4.75 20.95
N GLY C 606 -6.56 5.74 21.71
CA GLY C 606 -5.73 6.31 22.76
C GLY C 606 -5.66 5.44 24.01
N VAL C 607 -4.67 5.76 24.83
CA VAL C 607 -4.45 5.05 26.08
C VAL C 607 -5.72 5.12 26.93
N GLY C 608 -6.15 3.98 27.43
CA GLY C 608 -7.35 3.91 28.24
C GLY C 608 -7.36 2.69 29.14
N PRO C 609 -8.53 2.37 29.68
CA PRO C 609 -8.62 1.20 30.56
C PRO C 609 -8.46 -0.13 29.85
N VAL C 610 -8.78 -0.20 28.55
CA VAL C 610 -8.61 -1.45 27.82
C VAL C 610 -7.12 -1.73 27.66
N ILE C 611 -6.68 -2.88 28.15
CA ILE C 611 -5.27 -3.24 28.21
C ILE C 611 -4.89 -4.25 27.15
N ALA C 612 -5.69 -5.32 27.00
CA ALA C 612 -5.33 -6.43 26.12
C ALA C 612 -6.57 -6.90 25.39
N ASN C 613 -6.36 -7.47 24.20
CA ASN C 613 -7.45 -8.13 23.47
C ASN C 613 -7.39 -9.66 23.59
N TYR C 614 -6.30 -10.25 23.12
CA TYR C 614 -5.88 -11.63 23.39
C TYR C 614 -6.87 -12.74 23.07
N GLY C 615 -8.05 -12.47 22.55
CA GLY C 615 -9.00 -13.56 22.37
C GLY C 615 -10.19 -13.24 21.48
N LEU C 616 -10.56 -14.23 20.67
CA LEU C 616 -11.74 -14.17 19.81
C LEU C 616 -12.42 -15.52 19.95
N GLU C 617 -13.73 -15.53 20.23
CA GLU C 617 -14.29 -16.76 20.75
C GLU C 617 -15.09 -17.58 19.75
N SER C 618 -16.09 -17.03 19.08
CA SER C 618 -16.89 -17.93 18.23
C SER C 618 -17.29 -17.17 16.97
N LEU C 619 -16.47 -17.27 15.93
CA LEU C 619 -16.62 -16.47 14.74
C LEU C 619 -17.27 -17.30 13.65
N ARG C 620 -18.44 -16.87 13.19
CA ARG C 620 -19.09 -17.45 12.02
C ARG C 620 -19.22 -16.37 10.96
N PHE C 621 -19.00 -16.74 9.71
CA PHE C 621 -19.24 -15.84 8.59
C PHE C 621 -20.56 -16.24 7.95
N ILE C 622 -21.57 -15.37 8.08
CA ILE C 622 -22.93 -15.70 7.73
C ILE C 622 -23.16 -15.48 6.25
N GLU C 623 -22.93 -14.26 5.79
CA GLU C 623 -23.21 -13.90 4.42
C GLU C 623 -21.98 -13.31 3.76
N PRO C 624 -21.82 -13.52 2.46
CA PRO C 624 -20.69 -12.90 1.75
C PRO C 624 -20.83 -11.38 1.67
N VAL C 625 -19.70 -10.71 1.82
CA VAL C 625 -19.60 -9.28 1.63
C VAL C 625 -18.98 -9.04 0.27
N LYS C 626 -19.60 -8.19 -0.52
CA LYS C 626 -19.21 -7.88 -1.88
C LYS C 626 -18.68 -6.45 -1.99
N PRO C 627 -17.82 -6.18 -2.98
CA PRO C 627 -17.50 -4.78 -3.30
C PRO C 627 -18.76 -3.99 -3.60
N GLY C 628 -18.85 -2.81 -3.03
CA GLY C 628 -20.05 -2.00 -3.10
C GLY C 628 -20.94 -2.11 -1.88
N ASP C 629 -20.72 -3.12 -1.04
CA ASP C 629 -21.44 -3.22 0.22
C ASP C 629 -20.78 -2.33 1.27
N THR C 630 -21.60 -1.88 2.21
CA THR C 630 -21.16 -1.01 3.30
C THR C 630 -21.38 -1.76 4.61
N ILE C 631 -20.40 -1.73 5.48
CA ILE C 631 -20.50 -2.46 6.73
C ILE C 631 -20.51 -1.47 7.89
N GLN C 632 -21.13 -1.89 8.97
CA GLN C 632 -21.26 -1.13 10.20
C GLN C 632 -21.30 -2.13 11.33
N VAL C 633 -20.81 -1.72 12.50
CA VAL C 633 -20.61 -2.64 13.62
C VAL C 633 -21.39 -2.13 14.81
N ARG C 634 -21.97 -3.05 15.56
CA ARG C 634 -22.40 -2.77 16.93
C ARG C 634 -21.51 -3.53 17.90
N LEU C 635 -20.91 -2.81 18.83
CA LEU C 635 -20.07 -3.38 19.88
C LEU C 635 -20.82 -3.29 21.20
N THR C 636 -21.13 -4.43 21.80
CA THR C 636 -21.91 -4.46 23.03
C THR C 636 -21.16 -5.23 24.11
N CYS C 637 -21.08 -4.64 25.29
CA CYS C 637 -20.51 -5.31 26.45
C CYS C 637 -21.41 -6.45 26.89
N LYS C 638 -20.89 -7.68 26.86
CA LYS C 638 -21.68 -8.89 27.07
C LYS C 638 -21.57 -9.45 28.48
N ARG C 639 -20.37 -9.52 29.05
CA ARG C 639 -20.15 -10.21 30.32
C ARG C 639 -18.88 -9.68 30.96
N LYS C 640 -18.94 -9.42 32.27
CA LYS C 640 -17.80 -8.91 33.04
C LYS C 640 -17.41 -9.93 34.11
N THR C 641 -16.11 -10.14 34.29
CA THR C 641 -15.62 -11.06 35.31
C THR C 641 -14.41 -10.45 35.99
N LEU C 642 -14.57 -10.11 37.27
CA LEU C 642 -13.48 -9.54 38.06
C LEU C 642 -12.39 -10.58 38.32
N LYS C 643 -11.15 -10.12 38.35
CA LYS C 643 -10.00 -10.97 38.65
C LYS C 643 -9.40 -10.55 39.99
N LYS C 644 -9.24 -11.51 40.89
CA LYS C 644 -8.64 -11.23 42.19
C LYS C 644 -7.15 -10.93 42.04
N GLN C 645 -6.69 -9.91 42.75
CA GLN C 645 -5.28 -9.55 42.72
C GLN C 645 -4.45 -10.63 43.38
N ARG C 646 -3.42 -11.09 42.69
CA ARG C 646 -2.49 -12.08 43.22
C ARG C 646 -1.70 -11.56 44.42
N SER C 647 -1.52 -10.25 44.53
CA SER C 647 -0.71 -9.63 45.57
C SER C 647 -1.31 -8.25 45.86
N ALA C 648 -0.54 -7.41 46.53
CA ALA C 648 -0.88 -6.00 46.62
C ALA C 648 -0.16 -5.17 45.56
N GLU C 649 0.64 -5.80 44.72
CA GLU C 649 1.41 -5.11 43.69
C GLU C 649 0.70 -5.05 42.35
N GLU C 650 0.24 -6.19 41.82
CA GLU C 650 -0.28 -6.26 40.47
C GLU C 650 -1.51 -5.37 40.33
N LYS C 651 -1.66 -4.78 39.15
CA LYS C 651 -2.73 -3.84 38.90
C LYS C 651 -4.06 -4.59 38.79
N PRO C 652 -5.13 -4.08 39.38
CA PRO C 652 -6.41 -4.80 39.35
C PRO C 652 -7.11 -4.66 38.00
N THR C 653 -7.23 -5.78 37.29
CA THR C 653 -7.93 -5.82 36.02
C THR C 653 -9.14 -6.73 36.12
N GLY C 654 -10.02 -6.62 35.13
CA GLY C 654 -11.12 -7.56 34.99
C GLY C 654 -11.22 -8.02 33.56
N VAL C 655 -11.94 -9.11 33.35
CA VAL C 655 -12.14 -9.67 32.02
C VAL C 655 -13.52 -9.25 31.53
N VAL C 656 -13.56 -8.64 30.35
CA VAL C 656 -14.80 -8.24 29.71
C VAL C 656 -14.91 -8.97 28.37
N GLU C 657 -16.04 -9.63 28.15
CA GLU C 657 -16.37 -10.20 26.86
C GLU C 657 -17.28 -9.22 26.12
N TRP C 658 -17.00 -8.99 24.85
CA TRP C 658 -17.76 -8.05 24.04
C TRP C 658 -18.45 -8.81 22.92
N ALA C 659 -19.72 -8.50 22.69
CA ALA C 659 -20.45 -8.99 21.53
C ALA C 659 -20.20 -8.05 20.36
N VAL C 660 -19.79 -8.61 19.23
CA VAL C 660 -19.57 -7.85 18.00
C VAL C 660 -20.55 -8.35 16.95
N GLU C 661 -21.24 -7.43 16.29
CA GLU C 661 -22.19 -7.73 15.23
C GLU C 661 -21.92 -6.81 14.04
N VAL C 662 -21.53 -7.39 12.91
CA VAL C 662 -21.25 -6.63 11.69
C VAL C 662 -22.44 -6.76 10.75
N PHE C 663 -22.97 -5.63 10.30
CA PHE C 663 -24.12 -5.57 9.41
C PHE C 663 -23.72 -4.99 8.06
N ASN C 664 -24.42 -5.40 7.01
CA ASN C 664 -24.30 -4.71 5.74
C ASN C 664 -25.42 -3.68 5.64
N GLN C 665 -25.58 -3.08 4.45
CA GLN C 665 -26.48 -1.95 4.30
C GLN C 665 -27.95 -2.35 4.25
N HIS C 666 -28.27 -3.62 4.03
CA HIS C 666 -29.62 -4.13 4.24
C HIS C 666 -29.87 -4.49 5.69
N GLN C 667 -28.97 -4.10 6.58
CA GLN C 667 -29.01 -4.44 8.01
C GLN C 667 -29.00 -5.95 8.26
N THR C 668 -28.56 -6.74 7.29
CA THR C 668 -28.48 -8.14 7.67
C THR C 668 -27.07 -8.45 8.20
N PRO C 669 -26.97 -9.31 9.20
CA PRO C 669 -25.65 -9.62 9.77
C PRO C 669 -24.81 -10.43 8.79
N VAL C 670 -23.52 -10.12 8.76
CA VAL C 670 -22.59 -10.87 7.96
C VAL C 670 -21.49 -11.52 8.81
N ALA C 671 -21.40 -11.19 10.09
CA ALA C 671 -20.42 -11.78 10.98
C ALA C 671 -20.87 -11.57 12.42
N LEU C 672 -20.71 -12.60 13.24
CA LEU C 672 -21.02 -12.54 14.66
C LEU C 672 -19.88 -13.21 15.40
N TYR C 673 -19.44 -12.61 16.51
CA TYR C 673 -18.36 -13.19 17.30
C TYR C 673 -18.22 -12.41 18.59
N SER C 674 -17.43 -12.94 19.51
CA SER C 674 -17.11 -12.30 20.76
C SER C 674 -15.61 -12.07 20.85
N ILE C 675 -15.22 -10.95 21.45
CA ILE C 675 -13.82 -10.69 21.78
C ILE C 675 -13.67 -10.67 23.29
N LEU C 676 -12.55 -11.20 23.76
CA LEU C 676 -12.18 -11.10 25.16
C LEU C 676 -11.25 -9.91 25.35
N THR C 677 -11.19 -9.40 26.57
CA THR C 677 -10.44 -8.17 26.83
C THR C 677 -10.11 -8.09 28.31
N LEU C 678 -8.92 -7.59 28.62
CA LEU C 678 -8.54 -7.21 29.98
C LEU C 678 -8.81 -5.73 30.17
N VAL C 679 -9.56 -5.37 31.21
CA VAL C 679 -9.95 -4.00 31.47
C VAL C 679 -9.48 -3.62 32.87
N ALA C 680 -8.85 -2.46 32.98
CA ALA C 680 -8.35 -1.99 34.28
C ALA C 680 -9.49 -1.56 35.19
N ARG C 681 -9.35 -1.90 36.46
CA ARG C 681 -10.28 -1.50 37.51
C ARG C 681 -9.79 -0.24 38.21
N GLN C 682 -10.75 0.51 38.75
CA GLN C 682 -10.41 1.69 39.54
C GLN C 682 -9.95 1.32 40.94
N HIS C 683 -10.56 0.30 41.55
CA HIS C 683 -10.30 -0.07 42.93
C HIS C 683 -9.95 -1.54 43.01
N GLY C 684 -8.73 -1.84 43.47
CA GLY C 684 -8.31 -3.20 43.71
C GLY C 684 -8.86 -3.73 45.02
N ASP C 685 -8.67 -5.04 45.22
CA ASP C 685 -9.08 -5.68 46.46
C ASP C 685 -7.89 -6.41 47.10
N PHE C 686 -6.69 -5.89 46.92
CA PHE C 686 -5.44 -6.43 47.47
C PHE C 686 -5.32 -7.94 47.43
N GLN D 9 -61.23 -57.78 20.45
CA GLN D 9 -60.09 -57.26 19.71
C GLN D 9 -58.97 -56.92 20.67
N GLN D 10 -58.25 -57.94 21.14
CA GLN D 10 -57.21 -57.73 22.15
C GLN D 10 -55.94 -57.16 21.54
N LEU D 11 -55.35 -56.20 22.25
CA LEU D 11 -54.25 -55.38 21.75
C LEU D 11 -52.94 -56.16 21.80
N ALA D 12 -52.26 -56.23 20.66
CA ALA D 12 -51.03 -56.99 20.56
C ALA D 12 -49.83 -56.20 21.06
N SER D 13 -48.78 -56.92 21.46
CA SER D 13 -47.54 -56.32 21.91
C SER D 13 -46.38 -56.93 21.14
N PHE D 14 -45.46 -56.08 20.71
CA PHE D 14 -44.43 -56.47 19.75
C PHE D 14 -43.11 -56.73 20.47
N LEU D 15 -42.76 -57.99 20.62
CA LEU D 15 -41.51 -58.34 21.28
C LEU D 15 -40.93 -59.60 20.66
N SER D 16 -39.61 -59.74 20.79
CA SER D 16 -38.86 -60.83 20.16
C SER D 16 -39.07 -60.86 18.65
N GLY D 17 -39.50 -59.74 18.08
CA GLY D 17 -39.72 -59.63 16.65
C GLY D 17 -41.07 -60.09 16.15
N THR D 18 -41.98 -60.51 17.02
CA THR D 18 -43.29 -60.99 16.59
C THR D 18 -44.41 -60.26 17.31
N TRP D 19 -45.53 -60.10 16.63
CA TRP D 19 -46.74 -59.53 17.22
C TRP D 19 -47.52 -60.64 17.92
N GLN D 20 -47.68 -60.52 19.23
CA GLN D 20 -48.36 -61.54 20.00
C GLN D 20 -49.05 -60.90 21.20
N SER D 21 -49.91 -61.67 21.86
CA SER D 21 -50.67 -61.20 23.00
C SER D 21 -50.60 -62.19 24.15
N GLY D 22 -51.30 -61.87 25.23
CA GLY D 22 -51.31 -62.67 26.43
C GLY D 22 -52.69 -63.25 26.73
N ARG D 23 -52.76 -63.99 27.84
CA ARG D 23 -53.95 -64.73 28.23
C ARG D 23 -54.08 -64.77 29.74
N GLY D 24 -55.20 -64.30 30.25
CA GLY D 24 -55.46 -64.29 31.68
C GLY D 24 -56.34 -63.13 32.07
N ARG D 25 -56.03 -62.48 33.18
CA ARG D 25 -56.78 -61.29 33.58
C ARG D 25 -56.33 -60.11 32.74
N SER D 26 -57.25 -59.58 31.93
CA SER D 26 -56.96 -58.45 31.04
C SER D 26 -57.45 -57.16 31.69
N ARG D 27 -57.22 -56.07 30.97
CA ARG D 27 -57.84 -54.78 31.25
C ARG D 27 -58.49 -54.28 29.99
N LEU D 28 -59.44 -53.36 30.14
CA LEU D 28 -60.24 -52.87 29.03
C LEU D 28 -59.90 -51.41 28.76
N ILE D 29 -59.87 -51.05 27.49
CA ILE D 29 -59.73 -49.66 27.06
C ILE D 29 -61.10 -49.20 26.58
N HIS D 30 -61.72 -48.30 27.34
CA HIS D 30 -63.01 -47.75 26.96
C HIS D 30 -62.85 -46.52 26.10
N HIS D 31 -63.94 -46.16 25.42
CA HIS D 31 -63.99 -44.91 24.69
C HIS D 31 -64.31 -43.79 25.67
N ALA D 32 -63.54 -42.71 25.63
CA ALA D 32 -63.68 -41.67 26.62
C ALA D 32 -65.00 -40.92 26.49
N ILE D 33 -65.55 -40.88 25.28
CA ILE D 33 -66.77 -40.11 25.05
C ILE D 33 -67.99 -41.02 25.12
N SER D 34 -67.95 -42.16 24.44
CA SER D 34 -69.13 -43.01 24.40
C SER D 34 -69.19 -43.94 25.61
N GLY D 35 -68.04 -44.46 26.04
CA GLY D 35 -67.97 -45.35 27.18
C GLY D 35 -67.83 -46.82 26.82
N GLU D 36 -67.85 -47.16 25.54
CA GLU D 36 -67.78 -48.56 25.15
C GLU D 36 -66.36 -49.09 25.25
N ALA D 37 -66.24 -50.34 25.69
CA ALA D 37 -64.95 -51.01 25.75
C ALA D 37 -64.57 -51.46 24.35
N LEU D 38 -63.55 -50.84 23.77
CA LEU D 38 -63.17 -51.14 22.40
C LEU D 38 -61.80 -51.79 22.26
N TRP D 39 -61.15 -52.17 23.36
CA TRP D 39 -59.92 -52.96 23.32
C TRP D 39 -59.80 -53.76 24.62
N GLU D 40 -59.21 -54.95 24.50
CA GLU D 40 -58.79 -55.73 25.65
C GLU D 40 -57.27 -55.77 25.67
N VAL D 41 -56.69 -55.64 26.86
CA VAL D 41 -55.24 -55.49 27.02
C VAL D 41 -54.74 -56.47 28.07
N THR D 42 -53.80 -57.32 27.67
CA THR D 42 -53.14 -58.22 28.60
C THR D 42 -51.84 -58.72 27.97
N SER D 43 -50.85 -59.01 28.80
CA SER D 43 -49.58 -59.55 28.33
C SER D 43 -49.11 -60.73 29.17
N GLU D 44 -50.00 -61.41 29.86
CA GLU D 44 -49.60 -62.51 30.72
C GLU D 44 -49.11 -63.68 29.88
N GLY D 45 -48.08 -64.37 30.36
CA GLY D 45 -47.53 -65.50 29.66
C GLY D 45 -46.52 -65.17 28.58
N LEU D 46 -46.11 -63.91 28.45
CA LEU D 46 -45.10 -63.52 27.48
C LEU D 46 -43.73 -63.64 28.10
N ASP D 47 -42.77 -64.14 27.32
CA ASP D 47 -41.40 -64.32 27.81
C ASP D 47 -40.69 -62.97 27.77
N MET D 48 -40.64 -62.30 28.92
CA MET D 48 -39.99 -61.00 29.00
C MET D 48 -38.48 -61.12 28.87
N ALA D 49 -37.89 -62.15 29.47
CA ALA D 49 -36.46 -62.36 29.37
C ALA D 49 -36.05 -62.58 27.92
N ALA D 50 -36.86 -63.32 27.15
CA ALA D 50 -36.57 -63.52 25.74
C ALA D 50 -36.61 -62.20 24.98
N ALA D 51 -37.55 -61.32 25.31
CA ALA D 51 -37.63 -60.03 24.64
C ALA D 51 -36.41 -59.16 24.93
N ARG D 52 -35.99 -59.11 26.20
CA ARG D 52 -34.78 -58.37 26.53
C ARG D 52 -33.56 -58.94 25.81
N GLN D 53 -33.43 -60.27 25.80
CA GLN D 53 -32.30 -60.90 25.13
C GLN D 53 -32.32 -60.64 23.64
N PHE D 54 -33.52 -60.55 23.06
CA PHE D 54 -33.66 -60.23 21.65
C PHE D 54 -33.22 -58.80 21.36
N ALA D 55 -33.59 -57.85 22.24
CA ALA D 55 -33.16 -56.48 22.06
C ALA D 55 -31.66 -56.32 22.23
N ILE D 56 -31.06 -57.15 23.09
CA ILE D 56 -29.64 -56.97 23.40
C ILE D 56 -28.75 -57.64 22.37
N GLU D 57 -29.13 -58.83 21.89
CA GLU D 57 -28.20 -59.55 21.03
C GLU D 57 -28.17 -59.00 19.60
N LYS D 58 -29.28 -58.49 19.10
CA LYS D 58 -29.28 -58.06 17.70
C LYS D 58 -29.68 -56.61 17.50
N GLY D 59 -30.54 -56.04 18.34
CA GLY D 59 -30.87 -54.63 18.20
C GLY D 59 -29.71 -53.73 18.57
N ALA D 60 -29.08 -53.99 19.71
CA ALA D 60 -28.06 -53.08 20.23
C ALA D 60 -26.79 -53.04 19.39
N PRO D 61 -26.20 -54.17 18.96
CA PRO D 61 -25.01 -54.06 18.10
C PRO D 61 -25.30 -53.43 16.76
N ALA D 62 -26.51 -53.66 16.22
CA ALA D 62 -26.90 -53.03 14.97
C ALA D 62 -26.98 -51.51 15.13
N LEU D 63 -27.53 -51.03 16.24
CA LEU D 63 -27.56 -49.58 16.45
C LEU D 63 -26.17 -49.02 16.72
N ARG D 64 -25.34 -49.77 17.45
CA ARG D 64 -24.01 -49.28 17.80
C ARG D 64 -23.07 -49.26 16.61
N ALA D 65 -23.32 -50.07 15.58
CA ALA D 65 -22.44 -50.06 14.42
C ALA D 65 -22.63 -48.80 13.58
N MET D 66 -23.81 -48.18 13.67
CA MET D 66 -24.06 -46.92 12.97
C MET D 66 -23.30 -45.78 13.63
N THR D 67 -22.79 -44.87 12.81
CA THR D 67 -22.26 -43.63 13.35
C THR D 67 -23.43 -42.75 13.81
N PHE D 68 -23.09 -41.73 14.61
CA PHE D 68 -24.13 -40.80 15.07
C PHE D 68 -24.87 -40.16 13.89
N ILE D 69 -24.17 -39.89 12.79
CA ILE D 69 -24.80 -39.30 11.62
C ILE D 69 -25.82 -40.25 11.01
N GLU D 70 -25.48 -41.55 10.91
CA GLU D 70 -26.45 -42.51 10.37
C GLU D 70 -27.68 -42.60 11.27
N ARG D 71 -27.49 -42.56 12.59
CA ARG D 71 -28.62 -42.66 13.50
C ARG D 71 -29.50 -41.41 13.43
N ALA D 72 -28.89 -40.24 13.28
CA ALA D 72 -29.67 -39.01 13.10
C ALA D 72 -30.45 -39.03 11.79
N ALA D 73 -29.83 -39.52 10.72
CA ALA D 73 -30.56 -39.70 9.46
C ALA D 73 -31.72 -40.68 9.63
N MET D 74 -31.54 -41.72 10.44
CA MET D 74 -32.62 -42.68 10.65
C MET D 74 -33.76 -42.06 11.46
N LEU D 75 -33.43 -41.23 12.45
CA LEU D 75 -34.45 -40.45 13.14
C LEU D 75 -35.25 -39.60 12.16
N LYS D 76 -34.56 -38.91 11.26
CA LYS D 76 -35.25 -38.05 10.29
C LYS D 76 -36.15 -38.85 9.36
N ALA D 77 -35.67 -40.00 8.87
CA ALA D 77 -36.48 -40.85 8.02
C ALA D 77 -37.72 -41.34 8.75
N VAL D 78 -37.56 -41.76 10.01
CA VAL D 78 -38.71 -42.22 10.79
C VAL D 78 -39.70 -41.10 11.01
N ALA D 79 -39.21 -39.89 11.29
CA ALA D 79 -40.11 -38.76 11.47
C ALA D 79 -40.92 -38.49 10.20
N LYS D 80 -40.24 -38.48 9.04
CA LYS D 80 -40.95 -38.28 7.78
C LYS D 80 -42.03 -39.33 7.58
N HIS D 81 -41.68 -40.61 7.79
CA HIS D 81 -42.64 -41.68 7.58
C HIS D 81 -43.83 -41.57 8.53
N LEU D 82 -43.58 -41.25 9.79
CA LEU D 82 -44.67 -41.10 10.75
C LEU D 82 -45.55 -39.91 10.39
N LEU D 83 -44.94 -38.83 9.89
CA LEU D 83 -45.70 -37.66 9.52
C LEU D 83 -46.63 -37.95 8.35
N SER D 84 -46.17 -38.76 7.39
CA SER D 84 -47.01 -39.04 6.22
C SER D 84 -48.28 -39.81 6.60
N GLU D 85 -48.31 -40.43 7.77
CA GLU D 85 -49.42 -41.30 8.18
C GLU D 85 -50.15 -40.78 9.41
N LYS D 86 -50.14 -39.46 9.64
CA LYS D 86 -50.69 -38.94 10.88
C LYS D 86 -52.21 -39.06 11.00
N GLU D 87 -52.92 -39.26 9.89
CA GLU D 87 -54.37 -39.34 9.96
C GLU D 87 -54.84 -40.52 10.80
N ARG D 88 -54.22 -41.68 10.63
CA ARG D 88 -54.52 -42.82 11.47
C ARG D 88 -54.36 -42.48 12.95
N PHE D 89 -53.27 -41.78 13.27
CA PHE D 89 -53.02 -41.41 14.66
C PHE D 89 -54.07 -40.44 15.18
N TYR D 90 -54.51 -39.50 14.34
CA TYR D 90 -55.57 -38.59 14.75
C TYR D 90 -56.87 -39.33 15.02
N ALA D 91 -57.21 -40.29 14.15
CA ALA D 91 -58.43 -41.05 14.34
C ALA D 91 -58.37 -41.86 15.63
N LEU D 92 -57.20 -42.39 15.97
CA LEU D 92 -57.08 -43.11 17.24
C LEU D 92 -57.12 -42.15 18.44
N SER D 93 -56.52 -40.97 18.29
CA SER D 93 -56.51 -39.98 19.37
C SER D 93 -57.91 -39.47 19.66
N ALA D 94 -58.79 -39.45 18.66
CA ALA D 94 -60.18 -39.10 18.89
C ALA D 94 -60.83 -39.99 19.95
N GLN D 95 -60.40 -41.25 20.05
CA GLN D 95 -61.01 -42.19 20.99
C GLN D 95 -60.67 -41.89 22.44
N THR D 96 -59.65 -41.08 22.69
CA THR D 96 -59.18 -40.82 24.04
C THR D 96 -59.84 -39.59 24.67
N GLY D 97 -60.66 -38.87 23.92
CA GLY D 97 -61.32 -37.69 24.46
C GLY D 97 -60.60 -36.39 24.17
N ALA D 98 -59.88 -36.31 23.06
CA ALA D 98 -59.09 -35.14 22.73
C ALA D 98 -59.71 -34.38 21.57
N THR D 99 -59.67 -33.06 21.65
CA THR D 99 -60.03 -32.22 20.51
C THR D 99 -58.89 -32.22 19.50
N ARG D 100 -59.15 -31.62 18.33
CA ARG D 100 -58.17 -31.61 17.26
C ARG D 100 -56.87 -30.92 17.68
N ALA D 101 -56.96 -29.93 18.56
CA ALA D 101 -55.77 -29.18 18.95
C ALA D 101 -54.88 -30.00 19.91
N ASP D 102 -55.50 -30.76 20.81
CA ASP D 102 -54.72 -31.60 21.71
C ASP D 102 -54.06 -32.75 20.97
N SER D 103 -54.81 -33.42 20.09
CA SER D 103 -54.20 -34.42 19.24
C SER D 103 -53.10 -33.82 18.40
N TRP D 104 -53.28 -32.57 17.96
CA TRP D 104 -52.22 -31.90 17.22
C TRP D 104 -50.96 -31.77 18.07
N VAL D 105 -51.10 -31.26 19.29
CA VAL D 105 -49.90 -31.05 20.10
C VAL D 105 -49.21 -32.39 20.36
N ASP D 106 -49.98 -33.42 20.72
CA ASP D 106 -49.39 -34.73 20.98
C ASP D 106 -48.68 -35.28 19.75
N ILE D 107 -49.42 -35.47 18.65
CA ILE D 107 -48.87 -36.12 17.46
C ILE D 107 -47.73 -35.30 16.88
N GLU D 108 -48.00 -34.05 16.51
CA GLU D 108 -47.02 -33.25 15.82
C GLU D 108 -45.87 -32.84 16.73
N GLY D 109 -46.08 -32.79 18.05
CA GLY D 109 -44.97 -32.53 18.94
C GLY D 109 -44.05 -33.73 19.08
N GLY D 110 -44.60 -34.94 19.11
CA GLY D 110 -43.74 -36.11 19.09
C GLY D 110 -42.90 -36.17 17.83
N ILE D 111 -43.54 -35.98 16.67
CA ILE D 111 -42.80 -36.03 15.42
C ILE D 111 -41.79 -34.88 15.35
N GLY D 112 -42.16 -33.71 15.87
CA GLY D 112 -41.25 -32.59 15.90
C GLY D 112 -40.05 -32.82 16.81
N THR D 113 -40.24 -33.57 17.89
CA THR D 113 -39.12 -34.00 18.71
C THR D 113 -38.16 -34.86 17.92
N LEU D 114 -38.69 -35.82 17.16
CA LEU D 114 -37.82 -36.61 16.28
C LEU D 114 -37.03 -35.72 15.33
N PHE D 115 -37.70 -34.74 14.72
CA PHE D 115 -37.03 -33.86 13.77
C PHE D 115 -35.95 -33.01 14.44
N THR D 116 -36.23 -32.52 15.65
CA THR D 116 -35.27 -31.68 16.35
C THR D 116 -34.04 -32.47 16.76
N TYR D 117 -34.23 -33.68 17.28
CA TYR D 117 -33.06 -34.48 17.62
C TYR D 117 -32.28 -34.89 16.39
N ALA D 118 -32.96 -35.15 15.26
CA ALA D 118 -32.24 -35.42 14.02
C ALA D 118 -31.35 -34.23 13.63
N SER D 119 -31.90 -33.02 13.72
CA SER D 119 -31.13 -31.83 13.36
C SER D 119 -29.94 -31.63 14.29
N LEU D 120 -30.17 -31.69 15.61
CA LEU D 120 -29.09 -31.53 16.57
C LEU D 120 -28.01 -32.58 16.36
N GLY D 121 -28.40 -33.84 16.15
CA GLY D 121 -27.43 -34.88 15.90
C GLY D 121 -26.59 -34.62 14.67
N SER D 122 -27.25 -34.33 13.54
CA SER D 122 -26.50 -34.03 12.32
C SER D 122 -25.55 -32.88 12.54
N ARG D 123 -25.94 -31.89 13.35
CA ARG D 123 -25.20 -30.64 13.39
C ARG D 123 -24.04 -30.68 14.38
N GLU D 124 -24.14 -31.43 15.47
CA GLU D 124 -23.10 -31.35 16.50
C GLU D 124 -22.69 -32.68 17.11
N LEU D 125 -22.86 -33.79 16.41
CA LEU D 125 -22.33 -35.05 16.93
C LEU D 125 -21.26 -35.59 15.99
N PRO D 126 -20.29 -36.36 16.50
CA PRO D 126 -19.19 -36.80 15.64
C PRO D 126 -19.62 -37.85 14.64
N ASP D 127 -18.91 -37.90 13.53
CA ASP D 127 -19.09 -38.94 12.52
C ASP D 127 -18.28 -40.17 12.93
N ASP D 128 -18.74 -40.80 13.99
CA ASP D 128 -18.05 -41.91 14.63
C ASP D 128 -19.05 -42.67 15.47
N THR D 129 -18.60 -43.78 16.04
CA THR D 129 -19.38 -44.54 17.00
C THR D 129 -19.04 -44.17 18.43
N LEU D 130 -17.92 -43.50 18.66
CA LEU D 130 -17.52 -42.95 19.94
C LEU D 130 -17.73 -41.44 19.91
N TRP D 131 -17.91 -40.85 21.09
CA TRP D 131 -18.15 -39.41 21.18
C TRP D 131 -17.16 -38.76 22.14
N PRO D 132 -16.09 -38.14 21.65
CA PRO D 132 -15.19 -37.35 22.51
C PRO D 132 -15.86 -36.03 22.88
N GLU D 133 -16.13 -35.83 24.17
CA GLU D 133 -16.99 -34.72 24.54
C GLU D 133 -16.26 -33.41 24.83
N ASP D 134 -15.12 -33.46 25.51
CA ASP D 134 -14.37 -32.24 25.81
C ASP D 134 -13.07 -32.21 25.01
N GLU D 135 -12.34 -31.10 25.14
CA GLU D 135 -11.03 -30.99 24.52
C GLU D 135 -9.97 -31.74 25.34
N LEU D 136 -8.77 -31.84 24.78
CA LEU D 136 -7.71 -32.57 25.45
C LEU D 136 -7.24 -31.83 26.69
N ILE D 137 -7.12 -32.56 27.79
CA ILE D 137 -6.69 -32.06 29.09
C ILE D 137 -5.22 -32.41 29.26
N PRO D 138 -4.31 -31.43 29.32
CA PRO D 138 -2.90 -31.76 29.53
C PRO D 138 -2.62 -32.07 31.00
N LEU D 139 -1.88 -33.15 31.23
CA LEU D 139 -1.57 -33.58 32.59
C LEU D 139 -0.08 -33.72 32.85
N SER D 140 0.79 -32.98 32.15
CA SER D 140 2.22 -33.09 32.41
C SER D 140 2.93 -31.87 31.85
N LYS D 141 4.25 -31.89 31.95
CA LYS D 141 5.04 -30.72 31.55
C LYS D 141 5.64 -30.89 30.16
N GLU D 142 6.24 -32.04 29.88
CA GLU D 142 6.76 -32.27 28.53
C GLU D 142 5.70 -32.74 27.56
N GLY D 143 4.48 -33.01 28.02
CA GLY D 143 3.39 -33.33 27.12
C GLY D 143 3.20 -34.80 26.79
N GLY D 144 3.82 -35.71 27.54
CA GLY D 144 3.67 -37.11 27.20
C GLY D 144 2.44 -37.77 27.80
N PHE D 145 1.70 -37.08 28.65
CA PHE D 145 0.60 -37.69 29.40
C PHE D 145 -0.57 -36.73 29.41
N ALA D 146 -1.71 -37.17 28.87
CA ALA D 146 -2.88 -36.31 28.72
C ALA D 146 -4.14 -37.14 28.93
N ALA D 147 -5.29 -36.49 28.88
CA ALA D 147 -6.56 -37.16 29.08
C ALA D 147 -7.65 -36.42 28.32
N ARG D 148 -8.71 -37.14 27.97
CA ARG D 148 -9.97 -36.52 27.56
C ARG D 148 -11.10 -37.49 27.88
N HIS D 149 -12.32 -36.97 27.90
CA HIS D 149 -13.49 -37.76 28.24
C HIS D 149 -14.18 -38.27 26.97
N LEU D 150 -14.60 -39.52 26.99
CA LEU D 150 -15.33 -40.13 25.89
C LEU D 150 -16.67 -40.65 26.38
N LEU D 151 -17.63 -40.70 25.47
CA LEU D 151 -18.92 -41.33 25.70
C LEU D 151 -19.08 -42.49 24.74
N THR D 152 -19.41 -43.65 25.27
CA THR D 152 -19.74 -44.81 24.47
C THR D 152 -21.12 -45.29 24.85
N SER D 153 -21.79 -45.99 23.94
CA SER D 153 -23.14 -46.47 24.21
C SER D 153 -23.11 -47.51 25.32
N LYS D 154 -24.10 -47.45 26.20
CA LYS D 154 -24.36 -48.58 27.07
C LYS D 154 -24.85 -49.75 26.21
N SER D 155 -24.60 -50.96 26.69
CA SER D 155 -24.85 -52.15 25.90
C SER D 155 -26.20 -52.79 26.17
N GLY D 156 -26.94 -52.34 27.18
CA GLY D 156 -28.20 -52.94 27.55
C GLY D 156 -29.36 -52.42 26.73
N VAL D 157 -30.54 -52.45 27.34
CA VAL D 157 -31.78 -51.99 26.71
C VAL D 157 -32.38 -50.93 27.62
N ALA D 158 -33.04 -49.94 27.01
CA ALA D 158 -33.72 -48.89 27.75
C ALA D 158 -35.21 -49.21 27.85
N VAL D 159 -35.72 -49.24 29.07
CA VAL D 159 -37.13 -49.49 29.33
C VAL D 159 -37.80 -48.17 29.69
N HIS D 160 -38.78 -47.77 28.89
CA HIS D 160 -39.50 -46.51 29.07
C HIS D 160 -40.94 -46.83 29.49
N ILE D 161 -41.27 -46.56 30.75
CA ILE D 161 -42.61 -46.76 31.26
C ILE D 161 -43.33 -45.42 31.24
N ASN D 162 -44.23 -45.24 30.28
CA ASN D 162 -44.86 -43.96 30.01
C ASN D 162 -46.24 -43.88 30.67
N ALA D 163 -46.70 -42.64 30.83
CA ALA D 163 -48.01 -42.35 31.41
C ALA D 163 -49.02 -42.11 30.29
N PHE D 164 -50.30 -42.08 30.65
CA PHE D 164 -51.37 -42.03 29.65
C PHE D 164 -51.51 -40.67 28.98
N ASN D 165 -51.00 -39.60 29.58
CA ASN D 165 -51.27 -38.25 29.08
C ASN D 165 -50.93 -38.12 27.60
N PHE D 166 -49.67 -38.33 27.25
CA PHE D 166 -49.17 -38.11 25.90
C PHE D 166 -48.69 -39.46 25.35
N PRO D 167 -49.59 -40.24 24.76
CA PRO D 167 -49.20 -41.58 24.29
C PRO D 167 -48.20 -41.55 23.14
N CYS D 168 -48.14 -40.47 22.38
CA CYS D 168 -47.18 -40.35 21.29
C CYS D 168 -45.99 -39.46 21.63
N TRP D 169 -46.24 -38.27 22.18
CA TRP D 169 -45.12 -37.43 22.59
C TRP D 169 -44.31 -38.10 23.69
N GLY D 170 -45.00 -38.71 24.66
CA GLY D 170 -44.31 -39.32 25.77
C GLY D 170 -43.44 -40.49 25.36
N MET D 171 -43.75 -41.12 24.24
CA MET D 171 -42.91 -42.19 23.75
C MET D 171 -41.75 -41.67 22.93
N LEU D 172 -41.99 -40.67 22.08
CA LEU D 172 -40.97 -40.25 21.13
C LEU D 172 -39.93 -39.35 21.78
N GLU D 173 -40.33 -38.55 22.78
CA GLU D 173 -39.37 -37.68 23.45
C GLU D 173 -38.32 -38.48 24.21
N LYS D 174 -38.64 -39.72 24.58
CA LYS D 174 -37.66 -40.63 25.17
C LYS D 174 -36.98 -41.49 24.12
N LEU D 175 -37.71 -41.88 23.07
CA LEU D 175 -37.16 -42.77 22.07
C LEU D 175 -36.05 -42.10 21.25
N ALA D 176 -36.20 -40.81 20.94
CA ALA D 176 -35.21 -40.16 20.07
C ALA D 176 -33.82 -40.11 20.69
N PRO D 177 -33.62 -39.65 21.94
CA PRO D 177 -32.27 -39.73 22.52
C PRO D 177 -31.80 -41.16 22.76
N THR D 178 -32.72 -42.10 23.02
CA THR D 178 -32.33 -43.49 23.25
C THR D 178 -31.65 -44.07 22.02
N TRP D 179 -32.23 -43.86 20.83
CA TRP D 179 -31.59 -44.33 19.61
C TRP D 179 -30.37 -43.51 19.28
N LEU D 180 -30.45 -42.19 19.40
CA LEU D 180 -29.31 -41.36 19.06
C LEU D 180 -28.11 -41.71 19.94
N GLY D 181 -28.36 -42.16 21.17
CA GLY D 181 -27.36 -42.72 22.05
C GLY D 181 -26.93 -44.13 21.74
N GLY D 182 -27.66 -44.85 20.89
CA GLY D 182 -27.24 -46.16 20.44
C GLY D 182 -27.80 -47.34 21.19
N MET D 183 -28.96 -47.18 21.84
CA MET D 183 -29.55 -48.22 22.66
C MET D 183 -30.91 -48.63 22.14
N PRO D 184 -31.23 -49.92 22.17
CA PRO D 184 -32.60 -50.34 21.89
C PRO D 184 -33.55 -49.88 22.99
N ALA D 185 -34.85 -49.99 22.73
CA ALA D 185 -35.86 -49.48 23.63
C ALA D 185 -37.02 -50.46 23.76
N ILE D 186 -37.40 -50.74 25.00
CA ILE D 186 -38.61 -51.51 25.31
C ILE D 186 -39.60 -50.54 25.94
N ILE D 187 -40.72 -50.33 25.27
CA ILE D 187 -41.69 -49.31 25.65
C ILE D 187 -42.88 -49.98 26.30
N LYS D 188 -43.30 -49.46 27.45
CA LYS D 188 -44.46 -49.94 28.19
C LYS D 188 -45.40 -48.78 28.43
N PRO D 189 -46.39 -48.57 27.56
CA PRO D 189 -47.30 -47.44 27.76
C PRO D 189 -48.27 -47.71 28.88
N ALA D 190 -49.02 -46.66 29.25
CA ALA D 190 -50.09 -46.84 30.20
C ALA D 190 -51.24 -47.59 29.54
N THR D 191 -51.81 -48.54 30.27
CA THR D 191 -52.86 -49.39 29.72
C THR D 191 -54.01 -48.57 29.16
N ALA D 192 -54.35 -47.46 29.82
CA ALA D 192 -55.57 -46.73 29.50
C ALA D 192 -55.55 -46.17 28.09
N THR D 193 -54.38 -46.03 27.46
CA THR D 193 -54.28 -45.42 26.14
C THR D 193 -53.26 -46.13 25.25
N ALA D 194 -53.07 -47.43 25.42
CA ALA D 194 -51.98 -48.12 24.72
C ALA D 194 -52.28 -48.30 23.24
N GLN D 195 -53.54 -48.14 22.84
CA GLN D 195 -53.92 -48.36 21.45
C GLN D 195 -53.26 -47.33 20.52
N LEU D 196 -52.96 -46.15 21.04
CA LEU D 196 -52.34 -45.13 20.20
C LEU D 196 -50.84 -45.36 20.09
N THR D 197 -50.23 -45.91 21.16
CA THR D 197 -48.82 -46.24 21.11
C THR D 197 -48.56 -47.41 20.18
N GLN D 198 -49.46 -48.41 20.20
CA GLN D 198 -49.27 -49.58 19.37
C GLN D 198 -49.23 -49.20 17.89
N ALA D 199 -50.04 -48.22 17.49
CA ALA D 199 -50.13 -47.87 16.08
C ALA D 199 -48.85 -47.20 15.61
N MET D 200 -48.29 -46.30 16.43
CA MET D 200 -47.01 -45.69 16.09
C MET D 200 -45.91 -46.74 16.03
N VAL D 201 -45.91 -47.69 16.97
CA VAL D 201 -44.87 -48.71 16.95
C VAL D 201 -45.01 -49.60 15.72
N LYS D 202 -46.24 -49.94 15.36
CA LYS D 202 -46.47 -50.72 14.15
C LYS D 202 -46.03 -49.97 12.91
N SER D 203 -46.31 -48.66 12.85
CA SER D 203 -45.84 -47.85 11.73
C SER D 203 -44.32 -47.88 11.62
N ILE D 204 -43.62 -47.66 12.75
CA ILE D 204 -42.16 -47.63 12.73
C ILE D 204 -41.61 -48.98 12.31
N VAL D 205 -42.20 -50.07 12.80
CA VAL D 205 -41.72 -51.40 12.46
C VAL D 205 -41.96 -51.72 10.99
N ASP D 206 -43.15 -51.41 10.48
CA ASP D 206 -43.52 -51.71 9.10
C ASP D 206 -42.85 -50.77 8.10
N SER D 207 -42.22 -49.70 8.56
CA SER D 207 -41.48 -48.84 7.65
C SER D 207 -40.20 -49.47 7.14
N GLY D 208 -39.62 -50.41 7.88
CA GLY D 208 -38.33 -50.96 7.51
C GLY D 208 -37.16 -50.01 7.69
N LEU D 209 -37.36 -48.91 8.41
CA LEU D 209 -36.34 -47.87 8.54
C LEU D 209 -35.37 -48.10 9.70
N VAL D 210 -35.74 -48.89 10.68
CA VAL D 210 -34.90 -49.06 11.86
C VAL D 210 -34.38 -50.49 11.91
N PRO D 211 -33.27 -50.76 12.60
CA PRO D 211 -32.76 -52.14 12.65
C PRO D 211 -33.71 -53.07 13.39
N GLU D 212 -33.49 -54.36 13.19
CA GLU D 212 -34.27 -55.36 13.90
C GLU D 212 -33.89 -55.36 15.37
N GLY D 213 -34.89 -55.44 16.24
CA GLY D 213 -34.67 -55.41 17.67
C GLY D 213 -34.43 -54.04 18.26
N ALA D 214 -34.55 -52.98 17.47
CA ALA D 214 -34.35 -51.63 17.98
C ALA D 214 -35.57 -51.07 18.68
N ILE D 215 -36.72 -51.73 18.60
CA ILE D 215 -37.94 -51.22 19.22
C ILE D 215 -38.81 -52.41 19.61
N SER D 216 -39.12 -52.51 20.89
CA SER D 216 -40.07 -53.49 21.40
C SER D 216 -41.15 -52.75 22.19
N LEU D 217 -42.29 -53.41 22.38
CA LEU D 217 -43.43 -52.80 23.03
C LEU D 217 -44.22 -53.83 23.83
N ILE D 218 -44.50 -53.48 25.08
CA ILE D 218 -45.24 -54.34 26.00
C ILE D 218 -46.57 -53.66 26.30
N CYS D 219 -47.65 -54.27 25.85
CA CYS D 219 -49.00 -53.81 26.16
C CYS D 219 -49.51 -54.61 27.36
N GLY D 220 -49.76 -53.91 28.45
CA GLY D 220 -50.13 -54.55 29.70
C GLY D 220 -49.02 -54.46 30.72
N SER D 221 -48.86 -55.55 31.47
CA SER D 221 -47.90 -55.58 32.57
C SER D 221 -46.51 -55.94 32.07
N ALA D 222 -45.50 -55.37 32.72
CA ALA D 222 -44.11 -55.71 32.41
C ALA D 222 -43.71 -57.07 32.96
N GLY D 223 -44.55 -57.68 33.80
CA GLY D 223 -44.26 -59.01 34.32
C GLY D 223 -43.06 -59.01 35.24
N ASP D 224 -42.10 -59.90 34.97
CA ASP D 224 -40.86 -59.97 35.72
C ASP D 224 -39.69 -59.36 34.95
N LEU D 225 -39.98 -58.37 34.09
CA LEU D 225 -38.93 -57.82 33.23
C LEU D 225 -37.85 -57.11 34.04
N LEU D 226 -38.24 -56.36 35.07
CA LEU D 226 -37.24 -55.64 35.86
C LEU D 226 -36.35 -56.59 36.66
N ASP D 227 -36.80 -57.81 36.91
CA ASP D 227 -35.96 -58.78 37.61
C ASP D 227 -34.83 -59.31 36.75
N HIS D 228 -34.91 -59.15 35.42
CA HIS D 228 -33.94 -59.68 34.49
C HIS D 228 -32.96 -58.63 33.99
N LEU D 229 -33.08 -57.39 34.43
CA LEU D 229 -32.21 -56.32 33.97
C LEU D 229 -30.88 -56.36 34.70
N ASP D 230 -29.83 -55.94 34.02
CA ASP D 230 -28.51 -55.79 34.62
C ASP D 230 -28.04 -54.34 34.49
N SER D 231 -26.78 -54.11 34.86
CA SER D 231 -26.31 -52.75 35.10
C SER D 231 -26.08 -51.96 33.83
N GLN D 232 -26.16 -52.57 32.65
CA GLN D 232 -26.04 -51.81 31.41
C GLN D 232 -27.40 -51.35 30.86
N ASP D 233 -28.49 -51.61 31.56
CA ASP D 233 -29.81 -51.16 31.17
C ASP D 233 -30.16 -49.87 31.90
N VAL D 234 -31.19 -49.18 31.42
CA VAL D 234 -31.70 -47.98 32.06
C VAL D 234 -33.22 -48.04 32.10
N VAL D 235 -33.81 -47.44 33.13
CA VAL D 235 -35.26 -47.40 33.31
C VAL D 235 -35.69 -45.96 33.51
N THR D 236 -36.73 -45.55 32.78
CA THR D 236 -37.37 -44.27 33.00
C THR D 236 -38.83 -44.52 33.34
N PHE D 237 -39.40 -43.69 34.22
CA PHE D 237 -40.79 -43.86 34.63
C PHE D 237 -41.49 -42.51 34.63
N THR D 238 -42.73 -42.51 34.16
CA THR D 238 -43.58 -41.33 34.21
C THR D 238 -44.95 -41.75 34.71
N GLY D 239 -45.46 -41.06 35.72
CA GLY D 239 -46.79 -41.38 36.21
C GLY D 239 -46.92 -41.07 37.69
N SER D 240 -47.73 -41.90 38.36
CA SER D 240 -48.02 -41.70 39.77
C SER D 240 -46.76 -41.85 40.62
N ALA D 241 -46.70 -41.06 41.69
CA ALA D 241 -45.50 -41.05 42.52
C ALA D 241 -45.35 -42.34 43.32
N ALA D 242 -46.46 -42.93 43.75
CA ALA D 242 -46.38 -44.17 44.51
C ALA D 242 -45.82 -45.31 43.67
N THR D 243 -46.29 -45.44 42.43
CA THR D 243 -45.78 -46.46 41.54
C THR D 243 -44.30 -46.25 41.23
N GLY D 244 -43.91 -45.00 40.99
CA GLY D 244 -42.51 -44.72 40.72
C GLY D 244 -41.61 -45.04 41.89
N GLN D 245 -42.01 -44.62 43.10
CA GLN D 245 -41.20 -44.89 44.26
C GLN D 245 -41.14 -46.38 44.58
N MET D 246 -42.20 -47.11 44.26
CA MET D 246 -42.14 -48.56 44.40
C MET D 246 -41.14 -49.16 43.42
N LEU D 247 -41.15 -48.71 42.16
CA LEU D 247 -40.16 -49.17 41.19
C LEU D 247 -38.74 -48.80 41.62
N ARG D 248 -38.57 -47.68 42.31
CA ARG D 248 -37.24 -47.20 42.66
C ARG D 248 -36.54 -48.13 43.66
N VAL D 249 -37.30 -48.87 44.47
CA VAL D 249 -36.71 -49.81 45.41
C VAL D 249 -36.86 -51.25 44.91
N GLN D 250 -37.12 -51.44 43.62
CA GLN D 250 -37.03 -52.76 43.01
C GLN D 250 -35.74 -53.44 43.45
N PRO D 251 -35.81 -54.62 44.08
CA PRO D 251 -34.59 -55.24 44.61
C PRO D 251 -33.52 -55.43 43.55
N ASN D 252 -33.87 -55.92 42.37
CA ASN D 252 -32.89 -56.07 41.31
C ASN D 252 -32.33 -54.73 40.86
N ILE D 253 -33.19 -53.72 40.67
CA ILE D 253 -32.76 -52.41 40.22
C ILE D 253 -31.79 -51.78 41.22
N VAL D 254 -31.99 -52.06 42.50
CA VAL D 254 -31.14 -51.47 43.53
C VAL D 254 -29.82 -52.24 43.61
N ALA D 255 -29.88 -53.57 43.52
CA ALA D 255 -28.67 -54.38 43.66
C ALA D 255 -27.68 -54.18 42.52
N LYS D 256 -28.15 -53.86 41.31
CA LYS D 256 -27.29 -53.74 40.15
C LYS D 256 -26.90 -52.30 39.83
N SER D 257 -27.41 -51.32 40.59
CA SER D 257 -27.13 -49.91 40.35
C SER D 257 -27.66 -49.47 38.98
N ILE D 258 -28.85 -49.94 38.63
CA ILE D 258 -29.43 -49.60 37.34
C ILE D 258 -29.96 -48.17 37.38
N PRO D 259 -29.58 -47.30 36.45
CA PRO D 259 -30.08 -45.93 36.46
C PRO D 259 -31.60 -45.91 36.34
N PHE D 260 -32.23 -45.07 37.18
CA PHE D 260 -33.68 -44.97 37.26
C PHE D 260 -34.06 -43.51 37.33
N THR D 261 -34.85 -43.05 36.37
CA THR D 261 -35.33 -41.68 36.31
C THR D 261 -36.84 -41.67 36.46
N MET D 262 -37.35 -40.78 37.30
CA MET D 262 -38.76 -40.71 37.60
C MET D 262 -39.28 -39.29 37.41
N GLU D 263 -40.47 -39.18 36.82
CA GLU D 263 -41.20 -37.93 36.70
C GLU D 263 -42.59 -38.14 37.29
N ALA D 264 -42.94 -37.35 38.29
CA ALA D 264 -44.16 -37.54 39.08
C ALA D 264 -45.07 -36.32 38.94
N ASP D 265 -46.11 -36.28 39.77
CA ASP D 265 -47.06 -35.18 39.78
C ASP D 265 -46.46 -33.95 40.43
N SER D 266 -46.63 -32.80 39.77
CA SER D 266 -46.14 -31.54 40.32
C SER D 266 -47.28 -30.53 40.34
N LEU D 267 -47.14 -29.55 41.24
CA LEU D 267 -48.11 -28.48 41.39
C LEU D 267 -47.53 -27.21 40.77
N ASN D 268 -47.71 -27.08 39.46
CA ASN D 268 -47.15 -25.95 38.73
C ASN D 268 -47.89 -24.68 39.10
N CYS D 269 -47.16 -23.60 39.31
CA CYS D 269 -47.71 -22.32 39.73
C CYS D 269 -47.68 -21.33 38.58
N CYS D 270 -48.40 -20.23 38.77
CA CYS D 270 -48.33 -19.09 37.85
C CYS D 270 -48.56 -17.84 38.69
N VAL D 271 -47.54 -17.02 38.81
CA VAL D 271 -47.53 -15.87 39.71
C VAL D 271 -47.81 -14.61 38.91
N LEU D 272 -48.60 -13.71 39.49
CA LEU D 272 -48.80 -12.38 38.94
C LEU D 272 -47.94 -11.38 39.70
N GLY D 273 -47.09 -10.67 38.97
CA GLY D 273 -46.18 -9.74 39.62
C GLY D 273 -46.89 -8.52 40.17
N GLU D 274 -46.33 -7.97 41.24
CA GLU D 274 -46.88 -6.78 41.88
C GLU D 274 -47.03 -5.61 40.92
N ASP D 275 -46.17 -5.50 39.91
CA ASP D 275 -46.10 -4.29 39.11
C ASP D 275 -47.29 -4.11 38.17
N VAL D 276 -48.13 -5.12 37.99
CA VAL D 276 -49.17 -5.02 36.97
C VAL D 276 -50.49 -4.60 37.61
N THR D 277 -51.24 -3.79 36.88
CA THR D 277 -52.56 -3.32 37.23
C THR D 277 -53.56 -3.88 36.23
N PRO D 278 -54.84 -3.98 36.60
CA PRO D 278 -55.82 -4.61 35.69
C PRO D 278 -55.97 -3.91 34.35
N ASP D 279 -55.53 -2.66 34.26
CA ASP D 279 -55.60 -1.92 33.01
C ASP D 279 -54.39 -2.15 32.10
N GLN D 280 -53.53 -3.12 32.42
CA GLN D 280 -52.35 -3.39 31.61
C GLN D 280 -52.55 -4.62 30.73
N PRO D 281 -51.82 -4.71 29.62
CA PRO D 281 -51.91 -5.92 28.78
C PRO D 281 -51.46 -7.19 29.49
N GLU D 282 -50.46 -7.07 30.39
CA GLU D 282 -50.00 -8.24 31.12
C GLU D 282 -51.14 -8.93 31.86
N PHE D 283 -52.09 -8.16 32.40
CA PHE D 283 -53.21 -8.75 33.13
C PHE D 283 -54.04 -9.65 32.22
N ALA D 284 -54.35 -9.17 31.02
CA ALA D 284 -55.16 -9.95 30.08
C ALA D 284 -54.42 -11.19 29.61
N LEU D 285 -53.13 -11.07 29.29
CA LEU D 285 -52.41 -12.26 28.84
C LEU D 285 -52.23 -13.25 29.99
N PHE D 286 -52.14 -12.77 31.23
CA PHE D 286 -52.11 -13.66 32.38
C PHE D 286 -53.40 -14.46 32.50
N ILE D 287 -54.55 -13.78 32.41
CA ILE D 287 -55.83 -14.47 32.46
C ILE D 287 -55.91 -15.51 31.34
N ARG D 288 -55.57 -15.11 30.12
CA ARG D 288 -55.65 -16.02 28.98
C ARG D 288 -54.73 -17.23 29.17
N GLU D 289 -53.55 -17.00 29.74
CA GLU D 289 -52.59 -18.07 29.97
C GLU D 289 -53.11 -19.07 30.98
N VAL D 290 -53.61 -18.58 32.13
CA VAL D 290 -54.15 -19.48 33.14
C VAL D 290 -55.29 -20.29 32.58
N VAL D 291 -56.17 -19.67 31.79
CA VAL D 291 -57.31 -20.41 31.26
C VAL D 291 -56.84 -21.48 30.27
N ARG D 292 -55.92 -21.12 29.38
CA ARG D 292 -55.46 -22.08 28.38
C ARG D 292 -54.77 -23.27 29.03
N GLU D 293 -53.91 -23.02 30.01
CA GLU D 293 -53.26 -24.12 30.70
C GLU D 293 -54.24 -24.92 31.56
N MET D 294 -55.34 -24.30 31.99
CA MET D 294 -56.34 -25.03 32.74
C MET D 294 -57.15 -25.94 31.84
N THR D 295 -57.40 -25.55 30.60
CA THR D 295 -58.39 -26.24 29.79
C THR D 295 -57.84 -27.02 28.61
N THR D 296 -56.55 -26.89 28.27
CA THR D 296 -56.01 -27.68 27.17
C THR D 296 -55.97 -29.16 27.56
N LYS D 297 -56.48 -30.01 26.67
CA LYS D 297 -56.61 -31.45 26.92
C LYS D 297 -57.31 -31.72 28.25
N ALA D 298 -58.27 -30.88 28.61
CA ALA D 298 -58.99 -30.99 29.88
C ALA D 298 -58.01 -30.99 31.05
N GLY D 299 -56.91 -30.25 30.91
CA GLY D 299 -55.95 -30.11 31.99
C GLY D 299 -55.27 -31.37 32.42
N GLN D 300 -55.05 -32.31 31.51
CA GLN D 300 -54.37 -33.57 31.82
C GLN D 300 -52.89 -33.55 31.46
N LYS D 301 -52.29 -32.37 31.32
CA LYS D 301 -50.87 -32.24 31.06
C LYS D 301 -50.10 -32.24 32.38
N CYS D 302 -48.90 -32.81 32.35
CA CYS D 302 -48.06 -32.82 33.54
C CYS D 302 -47.62 -31.42 33.94
N THR D 303 -47.71 -30.46 33.03
CA THR D 303 -47.28 -29.09 33.26
C THR D 303 -48.45 -28.12 33.41
N ALA D 304 -49.68 -28.61 33.50
CA ALA D 304 -50.84 -27.73 33.63
C ALA D 304 -50.80 -27.00 34.97
N ILE D 305 -51.34 -25.79 34.96
CA ILE D 305 -51.27 -24.91 36.12
C ILE D 305 -52.24 -25.41 37.19
N ARG D 306 -51.76 -25.47 38.42
CA ARG D 306 -52.55 -25.95 39.55
C ARG D 306 -52.72 -24.93 40.66
N ARG D 307 -51.79 -24.00 40.82
CA ARG D 307 -51.85 -22.97 41.84
C ARG D 307 -51.69 -21.61 41.18
N ILE D 308 -52.59 -20.69 41.49
CA ILE D 308 -52.56 -19.34 40.97
C ILE D 308 -52.28 -18.41 42.14
N ILE D 309 -51.21 -17.64 42.04
CA ILE D 309 -50.74 -16.81 43.14
C ILE D 309 -50.80 -15.35 42.68
N VAL D 310 -51.66 -14.57 43.32
CA VAL D 310 -51.90 -13.19 42.91
C VAL D 310 -51.75 -12.29 44.12
N PRO D 311 -51.51 -11.00 43.90
CA PRO D 311 -51.46 -10.06 45.03
C PRO D 311 -52.84 -9.89 45.65
N GLN D 312 -52.84 -9.68 46.97
CA GLN D 312 -54.08 -9.62 47.75
C GLN D 312 -55.10 -8.67 47.13
N ALA D 313 -54.65 -7.48 46.72
CA ALA D 313 -55.58 -6.49 46.17
C ALA D 313 -56.23 -6.97 44.88
N LEU D 314 -55.47 -7.68 44.04
CA LEU D 314 -55.94 -8.09 42.72
C LEU D 314 -56.85 -9.30 42.75
N VAL D 315 -57.08 -9.89 43.93
CA VAL D 315 -57.70 -11.21 44.00
C VAL D 315 -59.11 -11.20 43.41
N ASN D 316 -59.92 -10.22 43.82
CA ASN D 316 -61.30 -10.19 43.37
C ASN D 316 -61.40 -9.95 41.88
N ALA D 317 -60.59 -9.05 41.33
CA ALA D 317 -60.61 -8.80 39.90
C ALA D 317 -60.19 -10.04 39.11
N VAL D 318 -59.12 -10.71 39.54
CA VAL D 318 -58.68 -11.91 38.86
C VAL D 318 -59.72 -13.01 38.95
N SER D 319 -60.39 -13.13 40.10
CA SER D 319 -61.37 -14.19 40.28
C SER D 319 -62.61 -13.92 39.44
N ASP D 320 -62.98 -12.65 39.26
CA ASP D 320 -64.03 -12.31 38.31
C ASP D 320 -63.64 -12.70 36.89
N ALA D 321 -62.45 -12.27 36.46
CA ALA D 321 -62.05 -12.46 35.07
C ALA D 321 -61.86 -13.93 34.73
N LEU D 322 -61.33 -14.72 35.66
CA LEU D 322 -61.10 -16.13 35.38
C LEU D 322 -62.42 -16.88 35.17
N VAL D 323 -63.39 -16.68 36.07
CA VAL D 323 -64.67 -17.36 35.91
C VAL D 323 -65.39 -16.84 34.67
N ALA D 324 -65.24 -15.56 34.37
CA ALA D 324 -65.88 -14.99 33.18
C ALA D 324 -65.35 -15.66 31.92
N ARG D 325 -64.03 -15.72 31.76
CA ARG D 325 -63.46 -16.33 30.56
C ARG D 325 -63.66 -17.85 30.57
N LEU D 326 -63.78 -18.44 31.76
CA LEU D 326 -63.82 -19.88 31.93
C LEU D 326 -65.22 -20.46 31.76
N GLN D 327 -66.26 -19.63 31.88
CA GLN D 327 -67.61 -20.11 31.66
C GLN D 327 -67.94 -20.21 30.17
N LYS D 328 -67.21 -19.47 29.33
CA LYS D 328 -67.40 -19.54 27.89
C LYS D 328 -66.76 -20.77 27.27
N VAL D 329 -66.24 -21.69 28.08
CA VAL D 329 -65.63 -22.91 27.55
C VAL D 329 -66.69 -24.00 27.51
N VAL D 330 -66.96 -24.52 26.33
CA VAL D 330 -68.00 -25.53 26.13
C VAL D 330 -67.35 -26.91 26.19
N VAL D 331 -67.81 -27.74 27.12
CA VAL D 331 -67.32 -29.11 27.25
C VAL D 331 -68.33 -30.05 26.60
N GLY D 332 -67.82 -30.96 25.77
CA GLY D 332 -68.69 -31.89 25.08
C GLY D 332 -67.88 -32.76 24.13
N ASP D 333 -68.60 -33.51 23.30
CA ASP D 333 -67.94 -34.37 22.32
C ASP D 333 -67.30 -33.52 21.22
N PRO D 334 -65.98 -33.53 21.07
CA PRO D 334 -65.32 -32.60 20.15
C PRO D 334 -65.74 -32.76 18.70
N ALA D 335 -66.39 -33.86 18.34
CA ALA D 335 -66.88 -34.01 16.97
C ALA D 335 -68.05 -33.07 16.69
N GLN D 336 -68.62 -32.47 17.73
CA GLN D 336 -69.68 -31.48 17.56
C GLN D 336 -69.08 -30.08 17.49
N GLU D 337 -69.66 -29.24 16.63
CA GLU D 337 -69.16 -27.89 16.43
C GLU D 337 -69.60 -26.98 17.56
N GLY D 338 -68.63 -26.31 18.18
CA GLY D 338 -68.85 -25.51 19.36
C GLY D 338 -68.18 -26.04 20.60
N VAL D 339 -67.60 -27.23 20.52
CA VAL D 339 -66.90 -27.85 21.64
C VAL D 339 -65.47 -27.33 21.64
N LYS D 340 -64.98 -26.96 22.82
CA LYS D 340 -63.62 -26.44 22.97
C LYS D 340 -62.77 -27.25 23.92
N MET D 341 -63.38 -28.07 24.78
CA MET D 341 -62.66 -28.85 25.76
C MET D 341 -63.35 -30.19 25.92
N GLY D 342 -62.65 -31.27 25.60
CA GLY D 342 -63.24 -32.59 25.63
C GLY D 342 -63.32 -33.21 27.00
N ALA D 343 -63.06 -34.51 27.09
CA ALA D 343 -63.27 -35.27 28.32
C ALA D 343 -61.95 -35.83 28.83
N LEU D 344 -61.99 -36.31 30.07
CA LEU D 344 -60.91 -37.12 30.59
C LEU D 344 -60.89 -38.47 29.89
N VAL D 345 -59.85 -39.26 30.15
CA VAL D 345 -59.65 -40.46 29.34
C VAL D 345 -60.57 -41.60 29.75
N ASN D 346 -61.05 -41.61 31.00
CA ASN D 346 -61.94 -42.67 31.43
C ASN D 346 -62.63 -42.25 32.74
N ALA D 347 -63.70 -42.98 33.07
CA ALA D 347 -64.46 -42.66 34.27
C ALA D 347 -63.63 -42.82 35.54
N GLU D 348 -62.62 -43.70 35.50
CA GLU D 348 -61.72 -43.85 36.65
C GLU D 348 -60.97 -42.56 36.93
N GLN D 349 -60.45 -41.91 35.89
CA GLN D 349 -59.79 -40.63 36.07
C GLN D 349 -60.77 -39.59 36.59
N ARG D 350 -62.01 -39.62 36.12
CA ARG D 350 -63.01 -38.66 36.59
C ARG D 350 -63.27 -38.84 38.07
N ALA D 351 -63.39 -40.09 38.53
CA ALA D 351 -63.55 -40.35 39.95
C ALA D 351 -62.34 -39.89 40.73
N ASP D 352 -61.14 -40.11 40.20
CA ASP D 352 -59.92 -39.69 40.88
C ASP D 352 -59.87 -38.17 41.03
N VAL D 353 -60.22 -37.44 39.98
CA VAL D 353 -60.19 -35.99 40.02
C VAL D 353 -61.25 -35.46 40.98
N GLN D 354 -62.44 -36.06 40.96
CA GLN D 354 -63.48 -35.65 41.90
C GLN D 354 -63.04 -35.92 43.34
N GLU D 355 -62.35 -37.04 43.57
CA GLU D 355 -61.94 -37.39 44.91
C GLU D 355 -60.85 -36.44 45.42
N LYS D 356 -59.95 -36.02 44.53
CA LYS D 356 -58.96 -35.01 44.91
C LYS D 356 -59.61 -33.66 45.17
N VAL D 357 -60.59 -33.28 44.34
CA VAL D 357 -61.30 -32.01 44.55
C VAL D 357 -62.04 -32.05 45.88
N ASN D 358 -62.63 -33.18 46.23
CA ASN D 358 -63.31 -33.32 47.51
C ASN D 358 -62.33 -33.19 48.66
N ILE D 359 -61.13 -33.76 48.50
CA ILE D 359 -60.11 -33.60 49.53
C ILE D 359 -59.76 -32.13 49.71
N LEU D 360 -59.57 -31.42 48.60
CA LEU D 360 -59.21 -30.00 48.68
C LEU D 360 -60.31 -29.19 49.35
N LEU D 361 -61.58 -29.48 49.03
CA LEU D 361 -62.68 -28.76 49.67
C LEU D 361 -62.76 -29.08 51.16
N ALA D 362 -62.59 -30.35 51.51
CA ALA D 362 -62.58 -30.73 52.92
C ALA D 362 -61.47 -30.02 53.68
N ALA D 363 -60.33 -29.80 53.03
CA ALA D 363 -59.23 -29.05 53.65
C ALA D 363 -59.24 -27.58 53.26
N GLY D 364 -60.38 -26.92 53.42
CA GLY D 364 -60.45 -25.47 53.31
C GLY D 364 -60.30 -24.86 51.93
N CYS D 365 -61.26 -25.09 51.03
CA CYS D 365 -61.25 -24.45 49.73
C CYS D 365 -62.66 -24.05 49.33
N GLU D 366 -62.78 -22.86 48.77
CA GLU D 366 -64.04 -22.30 48.31
C GLU D 366 -64.26 -22.66 46.85
N ILE D 367 -65.50 -22.98 46.49
CA ILE D 367 -65.89 -23.09 45.09
C ILE D 367 -66.02 -21.69 44.53
N ARG D 368 -65.42 -21.47 43.35
CA ARG D 368 -65.70 -20.28 42.56
C ARG D 368 -66.41 -20.62 41.27
N LEU D 369 -66.07 -21.76 40.67
CA LEU D 369 -66.78 -22.32 39.54
C LEU D 369 -66.94 -23.81 39.81
N GLY D 370 -67.85 -24.46 39.10
CA GLY D 370 -68.30 -25.81 39.39
C GLY D 370 -67.24 -26.80 39.80
N GLY D 371 -67.52 -27.62 40.81
CA GLY D 371 -66.56 -28.58 41.32
C GLY D 371 -67.08 -30.00 41.34
N GLN D 372 -68.35 -30.20 41.01
CA GLN D 372 -68.91 -31.54 40.95
C GLN D 372 -69.21 -31.93 39.51
N ALA D 373 -68.88 -33.16 39.15
CA ALA D 373 -69.11 -33.65 37.80
C ALA D 373 -70.23 -34.67 37.79
N ASP D 374 -70.70 -34.99 36.59
CA ASP D 374 -71.71 -36.03 36.38
C ASP D 374 -71.02 -37.37 36.56
N LEU D 375 -71.03 -37.89 37.78
CA LEU D 375 -70.23 -39.06 38.08
C LEU D 375 -70.89 -40.37 37.63
N SER D 376 -71.92 -40.29 36.79
CA SER D 376 -72.57 -41.49 36.28
C SER D 376 -72.82 -41.48 34.78
N ALA D 377 -72.53 -40.38 34.07
CA ALA D 377 -72.76 -40.33 32.64
C ALA D 377 -71.77 -41.20 31.87
N ALA D 378 -72.03 -41.38 30.58
CA ALA D 378 -71.20 -42.25 29.77
C ALA D 378 -69.82 -41.62 29.52
N GLY D 379 -69.79 -40.42 28.95
CA GLY D 379 -68.54 -39.74 28.72
C GLY D 379 -67.90 -39.27 30.01
N ALA D 380 -66.56 -39.22 30.00
CA ALA D 380 -65.79 -38.87 31.18
C ALA D 380 -65.52 -37.36 31.22
N PHE D 381 -66.60 -36.60 31.26
CA PHE D 381 -66.52 -35.15 31.23
C PHE D 381 -66.39 -34.60 32.64
N PHE D 382 -65.56 -33.56 32.77
CA PHE D 382 -65.44 -32.80 34.00
C PHE D 382 -65.64 -31.33 33.67
N PRO D 383 -66.37 -30.58 34.48
CA PRO D 383 -66.51 -29.15 34.22
C PRO D 383 -65.29 -28.40 34.68
N PRO D 384 -64.89 -27.35 33.98
CA PRO D 384 -63.80 -26.48 34.45
C PRO D 384 -64.08 -26.01 35.88
N THR D 385 -63.07 -26.11 36.72
CA THR D 385 -63.20 -25.87 38.15
C THR D 385 -62.14 -24.88 38.59
N LEU D 386 -62.56 -23.85 39.32
CA LEU D 386 -61.64 -22.85 39.85
C LEU D 386 -61.93 -22.72 41.33
N LEU D 387 -60.95 -23.05 42.16
CA LEU D 387 -61.08 -23.06 43.60
C LEU D 387 -60.45 -21.82 44.21
N TYR D 388 -60.74 -21.61 45.48
CA TYR D 388 -60.18 -20.48 46.21
C TYR D 388 -59.68 -20.94 47.56
N CYS D 389 -58.46 -20.56 47.90
CA CYS D 389 -57.87 -20.86 49.19
C CYS D 389 -57.67 -19.56 49.94
N PRO D 390 -58.43 -19.31 51.02
CA PRO D 390 -58.30 -18.01 51.71
C PRO D 390 -57.13 -17.93 52.67
N GLN D 391 -56.72 -19.06 53.24
CA GLN D 391 -55.58 -19.11 54.17
C GLN D 391 -54.47 -19.89 53.48
N PRO D 392 -53.69 -19.23 52.62
CA PRO D 392 -52.73 -20.00 51.79
C PRO D 392 -51.58 -20.58 52.57
N ASP D 393 -51.06 -19.86 53.56
CA ASP D 393 -49.82 -20.30 54.21
C ASP D 393 -50.08 -21.07 55.50
N GLU D 394 -51.32 -21.44 55.79
CA GLU D 394 -51.63 -22.37 56.86
C GLU D 394 -52.55 -23.50 56.43
N THR D 395 -52.74 -23.70 55.13
CA THR D 395 -53.53 -24.79 54.57
C THR D 395 -52.60 -25.70 53.78
N PRO D 396 -51.97 -26.69 54.41
CA PRO D 396 -50.89 -27.43 53.74
C PRO D 396 -51.37 -28.38 52.66
N ALA D 397 -52.68 -28.61 52.56
CA ALA D 397 -53.17 -29.54 51.56
C ALA D 397 -53.12 -28.96 50.15
N VAL D 398 -53.25 -27.64 50.02
CA VAL D 398 -53.26 -27.02 48.69
C VAL D 398 -51.88 -27.04 48.07
N HIS D 399 -50.83 -27.28 48.85
CA HIS D 399 -49.47 -27.39 48.34
C HIS D 399 -49.02 -28.84 48.19
N ALA D 400 -49.94 -29.80 48.36
CA ALA D 400 -49.57 -31.19 48.21
C ALA D 400 -50.56 -32.01 47.41
N THR D 401 -51.75 -31.49 47.10
CA THR D 401 -52.80 -32.25 46.45
C THR D 401 -52.99 -31.75 45.03
N GLU D 402 -52.92 -32.68 44.08
CA GLU D 402 -53.06 -32.36 42.66
C GLU D 402 -54.26 -33.08 42.08
N ALA D 403 -55.29 -32.32 41.74
CA ALA D 403 -56.41 -32.83 40.95
C ALA D 403 -55.98 -32.85 39.50
N PHE D 404 -55.96 -34.04 38.90
CA PHE D 404 -55.39 -34.22 37.56
C PHE D 404 -56.43 -33.96 36.48
N GLY D 405 -56.87 -32.71 36.40
CA GLY D 405 -57.87 -32.32 35.43
C GLY D 405 -58.04 -30.82 35.38
N PRO D 406 -59.16 -30.37 34.82
CA PRO D 406 -59.38 -28.91 34.69
C PRO D 406 -59.72 -28.26 36.03
N VAL D 407 -58.74 -28.24 36.92
CA VAL D 407 -58.93 -27.75 38.29
C VAL D 407 -57.70 -26.93 38.68
N ALA D 408 -57.95 -25.73 39.19
CA ALA D 408 -56.86 -24.89 39.69
C ALA D 408 -57.37 -24.10 40.89
N THR D 409 -56.45 -23.75 41.76
CA THR D 409 -56.75 -23.03 42.99
C THR D 409 -56.13 -21.65 42.93
N LEU D 410 -56.97 -20.63 43.09
CA LEU D 410 -56.52 -19.25 43.24
C LEU D 410 -56.18 -19.00 44.70
N MET D 411 -55.13 -18.22 44.95
CA MET D 411 -54.75 -17.91 46.31
C MET D 411 -54.02 -16.57 46.38
N PRO D 412 -54.18 -15.83 47.47
CA PRO D 412 -53.60 -14.49 47.58
C PRO D 412 -52.18 -14.50 48.14
N ALA D 413 -51.48 -13.39 47.90
CA ALA D 413 -50.11 -13.22 48.35
C ALA D 413 -49.92 -11.81 48.89
N GLN D 414 -48.71 -11.52 49.34
CA GLN D 414 -48.38 -10.23 49.91
C GLN D 414 -46.91 -9.90 49.67
N ASN D 415 -46.64 -8.59 49.55
CA ASN D 415 -45.31 -8.00 49.55
C ASN D 415 -44.30 -8.63 48.60
N GLN D 416 -44.78 -9.36 47.58
CA GLN D 416 -43.96 -9.86 46.48
C GLN D 416 -42.94 -10.90 46.94
N ARG D 417 -42.84 -11.12 48.25
CA ARG D 417 -41.96 -12.12 48.82
C ARG D 417 -42.70 -13.30 49.39
N HIS D 418 -43.86 -13.04 50.01
CA HIS D 418 -44.78 -14.11 50.34
C HIS D 418 -45.16 -14.91 49.10
N ALA D 419 -45.24 -14.24 47.95
CA ALA D 419 -45.53 -14.95 46.71
C ALA D 419 -44.41 -15.92 46.35
N LEU D 420 -43.16 -15.49 46.51
CA LEU D 420 -42.03 -16.37 46.26
C LEU D 420 -42.05 -17.56 47.21
N GLN D 421 -42.31 -17.32 48.49
CA GLN D 421 -42.39 -18.42 49.45
C GLN D 421 -43.52 -19.38 49.09
N LEU D 422 -44.64 -18.85 48.62
CA LEU D 422 -45.77 -19.71 48.25
C LEU D 422 -45.43 -20.54 47.01
N ALA D 423 -44.76 -19.92 46.04
CA ALA D 423 -44.34 -20.66 44.85
C ALA D 423 -43.38 -21.79 45.23
N CYS D 424 -42.49 -21.55 46.20
CA CYS D 424 -41.57 -22.60 46.61
C CYS D 424 -42.22 -23.64 47.51
N ALA D 425 -43.36 -23.33 48.12
CA ALA D 425 -44.03 -24.30 48.99
C ALA D 425 -44.56 -25.52 48.23
N GLY D 426 -44.54 -25.51 46.90
CA GLY D 426 -44.96 -26.67 46.13
C GLY D 426 -44.12 -27.91 46.33
N GLY D 427 -42.87 -27.76 46.78
CA GLY D 427 -42.04 -28.92 47.04
C GLY D 427 -41.31 -29.46 45.83
N GLY D 428 -41.15 -28.65 44.80
CA GLY D 428 -40.55 -29.11 43.56
C GLY D 428 -41.56 -29.26 42.45
N SER D 429 -41.42 -28.49 41.37
CA SER D 429 -42.38 -28.49 40.29
C SER D 429 -41.65 -28.58 38.96
N LEU D 430 -42.38 -28.98 37.92
CA LEU D 430 -41.80 -29.01 36.59
C LEU D 430 -41.74 -27.62 35.97
N ALA D 431 -42.81 -26.83 36.11
CA ALA D 431 -42.93 -25.56 35.41
C ALA D 431 -43.58 -24.50 36.28
N GLY D 432 -43.12 -23.27 36.12
CA GLY D 432 -43.72 -22.12 36.79
C GLY D 432 -43.69 -20.93 35.86
N THR D 433 -44.59 -19.98 36.11
CA THR D 433 -44.75 -18.81 35.25
C THR D 433 -44.86 -17.55 36.10
N LEU D 434 -44.17 -16.50 35.69
CA LEU D 434 -44.28 -15.18 36.30
C LEU D 434 -44.67 -14.18 35.23
N VAL D 435 -45.82 -13.53 35.43
CA VAL D 435 -46.29 -12.48 34.54
C VAL D 435 -45.84 -11.16 35.14
N THR D 436 -44.96 -10.46 34.44
CA THR D 436 -44.39 -9.23 34.96
C THR D 436 -43.91 -8.41 33.77
N ALA D 437 -43.70 -7.13 34.00
CA ALA D 437 -43.06 -6.27 33.02
C ALA D 437 -41.75 -5.70 33.54
N ASP D 438 -41.45 -5.90 34.82
CA ASP D 438 -40.27 -5.35 35.45
C ASP D 438 -39.16 -6.39 35.46
N PRO D 439 -38.01 -6.14 34.81
CA PRO D 439 -36.94 -7.14 34.80
C PRO D 439 -36.34 -7.43 36.17
N GLN D 440 -36.38 -6.47 37.10
CA GLN D 440 -35.85 -6.70 38.44
C GLN D 440 -36.68 -7.73 39.19
N ILE D 441 -38.01 -7.66 39.06
CA ILE D 441 -38.87 -8.64 39.68
C ILE D 441 -38.54 -10.03 39.15
N ALA D 442 -38.28 -10.14 37.85
CA ALA D 442 -38.00 -11.44 37.26
C ALA D 442 -36.66 -11.97 37.74
N ARG D 443 -35.67 -11.09 37.91
CA ARG D 443 -34.40 -11.53 38.47
C ARG D 443 -34.58 -12.07 39.89
N GLN D 444 -35.30 -11.34 40.73
CA GLN D 444 -35.53 -11.81 42.10
C GLN D 444 -36.24 -13.15 42.10
N PHE D 445 -37.30 -13.27 41.30
CA PHE D 445 -38.08 -14.50 41.26
C PHE D 445 -37.22 -15.68 40.84
N ILE D 446 -36.41 -15.51 39.79
CA ILE D 446 -35.52 -16.58 39.36
C ILE D 446 -34.56 -16.94 40.48
N ALA D 447 -33.76 -15.97 40.93
CA ALA D 447 -32.70 -16.25 41.88
C ALA D 447 -33.24 -16.92 43.15
N ASP D 448 -34.52 -16.72 43.47
CA ASP D 448 -35.05 -17.36 44.67
C ASP D 448 -35.83 -18.64 44.41
N ALA D 449 -36.48 -18.81 43.26
CA ALA D 449 -37.36 -19.93 43.05
C ALA D 449 -36.99 -20.85 41.90
N ALA D 450 -35.86 -20.63 41.22
CA ALA D 450 -35.43 -21.57 40.20
C ALA D 450 -35.05 -22.91 40.81
N ARG D 451 -34.59 -22.91 42.06
CA ARG D 451 -34.14 -24.15 42.67
C ARG D 451 -35.28 -25.12 42.98
N THR D 452 -36.53 -24.69 42.89
CA THR D 452 -37.65 -25.61 43.03
C THR D 452 -38.41 -25.81 41.73
N HIS D 453 -37.96 -25.21 40.64
CA HIS D 453 -38.64 -25.36 39.36
C HIS D 453 -37.68 -25.88 38.30
N GLY D 454 -38.15 -26.80 37.46
CA GLY D 454 -37.35 -27.23 36.34
C GLY D 454 -37.37 -26.27 35.18
N ARG D 455 -38.49 -25.58 34.97
CA ARG D 455 -38.63 -24.62 33.90
C ARG D 455 -39.46 -23.44 34.40
N ILE D 456 -39.04 -22.23 34.04
CA ILE D 456 -39.72 -21.01 34.43
C ILE D 456 -39.81 -20.11 33.22
N GLN D 457 -41.00 -19.58 32.94
CA GLN D 457 -41.14 -18.61 31.87
C GLN D 457 -41.58 -17.27 32.45
N ILE D 458 -40.87 -16.22 32.07
CA ILE D 458 -41.26 -14.84 32.35
C ILE D 458 -42.13 -14.38 31.20
N LEU D 459 -43.40 -14.08 31.49
CA LEU D 459 -44.38 -13.81 30.46
C LEU D 459 -44.75 -12.34 30.50
N ASN D 460 -44.21 -11.57 29.57
CA ASN D 460 -44.55 -10.16 29.41
C ASN D 460 -45.12 -9.97 28.01
N GLU D 461 -45.36 -8.72 27.65
CA GLU D 461 -46.03 -8.42 26.38
C GLU D 461 -45.19 -8.86 25.18
N GLU D 462 -43.87 -8.69 25.26
CA GLU D 462 -43.03 -8.99 24.11
C GLU D 462 -42.94 -10.49 23.84
N SER D 463 -42.75 -11.30 24.88
CA SER D 463 -42.60 -12.73 24.66
C SER D 463 -43.92 -13.39 24.31
N ALA D 464 -45.05 -12.74 24.59
CA ALA D 464 -46.36 -13.37 24.42
C ALA D 464 -46.75 -13.58 22.97
N LYS D 465 -46.09 -12.92 22.01
CA LYS D 465 -46.56 -12.99 20.63
C LYS D 465 -46.08 -14.26 19.94
N GLU D 466 -44.98 -14.85 20.43
CA GLU D 466 -44.44 -16.08 19.84
C GLU D 466 -44.17 -17.15 20.90
N SER D 467 -44.50 -16.87 22.15
CA SER D 467 -44.27 -17.83 23.22
C SER D 467 -44.95 -19.16 22.92
N THR D 468 -44.32 -20.25 23.33
CA THR D 468 -44.87 -21.58 23.07
C THR D 468 -45.82 -22.06 24.16
N GLY D 469 -45.75 -21.50 25.35
CA GLY D 469 -46.71 -21.84 26.38
C GLY D 469 -46.05 -22.25 27.69
N HIS D 470 -46.84 -22.23 28.76
CA HIS D 470 -46.37 -22.69 30.06
C HIS D 470 -46.27 -24.21 30.10
N GLY D 471 -47.14 -24.90 29.36
CA GLY D 471 -47.22 -26.34 29.47
C GLY D 471 -46.50 -27.12 28.41
N SER D 472 -45.88 -26.46 27.44
CA SER D 472 -45.30 -27.18 26.32
C SER D 472 -43.81 -27.40 26.53
N PRO D 473 -43.36 -28.64 26.69
CA PRO D 473 -41.92 -28.90 26.79
C PRO D 473 -41.25 -28.79 25.43
N LEU D 474 -40.30 -27.90 25.28
CA LEU D 474 -39.59 -27.88 24.02
C LEU D 474 -38.42 -28.85 24.06
N PRO D 475 -38.11 -29.52 22.95
CA PRO D 475 -37.04 -30.51 22.94
C PRO D 475 -35.69 -29.96 23.33
N GLN D 476 -35.43 -28.67 23.17
CA GLN D 476 -34.13 -28.09 23.48
C GLN D 476 -33.95 -27.76 24.97
N LEU D 477 -35.03 -27.78 25.75
CA LEU D 477 -34.98 -27.38 27.15
C LEU D 477 -35.27 -28.59 28.04
N VAL D 478 -34.60 -28.63 29.20
CA VAL D 478 -34.80 -29.76 30.11
C VAL D 478 -36.26 -29.83 30.55
N HIS D 479 -36.69 -31.03 30.89
CA HIS D 479 -38.05 -31.28 31.35
C HIS D 479 -37.96 -32.15 32.60
N GLY D 480 -38.17 -31.54 33.76
CA GLY D 480 -38.06 -32.27 35.01
C GLY D 480 -38.13 -31.31 36.17
N GLY D 481 -37.82 -31.82 37.36
CA GLY D 481 -37.81 -31.00 38.54
C GLY D 481 -37.48 -31.79 39.79
N PRO D 482 -37.08 -31.10 40.85
CA PRO D 482 -36.70 -31.78 42.08
C PRO D 482 -37.91 -32.23 42.89
N GLY D 483 -37.64 -32.98 43.94
CA GLY D 483 -38.62 -33.24 44.97
C GLY D 483 -39.87 -33.92 44.46
N ARG D 484 -41.01 -33.26 44.71
CA ARG D 484 -42.31 -33.78 44.32
C ARG D 484 -42.40 -34.12 42.84
N ALA D 485 -41.59 -33.48 42.00
CA ALA D 485 -41.64 -33.74 40.57
C ALA D 485 -40.78 -34.92 40.13
N GLY D 486 -40.20 -35.68 41.06
CA GLY D 486 -39.54 -36.94 40.75
C GLY D 486 -38.03 -36.88 40.83
N GLY D 487 -37.43 -35.78 40.38
CA GLY D 487 -36.00 -35.62 40.43
C GLY D 487 -35.30 -35.81 39.12
N GLY D 488 -35.96 -36.40 38.12
CA GLY D 488 -35.32 -36.69 36.85
C GLY D 488 -35.19 -35.47 35.95
N GLU D 489 -34.65 -35.72 34.77
CA GLU D 489 -34.38 -34.70 33.78
C GLU D 489 -34.48 -35.36 32.40
N GLU D 490 -35.30 -34.79 31.53
CA GLU D 490 -35.41 -35.25 30.15
C GLU D 490 -35.21 -34.08 29.21
N LEU D 491 -35.07 -34.40 27.93
CA LEU D 491 -35.18 -33.45 26.82
C LEU D 491 -34.23 -32.27 26.89
N GLY D 492 -33.05 -32.39 27.46
CA GLY D 492 -32.21 -31.20 27.48
C GLY D 492 -31.32 -31.02 26.27
N GLY D 493 -31.86 -31.20 25.07
CA GLY D 493 -30.97 -31.34 23.93
C GLY D 493 -30.15 -32.61 24.03
N LEU D 494 -28.83 -32.48 23.85
CA LEU D 494 -27.93 -33.63 23.87
C LEU D 494 -27.70 -34.18 25.29
N ARG D 495 -28.13 -33.46 26.33
CA ARG D 495 -28.07 -34.01 27.67
C ARG D 495 -28.88 -35.30 27.78
N ALA D 496 -30.04 -35.32 27.11
CA ALA D 496 -30.85 -36.53 27.07
C ALA D 496 -30.10 -37.66 26.38
N VAL D 497 -29.38 -37.37 25.30
CA VAL D 497 -28.55 -38.37 24.65
C VAL D 497 -27.53 -38.95 25.62
N LYS D 498 -26.91 -38.09 26.41
CA LYS D 498 -25.89 -38.58 27.35
C LYS D 498 -26.48 -39.46 28.44
N HIS D 499 -27.77 -39.36 28.72
CA HIS D 499 -28.34 -40.27 29.72
C HIS D 499 -28.26 -41.76 29.34
N TYR D 500 -28.00 -42.09 28.07
CA TYR D 500 -27.93 -43.48 27.63
C TYR D 500 -26.51 -43.92 27.33
N MET D 501 -25.52 -43.17 27.80
CA MET D 501 -24.12 -43.43 27.48
C MET D 501 -23.30 -43.43 28.75
N GLN D 502 -22.16 -44.11 28.69
CA GLN D 502 -21.20 -44.12 29.79
C GLN D 502 -20.10 -43.11 29.47
N ARG D 503 -19.76 -42.29 30.45
CA ARG D 503 -18.68 -41.33 30.34
C ARG D 503 -17.41 -41.92 30.93
N THR D 504 -16.32 -41.84 30.18
CA THR D 504 -15.06 -42.46 30.59
C THR D 504 -13.92 -41.49 30.37
N ALA D 505 -13.08 -41.34 31.40
CA ALA D 505 -11.84 -40.60 31.25
C ALA D 505 -10.77 -41.53 30.71
N VAL D 506 -10.08 -41.10 29.66
CA VAL D 506 -9.06 -41.91 29.01
C VAL D 506 -7.74 -41.17 29.13
N GLN D 507 -6.81 -41.73 29.89
CA GLN D 507 -5.48 -41.18 30.08
C GLN D 507 -4.48 -41.88 29.18
N GLY D 508 -3.49 -41.14 28.70
CA GLY D 508 -2.42 -41.72 27.93
C GLY D 508 -1.66 -40.65 27.20
N SER D 509 -0.82 -41.10 26.27
CA SER D 509 -0.08 -40.16 25.47
C SER D 509 -1.00 -39.51 24.45
N PRO D 510 -0.68 -38.31 23.99
CA PRO D 510 -1.50 -37.68 22.94
C PRO D 510 -1.71 -38.55 21.72
N THR D 511 -0.68 -39.24 21.24
CA THR D 511 -0.82 -40.09 20.06
C THR D 511 -1.86 -41.19 20.27
N MET D 512 -1.81 -41.85 21.42
CA MET D 512 -2.83 -42.84 21.74
C MET D 512 -4.22 -42.23 21.81
N LEU D 513 -4.32 -41.04 22.41
CA LEU D 513 -5.62 -40.40 22.52
C LEU D 513 -6.16 -40.01 21.14
N ALA D 514 -5.27 -39.61 20.23
CA ALA D 514 -5.67 -39.31 18.87
C ALA D 514 -6.18 -40.55 18.16
N ALA D 515 -5.45 -41.65 18.28
CA ALA D 515 -5.90 -42.89 17.64
C ALA D 515 -7.22 -43.37 18.21
N ILE D 516 -7.42 -43.20 19.52
CA ILE D 516 -8.66 -43.65 20.13
C ILE D 516 -9.82 -42.74 19.73
N SER D 517 -9.59 -41.43 19.72
CA SER D 517 -10.62 -40.45 19.39
C SER D 517 -10.98 -40.44 17.91
N LYS D 518 -10.08 -40.89 17.04
CA LYS D 518 -10.19 -40.69 15.61
C LYS D 518 -10.21 -39.21 15.25
N GLN D 519 -9.74 -38.37 16.16
CA GLN D 519 -9.50 -36.95 15.94
C GLN D 519 -8.08 -36.65 16.39
N TRP D 520 -7.40 -35.80 15.63
CA TRP D 520 -6.07 -35.37 16.02
C TRP D 520 -6.14 -34.50 17.27
N VAL D 521 -5.16 -34.65 18.14
CA VAL D 521 -5.08 -33.87 19.37
C VAL D 521 -3.69 -33.26 19.46
N ARG D 522 -3.60 -32.20 20.25
CA ARG D 522 -2.35 -31.46 20.39
CA ARG D 522 -2.35 -31.46 20.37
C ARG D 522 -1.23 -32.34 20.91
N GLY D 523 -0.09 -32.33 20.23
CA GLY D 523 1.06 -33.10 20.61
C GLY D 523 1.13 -34.49 20.00
N ALA D 524 0.18 -34.86 19.16
CA ALA D 524 0.16 -36.19 18.58
C ALA D 524 0.97 -36.23 17.29
N LYS D 525 1.37 -37.45 16.92
CA LYS D 525 2.11 -37.66 15.69
C LYS D 525 1.32 -37.15 14.49
N VAL D 526 2.02 -36.54 13.54
CA VAL D 526 1.40 -36.05 12.32
C VAL D 526 1.98 -36.81 11.12
N GLU D 527 1.32 -36.65 9.99
CA GLU D 527 1.75 -37.26 8.74
C GLU D 527 1.90 -36.18 7.69
N GLU D 528 3.13 -35.99 7.21
CA GLU D 528 3.42 -35.03 6.15
C GLU D 528 3.50 -35.75 4.82
N ASP D 529 2.90 -35.16 3.78
CA ASP D 529 2.55 -35.90 2.58
C ASP D 529 3.26 -35.45 1.32
N ARG D 530 3.80 -34.23 1.27
CA ARG D 530 4.45 -33.65 0.09
C ARG D 530 3.41 -33.19 -0.95
N ILE D 531 2.14 -33.48 -0.70
CA ILE D 531 1.02 -32.84 -1.38
C ILE D 531 0.31 -31.94 -0.37
N HIS D 532 0.01 -30.71 -0.78
CA HIS D 532 -0.67 -29.77 0.10
C HIS D 532 -2.01 -30.34 0.56
N PRO D 533 -2.35 -30.21 1.85
CA PRO D 533 -3.61 -30.80 2.34
C PRO D 533 -4.87 -30.23 1.73
N PHE D 534 -4.87 -28.97 1.29
CA PHE D 534 -6.05 -28.38 0.65
C PHE D 534 -6.33 -28.94 -0.73
N ARG D 535 -5.49 -29.81 -1.26
CA ARG D 535 -5.74 -30.41 -2.57
C ARG D 535 -6.37 -31.78 -2.47
N LYS D 536 -6.55 -32.30 -1.26
CA LYS D 536 -7.14 -33.60 -1.07
C LYS D 536 -8.64 -33.49 -0.92
N TYR D 537 -9.36 -34.39 -1.57
CA TYR D 537 -10.80 -34.50 -1.37
C TYR D 537 -11.08 -35.04 0.03
N PHE D 538 -12.35 -34.95 0.42
CA PHE D 538 -12.73 -35.31 1.78
C PHE D 538 -12.27 -36.72 2.14
N GLU D 539 -12.62 -37.73 1.33
CA GLU D 539 -12.32 -39.11 1.67
C GLU D 539 -10.82 -39.37 1.76
N GLU D 540 -10.01 -38.60 1.03
CA GLU D 540 -8.57 -38.77 1.07
C GLU D 540 -7.91 -38.20 2.32
N LEU D 541 -8.58 -37.29 3.01
CA LEU D 541 -8.03 -36.65 4.19
C LEU D 541 -8.11 -37.57 5.41
N GLN D 542 -7.09 -37.50 6.25
CA GLN D 542 -7.05 -38.18 7.54
C GLN D 542 -6.68 -37.18 8.61
N PRO D 543 -7.27 -37.30 9.81
CA PRO D 543 -6.79 -36.50 10.95
C PRO D 543 -5.32 -36.76 11.20
N GLY D 544 -4.56 -35.69 11.37
CA GLY D 544 -3.12 -35.79 11.50
C GLY D 544 -2.36 -35.48 10.23
N ASP D 545 -3.03 -35.31 9.10
CA ASP D 545 -2.38 -34.79 7.90
C ASP D 545 -1.96 -33.34 8.12
N SER D 546 -0.69 -33.06 7.91
CA SER D 546 -0.10 -31.84 8.43
C SER D 546 0.85 -31.22 7.42
N LEU D 547 0.92 -29.89 7.46
CA LEU D 547 1.76 -29.12 6.58
C LEU D 547 2.50 -28.08 7.39
N LEU D 548 3.82 -28.03 7.25
CA LEU D 548 4.63 -26.93 7.77
C LEU D 548 4.84 -25.91 6.66
N THR D 549 4.36 -24.70 6.85
CA THR D 549 4.46 -23.67 5.86
C THR D 549 5.87 -23.05 5.86
N PRO D 550 6.18 -22.20 4.90
CA PRO D 550 7.39 -21.37 5.00
C PRO D 550 7.20 -20.22 5.98
N ARG D 551 8.27 -19.46 6.13
CA ARG D 551 8.36 -18.43 7.15
C ARG D 551 8.11 -17.04 6.57
N ARG D 552 7.68 -16.14 7.43
CA ARG D 552 7.54 -14.72 7.12
C ARG D 552 8.07 -13.91 8.29
N THR D 553 9.04 -13.05 8.01
CA THR D 553 9.63 -12.19 9.02
C THR D 553 8.77 -10.94 9.19
N MET D 554 8.36 -10.66 10.42
CA MET D 554 7.59 -9.46 10.71
C MET D 554 8.49 -8.23 10.71
N THR D 555 7.94 -7.11 10.25
CA THR D 555 8.68 -5.87 10.15
C THR D 555 7.82 -4.74 10.70
N GLU D 556 8.47 -3.60 10.96
CA GLU D 556 7.75 -2.38 11.27
C GLU D 556 6.80 -1.99 10.15
N ALA D 557 7.23 -2.24 8.90
CA ALA D 557 6.41 -1.89 7.75
C ALA D 557 5.10 -2.67 7.76
N ASP D 558 5.11 -3.91 8.27
CA ASP D 558 3.90 -4.70 8.35
C ASP D 558 2.93 -4.11 9.36
N ILE D 559 3.44 -3.67 10.51
CA ILE D 559 2.60 -3.03 11.52
C ILE D 559 1.95 -1.78 10.93
N VAL D 560 2.75 -0.96 10.25
CA VAL D 560 2.23 0.27 9.66
C VAL D 560 1.18 -0.04 8.60
N ASN D 561 1.48 -0.95 7.68
CA ASN D 561 0.56 -1.24 6.59
C ASN D 561 -0.74 -1.85 7.08
N PHE D 562 -0.68 -2.75 8.06
CA PHE D 562 -1.91 -3.33 8.57
C PHE D 562 -2.73 -2.31 9.35
N ALA D 563 -2.09 -1.55 10.25
CA ALA D 563 -2.81 -0.49 10.94
C ALA D 563 -3.53 0.42 9.95
N CYS D 564 -2.84 0.83 8.89
CA CYS D 564 -3.46 1.69 7.90
C CYS D 564 -4.63 1.01 7.22
N LEU D 565 -4.41 -0.18 6.66
CA LEU D 565 -5.44 -0.82 5.84
C LEU D 565 -6.68 -1.16 6.67
N SER D 566 -6.50 -1.66 7.89
CA SER D 566 -7.64 -2.03 8.72
C SER D 566 -8.24 -0.84 9.47
N GLY D 567 -7.44 0.18 9.75
CA GLY D 567 -7.89 1.32 10.53
C GLY D 567 -7.65 1.21 12.02
N ASP D 568 -7.05 0.12 12.49
CA ASP D 568 -6.79 -0.07 13.91
C ASP D 568 -5.46 0.57 14.27
N HIS D 569 -5.53 1.71 14.97
CA HIS D 569 -4.35 2.42 15.43
C HIS D 569 -4.25 2.41 16.96
N PHE D 570 -4.55 1.25 17.55
CA PHE D 570 -4.36 1.07 18.98
C PHE D 570 -2.93 1.43 19.38
N TYR D 571 -2.78 2.12 20.51
CA TYR D 571 -1.48 2.67 20.89
C TYR D 571 -0.42 1.58 21.04
N ALA D 572 -0.82 0.34 21.34
CA ALA D 572 0.18 -0.72 21.49
C ALA D 572 0.92 -1.02 20.20
N HIS D 573 0.39 -0.63 19.05
CA HIS D 573 1.04 -0.83 17.77
C HIS D 573 1.58 0.44 17.15
N MET D 574 0.96 1.60 17.39
CA MET D 574 1.28 2.82 16.64
C MET D 574 1.93 3.93 17.46
N ASP D 575 2.09 3.77 18.77
CA ASP D 575 2.55 4.84 19.65
C ASP D 575 3.73 4.33 20.46
N LYS D 576 4.92 4.82 20.13
CA LYS D 576 6.14 4.33 20.76
C LYS D 576 6.22 4.71 22.23
N ILE D 577 5.77 5.93 22.56
CA ILE D 577 5.83 6.43 23.94
C ILE D 577 4.88 5.65 24.83
N ALA D 578 3.64 5.47 24.39
CA ALA D 578 2.69 4.70 25.18
C ALA D 578 3.07 3.24 25.25
N ALA D 579 3.59 2.68 24.16
CA ALA D 579 4.01 1.28 24.18
C ALA D 579 5.13 1.04 25.17
N ALA D 580 6.10 1.97 25.25
CA ALA D 580 7.18 1.81 26.22
C ALA D 580 6.67 1.66 27.64
N GLU D 581 5.56 2.31 27.98
CA GLU D 581 4.95 2.18 29.29
C GLU D 581 3.90 1.09 29.36
N SER D 582 3.85 0.19 28.38
CA SER D 582 2.90 -0.92 28.45
C SER D 582 3.56 -2.14 29.07
N ILE D 583 2.81 -3.22 29.16
CA ILE D 583 3.34 -4.46 29.72
C ILE D 583 4.35 -5.10 28.77
N PHE D 584 4.12 -4.99 27.47
CA PHE D 584 5.05 -5.56 26.50
C PHE D 584 6.37 -4.78 26.49
N GLY D 585 6.30 -3.45 26.63
CA GLY D 585 7.49 -2.63 26.67
C GLY D 585 7.90 -2.02 25.35
N GLU D 586 7.22 -2.35 24.26
CA GLU D 586 7.46 -1.74 22.96
C GLU D 586 6.30 -2.09 22.04
N ARG D 587 6.35 -1.57 20.82
CA ARG D 587 5.29 -1.82 19.86
C ARG D 587 5.31 -3.27 19.39
N VAL D 588 4.13 -3.88 19.29
CA VAL D 588 3.97 -5.26 18.83
C VAL D 588 3.08 -5.31 17.59
N VAL D 589 3.02 -6.47 16.96
CA VAL D 589 2.20 -6.70 15.77
C VAL D 589 0.76 -6.96 16.18
N HIS D 590 -0.18 -6.50 15.36
CA HIS D 590 -1.60 -6.79 15.57
C HIS D 590 -1.86 -8.29 15.57
N GLY D 591 -2.64 -8.76 16.54
CA GLY D 591 -3.04 -10.15 16.55
C GLY D 591 -3.77 -10.56 15.29
N TYR D 592 -4.66 -9.68 14.81
CA TYR D 592 -5.39 -9.99 13.58
C TYR D 592 -4.47 -10.07 12.38
N PHE D 593 -3.35 -9.34 12.39
CA PHE D 593 -2.40 -9.51 11.31
C PHE D 593 -1.66 -10.84 11.41
N VAL D 594 -1.36 -11.31 12.62
CA VAL D 594 -0.79 -12.65 12.74
C VAL D 594 -1.76 -13.68 12.17
N LEU D 595 -3.04 -13.53 12.48
CA LEU D 595 -4.07 -14.41 11.92
C LEU D 595 -4.10 -14.36 10.39
N SER D 596 -4.16 -13.15 9.82
CA SER D 596 -4.23 -13.01 8.36
C SER D 596 -2.98 -13.52 7.66
N ALA D 597 -1.80 -13.15 8.15
CA ALA D 597 -0.56 -13.63 7.54
C ALA D 597 -0.41 -15.15 7.68
N ALA D 598 -0.96 -15.75 8.74
CA ALA D 598 -0.93 -17.20 8.84
C ALA D 598 -1.78 -17.83 7.75
N ALA D 599 -3.00 -17.33 7.57
CA ALA D 599 -3.82 -17.78 6.44
C ALA D 599 -3.09 -17.59 5.12
N GLY D 600 -2.37 -16.48 4.96
CA GLY D 600 -1.58 -16.27 3.76
C GLY D 600 -0.45 -17.27 3.60
N LEU D 601 0.05 -17.82 4.70
CA LEU D 601 1.11 -18.83 4.62
C LEU D 601 0.56 -20.20 4.25
N PHE D 602 -0.64 -20.58 4.75
CA PHE D 602 -1.07 -21.97 4.54
C PHE D 602 -2.15 -22.16 3.47
N VAL D 603 -2.89 -21.13 3.09
CA VAL D 603 -3.99 -21.31 2.15
C VAL D 603 -3.45 -21.63 0.77
N ASP D 604 -4.04 -22.63 0.12
CA ASP D 604 -3.74 -22.97 -1.26
C ASP D 604 -4.62 -22.14 -2.20
N ALA D 605 -3.99 -21.45 -3.15
CA ALA D 605 -4.68 -20.43 -3.94
C ALA D 605 -5.62 -21.01 -4.98
N GLY D 606 -5.21 -22.08 -5.67
CA GLY D 606 -5.95 -22.51 -6.84
C GLY D 606 -7.23 -23.27 -6.49
N VAL D 607 -8.08 -23.41 -7.50
CA VAL D 607 -9.32 -24.17 -7.36
C VAL D 607 -9.01 -25.59 -6.91
N GLY D 608 -9.73 -26.05 -5.90
CA GLY D 608 -9.55 -27.38 -5.38
C GLY D 608 -10.74 -27.83 -4.54
N PRO D 609 -10.55 -28.87 -3.74
CA PRO D 609 -11.67 -29.40 -2.93
C PRO D 609 -12.17 -28.46 -1.86
N VAL D 610 -11.31 -27.61 -1.28
CA VAL D 610 -11.75 -26.72 -0.22
C VAL D 610 -12.68 -25.67 -0.80
N ILE D 611 -13.90 -25.60 -0.27
CA ILE D 611 -14.96 -24.78 -0.84
C ILE D 611 -15.15 -23.49 -0.04
N ALA D 612 -15.20 -23.60 1.28
CA ALA D 612 -15.50 -22.46 2.14
C ALA D 612 -14.67 -22.53 3.41
N ASN D 613 -14.60 -21.41 4.12
CA ASN D 613 -13.90 -21.35 5.41
C ASN D 613 -14.86 -21.00 6.55
N TYR D 614 -15.50 -19.85 6.49
CA TYR D 614 -16.71 -19.54 7.26
C TYR D 614 -16.63 -19.66 8.79
N GLY D 615 -15.49 -19.99 9.39
CA GLY D 615 -15.53 -20.22 10.82
C GLY D 615 -14.19 -20.38 11.49
N LEU D 616 -14.05 -19.73 12.64
CA LEU D 616 -12.87 -19.81 13.50
C LEU D 616 -13.34 -20.06 14.92
N GLU D 617 -12.65 -20.94 15.65
CA GLU D 617 -13.26 -21.56 16.83
C GLU D 617 -12.73 -21.08 18.18
N SER D 618 -11.42 -21.05 18.37
CA SER D 618 -10.94 -20.68 19.70
C SER D 618 -9.56 -20.06 19.55
N LEU D 619 -9.54 -18.74 19.39
CA LEU D 619 -8.31 -18.01 19.12
C LEU D 619 -7.83 -17.33 20.39
N ARG D 620 -6.64 -17.70 20.84
CA ARG D 620 -5.97 -17.05 21.95
C ARG D 620 -4.63 -16.56 21.45
N PHE D 621 -4.27 -15.33 21.82
CA PHE D 621 -2.95 -14.79 21.50
C PHE D 621 -2.08 -14.97 22.73
N ILE D 622 -1.08 -15.84 22.61
CA ILE D 622 -0.28 -16.31 23.73
C ILE D 622 0.88 -15.35 23.98
N GLU D 623 1.75 -15.23 22.99
CA GLU D 623 2.92 -14.38 23.11
C GLU D 623 2.84 -13.24 22.12
N PRO D 624 3.33 -12.06 22.49
CA PRO D 624 3.39 -10.95 21.54
C PRO D 624 4.44 -11.20 20.47
N VAL D 625 4.15 -10.70 19.28
CA VAL D 625 5.06 -10.79 18.13
C VAL D 625 5.61 -9.39 17.87
N LYS D 626 6.92 -9.29 17.81
CA LYS D 626 7.62 -8.03 17.63
C LYS D 626 8.20 -7.93 16.23
N PRO D 627 8.42 -6.71 15.73
CA PRO D 627 9.22 -6.55 14.51
C PRO D 627 10.59 -7.22 14.67
N GLY D 628 10.95 -8.03 13.69
CA GLY D 628 12.14 -8.83 13.75
C GLY D 628 11.90 -10.30 14.03
N ASP D 629 10.71 -10.67 14.49
CA ASP D 629 10.37 -12.06 14.68
C ASP D 629 9.94 -12.69 13.37
N THR D 630 10.16 -13.99 13.26
CA THR D 630 9.83 -14.75 12.05
C THR D 630 8.83 -15.82 12.45
N ILE D 631 7.69 -15.85 11.79
CA ILE D 631 6.61 -16.75 12.16
C ILE D 631 6.51 -17.87 11.14
N GLN D 632 5.98 -19.00 11.59
CA GLN D 632 5.82 -20.21 10.78
C GLN D 632 4.59 -20.93 11.31
N VAL D 633 3.92 -21.65 10.43
CA VAL D 633 2.61 -22.21 10.72
C VAL D 633 2.67 -23.71 10.52
N ARG D 634 2.00 -24.46 11.39
CA ARG D 634 1.67 -25.85 11.13
C ARG D 634 0.15 -26.00 11.05
N LEU D 635 -0.33 -26.56 9.95
CA LEU D 635 -1.74 -26.79 9.70
C LEU D 635 -1.98 -28.29 9.72
N THR D 636 -2.76 -28.75 10.68
CA THR D 636 -3.06 -30.17 10.82
C THR D 636 -4.56 -30.38 10.74
N CYS D 637 -4.96 -31.36 9.93
CA CYS D 637 -6.34 -31.80 9.87
C CYS D 637 -6.73 -32.44 11.19
N LYS D 638 -7.73 -31.87 11.85
CA LYS D 638 -8.08 -32.25 13.21
C LYS D 638 -9.29 -33.17 13.29
N ARG D 639 -10.37 -32.86 12.57
CA ARG D 639 -11.62 -33.61 12.70
C ARG D 639 -12.37 -33.52 11.38
N LYS D 640 -13.00 -34.63 10.99
CA LYS D 640 -13.84 -34.66 9.79
C LYS D 640 -15.26 -35.08 10.15
N THR D 641 -16.24 -34.45 9.51
CA THR D 641 -17.65 -34.79 9.71
C THR D 641 -18.36 -34.73 8.37
N LEU D 642 -18.77 -35.88 7.87
CA LEU D 642 -19.51 -35.96 6.62
C LEU D 642 -20.89 -35.31 6.76
N LYS D 643 -21.33 -34.66 5.69
CA LYS D 643 -22.66 -34.06 5.63
C LYS D 643 -23.51 -34.82 4.64
N LYS D 644 -24.67 -35.30 5.10
CA LYS D 644 -25.55 -36.09 4.26
C LYS D 644 -26.18 -35.22 3.18
N GLN D 645 -26.16 -35.71 1.95
CA GLN D 645 -26.86 -35.03 0.87
C GLN D 645 -28.35 -35.03 1.16
N ARG D 646 -28.95 -33.85 1.12
CA ARG D 646 -30.38 -33.69 1.37
C ARG D 646 -31.22 -33.88 0.12
N SER D 647 -30.59 -34.19 -1.01
CA SER D 647 -31.25 -34.36 -2.30
C SER D 647 -30.33 -35.22 -3.15
N ALA D 648 -30.61 -35.27 -4.45
CA ALA D 648 -29.67 -35.82 -5.42
C ALA D 648 -28.92 -34.73 -6.17
N GLU D 649 -29.36 -33.48 -6.08
CA GLU D 649 -28.71 -32.38 -6.78
C GLU D 649 -27.50 -31.84 -6.04
N GLU D 650 -27.60 -31.67 -4.72
CA GLU D 650 -26.54 -30.99 -3.98
C GLU D 650 -25.23 -31.76 -4.10
N LYS D 651 -24.14 -31.02 -4.15
CA LYS D 651 -22.84 -31.65 -4.27
C LYS D 651 -22.36 -32.11 -2.90
N PRO D 652 -21.82 -33.32 -2.79
CA PRO D 652 -21.51 -33.89 -1.47
C PRO D 652 -20.31 -33.23 -0.83
N THR D 653 -20.50 -32.69 0.37
CA THR D 653 -19.46 -32.02 1.12
C THR D 653 -19.32 -32.66 2.50
N GLY D 654 -18.26 -32.29 3.18
CA GLY D 654 -18.08 -32.61 4.58
C GLY D 654 -17.41 -31.45 5.28
N VAL D 655 -17.51 -31.43 6.58
CA VAL D 655 -16.89 -30.40 7.40
C VAL D 655 -15.53 -30.90 7.85
N VAL D 656 -14.51 -30.08 7.71
CA VAL D 656 -13.18 -30.37 8.23
C VAL D 656 -12.77 -29.24 9.16
N GLU D 657 -12.43 -29.59 10.39
CA GLU D 657 -11.82 -28.69 11.35
C GLU D 657 -10.31 -28.86 11.28
N TRP D 658 -9.59 -27.76 11.23
CA TRP D 658 -8.13 -27.80 11.17
C TRP D 658 -7.55 -27.09 12.37
N ALA D 659 -6.56 -27.71 13.00
CA ALA D 659 -5.78 -27.06 14.04
C ALA D 659 -4.70 -26.21 13.38
N VAL D 660 -4.55 -24.97 13.84
CA VAL D 660 -3.53 -24.06 13.33
C VAL D 660 -2.64 -23.65 14.50
N GLU D 661 -1.34 -23.80 14.34
CA GLU D 661 -0.36 -23.39 15.34
C GLU D 661 0.65 -22.44 14.72
N VAL D 662 0.75 -21.22 15.26
CA VAL D 662 1.67 -20.19 14.78
C VAL D 662 2.85 -20.11 15.74
N PHE D 663 4.05 -20.37 15.23
CA PHE D 663 5.28 -20.40 16.01
C PHE D 663 6.18 -19.23 15.64
N ASN D 664 6.97 -18.76 16.60
CA ASN D 664 8.04 -17.83 16.28
C ASN D 664 9.35 -18.60 16.09
N GLN D 665 10.47 -17.87 16.01
CA GLN D 665 11.74 -18.48 15.69
C GLN D 665 12.38 -19.21 16.87
N HIS D 666 11.87 -19.02 18.09
CA HIS D 666 12.24 -19.88 19.22
C HIS D 666 11.35 -21.11 19.32
N GLN D 667 10.63 -21.47 18.27
CA GLN D 667 9.61 -22.51 18.26
C GLN D 667 8.57 -22.31 19.35
N THR D 668 8.41 -21.09 19.83
CA THR D 668 7.41 -20.78 20.82
C THR D 668 6.07 -20.54 20.15
N PRO D 669 5.00 -21.18 20.61
CA PRO D 669 3.68 -20.89 20.04
C PRO D 669 3.24 -19.48 20.40
N VAL D 670 2.80 -18.73 19.41
CA VAL D 670 2.27 -17.41 19.62
C VAL D 670 0.77 -17.30 19.32
N ALA D 671 0.18 -18.30 18.67
CA ALA D 671 -1.24 -18.28 18.40
C ALA D 671 -1.71 -19.72 18.18
N LEU D 672 -2.88 -20.03 18.71
CA LEU D 672 -3.47 -21.36 18.62
C LEU D 672 -4.96 -21.20 18.35
N TYR D 673 -5.48 -21.94 17.38
CA TYR D 673 -6.90 -21.85 17.05
C TYR D 673 -7.25 -22.94 16.04
N SER D 674 -8.55 -23.05 15.78
CA SER D 674 -9.10 -23.99 14.82
C SER D 674 -9.85 -23.23 13.76
N ILE D 675 -9.83 -23.72 12.54
CA ILE D 675 -10.68 -23.17 11.50
C ILE D 675 -11.62 -24.28 11.05
N LEU D 676 -12.81 -23.90 10.64
CA LEU D 676 -13.74 -24.82 10.02
C LEU D 676 -13.72 -24.60 8.53
N THR D 677 -13.86 -25.68 7.76
CA THR D 677 -13.93 -25.55 6.31
C THR D 677 -15.00 -26.48 5.78
N LEU D 678 -15.39 -26.25 4.55
CA LEU D 678 -16.28 -27.15 3.85
C LEU D 678 -15.48 -27.74 2.70
N VAL D 679 -15.42 -29.07 2.63
CA VAL D 679 -14.55 -29.78 1.71
C VAL D 679 -15.38 -30.74 0.89
N ALA D 680 -15.13 -30.80 -0.41
CA ALA D 680 -15.93 -31.60 -1.32
C ALA D 680 -15.57 -33.08 -1.23
N ARG D 681 -16.55 -33.93 -1.48
CA ARG D 681 -16.39 -35.36 -1.49
C ARG D 681 -16.29 -35.88 -2.92
N GLN D 682 -15.68 -37.06 -3.08
CA GLN D 682 -15.63 -37.71 -4.38
C GLN D 682 -16.88 -38.53 -4.64
N HIS D 683 -17.54 -39.00 -3.59
CA HIS D 683 -18.67 -39.90 -3.71
C HIS D 683 -19.80 -39.44 -2.81
N GLY D 684 -20.91 -39.03 -3.42
CA GLY D 684 -22.11 -38.71 -2.69
C GLY D 684 -22.84 -39.95 -2.22
N ASP D 685 -23.92 -39.72 -1.48
CA ASP D 685 -24.76 -40.82 -1.02
C ASP D 685 -26.23 -40.44 -1.17
N PHE D 686 -26.54 -39.64 -2.18
CA PHE D 686 -27.90 -39.24 -2.57
C PHE D 686 -28.84 -38.91 -1.41
N GLN E 9 15.10 -16.12 -83.83
CA GLN E 9 14.87 -15.42 -82.56
C GLN E 9 15.98 -15.78 -81.58
N GLN E 10 17.04 -14.97 -81.55
CA GLN E 10 18.16 -15.27 -80.68
C GLN E 10 18.03 -14.55 -79.34
N LEU E 11 18.36 -15.27 -78.28
CA LEU E 11 18.16 -14.83 -76.90
C LEU E 11 19.26 -13.85 -76.52
N ALA E 12 18.89 -12.68 -76.03
CA ALA E 12 19.84 -11.61 -75.77
C ALA E 12 20.43 -11.70 -74.36
N SER E 13 21.59 -11.08 -74.20
CA SER E 13 22.28 -10.96 -72.93
C SER E 13 22.31 -9.49 -72.50
N PHE E 14 22.14 -9.25 -71.20
CA PHE E 14 22.11 -7.89 -70.68
C PHE E 14 23.40 -7.61 -69.92
N LEU E 15 24.38 -7.03 -70.61
CA LEU E 15 25.63 -6.66 -69.95
C LEU E 15 26.03 -5.26 -70.37
N SER E 16 26.77 -4.59 -69.47
CA SER E 16 27.19 -3.20 -69.66
C SER E 16 26.02 -2.27 -69.94
N GLY E 17 24.82 -2.67 -69.51
CA GLY E 17 23.63 -1.87 -69.69
C GLY E 17 22.95 -1.99 -71.03
N THR E 18 23.38 -2.90 -71.90
CA THR E 18 22.83 -3.03 -73.24
C THR E 18 22.34 -4.44 -73.49
N TRP E 19 21.14 -4.55 -74.07
CA TRP E 19 20.62 -5.82 -74.54
C TRP E 19 21.32 -6.18 -75.85
N GLN E 20 22.13 -7.22 -75.83
CA GLN E 20 22.95 -7.60 -76.97
C GLN E 20 23.01 -9.11 -77.07
N SER E 21 23.54 -9.60 -78.19
CA SER E 21 23.67 -11.03 -78.43
C SER E 21 25.06 -11.33 -79.01
N GLY E 22 25.30 -12.62 -79.24
CA GLY E 22 26.56 -13.08 -79.77
C GLY E 22 26.42 -13.70 -81.16
N ARG E 23 27.56 -14.11 -81.71
CA ARG E 23 27.61 -14.63 -83.08
C ARG E 23 28.67 -15.71 -83.17
N GLY E 24 28.28 -16.89 -83.65
CA GLY E 24 29.18 -18.01 -83.78
C GLY E 24 28.48 -19.33 -83.60
N ARG E 25 29.09 -20.25 -82.86
CA ARG E 25 28.43 -21.53 -82.59
C ARG E 25 27.33 -21.33 -81.54
N SER E 26 26.08 -21.48 -81.96
CA SER E 26 24.93 -21.28 -81.11
C SER E 26 24.49 -22.61 -80.52
N ARG E 27 23.58 -22.54 -79.55
CA ARG E 27 22.86 -23.69 -79.06
C ARG E 27 21.36 -23.40 -79.11
N LEU E 28 20.57 -24.43 -79.32
CA LEU E 28 19.13 -24.29 -79.52
C LEU E 28 18.40 -24.69 -78.26
N ILE E 29 17.29 -23.99 -77.98
CA ILE E 29 16.35 -24.37 -76.95
C ILE E 29 15.14 -24.96 -77.66
N HIS E 30 14.82 -26.21 -77.34
CA HIS E 30 13.67 -26.87 -77.93
C HIS E 30 12.50 -26.86 -76.96
N HIS E 31 11.30 -26.98 -77.52
CA HIS E 31 10.11 -27.10 -76.71
C HIS E 31 10.05 -28.51 -76.13
N ALA E 32 9.84 -28.61 -74.83
CA ALA E 32 9.88 -29.91 -74.17
C ALA E 32 8.75 -30.83 -74.61
N ILE E 33 7.61 -30.28 -75.03
CA ILE E 33 6.47 -31.10 -75.38
C ILE E 33 6.46 -31.37 -76.88
N SER E 34 6.56 -30.31 -77.68
CA SER E 34 6.46 -30.47 -79.13
C SER E 34 7.78 -30.90 -79.74
N GLY E 35 8.89 -30.34 -79.27
CA GLY E 35 10.20 -30.68 -79.80
C GLY E 35 10.79 -29.67 -80.75
N GLU E 36 10.08 -28.57 -81.00
CA GLU E 36 10.56 -27.58 -81.96
C GLU E 36 11.60 -26.66 -81.35
N ALA E 37 12.59 -26.30 -82.14
CA ALA E 37 13.60 -25.33 -81.70
C ALA E 37 13.02 -23.93 -81.76
N LEU E 38 12.83 -23.32 -80.58
CA LEU E 38 12.16 -22.02 -80.51
C LEU E 38 13.03 -20.89 -80.00
N TRP E 39 14.32 -21.13 -79.75
CA TRP E 39 15.28 -20.08 -79.44
C TRP E 39 16.68 -20.53 -79.87
N GLU E 40 17.49 -19.56 -80.29
CA GLU E 40 18.91 -19.76 -80.48
C GLU E 40 19.65 -18.97 -79.41
N VAL E 41 20.75 -19.54 -78.90
CA VAL E 41 21.46 -19.01 -77.75
C VAL E 41 22.95 -18.99 -78.07
N THR E 42 23.58 -17.82 -77.91
CA THR E 42 25.00 -17.66 -78.15
C THR E 42 25.44 -16.34 -77.55
N SER E 43 26.69 -16.29 -77.07
CA SER E 43 27.23 -15.05 -76.52
C SER E 43 28.68 -14.83 -76.94
N GLU E 44 29.05 -15.25 -78.14
CA GLU E 44 30.43 -15.10 -78.58
C GLU E 44 30.72 -13.66 -78.99
N GLY E 45 31.92 -13.21 -78.70
CA GLY E 45 32.32 -11.86 -79.03
C GLY E 45 31.93 -10.80 -78.03
N LEU E 46 31.11 -11.14 -77.04
CA LEU E 46 30.73 -10.18 -76.01
C LEU E 46 31.90 -9.93 -75.08
N ASP E 47 32.01 -8.69 -74.61
CA ASP E 47 33.14 -8.27 -73.79
C ASP E 47 32.80 -8.54 -72.33
N MET E 48 33.30 -9.66 -71.80
CA MET E 48 33.02 -10.01 -70.41
C MET E 48 33.72 -9.08 -69.44
N ALA E 49 34.94 -8.64 -69.78
CA ALA E 49 35.67 -7.74 -68.91
C ALA E 49 34.95 -6.41 -68.76
N ALA E 50 34.38 -5.91 -69.87
CA ALA E 50 33.62 -4.67 -69.79
C ALA E 50 32.37 -4.85 -68.93
N ALA E 51 31.73 -6.01 -69.01
CA ALA E 51 30.55 -6.28 -68.20
C ALA E 51 30.89 -6.31 -66.71
N ARG E 52 32.00 -6.96 -66.36
CA ARG E 52 32.41 -6.97 -64.96
C ARG E 52 32.77 -5.57 -64.48
N GLN E 53 33.52 -4.81 -65.29
CA GLN E 53 33.90 -3.47 -64.88
C GLN E 53 32.68 -2.56 -64.79
N PHE E 54 31.64 -2.85 -65.57
CA PHE E 54 30.40 -2.10 -65.47
C PHE E 54 29.66 -2.43 -64.20
N ALA E 55 29.63 -3.71 -63.82
CA ALA E 55 29.03 -4.09 -62.54
C ALA E 55 29.77 -3.44 -61.37
N ILE E 56 31.09 -3.36 -61.47
CA ILE E 56 31.89 -2.96 -60.32
C ILE E 56 31.95 -1.44 -60.18
N GLU E 57 32.14 -0.72 -61.29
CA GLU E 57 32.40 0.71 -61.16
C GLU E 57 31.12 1.52 -60.94
N LYS E 58 29.97 0.98 -61.30
CA LYS E 58 28.76 1.76 -61.06
C LYS E 58 27.64 1.01 -60.35
N GLY E 59 27.53 -0.30 -60.51
CA GLY E 59 26.50 -1.04 -59.78
C GLY E 59 26.83 -1.15 -58.30
N ALA E 60 28.07 -1.52 -57.98
CA ALA E 60 28.44 -1.81 -56.61
C ALA E 60 28.45 -0.58 -55.71
N PRO E 61 29.02 0.58 -56.09
CA PRO E 61 28.96 1.72 -55.16
C PRO E 61 27.56 2.26 -54.98
N ALA E 62 26.72 2.13 -56.02
CA ALA E 62 25.31 2.48 -55.89
C ALA E 62 24.61 1.58 -54.88
N LEU E 63 24.86 0.27 -54.92
CA LEU E 63 24.23 -0.62 -53.96
C LEU E 63 24.80 -0.43 -52.56
N ARG E 64 26.08 -0.08 -52.47
CA ARG E 64 26.71 0.08 -51.16
C ARG E 64 26.35 1.39 -50.49
N ALA E 65 25.92 2.39 -51.26
CA ALA E 65 25.47 3.62 -50.63
C ALA E 65 24.15 3.45 -49.90
N MET E 66 23.33 2.47 -50.30
CA MET E 66 22.07 2.24 -49.62
C MET E 66 22.29 1.56 -48.27
N THR E 67 21.44 1.88 -47.30
CA THR E 67 21.46 1.15 -46.05
C THR E 67 20.79 -0.20 -46.25
N PHE E 68 20.89 -1.06 -45.23
CA PHE E 68 20.27 -2.37 -45.33
C PHE E 68 18.75 -2.26 -45.42
N ILE E 69 18.18 -1.24 -44.77
CA ILE E 69 16.74 -1.02 -44.80
C ILE E 69 16.29 -0.62 -46.19
N GLU E 70 17.07 0.24 -46.88
CA GLU E 70 16.73 0.62 -48.25
C GLU E 70 16.84 -0.58 -49.19
N ARG E 71 17.81 -1.46 -48.95
CA ARG E 71 17.97 -2.61 -49.83
C ARG E 71 16.85 -3.62 -49.62
N ALA E 72 16.40 -3.79 -48.37
CA ALA E 72 15.24 -4.62 -48.10
C ALA E 72 13.98 -4.04 -48.74
N ALA E 73 13.81 -2.72 -48.68
CA ALA E 73 12.68 -2.08 -49.36
C ALA E 73 12.75 -2.30 -50.87
N MET E 74 13.96 -2.28 -51.43
CA MET E 74 14.12 -2.54 -52.85
C MET E 74 13.76 -3.98 -53.20
N LEU E 75 14.19 -4.94 -52.38
CA LEU E 75 13.78 -6.32 -52.57
C LEU E 75 12.27 -6.45 -52.58
N LYS E 76 11.58 -5.75 -51.67
CA LYS E 76 10.13 -5.88 -51.59
C LYS E 76 9.45 -5.26 -52.81
N ALA E 77 9.91 -4.08 -53.25
CA ALA E 77 9.36 -3.47 -54.45
C ALA E 77 9.55 -4.36 -55.67
N VAL E 78 10.73 -4.97 -55.79
CA VAL E 78 10.99 -5.86 -56.92
C VAL E 78 10.11 -7.10 -56.85
N ALA E 79 9.91 -7.64 -55.64
CA ALA E 79 9.05 -8.81 -55.51
C ALA E 79 7.63 -8.48 -55.95
N LYS E 80 7.11 -7.32 -55.54
CA LYS E 80 5.75 -6.95 -55.95
C LYS E 80 5.66 -6.78 -57.46
N HIS E 81 6.62 -6.07 -58.06
CA HIS E 81 6.58 -5.87 -59.50
C HIS E 81 6.68 -7.18 -60.26
N LEU E 82 7.47 -8.13 -59.76
CA LEU E 82 7.55 -9.45 -60.39
C LEU E 82 6.23 -10.18 -60.24
N LEU E 83 5.59 -10.04 -59.08
CA LEU E 83 4.34 -10.76 -58.83
C LEU E 83 3.24 -10.31 -59.77
N SER E 84 3.16 -9.00 -60.04
CA SER E 84 2.12 -8.52 -60.96
C SER E 84 2.25 -9.13 -62.35
N GLU E 85 3.46 -9.38 -62.83
CA GLU E 85 3.71 -9.83 -64.19
C GLU E 85 3.90 -11.35 -64.30
N LYS E 86 3.34 -12.12 -63.37
CA LYS E 86 3.67 -13.54 -63.31
C LYS E 86 3.07 -14.35 -64.46
N GLU E 87 2.00 -13.87 -65.10
CA GLU E 87 1.38 -14.62 -66.19
C GLU E 87 2.36 -14.88 -67.33
N ARG E 88 3.14 -13.86 -67.68
CA ARG E 88 4.17 -14.03 -68.70
C ARG E 88 5.13 -15.16 -68.33
N PHE E 89 5.55 -15.19 -67.07
CA PHE E 89 6.45 -16.25 -66.61
C PHE E 89 5.79 -17.62 -66.69
N TYR E 90 4.50 -17.71 -66.33
CA TYR E 90 3.81 -18.98 -66.43
C TYR E 90 3.75 -19.45 -67.88
N ALA E 91 3.46 -18.54 -68.81
CA ALA E 91 3.39 -18.93 -70.21
C ALA E 91 4.74 -19.38 -70.73
N LEU E 92 5.82 -18.76 -70.24
CA LEU E 92 7.14 -19.22 -70.67
C LEU E 92 7.50 -20.56 -70.02
N SER E 93 7.11 -20.77 -68.76
CA SER E 93 7.36 -22.05 -68.09
C SER E 93 6.59 -23.18 -68.75
N ALA E 94 5.47 -22.87 -69.40
CA ALA E 94 4.78 -23.90 -70.19
C ALA E 94 5.71 -24.56 -71.21
N GLN E 95 6.64 -23.81 -71.78
CA GLN E 95 7.55 -24.36 -72.79
C GLN E 95 8.56 -25.34 -72.21
N THR E 96 8.70 -25.38 -70.89
CA THR E 96 9.72 -26.19 -70.24
C THR E 96 9.28 -27.62 -70.02
N GLY E 97 7.98 -27.91 -70.06
CA GLY E 97 7.49 -29.23 -69.75
C GLY E 97 6.89 -29.34 -68.37
N ALA E 98 6.40 -28.25 -67.82
CA ALA E 98 5.95 -28.20 -66.44
C ALA E 98 4.44 -28.03 -66.37
N THR E 99 3.80 -28.81 -65.49
CA THR E 99 2.41 -28.56 -65.14
C THR E 99 2.32 -27.23 -64.40
N ARG E 100 1.08 -26.81 -64.09
CA ARG E 100 0.90 -25.51 -63.45
C ARG E 100 1.35 -25.52 -62.00
N ALA E 101 1.36 -26.69 -61.37
CA ALA E 101 1.83 -26.76 -59.99
C ALA E 101 3.34 -26.62 -59.90
N ASP E 102 4.06 -27.22 -60.86
CA ASP E 102 5.51 -27.08 -60.91
C ASP E 102 5.92 -25.64 -61.17
N SER E 103 5.32 -25.03 -62.20
CA SER E 103 5.59 -23.62 -62.45
C SER E 103 5.16 -22.76 -61.27
N TRP E 104 4.12 -23.17 -60.56
CA TRP E 104 3.74 -22.43 -59.37
C TRP E 104 4.86 -22.45 -58.34
N VAL E 105 5.39 -23.64 -58.03
CA VAL E 105 6.44 -23.70 -57.02
C VAL E 105 7.64 -22.88 -57.47
N ASP E 106 8.03 -22.99 -58.74
CA ASP E 106 9.17 -22.22 -59.23
C ASP E 106 8.93 -20.70 -59.11
N ILE E 107 7.88 -20.21 -59.77
CA ILE E 107 7.64 -18.77 -59.87
C ILE E 107 7.37 -18.19 -58.49
N GLU E 108 6.33 -18.70 -57.81
CA GLU E 108 5.91 -18.12 -56.55
C GLU E 108 6.90 -18.42 -55.43
N GLY E 109 7.70 -19.48 -55.54
CA GLY E 109 8.74 -19.70 -54.56
C GLY E 109 9.89 -18.73 -54.70
N GLY E 110 10.27 -18.41 -55.95
CA GLY E 110 11.27 -17.35 -56.13
C GLY E 110 10.79 -16.02 -55.58
N ILE E 111 9.56 -15.63 -55.95
CA ILE E 111 9.06 -14.34 -55.47
C ILE E 111 8.89 -14.35 -53.95
N GLY E 112 8.45 -15.48 -53.39
CA GLY E 112 8.36 -15.58 -51.94
C GLY E 112 9.71 -15.52 -51.26
N THR E 113 10.76 -16.03 -51.91
CA THR E 113 12.11 -15.87 -51.36
C THR E 113 12.48 -14.39 -51.29
N LEU E 114 12.18 -13.64 -52.35
CA LEU E 114 12.39 -12.19 -52.28
C LEU E 114 11.64 -11.57 -51.11
N PHE E 115 10.37 -11.92 -50.96
CA PHE E 115 9.57 -11.33 -49.89
C PHE E 115 10.10 -11.70 -48.50
N THR E 116 10.53 -12.95 -48.33
CA THR E 116 11.05 -13.39 -47.05
C THR E 116 12.34 -12.67 -46.69
N TYR E 117 13.26 -12.56 -47.64
CA TYR E 117 14.50 -11.85 -47.35
C TYR E 117 14.25 -10.37 -47.10
N ALA E 118 13.27 -9.77 -47.80
CA ALA E 118 12.90 -8.39 -47.52
C ALA E 118 12.43 -8.21 -46.08
N SER E 119 11.49 -9.06 -45.65
CA SER E 119 10.98 -8.96 -44.28
C SER E 119 12.08 -9.19 -43.27
N LEU E 120 12.90 -10.22 -43.49
CA LEU E 120 13.92 -10.61 -42.53
C LEU E 120 14.97 -9.50 -42.39
N GLY E 121 15.37 -8.92 -43.53
CA GLY E 121 16.30 -7.81 -43.50
C GLY E 121 15.73 -6.58 -42.82
N SER E 122 14.53 -6.15 -43.22
CA SER E 122 13.95 -4.96 -42.60
C SER E 122 13.73 -5.19 -41.11
N ARG E 123 13.62 -6.45 -40.68
CA ARG E 123 13.30 -6.70 -39.30
C ARG E 123 14.55 -6.79 -38.41
N GLU E 124 15.69 -7.24 -38.95
CA GLU E 124 16.81 -7.40 -38.03
C GLU E 124 18.16 -7.02 -38.64
N LEU E 125 18.19 -6.06 -39.55
CA LEU E 125 19.47 -5.56 -40.04
C LEU E 125 19.61 -4.09 -39.66
N PRO E 126 20.84 -3.59 -39.47
CA PRO E 126 21.00 -2.21 -39.02
C PRO E 126 20.59 -1.21 -40.08
N ASP E 127 20.20 -0.03 -39.62
CA ASP E 127 19.93 1.10 -40.51
C ASP E 127 21.26 1.81 -40.81
N ASP E 128 22.10 1.12 -41.56
CA ASP E 128 23.46 1.57 -41.81
C ASP E 128 23.97 0.85 -43.04
N THR E 129 25.17 1.22 -43.45
CA THR E 129 25.86 0.51 -44.52
C THR E 129 26.86 -0.50 -43.99
N LEU E 130 27.19 -0.42 -42.70
CA LEU E 130 27.98 -1.42 -41.98
C LEU E 130 27.04 -2.25 -41.12
N TRP E 131 27.52 -3.40 -40.67
CA TRP E 131 26.72 -4.32 -39.86
C TRP E 131 27.55 -4.85 -38.69
N PRO E 132 27.35 -4.33 -37.47
CA PRO E 132 27.96 -4.93 -36.28
C PRO E 132 27.20 -6.19 -35.89
N GLU E 133 27.90 -7.33 -35.86
CA GLU E 133 27.18 -8.58 -35.71
C GLU E 133 27.11 -9.10 -34.28
N ASP E 134 28.09 -8.81 -33.45
CA ASP E 134 28.06 -9.27 -32.07
C ASP E 134 28.12 -8.06 -31.13
N GLU E 135 28.01 -8.32 -29.84
CA GLU E 135 28.15 -7.27 -28.86
C GLU E 135 29.63 -6.96 -28.62
N LEU E 136 29.88 -5.87 -27.90
CA LEU E 136 31.25 -5.48 -27.58
C LEU E 136 31.94 -6.55 -26.75
N ILE E 137 33.17 -6.89 -27.14
CA ILE E 137 33.97 -7.88 -26.44
C ILE E 137 34.99 -7.13 -25.58
N PRO E 138 34.91 -7.20 -24.25
CA PRO E 138 35.89 -6.50 -23.42
C PRO E 138 37.23 -7.23 -23.43
N LEU E 139 38.31 -6.45 -23.54
CA LEU E 139 39.64 -7.02 -23.63
C LEU E 139 40.64 -6.38 -22.67
N SER E 140 40.20 -5.83 -21.54
CA SER E 140 41.14 -5.21 -20.62
C SER E 140 40.50 -5.06 -19.25
N LYS E 141 41.31 -4.57 -18.30
CA LYS E 141 40.85 -4.40 -16.94
C LYS E 141 40.11 -3.08 -16.75
N GLU E 142 40.75 -1.97 -17.11
CA GLU E 142 40.12 -0.66 -16.89
C GLU E 142 39.11 -0.30 -17.96
N GLY E 143 39.14 -0.96 -19.11
CA GLY E 143 38.12 -0.77 -20.12
C GLY E 143 38.54 0.04 -21.33
N GLY E 144 39.80 0.44 -21.43
CA GLY E 144 40.24 1.23 -22.55
C GLY E 144 40.41 0.49 -23.86
N PHE E 145 40.26 -0.83 -23.88
CA PHE E 145 40.57 -1.64 -25.04
C PHE E 145 39.56 -2.77 -25.17
N ALA E 146 38.82 -2.76 -26.29
CA ALA E 146 37.76 -3.73 -26.54
C ALA E 146 37.75 -4.05 -28.02
N ALA E 147 36.79 -4.87 -28.45
CA ALA E 147 36.68 -5.23 -29.85
C ALA E 147 35.28 -5.68 -30.17
N ARG E 148 34.90 -5.55 -31.43
CA ARG E 148 33.69 -6.19 -31.95
C ARG E 148 33.89 -6.48 -33.43
N HIS E 149 33.05 -7.38 -33.94
CA HIS E 149 33.12 -7.81 -35.33
C HIS E 149 32.15 -7.00 -36.19
N LEU E 150 32.62 -6.57 -37.35
CA LEU E 150 31.80 -5.86 -38.31
C LEU E 150 31.78 -6.58 -39.65
N LEU E 151 30.65 -6.49 -40.32
CA LEU E 151 30.50 -6.99 -41.67
C LEU E 151 30.35 -5.81 -42.62
N THR E 152 31.16 -5.78 -43.68
CA THR E 152 31.05 -4.79 -44.72
C THR E 152 30.96 -5.51 -46.06
N SER E 153 30.36 -4.85 -47.05
CA SER E 153 30.17 -5.46 -48.36
C SER E 153 31.50 -5.67 -49.08
N LYS E 154 31.61 -6.78 -49.79
CA LYS E 154 32.70 -6.94 -50.74
C LYS E 154 32.50 -5.98 -51.91
N SER E 155 33.61 -5.53 -52.49
CA SER E 155 33.56 -4.53 -53.54
C SER E 155 33.35 -5.13 -54.93
N GLY E 156 33.49 -6.43 -55.08
CA GLY E 156 33.45 -7.07 -56.38
C GLY E 156 32.05 -7.35 -56.91
N VAL E 157 31.96 -8.38 -57.74
CA VAL E 157 30.72 -8.80 -58.36
C VAL E 157 30.51 -10.28 -58.06
N ALA E 158 29.26 -10.67 -57.88
CA ALA E 158 28.89 -12.05 -57.60
C ALA E 158 28.39 -12.71 -58.87
N VAL E 159 29.07 -13.78 -59.28
CA VAL E 159 28.70 -14.54 -60.47
C VAL E 159 27.94 -15.78 -60.01
N HIS E 160 26.74 -15.95 -60.54
CA HIS E 160 25.88 -17.08 -60.18
C HIS E 160 25.64 -17.94 -61.40
N ILE E 161 26.19 -19.14 -61.39
CA ILE E 161 26.05 -20.09 -62.49
C ILE E 161 24.99 -21.10 -62.10
N ASN E 162 23.80 -20.99 -62.69
CA ASN E 162 22.63 -21.70 -62.23
C ASN E 162 22.33 -22.91 -63.11
N ALA E 163 21.55 -23.83 -62.55
CA ALA E 163 21.13 -25.04 -63.24
C ALA E 163 19.76 -24.85 -63.88
N PHE E 164 19.36 -25.80 -64.72
CA PHE E 164 18.11 -25.65 -65.45
C PHE E 164 16.88 -26.01 -64.63
N ASN E 165 17.05 -26.63 -63.47
CA ASN E 165 15.92 -27.17 -62.72
C ASN E 165 14.89 -26.10 -62.39
N PHE E 166 15.34 -25.02 -61.76
CA PHE E 166 14.47 -23.95 -61.25
C PHE E 166 14.97 -22.63 -61.81
N PRO E 167 14.62 -22.29 -63.05
CA PRO E 167 15.20 -21.10 -63.69
C PRO E 167 14.85 -19.80 -63.00
N CYS E 168 13.74 -19.71 -62.27
CA CYS E 168 13.40 -18.51 -61.53
C CYS E 168 13.79 -18.58 -60.06
N TRP E 169 13.39 -19.65 -59.36
CA TRP E 169 13.78 -19.77 -57.96
C TRP E 169 15.28 -19.83 -57.82
N GLY E 170 15.96 -20.53 -58.73
CA GLY E 170 17.40 -20.65 -58.63
C GLY E 170 18.10 -19.33 -58.78
N MET E 171 17.54 -18.42 -59.58
CA MET E 171 18.13 -17.11 -59.72
C MET E 171 17.86 -16.25 -58.49
N LEU E 172 16.64 -16.28 -57.98
CA LEU E 172 16.22 -15.31 -56.98
C LEU E 172 16.70 -15.70 -55.58
N GLU E 173 16.79 -17.00 -55.30
CA GLU E 173 17.29 -17.43 -54.01
C GLU E 173 18.75 -17.04 -53.80
N LYS E 174 19.51 -16.87 -54.87
CA LYS E 174 20.86 -16.32 -54.78
C LYS E 174 20.86 -14.80 -54.88
N LEU E 175 20.00 -14.23 -55.73
CA LEU E 175 20.01 -12.79 -55.96
C LEU E 175 19.61 -12.02 -54.71
N ALA E 176 18.66 -12.52 -53.94
CA ALA E 176 18.21 -11.78 -52.76
C ALA E 176 19.32 -11.53 -51.74
N PRO E 177 20.06 -12.54 -51.28
CA PRO E 177 21.17 -12.25 -50.35
C PRO E 177 22.29 -11.48 -50.98
N THR E 178 22.52 -11.63 -52.29
CA THR E 178 23.56 -10.86 -52.95
C THR E 178 23.29 -9.38 -52.83
N TRP E 179 22.10 -8.94 -53.23
CA TRP E 179 21.75 -7.52 -53.12
C TRP E 179 21.70 -7.07 -51.68
N LEU E 180 21.07 -7.85 -50.81
CA LEU E 180 21.01 -7.45 -49.40
C LEU E 180 22.42 -7.27 -48.82
N GLY E 181 23.38 -8.05 -49.29
CA GLY E 181 24.76 -7.87 -48.91
C GLY E 181 25.48 -6.73 -49.59
N GLY E 182 24.88 -6.16 -50.63
CA GLY E 182 25.43 -4.98 -51.28
C GLY E 182 26.30 -5.26 -52.47
N MET E 183 26.11 -6.39 -53.14
CA MET E 183 26.93 -6.77 -54.27
C MET E 183 26.13 -6.81 -55.56
N PRO E 184 26.70 -6.34 -56.67
CA PRO E 184 26.07 -6.59 -57.96
C PRO E 184 26.20 -8.05 -58.36
N ALA E 185 25.26 -8.52 -59.17
CA ALA E 185 25.21 -9.92 -59.57
C ALA E 185 25.30 -10.05 -61.08
N ILE E 186 26.12 -10.99 -61.54
CA ILE E 186 26.13 -11.43 -62.93
C ILE E 186 25.57 -12.85 -62.93
N ILE E 187 24.52 -13.06 -63.70
CA ILE E 187 23.80 -14.33 -63.69
C ILE E 187 24.03 -15.04 -65.01
N LYS E 188 24.38 -16.32 -64.93
CA LYS E 188 24.60 -17.17 -66.10
C LYS E 188 23.71 -18.40 -65.96
N PRO E 189 22.53 -18.40 -66.57
CA PRO E 189 21.63 -19.54 -66.40
C PRO E 189 22.08 -20.71 -67.26
N ALA E 190 21.41 -21.84 -67.05
CA ALA E 190 21.63 -23.00 -67.91
C ALA E 190 21.02 -22.73 -69.27
N THR E 191 21.76 -23.08 -70.32
CA THR E 191 21.33 -22.76 -71.67
C THR E 191 19.99 -23.41 -72.00
N ALA E 192 19.68 -24.56 -71.39
CA ALA E 192 18.50 -25.32 -71.79
C ALA E 192 17.21 -24.63 -71.40
N THR E 193 17.24 -23.66 -70.48
CA THR E 193 16.03 -22.97 -70.05
C THR E 193 16.28 -21.47 -69.82
N ALA E 194 17.20 -20.87 -70.56
CA ALA E 194 17.59 -19.49 -70.26
C ALA E 194 16.51 -18.50 -70.65
N GLN E 195 15.57 -18.91 -71.51
CA GLN E 195 14.51 -18.02 -71.96
C GLN E 195 13.65 -17.54 -70.80
N LEU E 196 13.55 -18.33 -69.73
CA LEU E 196 12.69 -17.96 -68.62
C LEU E 196 13.43 -17.03 -67.66
N THR E 197 14.74 -17.20 -67.55
CA THR E 197 15.54 -16.26 -66.76
C THR E 197 15.59 -14.90 -67.43
N GLN E 198 15.68 -14.89 -68.76
CA GLN E 198 15.78 -13.62 -69.47
C GLN E 198 14.58 -12.72 -69.21
N ALA E 199 13.38 -13.31 -69.17
CA ALA E 199 12.18 -12.50 -69.00
C ALA E 199 12.10 -11.90 -67.61
N MET E 200 12.54 -12.65 -66.61
CA MET E 200 12.56 -12.12 -65.25
C MET E 200 13.60 -11.01 -65.12
N VAL E 201 14.75 -11.17 -65.78
CA VAL E 201 15.75 -10.11 -65.77
C VAL E 201 15.20 -8.86 -66.46
N LYS E 202 14.42 -9.05 -67.53
CA LYS E 202 13.86 -7.92 -68.24
C LYS E 202 12.79 -7.20 -67.42
N SER E 203 11.95 -7.96 -66.71
CA SER E 203 11.04 -7.36 -65.76
C SER E 203 11.77 -6.50 -64.74
N ILE E 204 12.81 -7.06 -64.09
CA ILE E 204 13.54 -6.32 -63.06
C ILE E 204 14.17 -5.07 -63.65
N VAL E 205 14.75 -5.18 -64.84
CA VAL E 205 15.48 -4.05 -65.42
C VAL E 205 14.53 -2.96 -65.91
N ASP E 206 13.41 -3.34 -66.52
CA ASP E 206 12.44 -2.38 -67.02
C ASP E 206 11.55 -1.82 -65.93
N SER E 207 11.60 -2.36 -64.72
CA SER E 207 10.89 -1.73 -63.61
C SER E 207 11.52 -0.41 -63.17
N GLY E 208 12.81 -0.21 -63.44
CA GLY E 208 13.51 0.93 -62.91
C GLY E 208 13.69 0.94 -61.40
N LEU E 209 13.46 -0.19 -60.74
CA LEU E 209 13.48 -0.25 -59.28
C LEU E 209 14.88 -0.43 -58.71
N VAL E 210 15.82 -0.94 -59.48
CA VAL E 210 17.13 -1.29 -58.93
C VAL E 210 18.18 -0.36 -59.52
N PRO E 211 19.32 -0.17 -58.85
CA PRO E 211 20.36 0.70 -59.39
C PRO E 211 20.89 0.18 -60.71
N GLU E 212 21.57 1.05 -61.45
CA GLU E 212 22.13 0.67 -62.73
C GLU E 212 23.38 -0.17 -62.52
N GLY E 213 23.50 -1.25 -63.28
CA GLY E 213 24.61 -2.16 -63.12
C GLY E 213 24.47 -3.13 -61.98
N ALA E 214 23.31 -3.18 -61.32
CA ALA E 214 23.10 -4.07 -60.20
C ALA E 214 22.68 -5.46 -60.62
N ILE E 215 22.45 -5.69 -61.92
CA ILE E 215 22.04 -6.99 -62.43
C ILE E 215 22.52 -7.12 -63.86
N SER E 216 23.24 -8.19 -64.14
CA SER E 216 23.70 -8.52 -65.49
C SER E 216 23.36 -9.98 -65.77
N LEU E 217 23.29 -10.31 -67.05
CA LEU E 217 22.80 -11.62 -67.48
C LEU E 217 23.57 -12.08 -68.70
N ILE E 218 24.17 -13.26 -68.60
CA ILE E 218 24.89 -13.87 -69.71
C ILE E 218 24.10 -15.08 -70.18
N CYS E 219 23.48 -14.95 -71.35
CA CYS E 219 22.80 -16.05 -72.01
C CYS E 219 23.81 -16.73 -72.91
N GLY E 220 24.12 -18.00 -72.61
CA GLY E 220 25.14 -18.71 -73.35
C GLY E 220 26.36 -19.03 -72.53
N SER E 221 27.54 -18.92 -73.14
CA SER E 221 28.78 -19.29 -72.49
C SER E 221 29.39 -18.10 -71.77
N ALA E 222 30.14 -18.38 -70.71
CA ALA E 222 30.75 -17.32 -69.90
C ALA E 222 32.04 -16.79 -70.49
N GLY E 223 32.53 -17.38 -71.56
CA GLY E 223 33.73 -16.86 -72.21
C GLY E 223 34.93 -16.96 -71.30
N ASP E 224 35.64 -15.85 -71.12
CA ASP E 224 36.78 -15.77 -70.22
C ASP E 224 36.49 -14.89 -69.01
N LEU E 225 35.25 -14.93 -68.52
CA LEU E 225 34.88 -14.06 -67.41
C LEU E 225 35.62 -14.43 -66.13
N LEU E 226 35.74 -15.73 -65.85
CA LEU E 226 36.41 -16.15 -64.61
C LEU E 226 37.88 -15.77 -64.59
N ASP E 227 38.53 -15.70 -65.75
CA ASP E 227 39.92 -15.27 -65.80
C ASP E 227 40.10 -13.81 -65.39
N HIS E 228 39.05 -13.01 -65.46
CA HIS E 228 39.13 -11.59 -65.12
C HIS E 228 38.66 -11.27 -63.71
N LEU E 229 38.33 -12.27 -62.91
CA LEU E 229 37.87 -12.04 -61.55
C LEU E 229 39.04 -11.86 -60.59
N ASP E 230 38.82 -11.01 -59.59
CA ASP E 230 39.80 -10.85 -58.52
C ASP E 230 39.21 -11.27 -57.17
N SER E 231 39.93 -11.01 -56.09
CA SER E 231 39.61 -11.63 -54.81
C SER E 231 38.42 -11.01 -54.09
N GLN E 232 37.86 -9.93 -54.62
CA GLN E 232 36.67 -9.32 -54.04
C GLN E 232 35.38 -9.82 -54.68
N ASP E 233 35.46 -10.81 -55.57
CA ASP E 233 34.31 -11.42 -56.23
C ASP E 233 33.98 -12.75 -55.57
N VAL E 234 32.82 -13.29 -55.90
CA VAL E 234 32.41 -14.62 -55.44
C VAL E 234 31.75 -15.35 -56.60
N VAL E 235 31.85 -16.68 -56.58
CA VAL E 235 31.26 -17.53 -57.61
C VAL E 235 30.42 -18.61 -56.94
N THR E 236 29.23 -18.85 -57.46
CA THR E 236 28.40 -19.97 -57.03
C THR E 236 28.08 -20.82 -58.25
N PHE E 237 28.03 -22.14 -58.06
CA PHE E 237 27.72 -23.06 -59.14
C PHE E 237 26.70 -24.08 -58.67
N THR E 238 25.68 -24.30 -59.50
CA THR E 238 24.74 -25.41 -59.33
C THR E 238 24.75 -26.21 -60.62
N GLY E 239 24.84 -27.53 -60.49
CA GLY E 239 24.86 -28.36 -61.68
C GLY E 239 25.59 -29.66 -61.41
N SER E 240 26.07 -30.26 -62.50
CA SER E 240 26.76 -31.54 -62.43
C SER E 240 28.09 -31.39 -61.69
N ALA E 241 28.58 -32.53 -61.17
CA ALA E 241 29.77 -32.50 -60.34
C ALA E 241 31.03 -32.27 -61.15
N ALA E 242 31.08 -32.80 -62.38
CA ALA E 242 32.28 -32.65 -63.20
C ALA E 242 32.52 -31.19 -63.55
N THR E 243 31.48 -30.50 -64.01
CA THR E 243 31.59 -29.08 -64.36
C THR E 243 31.97 -28.25 -63.14
N GLY E 244 31.33 -28.49 -62.00
CA GLY E 244 31.65 -27.72 -60.81
C GLY E 244 33.07 -27.94 -60.33
N GLN E 245 33.50 -29.20 -60.31
CA GLN E 245 34.85 -29.50 -59.85
C GLN E 245 35.90 -28.98 -60.83
N MET E 246 35.53 -28.85 -62.10
CA MET E 246 36.42 -28.19 -63.05
C MET E 246 36.51 -26.70 -62.76
N LEU E 247 35.38 -26.06 -62.47
CA LEU E 247 35.42 -24.64 -62.11
C LEU E 247 36.20 -24.41 -60.83
N ARG E 248 36.17 -25.36 -59.90
CA ARG E 248 36.79 -25.15 -58.60
C ARG E 248 38.32 -25.06 -58.70
N VAL E 249 38.90 -25.63 -59.74
CA VAL E 249 40.34 -25.55 -59.95
C VAL E 249 40.69 -24.59 -61.08
N GLN E 250 39.77 -23.73 -61.47
CA GLN E 250 40.08 -22.66 -62.41
C GLN E 250 41.30 -21.90 -61.92
N PRO E 251 42.33 -21.72 -62.75
CA PRO E 251 43.60 -21.18 -62.23
C PRO E 251 43.46 -19.79 -61.63
N ASN E 252 42.67 -18.91 -62.23
CA ASN E 252 42.45 -17.59 -61.65
C ASN E 252 41.74 -17.69 -60.30
N ILE E 253 40.72 -18.55 -60.22
CA ILE E 253 39.92 -18.66 -58.99
C ILE E 253 40.78 -19.16 -57.83
N VAL E 254 41.73 -20.06 -58.11
CA VAL E 254 42.58 -20.57 -57.03
C VAL E 254 43.74 -19.64 -56.73
N ALA E 255 44.23 -18.89 -57.72
CA ALA E 255 45.37 -18.01 -57.48
C ALA E 255 44.97 -16.81 -56.64
N LYS E 256 43.75 -16.33 -56.78
CA LYS E 256 43.29 -15.14 -56.08
C LYS E 256 42.47 -15.46 -54.84
N SER E 257 42.26 -16.74 -54.53
CA SER E 257 41.47 -17.16 -53.39
C SER E 257 40.03 -16.65 -53.48
N ILE E 258 39.45 -16.80 -54.65
CA ILE E 258 38.07 -16.32 -54.86
C ILE E 258 37.11 -17.32 -54.23
N PRO E 259 36.21 -16.88 -53.35
CA PRO E 259 35.27 -17.83 -52.73
C PRO E 259 34.41 -18.51 -53.79
N PHE E 260 34.31 -19.82 -53.68
CA PHE E 260 33.63 -20.65 -54.67
C PHE E 260 32.72 -21.62 -53.94
N THR E 261 31.43 -21.60 -54.27
CA THR E 261 30.44 -22.46 -53.65
C THR E 261 29.79 -23.33 -54.71
N MET E 262 29.81 -24.64 -54.49
CA MET E 262 29.25 -25.59 -55.42
C MET E 262 28.12 -26.38 -54.78
N GLU E 263 27.06 -26.62 -55.56
CA GLU E 263 26.01 -27.56 -55.19
C GLU E 263 25.84 -28.54 -56.34
N ALA E 264 25.86 -29.83 -56.03
CA ALA E 264 25.93 -30.89 -57.04
C ALA E 264 24.79 -31.89 -56.86
N ASP E 265 24.89 -33.02 -57.55
CA ASP E 265 23.88 -34.05 -57.49
C ASP E 265 24.00 -34.86 -56.21
N SER E 266 22.86 -35.15 -55.59
CA SER E 266 22.83 -35.88 -54.33
C SER E 266 21.78 -36.97 -54.40
N LEU E 267 22.02 -38.04 -53.64
CA LEU E 267 21.09 -39.17 -53.56
C LEU E 267 20.27 -39.06 -52.28
N ASN E 268 19.21 -38.28 -52.36
CA ASN E 268 18.36 -38.04 -51.21
C ASN E 268 17.56 -39.29 -50.86
N CYS E 269 17.48 -39.59 -49.57
CA CYS E 269 16.87 -40.81 -49.09
C CYS E 269 15.56 -40.52 -48.36
N CYS E 270 14.79 -41.59 -48.11
CA CYS E 270 13.58 -41.53 -47.32
C CYS E 270 13.44 -42.85 -46.58
N VAL E 271 13.63 -42.82 -45.27
CA VAL E 271 13.65 -44.01 -44.44
C VAL E 271 12.29 -44.15 -43.78
N LEU E 272 11.78 -45.38 -43.72
CA LEU E 272 10.63 -45.71 -42.91
C LEU E 272 11.11 -46.36 -41.61
N GLY E 273 10.57 -45.93 -40.49
CA GLY E 273 10.99 -46.47 -39.22
C GLY E 273 10.48 -47.89 -39.00
N GLU E 274 11.18 -48.61 -38.13
CA GLU E 274 10.73 -49.94 -37.77
C GLU E 274 9.45 -49.94 -36.93
N ASP E 275 9.15 -48.85 -36.23
CA ASP E 275 7.92 -48.75 -35.46
C ASP E 275 6.67 -48.64 -36.33
N VAL E 276 6.84 -48.47 -37.63
CA VAL E 276 5.73 -48.19 -38.53
C VAL E 276 5.19 -49.49 -39.11
N THR E 277 3.87 -49.65 -39.06
CA THR E 277 3.15 -50.81 -39.56
C THR E 277 2.08 -50.34 -40.53
N PRO E 278 1.68 -51.20 -41.47
CA PRO E 278 0.77 -50.74 -42.53
C PRO E 278 -0.58 -50.24 -42.04
N ASP E 279 -0.99 -50.62 -40.83
CA ASP E 279 -2.29 -50.17 -40.32
C ASP E 279 -2.26 -48.75 -39.77
N GLN E 280 -1.09 -48.04 -39.82
CA GLN E 280 -0.93 -46.70 -39.26
C GLN E 280 -1.06 -45.63 -40.34
N PRO E 281 -1.43 -44.41 -39.94
CA PRO E 281 -1.43 -43.30 -40.91
C PRO E 281 -0.04 -42.99 -41.45
N GLU E 282 1.00 -43.23 -40.65
CA GLU E 282 2.36 -42.96 -41.11
C GLU E 282 2.67 -43.72 -42.40
N PHE E 283 2.16 -44.93 -42.55
CA PHE E 283 2.41 -45.70 -43.76
C PHE E 283 1.84 -45.01 -44.99
N ALA E 284 0.59 -44.55 -44.90
CA ALA E 284 -0.04 -43.89 -46.03
C ALA E 284 0.65 -42.58 -46.36
N LEU E 285 0.99 -41.78 -45.35
CA LEU E 285 1.67 -40.53 -45.66
C LEU E 285 3.07 -40.76 -46.20
N PHE E 286 3.74 -41.84 -45.78
CA PHE E 286 5.02 -42.22 -46.37
C PHE E 286 4.90 -42.51 -47.85
N ILE E 287 3.91 -43.33 -48.21
CA ILE E 287 3.68 -43.62 -49.63
C ILE E 287 3.41 -42.33 -50.41
N ARG E 288 2.49 -41.51 -49.90
CA ARG E 288 2.15 -40.27 -50.60
C ARG E 288 3.37 -39.37 -50.76
N GLU E 289 4.22 -39.31 -49.73
CA GLU E 289 5.41 -38.48 -49.77
C GLU E 289 6.38 -38.97 -50.85
N VAL E 290 6.69 -40.26 -50.85
CA VAL E 290 7.60 -40.79 -51.85
C VAL E 290 7.08 -40.52 -53.25
N VAL E 291 5.78 -40.68 -53.47
CA VAL E 291 5.26 -40.52 -54.83
C VAL E 291 5.30 -39.06 -55.26
N ARG E 292 4.89 -38.14 -54.37
CA ARG E 292 4.94 -36.73 -54.72
C ARG E 292 6.36 -36.28 -55.03
N GLU E 293 7.32 -36.69 -54.21
CA GLU E 293 8.70 -36.32 -54.48
C GLU E 293 9.24 -36.99 -55.73
N MET E 294 8.70 -38.15 -56.09
CA MET E 294 9.17 -38.82 -57.30
C MET E 294 8.63 -38.16 -58.57
N THR E 295 7.43 -37.60 -58.51
CA THR E 295 6.79 -37.17 -59.76
C THR E 295 6.64 -35.66 -59.91
N THR E 296 6.90 -34.85 -58.88
CA THR E 296 6.84 -33.41 -59.07
C THR E 296 7.97 -32.94 -60.00
N LYS E 297 7.61 -32.12 -60.99
CA LYS E 297 8.52 -31.70 -62.06
C LYS E 297 9.14 -32.89 -62.77
N ALA E 298 8.43 -34.01 -62.81
CA ALA E 298 8.97 -35.28 -63.29
C ALA E 298 10.23 -35.67 -62.52
N GLY E 299 10.25 -35.33 -61.23
CA GLY E 299 11.40 -35.63 -60.40
C GLY E 299 12.69 -34.96 -60.83
N GLN E 300 12.62 -33.72 -61.31
CA GLN E 300 13.78 -33.00 -61.80
C GLN E 300 14.34 -31.99 -60.79
N LYS E 301 13.89 -32.02 -59.55
CA LYS E 301 14.46 -31.13 -58.54
C LYS E 301 15.62 -31.83 -57.85
N CYS E 302 16.55 -31.02 -57.32
CA CYS E 302 17.76 -31.57 -56.70
C CYS E 302 17.47 -32.24 -55.37
N THR E 303 16.27 -32.05 -54.82
CA THR E 303 15.87 -32.67 -53.57
C THR E 303 14.89 -33.83 -53.76
N ALA E 304 14.85 -34.42 -54.96
CA ALA E 304 13.93 -35.53 -55.19
C ALA E 304 14.47 -36.82 -54.57
N ILE E 305 13.56 -37.65 -54.11
CA ILE E 305 13.93 -38.89 -53.43
C ILE E 305 14.45 -39.89 -54.45
N ARG E 306 15.67 -40.39 -54.21
CA ARG E 306 16.30 -41.37 -55.08
C ARG E 306 16.48 -42.72 -54.43
N ARG E 307 16.50 -42.80 -53.11
CA ARG E 307 16.74 -44.04 -52.39
C ARG E 307 15.67 -44.21 -51.32
N ILE E 308 14.89 -45.27 -51.43
CA ILE E 308 13.83 -45.57 -50.48
C ILE E 308 14.28 -46.76 -49.64
N ILE E 309 14.41 -46.56 -48.34
CA ILE E 309 14.96 -47.54 -47.43
C ILE E 309 13.87 -47.94 -46.44
N VAL E 310 13.45 -49.20 -46.50
CA VAL E 310 12.36 -49.68 -45.67
C VAL E 310 12.85 -50.93 -44.93
N PRO E 311 12.14 -51.34 -43.89
CA PRO E 311 12.52 -52.59 -43.21
C PRO E 311 12.19 -53.80 -44.07
N GLN E 312 12.96 -54.87 -43.86
CA GLN E 312 12.86 -56.07 -44.68
C GLN E 312 11.44 -56.60 -44.75
N ALA E 313 10.74 -56.65 -43.61
CA ALA E 313 9.38 -57.18 -43.58
C ALA E 313 8.43 -56.36 -44.44
N LEU E 314 8.54 -55.03 -44.38
CA LEU E 314 7.63 -54.12 -45.04
C LEU E 314 7.85 -54.00 -46.54
N VAL E 315 8.87 -54.67 -47.08
CA VAL E 315 9.35 -54.37 -48.43
C VAL E 315 8.26 -54.63 -49.46
N ASN E 316 7.64 -55.82 -49.41
CA ASN E 316 6.70 -56.20 -50.45
C ASN E 316 5.42 -55.38 -50.38
N ALA E 317 4.94 -55.08 -49.17
CA ALA E 317 3.78 -54.22 -49.03
C ALA E 317 4.07 -52.82 -49.56
N VAL E 318 5.24 -52.29 -49.25
CA VAL E 318 5.61 -50.96 -49.73
C VAL E 318 5.71 -50.95 -51.25
N SER E 319 6.26 -52.03 -51.81
CA SER E 319 6.43 -52.09 -53.25
C SER E 319 5.09 -52.26 -53.96
N ASP E 320 4.14 -52.94 -53.33
CA ASP E 320 2.78 -52.97 -53.86
C ASP E 320 2.17 -51.57 -53.86
N ALA E 321 2.23 -50.89 -52.72
CA ALA E 321 1.54 -49.61 -52.59
C ALA E 321 2.15 -48.54 -53.49
N LEU E 322 3.49 -48.53 -53.64
CA LEU E 322 4.13 -47.52 -54.46
C LEU E 322 3.70 -47.64 -55.90
N VAL E 323 3.80 -48.84 -56.48
CA VAL E 323 3.39 -49.01 -57.88
C VAL E 323 1.90 -48.77 -58.02
N ALA E 324 1.11 -49.13 -57.00
CA ALA E 324 -0.33 -48.89 -57.07
C ALA E 324 -0.62 -47.40 -57.22
N ARG E 325 -0.12 -46.58 -56.29
CA ARG E 325 -0.36 -45.15 -56.37
C ARG E 325 0.33 -44.53 -57.58
N LEU E 326 1.40 -45.17 -58.07
CA LEU E 326 2.24 -44.59 -59.11
C LEU E 326 1.72 -44.88 -60.51
N GLN E 327 0.85 -45.89 -60.65
CA GLN E 327 0.25 -46.18 -61.95
C GLN E 327 -0.87 -45.21 -62.27
N LYS E 328 -1.47 -44.58 -61.25
CA LYS E 328 -2.53 -43.61 -61.49
C LYS E 328 -2.00 -42.24 -61.86
N VAL E 329 -0.70 -42.09 -62.08
CA VAL E 329 -0.14 -40.81 -62.50
C VAL E 329 -0.09 -40.79 -64.03
N VAL E 330 -0.84 -39.86 -64.63
CA VAL E 330 -0.97 -39.77 -66.07
C VAL E 330 0.13 -38.87 -66.60
N VAL E 331 0.93 -39.39 -67.52
CA VAL E 331 1.97 -38.60 -68.18
C VAL E 331 1.43 -38.09 -69.50
N GLY E 332 1.68 -36.82 -69.79
CA GLY E 332 1.24 -36.23 -71.03
C GLY E 332 1.47 -34.73 -71.03
N ASP E 333 0.89 -34.08 -72.03
CA ASP E 333 1.02 -32.63 -72.16
C ASP E 333 0.10 -31.94 -71.17
N PRO E 334 0.64 -31.19 -70.20
CA PRO E 334 -0.20 -30.64 -69.13
C PRO E 334 -1.28 -29.69 -69.63
N ALA E 335 -1.18 -29.21 -70.88
CA ALA E 335 -2.25 -28.40 -71.44
C ALA E 335 -3.52 -29.21 -71.64
N GLN E 336 -3.39 -30.54 -71.68
CA GLN E 336 -4.54 -31.41 -71.80
C GLN E 336 -5.03 -31.83 -70.41
N GLU E 337 -6.33 -31.64 -70.19
CA GLU E 337 -6.92 -31.90 -68.88
C GLU E 337 -6.95 -33.40 -68.59
N GLY E 338 -6.28 -33.78 -67.50
CA GLY E 338 -6.07 -35.16 -67.14
C GLY E 338 -4.61 -35.52 -66.91
N VAL E 339 -3.70 -34.59 -67.16
CA VAL E 339 -2.27 -34.84 -67.00
C VAL E 339 -1.86 -34.39 -65.60
N LYS E 340 -1.08 -35.22 -64.91
CA LYS E 340 -0.58 -34.89 -63.59
C LYS E 340 0.93 -34.74 -63.52
N MET E 341 1.65 -35.18 -64.54
CA MET E 341 3.10 -35.10 -64.55
C MET E 341 3.59 -34.97 -65.99
N GLY E 342 4.31 -33.90 -66.27
CA GLY E 342 4.71 -33.56 -67.63
C GLY E 342 5.97 -34.24 -68.09
N ALA E 343 6.76 -33.52 -68.87
CA ALA E 343 7.93 -34.05 -69.54
C ALA E 343 9.21 -33.56 -68.87
N LEU E 344 10.32 -34.17 -69.26
CA LEU E 344 11.62 -33.60 -68.99
C LEU E 344 11.81 -32.35 -69.85
N VAL E 345 13.01 -31.77 -69.78
CA VAL E 345 13.21 -30.51 -70.51
C VAL E 345 13.80 -30.75 -71.89
N ASN E 346 14.47 -31.89 -72.11
CA ASN E 346 15.23 -32.13 -73.32
C ASN E 346 15.18 -33.60 -73.69
N ALA E 347 15.32 -33.86 -74.98
CA ALA E 347 15.63 -35.23 -75.39
C ALA E 347 17.01 -35.64 -74.90
N GLU E 348 17.93 -34.69 -74.79
CA GLU E 348 19.24 -34.97 -74.20
C GLU E 348 19.12 -35.39 -72.74
N GLN E 349 18.29 -34.68 -71.96
CA GLN E 349 18.05 -35.07 -70.59
C GLN E 349 17.40 -36.45 -70.50
N ARG E 350 16.45 -36.73 -71.39
CA ARG E 350 15.81 -38.03 -71.39
C ARG E 350 16.81 -39.14 -71.69
N ALA E 351 17.71 -38.90 -72.64
CA ALA E 351 18.78 -39.85 -72.90
C ALA E 351 19.65 -40.06 -71.68
N ASP E 352 20.00 -38.98 -70.98
CA ASP E 352 20.84 -39.11 -69.80
C ASP E 352 20.14 -39.92 -68.71
N VAL E 353 18.85 -39.69 -68.52
CA VAL E 353 18.10 -40.45 -67.52
C VAL E 353 18.04 -41.92 -67.89
N GLN E 354 17.75 -42.21 -69.17
CA GLN E 354 17.72 -43.61 -69.60
C GLN E 354 19.08 -44.27 -69.42
N GLU E 355 20.16 -43.53 -69.66
CA GLU E 355 21.49 -44.10 -69.54
C GLU E 355 21.84 -44.38 -68.08
N LYS E 356 21.43 -43.49 -67.17
CA LYS E 356 21.62 -43.77 -65.75
C LYS E 356 20.80 -44.96 -65.30
N VAL E 357 19.55 -45.06 -65.76
CA VAL E 357 18.71 -46.20 -65.42
C VAL E 357 19.34 -47.50 -65.91
N ASN E 358 19.90 -47.48 -67.13
CA ASN E 358 20.55 -48.66 -67.67
C ASN E 358 21.80 -49.02 -66.88
N ILE E 359 22.53 -48.01 -66.41
CA ILE E 359 23.68 -48.28 -65.55
C ILE E 359 23.23 -48.98 -64.28
N LEU E 360 22.16 -48.49 -63.66
CA LEU E 360 21.66 -49.11 -62.43
C LEU E 360 21.19 -50.54 -62.67
N LEU E 361 20.52 -50.78 -63.80
CA LEU E 361 20.07 -52.13 -64.12
C LEU E 361 21.26 -53.06 -64.35
N ALA E 362 22.27 -52.59 -65.08
CA ALA E 362 23.48 -53.39 -65.27
C ALA E 362 24.21 -53.63 -63.96
N ALA E 363 24.02 -52.77 -62.97
CA ALA E 363 24.63 -52.93 -61.66
C ALA E 363 23.76 -53.75 -60.70
N GLY E 364 22.70 -54.38 -61.19
CA GLY E 364 21.91 -55.26 -60.35
C GLY E 364 20.67 -54.68 -59.70
N CYS E 365 19.78 -54.08 -60.49
CA CYS E 365 18.49 -53.63 -60.00
C CYS E 365 17.38 -54.20 -60.88
N GLU E 366 16.29 -54.61 -60.26
CA GLU E 366 15.13 -55.14 -60.97
C GLU E 366 14.11 -54.06 -61.21
N ILE E 367 13.44 -54.13 -62.35
CA ILE E 367 12.33 -53.24 -62.65
C ILE E 367 11.13 -53.64 -61.81
N ARG E 368 10.57 -52.69 -61.07
CA ARG E 368 9.27 -52.86 -60.45
C ARG E 368 8.17 -52.14 -61.21
N LEU E 369 8.50 -50.99 -61.80
CA LEU E 369 7.62 -50.27 -62.70
C LEU E 369 8.47 -49.73 -63.83
N GLY E 370 7.84 -49.45 -64.98
CA GLY E 370 8.52 -49.18 -66.23
C GLY E 370 9.78 -48.37 -66.16
N GLY E 371 10.83 -48.81 -66.85
CA GLY E 371 12.11 -48.13 -66.85
C GLY E 371 12.63 -47.81 -68.24
N GLN E 372 11.87 -48.18 -69.26
CA GLN E 372 12.27 -47.88 -70.63
C GLN E 372 11.38 -46.78 -71.20
N ALA E 373 12.00 -45.77 -71.80
CA ALA E 373 11.29 -44.62 -72.34
C ALA E 373 11.24 -44.69 -73.85
N ASP E 374 10.51 -43.73 -74.43
CA ASP E 374 10.39 -43.59 -75.87
C ASP E 374 11.54 -42.72 -76.34
N LEU E 375 12.64 -43.34 -76.73
CA LEU E 375 13.86 -42.62 -77.08
C LEU E 375 13.82 -42.01 -78.47
N SER E 376 12.65 -41.93 -79.10
CA SER E 376 12.51 -41.25 -80.38
C SER E 376 11.28 -40.36 -80.49
N ALA E 377 10.33 -40.44 -79.56
CA ALA E 377 9.14 -39.61 -79.63
C ALA E 377 9.50 -38.12 -79.47
N ALA E 378 8.56 -37.26 -79.87
CA ALA E 378 8.84 -35.83 -79.90
C ALA E 378 8.97 -35.25 -78.51
N GLY E 379 7.94 -35.43 -77.68
CA GLY E 379 8.02 -34.96 -76.31
C GLY E 379 9.05 -35.73 -75.50
N ALA E 380 9.62 -35.05 -74.51
CA ALA E 380 10.66 -35.65 -73.68
C ALA E 380 10.05 -36.26 -72.41
N PHE E 381 9.13 -37.19 -72.64
CA PHE E 381 8.41 -37.84 -71.55
C PHE E 381 9.18 -39.06 -71.06
N PHE E 382 9.12 -39.28 -69.75
CA PHE E 382 9.67 -40.46 -69.11
C PHE E 382 8.59 -41.07 -68.23
N PRO E 383 8.44 -42.39 -68.21
CA PRO E 383 7.46 -42.99 -67.32
C PRO E 383 8.00 -43.07 -65.90
N PRO E 384 7.14 -42.92 -64.89
CA PRO E 384 7.58 -43.14 -63.51
C PRO E 384 8.20 -44.50 -63.35
N THR E 385 9.43 -44.52 -62.85
CA THR E 385 10.24 -45.72 -62.76
C THR E 385 10.54 -46.00 -61.30
N LEU E 386 10.28 -47.24 -60.87
CA LEU E 386 10.59 -47.67 -59.51
C LEU E 386 11.46 -48.91 -59.61
N LEU E 387 12.66 -48.84 -59.04
CA LEU E 387 13.62 -49.92 -59.10
C LEU E 387 13.68 -50.64 -57.76
N TYR E 388 14.33 -51.80 -57.79
CA TYR E 388 14.51 -52.60 -56.59
C TYR E 388 15.97 -53.00 -56.49
N CYS E 389 16.50 -53.01 -55.26
CA CYS E 389 17.87 -53.43 -55.01
C CYS E 389 17.85 -54.53 -53.96
N PRO E 390 18.09 -55.78 -54.34
CA PRO E 390 18.02 -56.86 -53.35
C PRO E 390 19.20 -56.91 -52.41
N GLN E 391 20.40 -56.55 -52.86
CA GLN E 391 21.62 -56.57 -52.05
C GLN E 391 22.13 -55.14 -51.93
N PRO E 392 21.51 -54.32 -51.08
CA PRO E 392 21.93 -52.91 -51.05
C PRO E 392 23.26 -52.69 -50.37
N ASP E 393 23.74 -53.66 -49.60
CA ASP E 393 24.92 -53.45 -48.77
C ASP E 393 26.18 -53.94 -49.46
N GLU E 394 26.06 -54.44 -50.69
CA GLU E 394 27.21 -54.84 -51.48
C GLU E 394 27.12 -54.36 -52.92
N THR E 395 26.12 -53.54 -53.24
CA THR E 395 25.95 -52.93 -54.55
C THR E 395 26.30 -51.44 -54.47
N PRO E 396 27.54 -51.06 -54.75
CA PRO E 396 27.94 -49.67 -54.48
C PRO E 396 27.38 -48.67 -55.48
N ALA E 397 26.89 -49.13 -56.63
CA ALA E 397 26.41 -48.19 -57.64
C ALA E 397 25.06 -47.58 -57.29
N VAL E 398 24.31 -48.18 -56.36
CA VAL E 398 23.01 -47.63 -56.01
C VAL E 398 23.14 -46.40 -55.12
N HIS E 399 24.29 -46.22 -54.45
CA HIS E 399 24.55 -45.06 -53.63
C HIS E 399 25.37 -44.01 -54.35
N ALA E 400 25.75 -44.26 -55.61
CA ALA E 400 26.58 -43.31 -56.35
C ALA E 400 25.96 -42.83 -57.65
N THR E 401 24.91 -43.48 -58.15
CA THR E 401 24.36 -43.17 -59.45
C THR E 401 23.02 -42.47 -59.26
N GLU E 402 22.88 -41.30 -59.88
CA GLU E 402 21.69 -40.48 -59.73
C GLU E 402 21.05 -40.25 -61.08
N ALA E 403 19.89 -40.88 -61.29
CA ALA E 403 19.13 -40.71 -62.52
C ALA E 403 18.22 -39.51 -62.35
N PHE E 404 18.51 -38.44 -63.10
CA PHE E 404 17.87 -37.15 -62.91
C PHE E 404 16.47 -37.11 -63.53
N GLY E 405 15.53 -37.88 -62.98
CA GLY E 405 14.20 -37.94 -63.51
C GLY E 405 13.24 -38.61 -62.56
N PRO E 406 12.17 -39.17 -63.10
CA PRO E 406 11.17 -39.84 -62.25
C PRO E 406 11.57 -41.27 -61.92
N VAL E 407 12.67 -41.41 -61.17
CA VAL E 407 13.31 -42.69 -60.93
C VAL E 407 13.69 -42.78 -59.47
N ALA E 408 13.40 -43.91 -58.84
CA ALA E 408 13.85 -44.17 -57.49
C ALA E 408 14.07 -45.67 -57.31
N THR E 409 14.90 -46.00 -56.32
CA THR E 409 15.22 -47.37 -55.99
C THR E 409 14.72 -47.68 -54.59
N LEU E 410 13.99 -48.79 -54.45
CA LEU E 410 13.57 -49.32 -53.17
C LEU E 410 14.62 -50.31 -52.70
N MET E 411 14.88 -50.33 -51.40
CA MET E 411 15.88 -51.24 -50.86
C MET E 411 15.57 -51.60 -49.42
N PRO E 412 15.90 -52.83 -49.01
CA PRO E 412 15.57 -53.29 -47.65
C PRO E 412 16.66 -53.01 -46.64
N ALA E 413 16.23 -52.88 -45.38
CA ALA E 413 17.13 -52.62 -44.27
C ALA E 413 16.94 -53.67 -43.20
N GLN E 414 17.74 -53.55 -42.13
CA GLN E 414 17.69 -54.47 -41.00
C GLN E 414 17.87 -53.71 -39.70
N ASN E 415 17.26 -54.23 -38.63
CA ASN E 415 17.60 -53.93 -37.23
C ASN E 415 17.75 -52.43 -36.93
N GLN E 416 17.14 -51.55 -37.72
CA GLN E 416 17.02 -50.12 -37.40
C GLN E 416 18.36 -49.40 -37.42
N ARG E 417 19.46 -50.14 -37.55
CA ARG E 417 20.79 -49.52 -37.64
C ARG E 417 21.39 -49.67 -39.03
N HIS E 418 21.15 -50.81 -39.68
CA HIS E 418 21.50 -50.96 -41.08
C HIS E 418 20.86 -49.86 -41.92
N ALA E 419 19.67 -49.42 -41.56
CA ALA E 419 19.02 -48.34 -42.30
C ALA E 419 19.78 -47.03 -42.13
N LEU E 420 20.29 -46.76 -40.93
CA LEU E 420 21.10 -45.57 -40.72
C LEU E 420 22.39 -45.64 -41.54
N GLN E 421 23.04 -46.80 -41.55
CA GLN E 421 24.25 -46.95 -42.36
C GLN E 421 23.94 -46.78 -43.85
N LEU E 422 22.78 -47.28 -44.29
CA LEU E 422 22.40 -47.12 -45.68
C LEU E 422 22.17 -45.66 -46.02
N ALA E 423 21.44 -44.94 -45.17
CA ALA E 423 21.22 -43.52 -45.36
C ALA E 423 22.54 -42.76 -45.45
N CYS E 424 23.51 -43.13 -44.60
CA CYS E 424 24.79 -42.44 -44.62
C CYS E 424 25.66 -42.86 -45.81
N ALA E 425 25.39 -44.01 -46.42
CA ALA E 425 26.17 -44.47 -47.55
C ALA E 425 25.99 -43.61 -48.79
N GLY E 426 25.10 -42.63 -48.77
CA GLY E 426 24.94 -41.75 -49.93
C GLY E 426 26.14 -40.86 -50.20
N GLY E 427 27.00 -40.67 -49.22
CA GLY E 427 28.19 -39.84 -49.42
C GLY E 427 27.98 -38.37 -49.19
N GLY E 428 26.87 -37.97 -48.60
CA GLY E 428 26.56 -36.57 -48.42
C GLY E 428 25.42 -36.12 -49.29
N SER E 429 24.27 -35.83 -48.68
CA SER E 429 23.05 -35.54 -49.41
C SER E 429 22.55 -34.14 -49.08
N LEU E 430 21.56 -33.68 -49.85
CA LEU E 430 20.93 -32.40 -49.56
C LEU E 430 19.77 -32.57 -48.59
N ALA E 431 18.99 -33.63 -48.73
CA ALA E 431 17.74 -33.79 -47.99
C ALA E 431 17.51 -35.26 -47.65
N GLY E 432 16.98 -35.49 -46.46
CA GLY E 432 16.58 -36.82 -46.04
C GLY E 432 15.29 -36.75 -45.24
N THR E 433 14.53 -37.83 -45.27
CA THR E 433 13.25 -37.90 -44.57
C THR E 433 13.14 -39.20 -43.78
N LEU E 434 12.64 -39.10 -42.56
CA LEU E 434 12.38 -40.26 -41.71
C LEU E 434 10.92 -40.23 -41.27
N VAL E 435 10.15 -41.21 -41.69
CA VAL E 435 8.76 -41.34 -41.29
C VAL E 435 8.72 -42.24 -40.07
N THR E 436 8.25 -41.69 -38.96
CA THR E 436 8.28 -42.40 -37.69
C THR E 436 7.25 -41.76 -36.77
N ALA E 437 6.86 -42.51 -35.75
CA ALA E 437 6.02 -41.99 -34.69
C ALA E 437 6.76 -41.89 -33.37
N ASP E 438 7.89 -42.57 -33.23
CA ASP E 438 8.65 -42.64 -31.99
C ASP E 438 9.67 -41.52 -31.95
N PRO E 439 9.61 -40.63 -30.95
CA PRO E 439 10.62 -39.55 -30.88
C PRO E 439 12.03 -40.06 -30.59
N GLN E 440 12.19 -41.18 -29.92
CA GLN E 440 13.54 -41.70 -29.65
C GLN E 440 14.19 -42.23 -30.93
N ILE E 441 13.39 -42.82 -31.81
CA ILE E 441 13.91 -43.24 -33.11
C ILE E 441 14.42 -42.03 -33.88
N ALA E 442 13.65 -40.93 -33.86
CA ALA E 442 14.05 -39.73 -34.58
C ALA E 442 15.32 -39.14 -33.98
N ARG E 443 15.47 -39.24 -32.67
CA ARG E 443 16.69 -38.74 -32.02
C ARG E 443 17.90 -39.57 -32.45
N GLN E 444 17.77 -40.90 -32.44
CA GLN E 444 18.87 -41.75 -32.90
C GLN E 444 19.24 -41.44 -34.35
N PHE E 445 18.22 -41.31 -35.21
CA PHE E 445 18.47 -41.04 -36.62
C PHE E 445 19.20 -39.73 -36.81
N ILE E 446 18.76 -38.66 -36.13
CA ILE E 446 19.44 -37.38 -36.25
C ILE E 446 20.87 -37.49 -35.77
N ALA E 447 21.05 -38.02 -34.56
CA ALA E 447 22.39 -38.05 -33.97
C ALA E 447 23.38 -38.81 -34.85
N ASP E 448 22.92 -39.84 -35.56
CA ASP E 448 23.83 -40.59 -36.42
C ASP E 448 23.95 -40.03 -37.83
N ALA E 449 22.87 -39.49 -38.41
CA ALA E 449 22.87 -39.19 -39.84
C ALA E 449 22.74 -37.72 -40.19
N ALA E 450 22.74 -36.79 -39.23
CA ALA E 450 22.73 -35.38 -39.61
C ALA E 450 24.06 -34.96 -40.22
N ARG E 451 25.15 -35.65 -39.87
CA ARG E 451 26.46 -35.26 -40.37
C ARG E 451 26.62 -35.50 -41.87
N THR E 452 25.73 -36.27 -42.49
CA THR E 452 25.79 -36.46 -43.94
C THR E 452 24.58 -35.90 -44.66
N HIS E 453 23.74 -35.13 -43.98
CA HIS E 453 22.58 -34.52 -44.62
C HIS E 453 22.54 -33.03 -44.28
N GLY E 454 22.13 -32.24 -45.26
CA GLY E 454 21.94 -30.83 -45.00
C GLY E 454 20.60 -30.47 -44.43
N ARG E 455 19.57 -31.26 -44.71
CA ARG E 455 18.24 -31.02 -44.19
C ARG E 455 17.56 -32.37 -43.95
N ILE E 456 16.89 -32.51 -42.82
CA ILE E 456 16.25 -33.76 -42.45
C ILE E 456 14.84 -33.48 -41.98
N GLN E 457 13.87 -34.14 -42.60
CA GLN E 457 12.47 -34.02 -42.24
C GLN E 457 12.07 -35.23 -41.41
N ILE E 458 11.54 -35.00 -40.22
CA ILE E 458 10.86 -36.02 -39.44
C ILE E 458 9.39 -35.88 -39.74
N LEU E 459 8.80 -36.90 -40.37
CA LEU E 459 7.46 -36.83 -40.91
C LEU E 459 6.56 -37.77 -40.13
N ASN E 460 5.75 -37.22 -39.22
CA ASN E 460 4.76 -38.01 -38.51
C ASN E 460 3.37 -37.47 -38.83
N GLU E 461 2.35 -37.97 -38.14
CA GLU E 461 0.98 -37.57 -38.44
C GLU E 461 0.73 -36.11 -38.13
N GLU E 462 1.38 -35.57 -37.09
CA GLU E 462 1.11 -34.20 -36.69
C GLU E 462 1.75 -33.20 -37.66
N SER E 463 2.99 -33.45 -38.07
CA SER E 463 3.66 -32.51 -38.96
C SER E 463 3.11 -32.59 -40.38
N ALA E 464 2.49 -33.72 -40.75
CA ALA E 464 2.04 -33.92 -42.12
C ALA E 464 0.95 -32.94 -42.55
N LYS E 465 0.23 -32.35 -41.60
CA LYS E 465 -0.91 -31.51 -41.97
C LYS E 465 -0.47 -30.21 -42.62
N GLU E 466 0.68 -29.66 -42.21
CA GLU E 466 1.14 -28.39 -42.74
C GLU E 466 2.58 -28.46 -43.23
N SER E 467 3.17 -29.65 -43.21
CA SER E 467 4.53 -29.84 -43.72
C SER E 467 4.65 -29.31 -45.14
N THR E 468 5.78 -28.63 -45.43
CA THR E 468 5.98 -28.06 -46.75
C THR E 468 6.54 -29.05 -47.75
N GLY E 469 7.13 -30.14 -47.29
CA GLY E 469 7.58 -31.19 -48.18
C GLY E 469 9.05 -31.56 -47.94
N HIS E 470 9.43 -32.72 -48.48
CA HIS E 470 10.81 -33.16 -48.44
C HIS E 470 11.68 -32.39 -49.40
N GLY E 471 11.12 -31.95 -50.53
CA GLY E 471 11.90 -31.36 -51.59
C GLY E 471 11.90 -29.85 -51.65
N SER E 472 11.11 -29.19 -50.83
CA SER E 472 11.00 -27.74 -50.90
C SER E 472 12.00 -27.10 -49.96
N PRO E 473 13.00 -26.37 -50.48
CA PRO E 473 13.92 -25.64 -49.61
C PRO E 473 13.26 -24.37 -49.10
N LEU E 474 13.23 -24.21 -47.85
CA LEU E 474 12.63 -22.97 -47.41
C LEU E 474 13.68 -21.88 -47.24
N PRO E 475 13.31 -20.63 -47.48
CA PRO E 475 14.30 -19.54 -47.40
C PRO E 475 14.94 -19.38 -46.04
N GLN E 476 14.30 -19.82 -44.96
CA GLN E 476 14.85 -19.67 -43.62
C GLN E 476 15.78 -20.81 -43.22
N LEU E 477 15.91 -21.85 -44.04
CA LEU E 477 16.69 -23.04 -43.71
C LEU E 477 17.84 -23.19 -44.69
N VAL E 478 18.99 -23.64 -44.20
CA VAL E 478 20.14 -23.84 -45.06
C VAL E 478 19.81 -24.85 -46.15
N HIS E 479 20.39 -24.65 -47.32
CA HIS E 479 20.20 -25.55 -48.45
C HIS E 479 21.57 -25.94 -48.98
N GLY E 480 21.96 -27.18 -48.75
CA GLY E 480 23.27 -27.65 -49.14
C GLY E 480 23.58 -28.96 -48.47
N GLY E 481 24.83 -29.38 -48.57
CA GLY E 481 25.25 -30.58 -47.91
C GLY E 481 26.70 -30.92 -48.17
N PRO E 482 27.26 -31.82 -47.37
CA PRO E 482 28.66 -32.21 -47.53
C PRO E 482 28.85 -33.18 -48.69
N GLY E 483 30.12 -33.43 -48.99
CA GLY E 483 30.52 -34.48 -49.90
C GLY E 483 29.91 -34.42 -51.28
N ARG E 484 29.20 -35.48 -51.65
CA ARG E 484 28.59 -35.59 -52.97
C ARG E 484 27.69 -34.41 -53.30
N ALA E 485 27.08 -33.78 -52.30
CA ALA E 485 26.18 -32.66 -52.52
C ALA E 485 26.92 -31.33 -52.75
N GLY E 486 28.24 -31.33 -52.65
CA GLY E 486 29.00 -30.16 -53.08
C GLY E 486 29.73 -29.40 -51.99
N GLY E 487 29.29 -29.53 -50.75
CA GLY E 487 29.91 -28.84 -49.64
C GLY E 487 29.39 -27.45 -49.38
N GLY E 488 28.56 -26.91 -50.28
CA GLY E 488 28.10 -25.55 -50.18
C GLY E 488 26.93 -25.39 -49.24
N GLU E 489 26.56 -24.13 -49.05
CA GLU E 489 25.48 -23.73 -48.17
C GLU E 489 24.78 -22.53 -48.77
N GLU E 490 23.45 -22.57 -48.80
CA GLU E 490 22.65 -21.45 -49.27
C GLU E 490 21.46 -21.28 -48.34
N LEU E 491 20.79 -20.15 -48.49
CA LEU E 491 19.45 -19.89 -47.97
C LEU E 491 19.32 -20.01 -46.45
N GLY E 492 20.35 -19.76 -45.68
CA GLY E 492 20.15 -19.94 -44.25
C GLY E 492 19.64 -18.71 -43.51
N GLY E 493 18.69 -17.99 -44.09
CA GLY E 493 18.35 -16.70 -43.54
C GLY E 493 19.47 -15.70 -43.81
N LEU E 494 19.85 -14.94 -42.78
CA LEU E 494 20.94 -13.99 -42.91
C LEU E 494 22.30 -14.66 -43.06
N ARG E 495 22.37 -15.96 -42.73
CA ARG E 495 23.59 -16.72 -42.99
C ARG E 495 24.01 -16.59 -44.45
N ALA E 496 23.04 -16.54 -45.36
CA ALA E 496 23.36 -16.42 -46.77
C ALA E 496 23.78 -15.01 -47.14
N VAL E 497 23.23 -14.00 -46.45
CA VAL E 497 23.67 -12.62 -46.68
C VAL E 497 25.14 -12.47 -46.35
N LYS E 498 25.61 -13.16 -45.29
CA LYS E 498 27.01 -12.99 -44.91
C LYS E 498 28.00 -13.58 -45.91
N HIS E 499 27.56 -14.36 -46.89
CA HIS E 499 28.51 -14.89 -47.86
C HIS E 499 29.02 -13.82 -48.83
N TYR E 500 28.36 -12.68 -48.91
CA TYR E 500 28.75 -11.60 -49.81
C TYR E 500 29.37 -10.43 -49.07
N MET E 501 29.82 -10.66 -47.83
CA MET E 501 30.40 -9.63 -46.99
C MET E 501 31.72 -10.12 -46.43
N GLN E 502 32.46 -9.22 -45.81
CA GLN E 502 33.70 -9.56 -45.13
C GLN E 502 33.55 -9.30 -43.65
N ARG E 503 33.96 -10.26 -42.84
CA ARG E 503 33.93 -10.16 -41.39
C ARG E 503 35.28 -9.68 -40.88
N THR E 504 35.27 -8.61 -40.10
CA THR E 504 36.49 -7.95 -39.65
C THR E 504 36.37 -7.61 -38.18
N ALA E 505 37.30 -8.11 -37.38
CA ALA E 505 37.41 -7.71 -35.98
C ALA E 505 38.08 -6.35 -35.89
N VAL E 506 37.48 -5.44 -35.12
CA VAL E 506 37.99 -4.08 -34.95
C VAL E 506 38.31 -3.87 -33.49
N GLN E 507 39.57 -3.55 -33.19
CA GLN E 507 40.04 -3.29 -31.84
C GLN E 507 40.25 -1.79 -31.63
N GLY E 508 39.97 -1.32 -30.42
CA GLY E 508 40.22 0.06 -30.07
C GLY E 508 39.53 0.42 -28.78
N SER E 509 39.49 1.72 -28.49
CA SER E 509 38.80 2.18 -27.31
C SER E 509 37.29 2.18 -27.56
N PRO E 510 36.48 2.04 -26.51
CA PRO E 510 35.02 2.02 -26.72
C PRO E 510 34.44 3.24 -27.42
N THR E 511 35.05 4.42 -27.32
CA THR E 511 34.47 5.56 -28.03
C THR E 511 34.77 5.48 -29.52
N MET E 512 35.96 5.00 -29.87
CA MET E 512 36.28 4.75 -31.27
C MET E 512 35.36 3.70 -31.86
N LEU E 513 35.09 2.63 -31.10
CA LEU E 513 34.21 1.58 -31.59
C LEU E 513 32.78 2.06 -31.70
N ALA E 514 32.35 2.95 -30.79
CA ALA E 514 31.03 3.55 -30.89
C ALA E 514 30.91 4.42 -32.14
N ALA E 515 31.97 5.16 -32.49
CA ALA E 515 31.91 5.97 -33.70
C ALA E 515 31.98 5.11 -34.95
N ILE E 516 32.74 4.02 -34.91
CA ILE E 516 32.84 3.14 -36.06
C ILE E 516 31.51 2.42 -36.29
N SER E 517 30.83 2.02 -35.22
CA SER E 517 29.61 1.25 -35.31
C SER E 517 28.37 2.11 -35.54
N LYS E 518 28.43 3.40 -35.24
CA LYS E 518 27.25 4.27 -35.13
C LYS E 518 26.24 3.72 -34.14
N GLN E 519 26.74 3.07 -33.10
CA GLN E 519 25.95 2.60 -31.98
C GLN E 519 26.77 2.84 -30.73
N TRP E 520 26.11 3.20 -29.65
CA TRP E 520 26.81 3.36 -28.38
C TRP E 520 27.17 1.99 -27.83
N VAL E 521 28.36 1.88 -27.24
CA VAL E 521 28.80 0.65 -26.61
C VAL E 521 29.21 0.97 -25.19
N ARG E 522 29.33 -0.08 -24.39
CA ARG E 522 29.69 0.07 -22.98
CA ARG E 522 29.68 0.09 -22.99
C ARG E 522 31.05 0.74 -22.83
N GLY E 523 31.11 1.81 -22.05
CA GLY E 523 32.34 2.53 -21.81
C GLY E 523 32.65 3.63 -22.80
N ALA E 524 31.78 3.88 -23.76
CA ALA E 524 31.98 4.95 -24.72
C ALA E 524 31.48 6.27 -24.15
N LYS E 525 32.07 7.35 -24.63
CA LYS E 525 31.68 8.69 -24.23
C LYS E 525 30.19 8.91 -24.51
N VAL E 526 29.53 9.61 -23.60
CA VAL E 526 28.13 9.95 -23.76
C VAL E 526 28.02 11.45 -23.92
N GLU E 527 26.79 11.90 -24.17
CA GLU E 527 26.47 13.31 -24.25
C GLU E 527 25.19 13.57 -23.47
N GLU E 528 25.26 14.50 -22.53
CA GLU E 528 24.10 14.90 -21.73
C GLU E 528 23.59 16.24 -22.26
N ASP E 529 22.27 16.34 -22.38
CA ASP E 529 21.65 17.37 -23.21
C ASP E 529 20.96 18.49 -22.43
N ARG E 530 20.53 18.24 -21.20
CA ARG E 530 19.69 19.11 -20.37
C ARG E 530 18.22 18.99 -20.77
N ILE E 531 17.90 18.24 -21.83
CA ILE E 531 16.54 17.82 -22.15
C ILE E 531 16.48 16.31 -21.99
N HIS E 532 15.42 15.82 -21.34
CA HIS E 532 15.23 14.39 -21.17
C HIS E 532 15.21 13.71 -22.53
N PRO E 533 15.93 12.59 -22.69
CA PRO E 533 15.98 11.92 -24.01
C PRO E 533 14.63 11.46 -24.52
N PHE E 534 13.64 11.25 -23.66
CA PHE E 534 12.33 10.78 -24.11
C PHE E 534 11.52 11.87 -24.79
N ARG E 535 11.87 13.14 -24.58
CA ARG E 535 11.16 14.22 -25.23
C ARG E 535 11.62 14.47 -26.66
N LYS E 536 12.68 13.80 -27.10
CA LYS E 536 13.22 13.99 -28.43
C LYS E 536 12.56 13.07 -29.45
N TYR E 537 12.36 13.60 -30.65
CA TYR E 537 11.86 12.81 -31.76
C TYR E 537 12.98 11.95 -32.33
N PHE E 538 12.59 10.97 -33.16
CA PHE E 538 13.54 9.98 -33.65
C PHE E 538 14.74 10.65 -34.33
N GLU E 539 14.50 11.67 -35.14
CA GLU E 539 15.59 12.33 -35.86
C GLU E 539 16.49 13.15 -34.96
N GLU E 540 15.98 13.66 -33.84
CA GLU E 540 16.77 14.45 -32.91
C GLU E 540 17.62 13.61 -31.98
N LEU E 541 17.40 12.29 -31.93
CA LEU E 541 18.17 11.41 -31.08
C LEU E 541 19.47 11.02 -31.76
N GLN E 542 20.52 10.90 -30.97
CA GLN E 542 21.79 10.34 -31.43
C GLN E 542 22.22 9.23 -30.49
N PRO E 543 22.87 8.18 -31.00
CA PRO E 543 23.47 7.19 -30.11
C PRO E 543 24.47 7.86 -29.16
N GLY E 544 24.35 7.53 -27.88
CA GLY E 544 25.16 8.15 -26.85
C GLY E 544 24.50 9.27 -26.08
N ASP E 545 23.30 9.69 -26.47
CA ASP E 545 22.53 10.66 -25.69
C ASP E 545 22.11 10.03 -24.37
N SER E 546 22.47 10.64 -23.27
CA SER E 546 22.47 9.96 -21.99
C SER E 546 21.84 10.80 -20.89
N LEU E 547 21.24 10.13 -19.92
CA LEU E 547 20.59 10.76 -18.79
C LEU E 547 20.97 10.05 -17.50
N LEU E 548 21.49 10.79 -16.54
CA LEU E 548 21.68 10.30 -15.18
C LEU E 548 20.48 10.72 -14.35
N THR E 549 19.80 9.75 -13.76
CA THR E 549 18.58 10.03 -13.02
C THR E 549 18.90 10.44 -11.59
N PRO E 550 17.90 10.90 -10.83
CA PRO E 550 18.06 11.01 -9.38
C PRO E 550 18.14 9.66 -8.69
N ARG E 551 18.38 9.65 -7.38
CA ARG E 551 18.63 8.44 -6.62
C ARG E 551 17.40 7.98 -5.85
N ARG E 552 17.36 6.69 -5.56
CA ARG E 552 16.33 6.11 -4.70
C ARG E 552 16.99 5.16 -3.73
N THR E 553 16.82 5.41 -2.44
CA THR E 553 17.37 4.56 -1.39
C THR E 553 16.42 3.41 -1.12
N MET E 554 16.94 2.18 -1.18
CA MET E 554 16.14 1.00 -0.89
C MET E 554 15.91 0.85 0.60
N THR E 555 14.72 0.37 0.96
CA THR E 555 14.32 0.18 2.34
C THR E 555 13.76 -1.22 2.53
N GLU E 556 13.68 -1.63 3.80
CA GLU E 556 12.92 -2.84 4.14
C GLU E 556 11.46 -2.70 3.74
N ALA E 557 10.91 -1.48 3.84
CA ALA E 557 9.55 -1.26 3.40
C ALA E 557 9.37 -1.56 1.91
N ASP E 558 10.39 -1.31 1.09
CA ASP E 558 10.27 -1.62 -0.32
C ASP E 558 10.22 -3.12 -0.58
N ILE E 559 11.07 -3.89 0.11
CA ILE E 559 11.01 -5.34 0.03
C ILE E 559 9.61 -5.84 0.41
N VAL E 560 9.09 -5.35 1.53
CA VAL E 560 7.78 -5.81 1.98
C VAL E 560 6.70 -5.45 0.96
N ASN E 561 6.63 -4.17 0.58
CA ASN E 561 5.59 -3.71 -0.35
C ASN E 561 5.65 -4.44 -1.68
N PHE E 562 6.85 -4.60 -2.25
CA PHE E 562 6.94 -5.29 -3.53
C PHE E 562 6.53 -6.76 -3.42
N ALA E 563 7.08 -7.47 -2.43
CA ALA E 563 6.69 -8.86 -2.25
C ALA E 563 5.18 -9.00 -2.11
N CYS E 564 4.55 -8.09 -1.37
CA CYS E 564 3.11 -8.17 -1.21
C CYS E 564 2.39 -7.93 -2.53
N LEU E 565 2.73 -6.85 -3.23
CA LEU E 565 1.99 -6.50 -4.44
C LEU E 565 2.18 -7.54 -5.54
N SER E 566 3.38 -8.09 -5.68
CA SER E 566 3.64 -9.03 -6.75
C SER E 566 3.24 -10.45 -6.39
N GLY E 567 3.24 -10.78 -5.10
CA GLY E 567 3.00 -12.13 -4.65
C GLY E 567 4.23 -13.00 -4.51
N ASP E 568 5.41 -12.43 -4.66
CA ASP E 568 6.66 -13.19 -4.61
C ASP E 568 7.22 -13.13 -3.19
N HIS E 569 7.02 -14.19 -2.44
CA HIS E 569 7.51 -14.31 -1.08
C HIS E 569 8.66 -15.30 -0.98
N PHE E 570 9.51 -15.34 -2.00
CA PHE E 570 10.71 -16.17 -1.97
C PHE E 570 11.54 -15.88 -0.73
N TYR E 571 12.10 -16.94 -0.13
CA TYR E 571 12.69 -16.81 1.20
C TYR E 571 13.86 -15.85 1.22
N ALA E 572 14.55 -15.67 0.09
CA ALA E 572 15.68 -14.76 0.07
C ALA E 572 15.29 -13.31 0.32
N HIS E 573 14.00 -12.97 0.25
CA HIS E 573 13.52 -11.63 0.52
C HIS E 573 12.69 -11.52 1.78
N MET E 574 11.96 -12.56 2.17
CA MET E 574 10.96 -12.47 3.23
C MET E 574 11.25 -13.32 4.46
N ASP E 575 12.34 -14.08 4.49
CA ASP E 575 12.61 -15.00 5.58
C ASP E 575 14.02 -14.78 6.09
N LYS E 576 14.13 -14.08 7.22
CA LYS E 576 15.41 -13.69 7.80
C LYS E 576 16.25 -14.92 8.17
N ILE E 577 15.62 -15.93 8.75
CA ILE E 577 16.33 -17.14 9.15
C ILE E 577 16.94 -17.83 7.94
N ALA E 578 16.13 -18.14 6.93
CA ALA E 578 16.65 -18.82 5.75
C ALA E 578 17.65 -17.96 4.99
N ALA E 579 17.42 -16.65 4.96
CA ALA E 579 18.36 -15.77 4.26
C ALA E 579 19.72 -15.77 4.94
N ALA E 580 19.75 -15.95 6.27
CA ALA E 580 21.03 -15.99 6.97
C ALA E 580 21.96 -17.06 6.44
N GLU E 581 21.45 -18.26 6.13
CA GLU E 581 22.29 -19.29 5.54
C GLU E 581 22.21 -19.35 4.01
N SER E 582 21.91 -18.23 3.36
CA SER E 582 22.08 -18.16 1.92
C SER E 582 23.47 -17.64 1.59
N ILE E 583 23.75 -17.50 0.29
CA ILE E 583 25.06 -16.98 -0.12
C ILE E 583 25.16 -15.49 0.18
N PHE E 584 24.06 -14.76 0.02
CA PHE E 584 24.08 -13.33 0.32
C PHE E 584 24.29 -13.07 1.80
N GLY E 585 23.65 -13.86 2.66
CA GLY E 585 23.83 -13.75 4.08
C GLY E 585 22.80 -12.91 4.81
N GLU E 586 21.83 -12.37 4.08
CA GLU E 586 20.73 -11.61 4.65
C GLU E 586 19.69 -11.40 3.56
N ARG E 587 18.59 -10.76 3.93
CA ARG E 587 17.53 -10.49 2.96
C ARG E 587 17.97 -9.42 1.95
N VAL E 588 17.57 -9.60 0.70
CA VAL E 588 17.89 -8.67 -0.38
C VAL E 588 16.61 -8.23 -1.08
N VAL E 589 16.75 -7.20 -1.89
CA VAL E 589 15.67 -6.65 -2.69
C VAL E 589 15.43 -7.55 -3.91
N HIS E 590 14.17 -7.64 -4.36
CA HIS E 590 13.83 -8.39 -5.56
C HIS E 590 14.49 -7.80 -6.80
N GLY E 591 14.98 -8.67 -7.68
CA GLY E 591 15.49 -8.21 -8.96
C GLY E 591 14.46 -7.43 -9.75
N TYR E 592 13.21 -7.92 -9.76
CA TYR E 592 12.17 -7.25 -10.51
C TYR E 592 11.80 -5.89 -9.91
N PHE E 593 12.00 -5.72 -8.61
CA PHE E 593 11.79 -4.39 -8.05
C PHE E 593 12.90 -3.43 -8.44
N VAL E 594 14.14 -3.90 -8.55
CA VAL E 594 15.20 -3.06 -9.10
C VAL E 594 14.86 -2.65 -10.53
N LEU E 595 14.37 -3.61 -11.31
CA LEU E 595 13.93 -3.31 -12.68
C LEU E 595 12.83 -2.24 -12.71
N SER E 596 11.77 -2.44 -11.91
CA SER E 596 10.63 -1.51 -11.94
C SER E 596 11.00 -0.14 -11.40
N ALA E 597 11.76 -0.08 -10.31
CA ALA E 597 12.17 1.19 -9.75
C ALA E 597 13.12 1.93 -10.67
N ALA E 598 13.92 1.21 -11.45
CA ALA E 598 14.75 1.87 -12.45
C ALA E 598 13.91 2.50 -13.54
N ALA E 599 12.92 1.76 -14.05
CA ALA E 599 11.94 2.35 -14.96
C ALA E 599 11.30 3.59 -14.34
N GLY E 600 10.90 3.51 -13.08
CA GLY E 600 10.35 4.66 -12.37
C GLY E 600 11.28 5.86 -12.30
N LEU E 601 12.58 5.63 -12.16
CA LEU E 601 13.54 6.72 -12.13
C LEU E 601 13.75 7.36 -13.50
N PHE E 602 13.68 6.60 -14.59
CA PHE E 602 14.03 7.24 -15.87
C PHE E 602 12.86 7.54 -16.80
N VAL E 603 11.69 6.96 -16.59
CA VAL E 603 10.61 7.13 -17.55
C VAL E 603 10.00 8.53 -17.39
N ASP E 604 9.88 9.23 -18.51
CA ASP E 604 9.22 10.54 -18.58
C ASP E 604 7.71 10.34 -18.70
N ALA E 605 6.96 11.01 -17.83
CA ALA E 605 5.54 10.66 -17.66
C ALA E 605 4.66 11.26 -18.75
N GLY E 606 4.93 12.49 -19.17
CA GLY E 606 4.03 13.17 -20.07
C GLY E 606 4.01 12.59 -21.46
N VAL E 607 3.00 13.02 -22.23
CA VAL E 607 2.89 12.59 -23.62
C VAL E 607 4.08 13.12 -24.41
N GLY E 608 4.69 12.24 -25.22
CA GLY E 608 5.83 12.60 -26.00
C GLY E 608 6.07 11.66 -27.16
N PRO E 609 7.27 11.73 -27.75
CA PRO E 609 7.58 10.87 -28.91
C PRO E 609 7.64 9.39 -28.60
N VAL E 610 7.96 8.99 -27.37
CA VAL E 610 8.04 7.58 -27.03
C VAL E 610 6.63 6.98 -26.98
N ILE E 611 6.42 5.92 -27.75
CA ILE E 611 5.09 5.34 -27.91
C ILE E 611 4.91 4.06 -27.11
N ALA E 612 5.94 3.20 -27.08
CA ALA E 612 5.81 1.89 -26.46
C ALA E 612 7.17 1.38 -26.01
N ASN E 613 7.18 0.52 -24.98
CA ASN E 613 8.41 -0.17 -24.62
C ASN E 613 8.48 -1.56 -25.25
N TYR E 614 7.53 -2.41 -24.92
CA TYR E 614 7.33 -3.69 -25.61
C TYR E 614 8.49 -4.68 -25.59
N GLY E 615 9.62 -4.36 -24.96
CA GLY E 615 10.74 -5.26 -25.07
C GLY E 615 11.87 -4.96 -24.11
N LEU E 616 12.41 -6.02 -23.51
CA LEU E 616 13.56 -5.94 -22.63
C LEU E 616 14.49 -7.08 -23.03
N GLU E 617 15.74 -6.78 -23.30
CA GLU E 617 16.48 -7.69 -24.15
C GLU E 617 17.49 -8.59 -23.42
N SER E 618 18.33 -8.08 -22.54
CA SER E 618 19.29 -9.01 -21.93
C SER E 618 19.61 -8.54 -20.51
N LEU E 619 18.85 -9.05 -19.55
CA LEU E 619 18.94 -8.62 -18.17
C LEU E 619 19.75 -9.63 -17.37
N ARG E 620 20.79 -9.15 -16.71
CA ARG E 620 21.55 -9.94 -15.75
C ARG E 620 21.58 -9.18 -14.43
N PHE E 621 21.37 -9.91 -13.33
CA PHE E 621 21.45 -9.33 -12.00
C PHE E 621 22.84 -9.62 -11.45
N ILE E 622 23.66 -8.59 -11.35
CA ILE E 622 25.08 -8.76 -11.06
C ILE E 622 25.32 -8.91 -9.57
N GLU E 623 24.91 -7.92 -8.80
CA GLU E 623 25.18 -7.91 -7.38
C GLU E 623 23.89 -7.69 -6.61
N PRO E 624 23.76 -8.29 -5.43
CA PRO E 624 22.56 -8.07 -4.63
C PRO E 624 22.45 -6.62 -4.18
N VAL E 625 21.21 -6.17 -4.09
CA VAL E 625 20.86 -4.86 -3.55
C VAL E 625 20.24 -5.09 -2.18
N LYS E 626 20.77 -4.41 -1.17
CA LYS E 626 20.34 -4.57 0.20
C LYS E 626 19.57 -3.35 0.69
N PRO E 627 18.70 -3.53 1.68
CA PRO E 627 18.12 -2.37 2.36
C PRO E 627 19.20 -1.46 2.91
N GLY E 628 19.08 -0.17 2.64
CA GLY E 628 20.10 0.78 2.96
C GLY E 628 20.98 1.16 1.80
N ASP E 629 20.93 0.40 0.71
CA ASP E 629 21.63 0.76 -0.51
C ASP E 629 20.82 1.79 -1.29
N THR E 630 21.51 2.53 -2.14
CA THR E 630 20.90 3.60 -2.92
C THR E 630 21.25 3.36 -4.38
N ILE E 631 20.24 3.32 -5.23
CA ILE E 631 20.45 3.03 -6.63
C ILE E 631 20.26 4.30 -7.46
N GLN E 632 20.93 4.33 -8.60
CA GLN E 632 20.89 5.41 -9.57
C GLN E 632 21.04 4.80 -10.94
N VAL E 633 20.47 5.45 -11.95
CA VAL E 633 20.37 4.87 -13.28
C VAL E 633 21.04 5.81 -14.28
N ARG E 634 21.72 5.24 -15.26
CA ARG E 634 22.06 5.94 -16.49
C ARG E 634 21.32 5.32 -17.66
N LEU E 635 20.63 6.16 -18.43
CA LEU E 635 19.89 5.77 -19.62
C LEU E 635 20.61 6.34 -20.84
N THR E 636 21.14 5.47 -21.69
CA THR E 636 21.85 5.90 -22.88
C THR E 636 21.19 5.33 -24.12
N CYS E 637 20.88 6.19 -25.08
CA CYS E 637 20.41 5.74 -26.38
C CYS E 637 21.52 4.93 -27.06
N LYS E 638 21.22 3.68 -27.38
CA LYS E 638 22.23 2.74 -27.85
C LYS E 638 22.19 2.52 -29.36
N ARG E 639 21.02 2.25 -29.94
CA ARG E 639 20.91 1.95 -31.36
C ARG E 639 19.58 2.47 -31.88
N LYS E 640 19.57 2.96 -33.12
CA LYS E 640 18.36 3.42 -33.78
C LYS E 640 18.15 2.66 -35.08
N THR E 641 16.90 2.51 -35.49
CA THR E 641 16.55 1.83 -36.72
C THR E 641 15.23 2.38 -37.22
N LEU E 642 15.25 3.04 -38.37
CA LEU E 642 14.05 3.57 -38.96
C LEU E 642 13.14 2.45 -39.45
N LYS E 643 11.84 2.66 -39.34
CA LYS E 643 10.85 1.73 -39.87
C LYS E 643 10.16 2.39 -41.07
N LYS E 644 10.11 1.66 -42.18
CA LYS E 644 9.52 2.20 -43.39
C LYS E 644 8.01 2.24 -43.25
N GLN E 645 7.42 3.37 -43.64
CA GLN E 645 5.97 3.49 -43.67
C GLN E 645 5.40 2.53 -44.70
N ARG E 646 4.49 1.67 -44.27
CA ARG E 646 3.90 0.68 -45.16
C ARG E 646 2.67 1.20 -45.89
N SER E 647 2.27 2.43 -45.61
CA SER E 647 1.07 3.04 -46.18
C SER E 647 1.33 4.54 -46.28
N ALA E 648 0.25 5.31 -46.42
CA ALA E 648 0.36 6.76 -46.38
C ALA E 648 -0.18 7.38 -45.09
N GLU E 649 -0.99 6.65 -44.32
CA GLU E 649 -1.61 7.19 -43.13
C GLU E 649 -0.95 6.75 -41.83
N GLU E 650 -0.31 5.57 -41.81
CA GLU E 650 0.34 5.10 -40.60
C GLU E 650 1.40 6.10 -40.13
N LYS E 651 1.47 6.30 -38.83
CA LYS E 651 2.38 7.29 -38.27
C LYS E 651 3.81 6.79 -38.36
N PRO E 652 4.75 7.61 -38.83
CA PRO E 652 6.13 7.14 -39.02
C PRO E 652 6.87 7.05 -37.70
N THR E 653 7.40 5.86 -37.42
CA THR E 653 8.13 5.59 -36.20
C THR E 653 9.49 4.98 -36.51
N GLY E 654 10.25 4.75 -35.45
CA GLY E 654 11.49 3.99 -35.55
C GLY E 654 11.70 3.25 -34.26
N VAL E 655 12.61 2.30 -34.28
CA VAL E 655 12.92 1.51 -33.10
C VAL E 655 14.21 2.02 -32.50
N VAL E 656 14.20 2.27 -31.19
CA VAL E 656 15.36 2.75 -30.46
C VAL E 656 15.62 1.78 -29.32
N GLU E 657 16.82 1.19 -29.31
CA GLU E 657 17.31 0.39 -28.20
C GLU E 657 18.03 1.32 -27.22
N TRP E 658 17.72 1.17 -25.94
CA TRP E 658 18.34 1.98 -24.89
C TRP E 658 19.11 1.09 -23.94
N ALA E 659 20.39 1.39 -23.75
CA ALA E 659 21.18 0.78 -22.70
C ALA E 659 20.82 1.37 -21.35
N VAL E 660 20.55 0.51 -20.37
CA VAL E 660 20.23 0.90 -19.01
C VAL E 660 21.26 0.30 -18.07
N GLU E 661 21.81 1.12 -17.19
CA GLU E 661 22.81 0.69 -16.21
C GLU E 661 22.40 1.17 -14.83
N VAL E 662 22.20 0.25 -13.90
CA VAL E 662 21.81 0.58 -12.53
C VAL E 662 23.03 0.44 -11.62
N PHE E 663 23.40 1.54 -10.95
CA PHE E 663 24.55 1.60 -10.05
C PHE E 663 24.08 1.77 -8.61
N ASN E 664 24.82 1.17 -7.69
CA ASN E 664 24.60 1.44 -6.27
C ASN E 664 25.49 2.60 -5.83
N GLN E 665 25.60 2.82 -4.52
CA GLN E 665 26.29 4.00 -4.02
C GLN E 665 27.82 3.88 -4.09
N HIS E 666 28.35 2.69 -4.35
CA HIS E 666 29.77 2.54 -4.63
C HIS E 666 30.07 2.67 -6.12
N GLN E 667 29.10 3.07 -6.93
CA GLN E 667 29.21 3.15 -8.38
C GLN E 667 29.43 1.78 -9.01
N THR E 668 29.08 0.73 -8.29
CA THR E 668 29.13 -0.66 -8.73
C THR E 668 27.84 -1.01 -9.46
N PRO E 669 27.95 -1.56 -10.67
CA PRO E 669 26.75 -1.96 -11.41
C PRO E 669 26.06 -3.12 -10.72
N VAL E 670 24.75 -3.00 -10.57
CA VAL E 670 23.94 -4.08 -10.01
C VAL E 670 22.96 -4.66 -11.01
N ALA E 671 22.74 -4.00 -12.14
CA ALA E 671 21.88 -4.52 -13.19
C ALA E 671 22.28 -3.91 -14.51
N LEU E 672 22.26 -4.73 -15.56
CA LEU E 672 22.55 -4.28 -16.90
C LEU E 672 21.49 -4.87 -17.83
N TYR E 673 20.97 -4.07 -18.74
CA TYR E 673 20.00 -4.57 -19.70
C TYR E 673 19.76 -3.51 -20.76
N SER E 674 18.93 -3.86 -21.73
CA SER E 674 18.52 -2.96 -22.80
C SER E 674 17.02 -3.04 -22.97
N ILE E 675 16.40 -1.90 -23.27
CA ILE E 675 14.99 -1.85 -23.56
C ILE E 675 14.81 -1.47 -25.03
N LEU E 676 13.76 -1.99 -25.63
CA LEU E 676 13.33 -1.61 -26.96
C LEU E 676 12.21 -0.58 -26.84
N THR E 677 12.08 0.27 -27.86
CA THR E 677 11.11 1.35 -27.81
C THR E 677 10.71 1.74 -29.22
N LEU E 678 9.46 2.14 -29.39
CA LEU E 678 8.98 2.79 -30.61
C LEU E 678 8.96 4.29 -30.38
N VAL E 679 9.63 5.03 -31.25
CA VAL E 679 9.77 6.48 -31.12
C VAL E 679 9.23 7.12 -32.39
N ALA E 680 8.30 8.05 -32.22
CA ALA E 680 7.71 8.74 -33.36
C ALA E 680 8.73 9.59 -34.08
N ARG E 681 8.63 9.61 -35.40
CA ARG E 681 9.48 10.45 -36.24
C ARG E 681 8.75 11.72 -36.65
N GLN E 682 9.53 12.77 -36.91
CA GLN E 682 8.95 14.03 -37.37
C GLN E 682 8.53 13.94 -38.83
N HIS E 683 9.33 13.29 -39.67
CA HIS E 683 9.11 13.27 -41.10
C HIS E 683 8.94 11.83 -41.58
N GLY E 684 7.76 11.52 -42.08
CA GLY E 684 7.52 10.25 -42.72
C GLY E 684 8.10 10.23 -44.13
N ASP E 685 8.06 9.05 -44.73
CA ASP E 685 8.50 8.93 -46.12
C ASP E 685 7.54 8.08 -46.94
N PHE E 686 6.23 8.28 -46.72
CA PHE E 686 5.15 7.63 -47.47
C PHE E 686 5.38 6.16 -47.79
N GLN F 9 -43.56 74.94 -2.32
CA GLN F 9 -43.27 73.60 -1.84
C GLN F 9 -41.88 73.58 -1.21
N GLN F 10 -41.82 73.52 0.12
CA GLN F 10 -40.55 73.66 0.80
C GLN F 10 -40.03 72.31 1.28
N LEU F 11 -38.74 72.09 1.08
CA LEU F 11 -38.09 70.79 1.28
C LEU F 11 -37.81 70.59 2.77
N ALA F 12 -38.28 69.48 3.32
CA ALA F 12 -38.19 69.22 4.75
C ALA F 12 -36.88 68.55 5.13
N SER F 13 -36.47 68.76 6.37
CA SER F 13 -35.28 68.17 6.96
C SER F 13 -35.69 67.16 8.01
N PHE F 14 -35.05 66.01 8.02
CA PHE F 14 -35.38 64.94 8.96
C PHE F 14 -34.35 64.93 10.08
N LEU F 15 -34.66 65.62 11.17
CA LEU F 15 -33.78 65.62 12.33
C LEU F 15 -34.61 65.43 13.58
N SER F 16 -33.98 64.82 14.59
CA SER F 16 -34.61 64.48 15.86
C SER F 16 -35.83 63.57 15.67
N GLY F 17 -35.89 62.86 14.55
CA GLY F 17 -36.97 61.94 14.28
C GLY F 17 -38.22 62.54 13.67
N THR F 18 -38.22 63.84 13.35
CA THR F 18 -39.40 64.48 12.78
C THR F 18 -39.03 65.21 11.51
N TRP F 19 -39.95 65.20 10.55
CA TRP F 19 -39.82 65.97 9.32
C TRP F 19 -40.22 67.40 9.57
N GLN F 20 -39.29 68.32 9.39
CA GLN F 20 -39.51 69.73 9.68
C GLN F 20 -38.77 70.58 8.66
N SER F 21 -39.02 71.89 8.71
CA SER F 21 -38.40 72.84 7.81
C SER F 21 -38.00 74.10 8.57
N GLY F 22 -37.33 75.00 7.86
CA GLY F 22 -36.86 76.25 8.44
C GLY F 22 -37.62 77.45 7.89
N ARG F 23 -37.29 78.62 8.45
CA ARG F 23 -37.98 79.87 8.11
C ARG F 23 -36.98 81.01 8.06
N GLY F 24 -36.88 81.66 6.90
CA GLY F 24 -36.00 82.79 6.72
C GLY F 24 -35.50 82.94 5.30
N ARG F 25 -34.20 83.21 5.14
CA ARG F 25 -33.60 83.25 3.81
C ARG F 25 -33.43 81.85 3.27
N SER F 26 -33.88 81.64 2.04
CA SER F 26 -33.91 80.33 1.41
C SER F 26 -33.09 80.33 0.13
N ARG F 27 -32.77 79.14 -0.35
CA ARG F 27 -32.26 78.93 -1.69
C ARG F 27 -33.36 78.25 -2.50
N LEU F 28 -33.35 78.47 -3.82
CA LEU F 28 -34.35 77.89 -4.69
C LEU F 28 -33.70 76.81 -5.55
N ILE F 29 -34.44 75.74 -5.80
CA ILE F 29 -33.99 74.69 -6.70
C ILE F 29 -34.78 74.82 -8.01
N HIS F 30 -34.10 75.26 -9.05
CA HIS F 30 -34.70 75.42 -10.36
C HIS F 30 -34.57 74.14 -11.17
N HIS F 31 -35.50 73.97 -12.10
CA HIS F 31 -35.42 72.86 -13.05
C HIS F 31 -34.30 73.15 -14.04
N ALA F 32 -33.43 72.17 -14.25
CA ALA F 32 -32.25 72.40 -15.08
C ALA F 32 -32.62 72.59 -16.54
N ILE F 33 -33.71 71.97 -16.98
CA ILE F 33 -34.12 72.09 -18.38
C ILE F 33 -35.04 73.29 -18.57
N SER F 34 -36.11 73.37 -17.79
CA SER F 34 -37.09 74.43 -18.01
C SER F 34 -36.68 75.73 -17.33
N GLY F 35 -36.21 75.66 -16.10
CA GLY F 35 -35.82 76.84 -15.35
C GLY F 35 -36.78 77.24 -14.25
N GLU F 36 -37.86 76.48 -14.05
CA GLU F 36 -38.84 76.82 -13.03
C GLU F 36 -38.33 76.48 -11.65
N ALA F 37 -38.52 77.40 -10.71
CA ALA F 37 -38.20 77.13 -9.32
C ALA F 37 -39.23 76.18 -8.73
N LEU F 38 -38.87 74.92 -8.55
CA LEU F 38 -39.81 73.91 -8.12
C LEU F 38 -39.56 73.40 -6.70
N TRP F 39 -38.61 73.97 -5.96
CA TRP F 39 -38.44 73.70 -4.54
C TRP F 39 -37.85 74.93 -3.87
N GLU F 40 -38.14 75.07 -2.59
CA GLU F 40 -37.52 76.08 -1.74
C GLU F 40 -36.84 75.39 -0.58
N VAL F 41 -35.65 75.85 -0.23
CA VAL F 41 -34.79 75.16 0.72
C VAL F 41 -34.32 76.13 1.80
N THR F 42 -34.61 75.80 3.06
CA THR F 42 -34.06 76.54 4.19
C THR F 42 -34.21 75.68 5.44
N SER F 43 -33.27 75.85 6.37
CA SER F 43 -33.28 75.10 7.61
C SER F 43 -33.02 76.00 8.82
N GLU F 44 -33.35 77.28 8.72
CA GLU F 44 -33.07 78.20 9.82
C GLU F 44 -34.00 77.92 11.00
N GLY F 45 -33.48 78.10 12.21
CA GLY F 45 -34.26 77.89 13.40
C GLY F 45 -34.38 76.45 13.86
N LEU F 46 -33.77 75.51 13.16
CA LEU F 46 -33.79 74.11 13.57
C LEU F 46 -32.70 73.87 14.60
N ASP F 47 -33.02 73.08 15.62
CA ASP F 47 -32.10 72.83 16.73
C ASP F 47 -31.09 71.77 16.29
N MET F 48 -29.92 72.23 15.81
CA MET F 48 -28.89 71.31 15.37
C MET F 48 -28.32 70.51 16.53
N ALA F 49 -28.14 71.16 17.68
CA ALA F 49 -27.63 70.45 18.85
C ALA F 49 -28.59 69.36 19.29
N ALA F 50 -29.89 69.62 19.21
CA ALA F 50 -30.87 68.57 19.49
C ALA F 50 -30.74 67.41 18.51
N ALA F 51 -30.50 67.71 17.24
CA ALA F 51 -30.36 66.66 16.24
C ALA F 51 -29.14 65.77 16.53
N ARG F 52 -28.00 66.38 16.81
CA ARG F 52 -26.81 65.60 17.15
C ARG F 52 -27.03 64.77 18.42
N GLN F 53 -27.63 65.37 19.45
CA GLN F 53 -27.89 64.63 20.67
C GLN F 53 -28.84 63.48 20.41
N PHE F 54 -29.80 63.67 19.51
CA PHE F 54 -30.73 62.60 19.15
C PHE F 54 -29.99 61.47 18.45
N ALA F 55 -29.04 61.80 17.58
CA ALA F 55 -28.25 60.78 16.91
C ALA F 55 -27.43 59.96 17.90
N ILE F 56 -26.79 60.62 18.86
CA ILE F 56 -25.85 59.90 19.69
C ILE F 56 -26.51 59.22 20.88
N GLU F 57 -27.70 59.68 21.31
CA GLU F 57 -28.30 59.07 22.48
C GLU F 57 -29.08 57.81 22.14
N LYS F 58 -29.60 57.70 20.92
CA LYS F 58 -30.38 56.52 20.57
C LYS F 58 -29.99 55.88 19.25
N GLY F 59 -29.49 56.63 18.27
CA GLY F 59 -29.03 55.99 17.04
C GLY F 59 -27.76 55.18 17.25
N ALA F 60 -26.77 55.78 17.92
CA ALA F 60 -25.45 55.17 18.04
C ALA F 60 -25.46 53.89 18.88
N PRO F 61 -26.04 53.85 20.08
CA PRO F 61 -26.01 52.57 20.83
C PRO F 61 -26.84 51.50 20.15
N ALA F 62 -27.90 51.89 19.46
CA ALA F 62 -28.69 50.94 18.69
C ALA F 62 -27.88 50.31 17.59
N LEU F 63 -27.05 51.10 16.89
CA LEU F 63 -26.22 50.50 15.85
C LEU F 63 -25.08 49.70 16.45
N ARG F 64 -24.54 50.15 17.60
CA ARG F 64 -23.40 49.48 18.19
C ARG F 64 -23.77 48.15 18.82
N ALA F 65 -25.03 47.97 19.23
CA ALA F 65 -25.42 46.68 19.79
C ALA F 65 -25.47 45.60 18.72
N MET F 66 -25.59 45.99 17.45
CA MET F 66 -25.61 45.01 16.38
C MET F 66 -24.20 44.52 16.05
N THR F 67 -24.08 43.24 15.77
CA THR F 67 -22.82 42.72 15.26
C THR F 67 -22.64 43.19 13.82
N PHE F 68 -21.41 43.03 13.31
CA PHE F 68 -21.13 43.41 11.93
C PHE F 68 -21.97 42.61 10.95
N ILE F 69 -22.25 41.34 11.27
CA ILE F 69 -23.11 40.51 10.42
C ILE F 69 -24.51 41.09 10.33
N GLU F 70 -25.07 41.52 11.47
CA GLU F 70 -26.41 42.11 11.47
C GLU F 70 -26.44 43.45 10.73
N ARG F 71 -25.38 44.25 10.86
CA ARG F 71 -25.36 45.53 10.16
C ARG F 71 -25.22 45.33 8.66
N ALA F 72 -24.44 44.33 8.25
CA ALA F 72 -24.37 43.97 6.84
C ALA F 72 -25.72 43.50 6.32
N ALA F 73 -26.45 42.70 7.10
CA ALA F 73 -27.80 42.30 6.70
C ALA F 73 -28.72 43.51 6.57
N MET F 74 -28.59 44.48 7.47
CA MET F 74 -29.39 45.70 7.37
C MET F 74 -29.06 46.49 6.11
N LEU F 75 -27.78 46.58 5.76
CA LEU F 75 -27.38 47.21 4.51
C LEU F 75 -28.03 46.51 3.32
N LYS F 76 -28.01 45.18 3.30
CA LYS F 76 -28.58 44.46 2.17
C LYS F 76 -30.09 44.67 2.07
N ALA F 77 -30.79 44.61 3.20
CA ALA F 77 -32.23 44.87 3.18
C ALA F 77 -32.54 46.29 2.70
N VAL F 78 -31.74 47.26 3.11
CA VAL F 78 -31.97 48.64 2.67
C VAL F 78 -31.70 48.78 1.19
N ALA F 79 -30.66 48.14 0.68
CA ALA F 79 -30.38 48.19 -0.75
C ALA F 79 -31.54 47.61 -1.55
N LYS F 80 -32.08 46.46 -1.09
CA LYS F 80 -33.21 45.88 -1.81
C LYS F 80 -34.40 46.82 -1.82
N HIS F 81 -34.77 47.35 -0.65
CA HIS F 81 -35.92 48.24 -0.57
C HIS F 81 -35.71 49.49 -1.44
N LEU F 82 -34.48 50.00 -1.50
CA LEU F 82 -34.22 51.16 -2.34
C LEU F 82 -34.34 50.81 -3.80
N LEU F 83 -33.85 49.63 -4.19
CA LEU F 83 -33.89 49.23 -5.59
C LEU F 83 -35.31 49.04 -6.08
N SER F 84 -36.20 48.53 -5.22
CA SER F 84 -37.58 48.33 -5.66
C SER F 84 -38.25 49.63 -6.05
N GLU F 85 -37.92 50.72 -5.37
CA GLU F 85 -38.57 52.02 -5.57
C GLU F 85 -37.74 52.98 -6.40
N LYS F 86 -36.96 52.47 -7.36
CA LYS F 86 -36.03 53.32 -8.10
C LYS F 86 -36.71 54.24 -9.11
N GLU F 87 -37.95 53.95 -9.51
CA GLU F 87 -38.62 54.81 -10.49
C GLU F 87 -38.82 56.22 -9.97
N ARG F 88 -39.24 56.36 -8.73
CA ARG F 88 -39.38 57.69 -8.12
C ARG F 88 -38.06 58.44 -8.17
N PHE F 89 -36.95 57.74 -7.91
CA PHE F 89 -35.64 58.36 -7.98
C PHE F 89 -35.29 58.80 -9.40
N TYR F 90 -35.60 57.96 -10.39
CA TYR F 90 -35.37 58.35 -11.77
C TYR F 90 -36.17 59.59 -12.15
N ALA F 91 -37.42 59.67 -11.67
CA ALA F 91 -38.24 60.84 -11.98
C ALA F 91 -37.67 62.11 -11.36
N LEU F 92 -37.20 62.02 -10.11
CA LEU F 92 -36.61 63.22 -9.50
C LEU F 92 -35.27 63.55 -10.13
N SER F 93 -34.55 62.54 -10.64
CA SER F 93 -33.30 62.78 -11.34
C SER F 93 -33.50 63.45 -12.68
N ALA F 94 -34.62 63.18 -13.35
CA ALA F 94 -34.95 63.90 -14.58
C ALA F 94 -34.92 65.41 -14.37
N GLN F 95 -35.28 65.89 -13.18
CA GLN F 95 -35.34 67.33 -12.93
C GLN F 95 -33.97 67.99 -12.92
N THR F 96 -32.89 67.21 -12.86
CA THR F 96 -31.56 67.76 -12.66
C THR F 96 -30.80 67.99 -13.96
N GLY F 97 -31.30 67.46 -15.08
CA GLY F 97 -30.59 67.59 -16.34
C GLY F 97 -29.85 66.36 -16.79
N ALA F 98 -30.25 65.19 -16.32
CA ALA F 98 -29.52 63.96 -16.59
C ALA F 98 -30.27 63.10 -17.58
N THR F 99 -29.55 62.55 -18.56
CA THR F 99 -30.11 61.51 -19.41
C THR F 99 -30.36 60.25 -18.58
N ARG F 100 -30.97 59.25 -19.22
CA ARG F 100 -31.28 58.01 -18.54
C ARG F 100 -30.04 57.28 -18.08
N ALA F 101 -28.95 57.38 -18.85
CA ALA F 101 -27.73 56.64 -18.50
C ALA F 101 -27.00 57.27 -17.34
N ASP F 102 -26.99 58.60 -17.26
CA ASP F 102 -26.36 59.27 -16.12
C ASP F 102 -27.10 58.95 -14.83
N SER F 103 -28.42 59.06 -14.86
CA SER F 103 -29.22 58.69 -13.69
C SER F 103 -29.06 57.21 -13.36
N TRP F 104 -28.90 56.37 -14.37
CA TRP F 104 -28.60 54.96 -14.08
C TRP F 104 -27.30 54.85 -13.31
N VAL F 105 -26.25 55.52 -13.79
CA VAL F 105 -24.97 55.54 -13.09
C VAL F 105 -25.18 55.92 -11.62
N ASP F 106 -25.80 57.07 -11.38
CA ASP F 106 -25.98 57.55 -10.02
C ASP F 106 -26.79 56.57 -9.16
N ILE F 107 -28.02 56.27 -9.58
CA ILE F 107 -28.93 55.48 -8.76
C ILE F 107 -28.40 54.06 -8.56
N GLU F 108 -28.16 53.36 -9.66
CA GLU F 108 -27.74 51.96 -9.57
C GLU F 108 -26.35 51.83 -8.98
N GLY F 109 -25.48 52.82 -9.14
CA GLY F 109 -24.17 52.74 -8.51
C GLY F 109 -24.24 52.94 -7.01
N GLY F 110 -25.09 53.86 -6.54
CA GLY F 110 -25.29 53.96 -5.11
C GLY F 110 -25.83 52.69 -4.49
N ILE F 111 -26.89 52.15 -5.10
CA ILE F 111 -27.46 50.93 -4.55
C ILE F 111 -26.49 49.77 -4.66
N GLY F 112 -25.70 49.72 -5.73
CA GLY F 112 -24.68 48.68 -5.84
C GLY F 112 -23.56 48.82 -4.83
N THR F 113 -23.22 50.05 -4.45
CA THR F 113 -22.28 50.24 -3.36
C THR F 113 -22.82 49.64 -2.07
N LEU F 114 -24.11 49.87 -1.79
CA LEU F 114 -24.72 49.24 -0.62
C LEU F 114 -24.60 47.71 -0.70
N PHE F 115 -24.93 47.14 -1.86
CA PHE F 115 -24.86 45.68 -2.00
C PHE F 115 -23.44 45.17 -1.80
N THR F 116 -22.45 45.87 -2.37
CA THR F 116 -21.06 45.44 -2.28
C THR F 116 -20.56 45.49 -0.84
N TYR F 117 -20.92 46.54 -0.10
CA TYR F 117 -20.46 46.63 1.28
C TYR F 117 -21.18 45.60 2.15
N ALA F 118 -22.46 45.31 1.88
CA ALA F 118 -23.13 44.22 2.56
C ALA F 118 -22.40 42.91 2.34
N SER F 119 -21.99 42.65 1.09
CA SER F 119 -21.29 41.41 0.79
C SER F 119 -19.94 41.33 1.49
N LEU F 120 -19.11 42.38 1.35
CA LEU F 120 -17.80 42.38 2.01
C LEU F 120 -17.95 42.20 3.52
N GLY F 121 -18.90 42.91 4.12
CA GLY F 121 -19.09 42.80 5.55
C GLY F 121 -19.49 41.39 5.98
N SER F 122 -20.51 40.83 5.32
CA SER F 122 -20.93 39.49 5.70
C SER F 122 -19.82 38.46 5.43
N ARG F 123 -18.89 38.76 4.51
CA ARG F 123 -17.92 37.75 4.15
C ARG F 123 -16.66 37.80 5.00
N GLU F 124 -16.27 38.98 5.50
CA GLU F 124 -14.97 39.05 6.18
C GLU F 124 -14.95 39.92 7.42
N LEU F 125 -16.10 40.16 8.05
CA LEU F 125 -16.10 40.87 9.33
C LEU F 125 -16.56 39.94 10.44
N PRO F 126 -16.13 40.17 11.68
CA PRO F 126 -16.45 39.23 12.77
C PRO F 126 -17.92 39.29 13.17
N ASP F 127 -18.37 38.19 13.75
CA ASP F 127 -19.71 38.09 14.34
C ASP F 127 -19.63 38.59 15.79
N ASP F 128 -19.36 39.88 15.93
CA ASP F 128 -19.15 40.50 17.22
C ASP F 128 -19.41 41.98 17.07
N THR F 129 -19.30 42.71 18.18
CA THR F 129 -19.37 44.15 18.15
C THR F 129 -18.00 44.80 18.13
N LEU F 130 -16.94 44.03 18.36
CA LEU F 130 -15.56 44.49 18.26
C LEU F 130 -14.88 43.77 17.09
N TRP F 131 -13.87 44.40 16.51
CA TRP F 131 -13.18 43.87 15.34
C TRP F 131 -11.69 43.69 15.61
N PRO F 132 -11.22 42.46 15.91
CA PRO F 132 -9.78 42.20 16.02
C PRO F 132 -9.15 42.11 14.64
N GLU F 133 -8.31 43.09 14.31
CA GLU F 133 -7.89 43.20 12.92
C GLU F 133 -6.69 42.34 12.55
N ASP F 134 -5.77 42.08 13.47
CA ASP F 134 -4.56 41.34 13.16
C ASP F 134 -4.42 40.13 14.08
N GLU F 135 -3.46 39.27 13.76
CA GLU F 135 -3.15 38.13 14.61
C GLU F 135 -2.42 38.58 15.86
N LEU F 136 -2.31 37.66 16.82
CA LEU F 136 -1.65 37.96 18.08
C LEU F 136 -0.18 38.25 17.89
N ILE F 137 0.32 39.27 18.58
CA ILE F 137 1.72 39.68 18.52
C ILE F 137 2.38 39.23 19.82
N PRO F 138 3.30 38.26 19.78
CA PRO F 138 3.97 37.84 21.01
C PRO F 138 4.98 38.87 21.47
N LEU F 139 4.98 39.18 22.77
CA LEU F 139 5.86 40.19 23.34
C LEU F 139 6.68 39.66 24.52
N SER F 140 6.87 38.35 24.61
CA SER F 140 7.58 37.79 25.74
C SER F 140 8.23 36.48 25.32
N LYS F 141 9.04 35.92 26.22
CA LYS F 141 9.73 34.67 25.92
C LYS F 141 8.92 33.46 26.36
N GLU F 142 8.33 33.52 27.56
CA GLU F 142 7.54 32.40 28.05
C GLU F 142 6.10 32.41 27.56
N GLY F 143 5.67 33.48 26.89
CA GLY F 143 4.33 33.56 26.38
C GLY F 143 3.31 34.16 27.32
N GLY F 144 3.73 34.90 28.33
CA GLY F 144 2.80 35.48 29.27
C GLY F 144 2.28 36.85 28.90
N PHE F 145 2.87 37.50 27.91
CA PHE F 145 2.57 38.89 27.59
C PHE F 145 2.54 39.05 26.08
N ALA F 146 1.39 39.44 25.54
CA ALA F 146 1.19 39.54 24.10
C ALA F 146 0.34 40.78 23.81
N ALA F 147 0.00 40.98 22.54
CA ALA F 147 -0.84 42.11 22.18
C ALA F 147 -1.49 41.85 20.82
N ARG F 148 -2.67 42.46 20.63
CA ARG F 148 -3.26 42.55 19.30
C ARG F 148 -4.03 43.84 19.19
N HIS F 149 -4.43 44.18 17.98
CA HIS F 149 -5.11 45.43 17.69
C HIS F 149 -6.61 45.21 17.51
N LEU F 150 -7.41 46.01 18.20
CA LEU F 150 -8.85 45.96 18.08
C LEU F 150 -9.38 47.27 17.49
N LEU F 151 -10.49 47.15 16.76
CA LEU F 151 -11.23 48.27 16.24
C LEU F 151 -12.59 48.26 16.93
N THR F 152 -12.97 49.39 17.51
CA THR F 152 -14.28 49.57 18.11
C THR F 152 -14.92 50.84 17.54
N SER F 153 -16.25 50.85 17.51
CA SER F 153 -16.99 51.99 16.97
C SER F 153 -16.72 53.25 17.77
N LYS F 154 -16.70 54.38 17.09
CA LYS F 154 -16.72 55.65 17.80
C LYS F 154 -18.12 55.95 18.30
N SER F 155 -18.21 56.81 19.31
CA SER F 155 -19.47 57.12 19.96
C SER F 155 -20.28 58.22 19.28
N GLY F 156 -19.62 59.11 18.54
CA GLY F 156 -20.27 60.29 18.00
C GLY F 156 -21.09 60.03 16.77
N VAL F 157 -21.30 61.09 16.00
CA VAL F 157 -22.09 61.05 14.77
C VAL F 157 -21.19 61.50 13.63
N ALA F 158 -21.43 60.94 12.45
CA ALA F 158 -20.68 61.28 11.24
C ALA F 158 -21.48 62.23 10.39
N VAL F 159 -20.92 63.40 10.12
CA VAL F 159 -21.54 64.44 9.31
C VAL F 159 -20.92 64.39 7.91
N HIS F 160 -21.74 64.08 6.91
CA HIS F 160 -21.30 63.97 5.53
C HIS F 160 -21.84 65.15 4.73
N ILE F 161 -20.95 66.05 4.33
CA ILE F 161 -21.32 67.21 3.53
C ILE F 161 -21.00 66.89 2.08
N ASN F 162 -22.04 66.68 1.29
CA ASN F 162 -21.92 66.12 -0.05
C ASN F 162 -22.06 67.19 -1.11
N ALA F 163 -21.56 66.87 -2.31
CA ALA F 163 -21.63 67.75 -3.46
C ALA F 163 -22.86 67.41 -4.31
N PHE F 164 -23.15 68.27 -5.29
CA PHE F 164 -24.35 68.09 -6.09
C PHE F 164 -24.20 67.07 -7.21
N ASN F 165 -22.98 66.71 -7.59
CA ASN F 165 -22.75 65.84 -8.73
C ASN F 165 -23.58 64.56 -8.64
N PHE F 166 -23.44 63.84 -7.53
CA PHE F 166 -24.03 62.52 -7.34
C PHE F 166 -24.86 62.53 -6.07
N PRO F 167 -26.11 62.98 -6.15
CA PRO F 167 -26.93 63.09 -4.93
C PRO F 167 -27.28 61.75 -4.31
N CYS F 168 -27.27 60.66 -5.08
CA CYS F 168 -27.57 59.34 -4.55
C CYS F 168 -26.32 58.53 -4.28
N TRP F 169 -25.40 58.45 -5.24
CA TRP F 169 -24.15 57.73 -5.00
C TRP F 169 -23.30 58.45 -3.97
N GLY F 170 -23.32 59.78 -3.97
CA GLY F 170 -22.50 60.52 -3.03
C GLY F 170 -22.94 60.36 -1.60
N MET F 171 -24.19 59.98 -1.38
CA MET F 171 -24.66 59.76 -0.02
C MET F 171 -24.42 58.32 0.42
N LEU F 172 -24.77 57.35 -0.43
CA LEU F 172 -24.67 55.95 -0.04
C LEU F 172 -23.22 55.48 -0.01
N GLU F 173 -22.41 55.98 -0.94
CA GLU F 173 -20.96 55.85 -0.91
C GLU F 173 -20.37 56.09 0.48
N LYS F 174 -20.83 57.11 1.20
CA LYS F 174 -20.35 57.36 2.55
C LYS F 174 -21.17 56.64 3.61
N LEU F 175 -22.46 56.43 3.36
CA LEU F 175 -23.36 55.89 4.37
C LEU F 175 -23.08 54.42 4.65
N ALA F 176 -22.75 53.65 3.61
CA ALA F 176 -22.51 52.23 3.82
C ALA F 176 -21.39 51.95 4.82
N PRO F 177 -20.18 52.51 4.68
CA PRO F 177 -19.16 52.25 5.70
C PRO F 177 -19.47 52.91 7.03
N THR F 178 -20.18 54.04 7.02
CA THR F 178 -20.53 54.70 8.27
C THR F 178 -21.39 53.79 9.14
N TRP F 179 -22.41 53.16 8.54
CA TRP F 179 -23.25 52.25 9.30
C TRP F 179 -22.51 50.97 9.64
N LEU F 180 -21.78 50.40 8.67
CA LEU F 180 -21.06 49.17 8.96
C LEU F 180 -20.06 49.37 10.08
N GLY F 181 -19.55 50.58 10.26
CA GLY F 181 -18.70 50.92 11.38
C GLY F 181 -19.42 51.17 12.68
N GLY F 182 -20.75 51.27 12.64
CA GLY F 182 -21.55 51.44 13.84
C GLY F 182 -21.82 52.87 14.24
N MET F 183 -21.72 53.82 13.31
CA MET F 183 -21.90 55.23 13.59
C MET F 183 -23.17 55.76 12.95
N PRO F 184 -23.97 56.54 13.67
CA PRO F 184 -25.06 57.29 13.01
C PRO F 184 -24.49 58.34 12.06
N ALA F 185 -25.30 58.71 11.07
CA ALA F 185 -24.88 59.65 10.04
C ALA F 185 -25.85 60.82 9.96
N ILE F 186 -25.31 62.01 9.75
CA ILE F 186 -26.09 63.19 9.42
C ILE F 186 -25.68 63.64 8.03
N ILE F 187 -26.62 63.60 7.10
CA ILE F 187 -26.35 63.91 5.70
C ILE F 187 -26.68 65.38 5.46
N LYS F 188 -25.79 66.08 4.77
CA LYS F 188 -26.04 67.46 4.36
C LYS F 188 -25.74 67.58 2.87
N PRO F 189 -26.74 67.39 2.01
CA PRO F 189 -26.48 67.46 0.57
C PRO F 189 -26.25 68.88 0.11
N ALA F 190 -25.82 68.99 -1.15
CA ALA F 190 -25.74 70.29 -1.78
C ALA F 190 -27.15 70.79 -2.05
N THR F 191 -27.37 72.08 -1.78
CA THR F 191 -28.72 72.64 -1.91
C THR F 191 -29.27 72.47 -3.32
N ALA F 192 -28.39 72.54 -4.33
CA ALA F 192 -28.85 72.62 -5.71
C ALA F 192 -29.56 71.35 -6.15
N THR F 193 -29.35 70.23 -5.45
CA THR F 193 -29.95 68.96 -5.84
C THR F 193 -30.44 68.17 -4.62
N ALA F 194 -30.89 68.84 -3.57
CA ALA F 194 -31.22 68.13 -2.34
C ALA F 194 -32.52 67.34 -2.46
N GLN F 195 -33.31 67.63 -3.50
CA GLN F 195 -34.60 66.97 -3.66
C GLN F 195 -34.43 65.46 -3.87
N LEU F 196 -33.34 65.04 -4.49
CA LEU F 196 -33.14 63.63 -4.74
C LEU F 196 -32.64 62.92 -3.49
N THR F 197 -31.84 63.62 -2.68
CA THR F 197 -31.37 63.04 -1.43
C THR F 197 -32.52 62.90 -0.43
N GLN F 198 -33.41 63.90 -0.38
CA GLN F 198 -34.52 63.84 0.55
C GLN F 198 -35.40 62.62 0.29
N ALA F 199 -35.60 62.30 -0.99
CA ALA F 199 -36.47 61.18 -1.34
C ALA F 199 -35.86 59.86 -0.93
N MET F 200 -34.55 59.72 -1.10
CA MET F 200 -33.88 58.49 -0.71
C MET F 200 -33.87 58.34 0.81
N VAL F 201 -33.69 59.45 1.54
CA VAL F 201 -33.77 59.40 2.99
C VAL F 201 -35.19 59.05 3.43
N LYS F 202 -36.18 59.57 2.71
CA LYS F 202 -37.57 59.24 2.99
C LYS F 202 -37.83 57.74 2.81
N SER F 203 -37.36 57.17 1.70
CA SER F 203 -37.45 55.73 1.50
C SER F 203 -36.83 54.97 2.66
N ILE F 204 -35.59 55.32 3.03
CA ILE F 204 -34.89 54.57 4.08
C ILE F 204 -35.64 54.69 5.41
N VAL F 205 -36.17 55.87 5.72
CA VAL F 205 -36.82 56.08 7.01
C VAL F 205 -38.17 55.39 7.07
N ASP F 206 -38.99 55.53 6.04
CA ASP F 206 -40.30 54.87 6.01
C ASP F 206 -40.21 53.41 5.63
N SER F 207 -39.01 52.88 5.44
CA SER F 207 -38.85 51.43 5.31
C SER F 207 -38.93 50.71 6.64
N GLY F 208 -38.56 51.36 7.73
CA GLY F 208 -38.52 50.71 9.03
C GLY F 208 -37.38 49.72 9.20
N LEU F 209 -36.39 49.74 8.31
CA LEU F 209 -35.32 48.75 8.32
C LEU F 209 -34.11 49.16 9.14
N VAL F 210 -33.96 50.44 9.47
CA VAL F 210 -32.77 50.89 10.20
C VAL F 210 -33.21 51.35 11.59
N PRO F 211 -32.33 51.35 12.58
CA PRO F 211 -32.71 51.82 13.92
C PRO F 211 -33.11 53.30 13.90
N GLU F 212 -33.80 53.71 14.95
CA GLU F 212 -34.18 55.10 15.08
C GLU F 212 -32.95 55.97 15.34
N GLY F 213 -32.87 57.09 14.64
CA GLY F 213 -31.75 57.99 14.80
C GLY F 213 -30.48 57.57 14.10
N ALA F 214 -30.56 56.61 13.18
CA ALA F 214 -29.38 56.16 12.46
C ALA F 214 -29.12 56.96 11.19
N ILE F 215 -30.02 57.86 10.79
CA ILE F 215 -29.78 58.77 9.68
C ILE F 215 -30.59 60.04 9.90
N SER F 216 -29.90 61.18 9.85
CA SER F 216 -30.54 62.48 9.85
C SER F 216 -30.21 63.17 8.54
N LEU F 217 -30.98 64.22 8.24
CA LEU F 217 -30.87 64.91 6.97
C LEU F 217 -31.10 66.39 7.18
N ILE F 218 -30.11 67.21 6.82
CA ILE F 218 -30.19 68.65 6.91
C ILE F 218 -30.28 69.18 5.49
N CYS F 219 -31.45 69.70 5.13
CA CYS F 219 -31.67 70.37 3.85
C CYS F 219 -31.41 71.85 4.05
N GLY F 220 -30.41 72.38 3.39
CA GLY F 220 -30.02 73.76 3.52
C GLY F 220 -28.71 73.93 4.25
N SER F 221 -28.68 74.91 5.14
CA SER F 221 -27.47 75.26 5.86
C SER F 221 -27.31 74.41 7.11
N ALA F 222 -26.07 74.28 7.56
CA ALA F 222 -25.77 73.48 8.75
C ALA F 222 -25.83 74.31 10.04
N GLY F 223 -26.02 75.62 9.94
CA GLY F 223 -26.20 76.42 11.13
C GLY F 223 -24.96 76.43 11.98
N ASP F 224 -25.09 75.99 13.23
CA ASP F 224 -23.96 75.88 14.15
C ASP F 224 -23.68 74.43 14.52
N LEU F 225 -23.87 73.50 13.56
CA LEU F 225 -23.68 72.09 13.88
C LEU F 225 -22.22 71.77 14.17
N LEU F 226 -21.30 72.34 13.39
CA LEU F 226 -19.89 72.03 13.59
C LEU F 226 -19.35 72.58 14.89
N ASP F 227 -20.03 73.56 15.48
CA ASP F 227 -19.62 74.09 16.77
C ASP F 227 -19.92 73.15 17.92
N HIS F 228 -20.83 72.20 17.75
CA HIS F 228 -21.30 71.33 18.81
C HIS F 228 -20.73 69.92 18.73
N LEU F 229 -19.73 69.70 17.90
CA LEU F 229 -19.14 68.37 17.76
C LEU F 229 -18.01 68.19 18.77
N ASP F 230 -17.76 66.94 19.13
CA ASP F 230 -16.64 66.59 19.99
C ASP F 230 -15.79 65.50 19.33
N SER F 231 -14.82 64.99 20.10
CA SER F 231 -13.74 64.17 19.54
C SER F 231 -14.22 62.85 18.94
N GLN F 232 -15.41 62.39 19.29
CA GLN F 232 -15.91 61.11 18.80
C GLN F 232 -16.67 61.23 17.48
N ASP F 233 -16.81 62.43 16.94
CA ASP F 233 -17.48 62.66 15.67
C ASP F 233 -16.47 62.67 14.54
N VAL F 234 -16.97 62.52 13.32
CA VAL F 234 -16.13 62.62 12.12
C VAL F 234 -16.88 63.46 11.10
N VAL F 235 -16.13 64.15 10.25
CA VAL F 235 -16.68 65.02 9.22
C VAL F 235 -16.06 64.64 7.87
N THR F 236 -16.87 64.67 6.83
CA THR F 236 -16.40 64.50 5.47
C THR F 236 -16.95 65.63 4.59
N PHE F 237 -16.16 66.09 3.63
CA PHE F 237 -16.58 67.17 2.76
C PHE F 237 -16.18 66.89 1.32
N THR F 238 -17.16 66.99 0.42
CA THR F 238 -16.91 66.95 -1.02
C THR F 238 -17.43 68.24 -1.61
N GLY F 239 -16.59 68.91 -2.41
CA GLY F 239 -17.07 70.11 -3.06
C GLY F 239 -15.93 71.05 -3.40
N SER F 240 -16.24 72.34 -3.38
CA SER F 240 -15.26 73.37 -3.68
C SER F 240 -14.10 73.34 -2.69
N ALA F 241 -12.91 73.66 -3.19
CA ALA F 241 -11.72 73.59 -2.35
C ALA F 241 -11.71 74.71 -1.32
N ALA F 242 -12.24 75.88 -1.66
CA ALA F 242 -12.24 77.00 -0.72
C ALA F 242 -13.16 76.71 0.46
N THR F 243 -14.36 76.20 0.19
CA THR F 243 -15.28 75.84 1.26
C THR F 243 -14.71 74.75 2.15
N GLY F 244 -14.06 73.75 1.54
CA GLY F 244 -13.47 72.67 2.34
C GLY F 244 -12.32 73.15 3.19
N GLN F 245 -11.45 73.99 2.64
CA GLN F 245 -10.34 74.52 3.41
C GLN F 245 -10.81 75.48 4.48
N MET F 246 -11.97 76.10 4.30
CA MET F 246 -12.56 76.88 5.39
C MET F 246 -13.08 75.95 6.48
N LEU F 247 -13.71 74.84 6.10
CA LEU F 247 -14.19 73.89 7.10
C LEU F 247 -13.02 73.27 7.87
N ARG F 248 -11.88 73.09 7.21
CA ARG F 248 -10.74 72.42 7.84
C ARG F 248 -10.19 73.21 9.02
N VAL F 249 -10.30 74.53 8.99
CA VAL F 249 -9.81 75.37 10.08
C VAL F 249 -10.95 75.85 10.98
N GLN F 250 -12.11 75.21 10.90
CA GLN F 250 -13.19 75.49 11.83
C GLN F 250 -12.67 75.37 13.25
N PRO F 251 -12.82 76.40 14.09
CA PRO F 251 -12.11 76.40 15.38
C PRO F 251 -12.48 75.24 16.29
N ASN F 252 -13.76 74.84 16.31
CA ASN F 252 -14.14 73.69 17.13
C ASN F 252 -13.53 72.40 16.57
N ILE F 253 -13.48 72.27 15.24
CA ILE F 253 -12.91 71.07 14.63
C ILE F 253 -11.41 70.98 14.92
N VAL F 254 -10.73 72.11 15.01
CA VAL F 254 -9.29 72.02 15.26
C VAL F 254 -9.00 71.88 16.74
N ALA F 255 -9.85 72.43 17.61
CA ALA F 255 -9.60 72.35 19.05
C ALA F 255 -9.81 70.93 19.57
N LYS F 256 -10.68 70.16 18.95
CA LYS F 256 -11.08 68.86 19.47
C LYS F 256 -10.43 67.70 18.72
N SER F 257 -9.63 67.98 17.69
CA SER F 257 -8.98 66.95 16.88
C SER F 257 -10.02 66.06 16.20
N ILE F 258 -11.07 66.67 15.68
CA ILE F 258 -12.10 65.90 14.98
C ILE F 258 -11.58 65.48 13.61
N PRO F 259 -11.64 64.20 13.27
CA PRO F 259 -11.16 63.77 11.95
C PRO F 259 -11.96 64.46 10.85
N PHE F 260 -11.23 64.93 9.83
CA PHE F 260 -11.80 65.72 8.76
C PHE F 260 -11.10 65.36 7.46
N THR F 261 -11.84 64.80 6.52
CA THR F 261 -11.30 64.44 5.22
C THR F 261 -12.04 65.22 4.15
N MET F 262 -11.29 65.71 3.17
CA MET F 262 -11.79 66.62 2.17
C MET F 262 -11.54 66.03 0.79
N GLU F 263 -12.51 66.18 -0.10
CA GLU F 263 -12.34 65.87 -1.51
C GLU F 263 -12.71 67.09 -2.33
N ALA F 264 -11.82 67.50 -3.23
CA ALA F 264 -11.93 68.75 -3.96
C ALA F 264 -11.83 68.51 -5.46
N ASP F 265 -11.67 69.61 -6.20
CA ASP F 265 -11.58 69.56 -7.65
C ASP F 265 -10.19 69.10 -8.10
N SER F 266 -10.16 68.19 -9.07
CA SER F 266 -8.91 67.65 -9.57
C SER F 266 -8.88 67.71 -11.08
N LEU F 267 -7.69 67.92 -11.63
CA LEU F 267 -7.46 67.99 -13.06
C LEU F 267 -7.02 66.61 -13.55
N ASN F 268 -7.99 65.77 -13.83
CA ASN F 268 -7.69 64.40 -14.25
C ASN F 268 -7.17 64.38 -15.68
N CYS F 269 -6.13 63.60 -15.91
CA CYS F 269 -5.43 63.54 -17.19
C CYS F 269 -5.74 62.23 -17.91
N CYS F 270 -5.33 62.16 -19.17
CA CYS F 270 -5.39 60.92 -19.95
C CYS F 270 -4.29 60.99 -21.00
N VAL F 271 -3.23 60.21 -20.79
CA VAL F 271 -2.05 60.22 -21.64
C VAL F 271 -2.21 59.19 -22.74
N LEU F 272 -1.72 59.53 -23.93
CA LEU F 272 -1.58 58.57 -25.02
C LEU F 272 -0.14 58.08 -25.08
N GLY F 273 0.04 56.76 -25.08
CA GLY F 273 1.37 56.20 -25.05
C GLY F 273 2.16 56.51 -26.31
N GLU F 274 3.48 56.59 -26.14
CA GLU F 274 4.37 56.82 -27.27
C GLU F 274 4.33 55.67 -28.28
N ASP F 275 3.92 54.48 -27.85
CA ASP F 275 3.97 53.31 -28.73
C ASP F 275 2.85 53.31 -29.76
N VAL F 276 1.69 53.87 -29.44
CA VAL F 276 0.53 53.70 -30.31
C VAL F 276 0.64 54.58 -31.53
N THR F 277 0.02 54.13 -32.61
CA THR F 277 -0.05 54.83 -33.89
C THR F 277 -1.51 54.85 -34.32
N PRO F 278 -1.90 55.77 -35.20
CA PRO F 278 -3.32 55.88 -35.57
C PRO F 278 -3.91 54.62 -36.17
N ASP F 279 -3.10 53.71 -36.70
CA ASP F 279 -3.64 52.47 -37.26
C ASP F 279 -3.97 51.42 -36.20
N GLN F 280 -3.74 51.70 -34.92
CA GLN F 280 -3.98 50.71 -33.87
C GLN F 280 -5.36 50.88 -33.25
N PRO F 281 -5.92 49.80 -32.68
CA PRO F 281 -7.17 49.93 -31.93
C PRO F 281 -7.04 50.81 -30.69
N GLU F 282 -5.85 50.86 -30.10
CA GLU F 282 -5.63 51.73 -28.95
C GLU F 282 -6.05 53.16 -29.24
N PHE F 283 -5.75 53.65 -30.44
CA PHE F 283 -6.08 55.03 -30.79
C PHE F 283 -7.58 55.25 -30.77
N ALA F 284 -8.34 54.31 -31.34
CA ALA F 284 -9.79 54.44 -31.39
C ALA F 284 -10.39 54.39 -29.99
N LEU F 285 -9.93 53.45 -29.15
CA LEU F 285 -10.50 53.40 -27.81
C LEU F 285 -10.08 54.60 -26.97
N PHE F 286 -8.90 55.18 -27.23
CA PHE F 286 -8.51 56.41 -26.57
C PHE F 286 -9.46 57.55 -26.92
N ILE F 287 -9.77 57.72 -28.20
CA ILE F 287 -10.76 58.72 -28.60
C ILE F 287 -12.09 58.48 -27.90
N ARG F 288 -12.59 57.24 -27.97
CA ARG F 288 -13.87 56.92 -27.37
C ARG F 288 -13.87 57.21 -25.87
N GLU F 289 -12.76 56.95 -25.20
CA GLU F 289 -12.67 57.17 -23.76
C GLU F 289 -12.71 58.65 -23.43
N VAL F 290 -11.88 59.44 -24.12
CA VAL F 290 -11.87 60.88 -23.85
C VAL F 290 -13.26 61.46 -24.08
N VAL F 291 -13.95 61.01 -25.13
CA VAL F 291 -15.24 61.61 -25.44
C VAL F 291 -16.28 61.19 -24.40
N ARG F 292 -16.29 59.92 -24.01
CA ARG F 292 -17.26 59.48 -23.02
C ARG F 292 -17.06 60.22 -21.69
N GLU F 293 -15.81 60.35 -21.25
CA GLU F 293 -15.57 61.07 -20.01
C GLU F 293 -15.84 62.56 -20.13
N MET F 294 -15.72 63.12 -21.33
CA MET F 294 -16.02 64.53 -21.53
C MET F 294 -17.52 64.79 -21.49
N THR F 295 -18.33 63.84 -21.97
CA THR F 295 -19.74 64.15 -22.19
C THR F 295 -20.71 63.43 -21.26
N THR F 296 -20.26 62.49 -20.43
CA THR F 296 -21.17 61.83 -19.50
C THR F 296 -21.66 62.81 -18.44
N LYS F 297 -22.98 62.88 -18.27
CA LYS F 297 -23.69 63.90 -17.50
C LYS F 297 -23.05 65.28 -17.62
N ALA F 298 -22.77 65.69 -18.85
CA ALA F 298 -22.24 67.03 -19.16
C ALA F 298 -20.89 67.27 -18.52
N GLY F 299 -20.13 66.19 -18.30
CA GLY F 299 -18.82 66.31 -17.70
C GLY F 299 -18.83 66.85 -16.30
N GLN F 300 -19.83 66.50 -15.49
CA GLN F 300 -19.95 67.01 -14.13
C GLN F 300 -19.52 66.00 -13.07
N LYS F 301 -18.78 64.97 -13.43
CA LYS F 301 -18.23 64.06 -12.44
C LYS F 301 -16.85 64.52 -12.03
N CYS F 302 -16.50 64.29 -10.76
CA CYS F 302 -15.21 64.69 -10.24
C CYS F 302 -14.05 63.96 -10.91
N THR F 303 -14.33 62.86 -11.60
CA THR F 303 -13.32 62.09 -12.31
C THR F 303 -13.35 62.33 -13.82
N ALA F 304 -13.96 63.41 -14.29
CA ALA F 304 -14.00 63.70 -15.71
C ALA F 304 -12.63 64.13 -16.21
N ILE F 305 -12.33 63.78 -17.45
CA ILE F 305 -11.02 64.04 -18.03
C ILE F 305 -10.92 65.53 -18.40
N ARG F 306 -9.92 66.20 -17.85
CA ARG F 306 -9.72 67.62 -18.08
C ARG F 306 -8.46 67.96 -18.86
N ARG F 307 -7.46 67.09 -18.87
CA ARG F 307 -6.20 67.34 -19.56
C ARG F 307 -5.86 66.14 -20.42
N ILE F 308 -5.72 66.37 -21.72
CA ILE F 308 -5.40 65.31 -22.68
C ILE F 308 -3.98 65.53 -23.15
N ILE F 309 -3.12 64.56 -22.90
CA ILE F 309 -1.69 64.67 -23.16
C ILE F 309 -1.32 63.65 -24.22
N VAL F 310 -0.94 64.13 -25.40
CA VAL F 310 -0.62 63.27 -26.52
C VAL F 310 0.77 63.62 -27.02
N PRO F 311 1.41 62.71 -27.76
CA PRO F 311 2.71 63.05 -28.36
C PRO F 311 2.56 64.12 -29.42
N GLN F 312 3.60 64.95 -29.54
CA GLN F 312 3.57 66.11 -30.42
C GLN F 312 3.14 65.73 -31.84
N ALA F 313 3.58 64.57 -32.31
CA ALA F 313 3.26 64.15 -33.67
C ALA F 313 1.78 63.81 -33.83
N LEU F 314 1.19 63.14 -32.84
CA LEU F 314 -0.20 62.70 -32.92
C LEU F 314 -1.20 63.83 -32.68
N VAL F 315 -0.73 65.06 -32.43
CA VAL F 315 -1.61 66.12 -31.94
C VAL F 315 -2.72 66.40 -32.94
N ASN F 316 -2.37 66.61 -34.21
CA ASN F 316 -3.35 67.02 -35.19
C ASN F 316 -4.32 65.89 -35.53
N ALA F 317 -3.83 64.65 -35.60
CA ALA F 317 -4.73 63.52 -35.83
C ALA F 317 -5.73 63.37 -34.68
N VAL F 318 -5.23 63.46 -33.44
CA VAL F 318 -6.11 63.38 -32.28
C VAL F 318 -7.12 64.51 -32.29
N SER F 319 -6.68 65.72 -32.67
CA SER F 319 -7.60 66.85 -32.70
C SER F 319 -8.66 66.69 -33.77
N ASP F 320 -8.31 66.11 -34.92
CA ASP F 320 -9.32 65.78 -35.92
C ASP F 320 -10.33 64.79 -35.36
N ALA F 321 -9.84 63.70 -34.76
CA ALA F 321 -10.74 62.63 -34.33
C ALA F 321 -11.65 63.06 -33.21
N LEU F 322 -11.13 63.80 -32.23
CA LEU F 322 -11.96 64.25 -31.12
C LEU F 322 -13.06 65.19 -31.61
N VAL F 323 -12.69 66.17 -32.43
CA VAL F 323 -13.68 67.11 -32.96
C VAL F 323 -14.74 66.36 -33.75
N ALA F 324 -14.32 65.42 -34.59
CA ALA F 324 -15.27 64.66 -35.41
C ALA F 324 -16.24 63.88 -34.54
N ARG F 325 -15.73 63.09 -33.60
CA ARG F 325 -16.60 62.28 -32.76
C ARG F 325 -17.45 63.14 -31.84
N LEU F 326 -16.96 64.33 -31.50
CA LEU F 326 -17.58 65.17 -30.49
C LEU F 326 -18.65 66.09 -31.06
N GLN F 327 -18.59 66.41 -32.35
CA GLN F 327 -19.67 67.15 -32.98
C GLN F 327 -20.91 66.28 -33.12
N LYS F 328 -20.76 64.96 -33.09
CA LYS F 328 -21.87 64.03 -33.22
C LYS F 328 -22.72 63.94 -31.97
N VAL F 329 -22.32 64.58 -30.89
CA VAL F 329 -23.08 64.53 -29.64
C VAL F 329 -24.15 65.61 -29.69
N VAL F 330 -25.41 65.19 -29.61
CA VAL F 330 -26.53 66.11 -29.64
C VAL F 330 -26.87 66.48 -28.20
N VAL F 331 -26.85 67.78 -27.90
CA VAL F 331 -27.20 68.27 -26.58
C VAL F 331 -28.60 68.86 -26.63
N GLY F 332 -29.40 68.54 -25.62
CA GLY F 332 -30.77 69.01 -25.59
C GLY F 332 -31.53 68.36 -24.45
N ASP F 333 -32.85 68.53 -24.49
CA ASP F 333 -33.72 67.98 -23.46
C ASP F 333 -33.74 66.46 -23.59
N PRO F 334 -33.22 65.70 -22.61
CA PRO F 334 -33.09 64.25 -22.79
C PRO F 334 -34.42 63.55 -22.94
N ALA F 335 -35.53 64.22 -22.63
CA ALA F 335 -36.84 63.64 -22.91
C ALA F 335 -37.13 63.62 -24.41
N GLN F 336 -36.34 64.36 -25.18
CA GLN F 336 -36.42 64.31 -26.63
C GLN F 336 -35.60 63.15 -27.17
N GLU F 337 -36.23 62.33 -28.01
CA GLU F 337 -35.52 61.20 -28.61
C GLU F 337 -34.52 61.70 -29.65
N GLY F 338 -33.25 61.39 -29.40
CA GLY F 338 -32.15 61.88 -30.20
C GLY F 338 -31.10 62.63 -29.41
N VAL F 339 -31.32 62.85 -28.12
CA VAL F 339 -30.39 63.58 -27.26
C VAL F 339 -29.45 62.58 -26.61
N LYS F 340 -28.16 62.91 -26.56
CA LYS F 340 -27.15 62.04 -25.98
C LYS F 340 -26.51 62.64 -24.74
N MET F 341 -26.68 63.93 -24.50
CA MET F 341 -26.04 64.61 -23.39
C MET F 341 -26.90 65.78 -22.96
N GLY F 342 -27.29 65.79 -21.69
CA GLY F 342 -28.22 66.78 -21.17
C GLY F 342 -27.55 68.08 -20.78
N ALA F 343 -28.15 68.75 -19.80
CA ALA F 343 -27.72 70.07 -19.37
C ALA F 343 -26.91 69.99 -18.10
N LEU F 344 -26.31 71.12 -17.73
CA LEU F 344 -25.83 71.31 -16.37
C LEU F 344 -27.01 71.44 -15.41
N VAL F 345 -26.70 71.58 -14.12
CA VAL F 345 -27.79 71.58 -13.15
C VAL F 345 -28.35 72.96 -12.88
N ASN F 346 -27.66 74.02 -13.28
CA ASN F 346 -28.02 75.37 -12.90
C ASN F 346 -27.47 76.35 -13.91
N ALA F 347 -28.16 77.49 -14.04
CA ALA F 347 -27.57 78.59 -14.78
C ALA F 347 -26.35 79.15 -14.06
N GLU F 348 -26.33 79.03 -12.73
CA GLU F 348 -25.15 79.43 -11.96
C GLU F 348 -23.94 78.56 -12.31
N GLN F 349 -24.16 77.24 -12.37
CA GLN F 349 -23.08 76.35 -12.80
C GLN F 349 -22.64 76.67 -14.22
N ARG F 350 -23.58 76.99 -15.10
CA ARG F 350 -23.24 77.33 -16.47
C ARG F 350 -22.37 78.57 -16.53
N ALA F 351 -22.72 79.60 -15.74
CA ALA F 351 -21.89 80.79 -15.67
C ALA F 351 -20.51 80.47 -15.13
N ASP F 352 -20.42 79.60 -14.12
CA ASP F 352 -19.12 79.25 -13.56
C ASP F 352 -18.25 78.55 -14.60
N VAL F 353 -18.84 77.61 -15.34
CA VAL F 353 -18.10 76.92 -16.40
C VAL F 353 -17.64 77.90 -17.46
N GLN F 354 -18.53 78.83 -17.86
CA GLN F 354 -18.16 79.79 -18.89
C GLN F 354 -17.01 80.67 -18.43
N GLU F 355 -17.03 81.12 -17.18
CA GLU F 355 -15.96 82.01 -16.71
C GLU F 355 -14.66 81.25 -16.52
N LYS F 356 -14.72 79.96 -16.17
CA LYS F 356 -13.49 79.18 -16.15
C LYS F 356 -12.92 79.00 -17.56
N VAL F 357 -13.80 78.75 -18.53
CA VAL F 357 -13.33 78.64 -19.92
C VAL F 357 -12.71 79.95 -20.38
N ASN F 358 -13.31 81.08 -19.98
CA ASN F 358 -12.78 82.38 -20.37
C ASN F 358 -11.43 82.64 -19.72
N ILE F 359 -11.26 82.22 -18.47
CA ILE F 359 -9.95 82.33 -17.82
C ILE F 359 -8.91 81.52 -18.59
N LEU F 360 -9.27 80.30 -18.98
CA LEU F 360 -8.32 79.45 -19.71
C LEU F 360 -7.96 80.08 -21.04
N LEU F 361 -8.94 80.64 -21.76
CA LEU F 361 -8.63 81.31 -23.02
C LEU F 361 -7.75 82.52 -22.81
N ALA F 362 -8.06 83.34 -21.79
CA ALA F 362 -7.23 84.49 -21.47
C ALA F 362 -5.81 84.10 -21.10
N ALA F 363 -5.62 82.88 -20.59
CA ALA F 363 -4.30 82.39 -20.23
C ALA F 363 -3.60 81.68 -21.39
N GLY F 364 -4.10 81.82 -22.61
CA GLY F 364 -3.43 81.25 -23.77
C GLY F 364 -3.88 79.87 -24.21
N CYS F 365 -5.18 79.70 -24.43
CA CYS F 365 -5.72 78.44 -24.94
C CYS F 365 -6.47 78.69 -26.24
N GLU F 366 -6.31 77.76 -27.18
CA GLU F 366 -6.92 77.88 -28.50
C GLU F 366 -8.24 77.12 -28.52
N ILE F 367 -9.27 77.74 -29.09
CA ILE F 367 -10.54 77.06 -29.28
C ILE F 367 -10.40 76.06 -30.42
N ARG F 368 -10.84 74.83 -30.19
CA ARG F 368 -10.93 73.81 -31.24
C ARG F 368 -12.36 73.41 -31.53
N LEU F 369 -13.21 73.37 -30.51
CA LEU F 369 -14.66 73.23 -30.66
C LEU F 369 -15.29 74.28 -29.78
N GLY F 370 -16.58 74.53 -29.97
CA GLY F 370 -17.30 75.62 -29.33
C GLY F 370 -17.01 75.85 -27.87
N GLY F 371 -16.83 77.10 -27.46
CA GLY F 371 -16.52 77.42 -26.08
C GLY F 371 -17.40 78.52 -25.51
N GLN F 372 -18.36 79.00 -26.30
CA GLN F 372 -19.29 79.99 -25.80
C GLN F 372 -20.68 79.38 -25.70
N ALA F 373 -21.32 79.56 -24.55
CA ALA F 373 -22.64 79.01 -24.30
C ALA F 373 -23.70 80.09 -24.48
N ASP F 374 -24.95 79.71 -24.21
CA ASP F 374 -26.07 80.64 -24.21
C ASP F 374 -26.34 81.10 -22.80
N LEU F 375 -25.76 82.24 -22.42
CA LEU F 375 -25.90 82.75 -21.06
C LEU F 375 -27.24 83.47 -20.84
N SER F 376 -28.22 83.22 -21.70
CA SER F 376 -29.56 83.74 -21.51
C SER F 376 -30.65 82.69 -21.69
N ALA F 377 -30.35 81.50 -22.18
CA ALA F 377 -31.37 80.49 -22.42
C ALA F 377 -31.94 79.98 -21.10
N ALA F 378 -33.13 79.36 -21.19
CA ALA F 378 -33.77 78.83 -20.00
C ALA F 378 -33.07 77.59 -19.50
N GLY F 379 -32.77 76.64 -20.39
CA GLY F 379 -32.02 75.47 -20.01
C GLY F 379 -30.56 75.79 -19.76
N ALA F 380 -29.94 75.01 -18.87
CA ALA F 380 -28.55 75.22 -18.50
C ALA F 380 -27.64 74.35 -19.36
N PHE F 381 -27.72 74.57 -20.67
CA PHE F 381 -26.97 73.78 -21.64
C PHE F 381 -25.62 74.39 -21.90
N PHE F 382 -24.62 73.53 -22.07
CA PHE F 382 -23.29 73.92 -22.48
C PHE F 382 -22.90 73.02 -23.65
N PRO F 383 -22.28 73.56 -24.70
CA PRO F 383 -21.83 72.70 -25.78
C PRO F 383 -20.52 72.01 -25.43
N PRO F 384 -20.28 70.82 -25.95
CA PRO F 384 -18.96 70.19 -25.80
C PRO F 384 -17.86 71.14 -26.25
N THR F 385 -16.89 71.35 -25.37
CA THR F 385 -15.83 72.32 -25.59
C THR F 385 -14.50 71.59 -25.54
N LEU F 386 -13.69 71.75 -26.57
CA LEU F 386 -12.36 71.17 -26.62
C LEU F 386 -11.37 72.27 -26.87
N LEU F 387 -10.46 72.47 -25.92
CA LEU F 387 -9.47 73.53 -26.00
C LEU F 387 -8.12 72.97 -26.44
N TYR F 388 -7.24 73.87 -26.82
CA TYR F 388 -5.88 73.51 -27.23
C TYR F 388 -4.90 74.40 -26.51
N CYS F 389 -3.84 73.80 -25.98
CA CYS F 389 -2.79 74.52 -25.28
C CYS F 389 -1.48 74.33 -26.06
N PRO F 390 -0.91 75.39 -26.62
CA PRO F 390 0.28 75.19 -27.48
C PRO F 390 1.59 75.09 -26.71
N GLN F 391 1.72 75.78 -25.58
CA GLN F 391 2.96 75.80 -24.80
C GLN F 391 2.62 75.32 -23.39
N PRO F 392 2.53 74.00 -23.19
CA PRO F 392 1.94 73.50 -21.94
C PRO F 392 2.82 73.71 -20.71
N ASP F 393 4.14 73.69 -20.84
CA ASP F 393 4.99 73.75 -19.67
C ASP F 393 5.42 75.17 -19.30
N GLU F 394 4.81 76.19 -19.89
CA GLU F 394 5.01 77.56 -19.44
C GLU F 394 3.75 78.39 -19.35
N THR F 395 2.57 77.78 -19.47
CA THR F 395 1.32 78.44 -19.09
C THR F 395 0.73 77.74 -17.87
N PRO F 396 0.97 78.23 -16.66
CA PRO F 396 0.64 77.45 -15.46
C PRO F 396 -0.85 77.31 -15.20
N ALA F 397 -1.68 78.10 -15.89
CA ALA F 397 -3.11 78.08 -15.60
C ALA F 397 -3.77 76.81 -16.11
N VAL F 398 -3.19 76.15 -17.11
CA VAL F 398 -3.78 74.94 -17.65
C VAL F 398 -3.69 73.78 -16.65
N HIS F 399 -2.77 73.85 -15.69
CA HIS F 399 -2.63 72.84 -14.66
C HIS F 399 -3.24 73.26 -13.33
N ALA F 400 -4.03 74.33 -13.31
CA ALA F 400 -4.66 74.79 -12.07
C ALA F 400 -6.13 75.11 -12.21
N THR F 401 -6.66 75.27 -13.42
CA THR F 401 -8.01 75.75 -13.62
C THR F 401 -8.89 74.64 -14.12
N GLU F 402 -10.03 74.44 -13.47
CA GLU F 402 -10.91 73.33 -13.74
C GLU F 402 -12.32 73.85 -14.01
N ALA F 403 -12.75 73.73 -15.26
CA ALA F 403 -14.11 74.07 -15.66
C ALA F 403 -14.98 72.83 -15.46
N PHE F 404 -15.95 72.94 -14.55
CA PHE F 404 -16.77 71.80 -14.15
C PHE F 404 -17.89 71.56 -15.17
N GLY F 405 -17.49 71.14 -16.36
CA GLY F 405 -18.41 70.96 -17.44
C GLY F 405 -17.85 70.10 -18.55
N PRO F 406 -18.40 70.24 -19.75
CA PRO F 406 -17.91 69.46 -20.90
C PRO F 406 -16.73 70.15 -21.59
N VAL F 407 -15.65 70.34 -20.84
CA VAL F 407 -14.50 71.10 -21.28
C VAL F 407 -13.24 70.29 -21.03
N ALA F 408 -12.37 70.19 -22.02
CA ALA F 408 -11.11 69.52 -21.86
C ALA F 408 -10.07 70.18 -22.76
N THR F 409 -8.83 70.17 -22.31
CA THR F 409 -7.73 70.81 -23.00
C THR F 409 -6.78 69.76 -23.55
N LEU F 410 -6.54 69.81 -24.85
CA LEU F 410 -5.55 68.98 -25.52
C LEU F 410 -4.20 69.69 -25.46
N MET F 411 -3.13 68.92 -25.27
CA MET F 411 -1.81 69.50 -25.14
C MET F 411 -0.74 68.51 -25.57
N PRO F 412 0.36 69.01 -26.15
CA PRO F 412 1.41 68.12 -26.67
C PRO F 412 2.51 67.83 -25.65
N ALA F 413 3.19 66.71 -25.89
CA ALA F 413 4.29 66.26 -25.05
C ALA F 413 5.49 65.89 -25.92
N GLN F 414 6.56 65.44 -25.28
CA GLN F 414 7.74 64.95 -25.99
C GLN F 414 8.37 63.79 -25.22
N ASN F 415 9.11 62.96 -25.95
CA ASN F 415 10.09 62.01 -25.43
C ASN F 415 9.60 61.11 -24.30
N GLN F 416 8.29 60.93 -24.16
CA GLN F 416 7.68 59.97 -23.23
C GLN F 416 7.82 60.37 -21.77
N ARG F 417 8.68 61.33 -21.45
CA ARG F 417 8.89 61.71 -20.06
C ARG F 417 8.39 63.12 -19.77
N HIS F 418 8.41 64.00 -20.79
CA HIS F 418 7.67 65.24 -20.67
C HIS F 418 6.20 64.97 -20.39
N ALA F 419 5.66 63.87 -20.91
CA ALA F 419 4.27 63.52 -20.65
C ALA F 419 4.06 63.11 -19.20
N LEU F 420 5.00 62.37 -18.62
CA LEU F 420 4.93 62.05 -17.20
C LEU F 420 5.00 63.30 -16.35
N GLN F 421 5.90 64.23 -16.70
CA GLN F 421 5.98 65.49 -15.98
C GLN F 421 4.69 66.28 -16.10
N LEU F 422 4.07 66.28 -17.29
CA LEU F 422 2.82 67.00 -17.46
C LEU F 422 1.71 66.37 -16.62
N ALA F 423 1.63 65.03 -16.62
CA ALA F 423 0.67 64.35 -15.77
C ALA F 423 0.84 64.75 -14.31
N CYS F 424 2.09 64.86 -13.85
CA CYS F 424 2.31 65.23 -12.45
C CYS F 424 2.14 66.71 -12.19
N ALA F 425 2.12 67.55 -13.23
CA ALA F 425 1.95 68.98 -13.03
C ALA F 425 0.58 69.37 -12.52
N GLY F 426 -0.39 68.45 -12.50
CA GLY F 426 -1.71 68.78 -12.00
C GLY F 426 -1.77 69.05 -10.51
N GLY F 427 -0.74 68.64 -9.76
CA GLY F 427 -0.70 68.90 -8.33
C GLY F 427 -1.48 67.92 -7.47
N GLY F 428 -1.76 66.73 -7.97
CA GLY F 428 -2.56 65.78 -7.22
C GLY F 428 -3.95 65.64 -7.81
N SER F 429 -4.27 64.45 -8.30
CA SER F 429 -5.52 64.22 -8.99
C SER F 429 -6.22 62.98 -8.45
N LEU F 430 -7.50 62.84 -8.78
CA LEU F 430 -8.23 61.64 -8.41
C LEU F 430 -7.94 60.48 -9.35
N ALA F 431 -7.97 60.73 -10.66
CA ALA F 431 -7.91 59.64 -11.63
C ALA F 431 -7.06 60.04 -12.83
N GLY F 432 -6.37 59.07 -13.38
CA GLY F 432 -5.60 59.25 -14.60
C GLY F 432 -5.65 58.00 -15.45
N THR F 433 -5.53 58.17 -16.75
CA THR F 433 -5.59 57.06 -17.70
C THR F 433 -4.38 57.09 -18.60
N LEU F 434 -3.79 55.93 -18.83
CA LEU F 434 -2.72 55.74 -19.81
C LEU F 434 -3.20 54.73 -20.83
N VAL F 435 -3.20 55.12 -22.09
CA VAL F 435 -3.54 54.22 -23.18
C VAL F 435 -2.24 53.80 -23.83
N THR F 436 -1.95 52.51 -23.77
CA THR F 436 -0.70 51.96 -24.28
C THR F 436 -0.92 50.47 -24.49
N ALA F 437 0.00 49.86 -25.24
CA ALA F 437 0.01 48.42 -25.39
C ALA F 437 1.30 47.80 -24.89
N ASP F 438 2.28 48.62 -24.49
CA ASP F 438 3.58 48.12 -24.07
C ASP F 438 3.63 48.12 -22.55
N PRO F 439 3.79 46.97 -21.91
CA PRO F 439 3.80 46.94 -20.43
C PRO F 439 4.94 47.70 -19.79
N GLN F 440 6.08 47.84 -20.47
CA GLN F 440 7.16 48.63 -19.89
C GLN F 440 6.79 50.10 -19.78
N ILE F 441 6.09 50.64 -20.78
CA ILE F 441 5.59 52.01 -20.69
C ILE F 441 4.71 52.15 -19.46
N ALA F 442 3.83 51.17 -19.24
CA ALA F 442 2.89 51.25 -18.14
C ALA F 442 3.61 51.19 -16.79
N ARG F 443 4.64 50.35 -16.69
CA ARG F 443 5.41 50.30 -15.45
C ARG F 443 6.10 51.63 -15.18
N GLN F 444 6.72 52.22 -16.21
CA GLN F 444 7.38 53.50 -16.02
C GLN F 444 6.38 54.58 -15.58
N PHE F 445 5.22 54.62 -16.23
CA PHE F 445 4.22 55.63 -15.90
C PHE F 445 3.75 55.46 -14.46
N ILE F 446 3.48 54.23 -14.04
CA ILE F 446 3.06 54.00 -12.66
C ILE F 446 4.13 54.46 -11.70
N ALA F 447 5.35 53.92 -11.84
CA ALA F 447 6.42 54.21 -10.90
C ALA F 447 6.69 55.69 -10.77
N ASP F 448 6.49 56.46 -11.84
CA ASP F 448 6.75 57.90 -11.75
C ASP F 448 5.54 58.73 -11.32
N ALA F 449 4.31 58.33 -11.68
CA ALA F 449 3.17 59.21 -11.51
C ALA F 449 2.08 58.70 -10.58
N ALA F 450 2.25 57.55 -9.93
CA ALA F 450 1.23 57.11 -8.98
C ALA F 450 1.19 58.00 -7.75
N ARG F 451 2.31 58.60 -7.36
CA ARG F 451 2.33 59.39 -6.15
C ARG F 451 1.46 60.63 -6.22
N THR F 452 1.09 61.09 -7.43
CA THR F 452 0.19 62.22 -7.56
C THR F 452 -1.21 61.83 -8.04
N HIS F 453 -1.54 60.54 -8.07
CA HIS F 453 -2.85 60.09 -8.50
C HIS F 453 -3.43 59.13 -7.48
N GLY F 454 -4.74 59.21 -7.27
CA GLY F 454 -5.40 58.26 -6.41
C GLY F 454 -5.79 56.98 -7.10
N ARG F 455 -6.09 57.05 -8.38
CA ARG F 455 -6.46 55.89 -9.18
C ARG F 455 -5.93 56.07 -10.59
N ILE F 456 -5.39 55.00 -11.17
CA ILE F 456 -4.81 55.03 -12.50
C ILE F 456 -5.25 53.78 -13.25
N GLN F 457 -5.72 53.94 -14.47
CA GLN F 457 -6.06 52.79 -15.29
C GLN F 457 -5.16 52.72 -16.50
N ILE F 458 -4.65 51.53 -16.78
CA ILE F 458 -3.95 51.21 -18.01
C ILE F 458 -5.01 50.70 -18.98
N LEU F 459 -5.19 51.40 -20.10
CA LEU F 459 -6.25 51.10 -21.05
C LEU F 459 -5.62 50.57 -22.33
N ASN F 460 -5.67 49.25 -22.50
CA ASN F 460 -5.22 48.61 -23.73
C ASN F 460 -6.43 47.90 -24.34
N GLU F 461 -6.18 47.11 -25.37
CA GLU F 461 -7.26 46.44 -26.08
C GLU F 461 -7.92 45.37 -25.22
N GLU F 462 -7.13 44.59 -24.48
CA GLU F 462 -7.70 43.51 -23.68
C GLU F 462 -8.57 44.05 -22.55
N SER F 463 -8.15 45.14 -21.90
CA SER F 463 -8.93 45.66 -20.80
C SER F 463 -10.14 46.46 -21.28
N ALA F 464 -10.13 46.94 -22.53
CA ALA F 464 -11.24 47.75 -23.02
C ALA F 464 -12.56 46.98 -23.09
N LYS F 465 -12.50 45.65 -23.18
CA LYS F 465 -13.70 44.86 -23.36
C LYS F 465 -14.66 44.99 -22.17
N GLU F 466 -14.12 44.99 -20.95
CA GLU F 466 -14.96 44.98 -19.75
C GLU F 466 -14.62 46.09 -18.77
N SER F 467 -13.77 47.02 -19.18
CA SER F 467 -13.38 48.12 -18.32
C SER F 467 -14.59 48.92 -17.85
N THR F 468 -14.69 49.12 -16.54
CA THR F 468 -15.81 49.87 -15.99
C THR F 468 -15.74 51.35 -16.33
N GLY F 469 -14.54 51.87 -16.61
CA GLY F 469 -14.40 53.26 -17.01
C GLY F 469 -13.29 54.01 -16.29
N HIS F 470 -12.89 55.15 -16.86
CA HIS F 470 -11.95 56.04 -16.21
C HIS F 470 -12.60 56.75 -15.03
N GLY F 471 -13.85 57.20 -15.22
CA GLY F 471 -14.49 58.06 -14.27
C GLY F 471 -15.38 57.40 -13.25
N SER F 472 -15.50 56.07 -13.27
CA SER F 472 -16.38 55.39 -12.34
C SER F 472 -15.57 54.85 -11.18
N PRO F 473 -15.71 55.39 -9.97
CA PRO F 473 -15.05 54.81 -8.79
C PRO F 473 -15.78 53.56 -8.33
N LEU F 474 -15.07 52.46 -8.30
CA LEU F 474 -15.66 51.22 -7.81
C LEU F 474 -15.54 51.13 -6.30
N PRO F 475 -16.51 50.50 -5.64
CA PRO F 475 -16.49 50.45 -4.17
C PRO F 475 -15.35 49.64 -3.59
N GLN F 476 -14.67 48.82 -4.37
CA GLN F 476 -13.53 48.04 -3.87
C GLN F 476 -12.22 48.83 -3.91
N LEU F 477 -12.18 49.98 -4.56
CA LEU F 477 -10.95 50.73 -4.79
C LEU F 477 -11.02 52.08 -4.10
N VAL F 478 -9.87 52.56 -3.62
CA VAL F 478 -9.84 53.83 -2.94
C VAL F 478 -10.28 54.93 -3.90
N HIS F 479 -10.82 56.00 -3.34
CA HIS F 479 -11.32 57.13 -4.12
C HIS F 479 -10.84 58.40 -3.46
N GLY F 480 -9.78 58.99 -4.01
CA GLY F 480 -9.18 60.17 -3.43
C GLY F 480 -7.91 60.52 -4.16
N GLY F 481 -7.13 61.40 -3.54
CA GLY F 481 -5.87 61.81 -4.10
C GLY F 481 -5.21 62.87 -3.25
N PRO F 482 -3.92 63.09 -3.45
CA PRO F 482 -3.20 64.10 -2.67
C PRO F 482 -3.40 65.50 -3.24
N GLY F 483 -2.89 66.47 -2.48
CA GLY F 483 -2.78 67.84 -2.93
C GLY F 483 -4.07 68.52 -3.35
N ARG F 484 -4.14 68.91 -4.61
CA ARG F 484 -5.30 69.61 -5.14
C ARG F 484 -6.57 68.77 -5.03
N ALA F 485 -6.45 67.44 -4.95
CA ALA F 485 -7.63 66.60 -4.82
C ALA F 485 -8.12 66.48 -3.39
N GLY F 486 -7.53 67.22 -2.43
CA GLY F 486 -8.06 67.33 -1.08
C GLY F 486 -7.27 66.54 -0.05
N GLY F 487 -6.69 65.41 -0.45
CA GLY F 487 -5.91 64.61 0.45
C GLY F 487 -6.65 63.45 1.08
N GLY F 488 -7.95 63.32 0.84
CA GLY F 488 -8.75 62.31 1.50
C GLY F 488 -8.71 60.96 0.81
N GLU F 489 -9.49 60.04 1.36
CA GLU F 489 -9.56 58.66 0.90
C GLU F 489 -10.92 58.08 1.22
N GLU F 490 -11.55 57.46 0.22
CA GLU F 490 -12.87 56.88 0.39
C GLU F 490 -12.88 55.51 -0.27
N LEU F 491 -13.90 54.72 0.05
CA LEU F 491 -14.34 53.58 -0.74
C LEU F 491 -13.30 52.48 -0.90
N GLY F 492 -12.36 52.31 0.02
CA GLY F 492 -11.34 51.32 -0.26
C GLY F 492 -11.66 49.91 0.21
N GLY F 493 -12.93 49.50 0.10
CA GLY F 493 -13.34 48.28 0.75
C GLY F 493 -13.53 48.52 2.24
N LEU F 494 -13.05 47.59 3.05
CA LEU F 494 -13.11 47.74 4.50
C LEU F 494 -12.23 48.87 5.01
N ARG F 495 -11.31 49.35 4.17
CA ARG F 495 -10.51 50.51 4.51
C ARG F 495 -11.39 51.70 4.90
N ALA F 496 -12.51 51.86 4.21
CA ALA F 496 -13.41 52.97 4.52
C ALA F 496 -14.20 52.71 5.80
N VAL F 497 -14.53 51.45 6.08
CA VAL F 497 -15.17 51.11 7.35
C VAL F 497 -14.29 51.53 8.52
N LYS F 498 -12.98 51.39 8.38
CA LYS F 498 -12.10 51.72 9.51
C LYS F 498 -12.01 53.22 9.80
N HIS F 499 -12.60 54.09 8.98
CA HIS F 499 -12.52 55.52 9.29
C HIS F 499 -13.51 55.94 10.36
N TYR F 500 -14.50 55.11 10.67
CA TYR F 500 -15.49 55.43 11.68
C TYR F 500 -15.26 54.64 12.95
N MET F 501 -14.09 54.03 13.08
CA MET F 501 -13.70 53.23 14.21
C MET F 501 -12.40 53.76 14.81
N GLN F 502 -12.08 53.31 16.00
CA GLN F 502 -10.84 53.63 16.68
C GLN F 502 -10.00 52.38 16.79
N ARG F 503 -8.72 52.48 16.45
CA ARG F 503 -7.79 51.36 16.55
C ARG F 503 -7.05 51.44 17.88
N THR F 504 -7.00 50.32 18.59
CA THR F 504 -6.46 50.28 19.94
C THR F 504 -5.62 49.02 20.12
N ALA F 505 -4.38 49.19 20.55
CA ALA F 505 -3.56 48.06 20.94
C ALA F 505 -3.91 47.60 22.35
N VAL F 506 -4.09 46.30 22.53
CA VAL F 506 -4.45 45.72 23.82
C VAL F 506 -3.37 44.73 24.21
N GLN F 507 -2.64 45.02 25.29
CA GLN F 507 -1.61 44.15 25.82
C GLN F 507 -2.13 43.40 27.05
N GLY F 508 -1.62 42.20 27.22
CA GLY F 508 -1.99 41.40 28.37
C GLY F 508 -1.61 39.94 28.12
N SER F 509 -2.09 39.09 29.01
CA SER F 509 -1.83 37.68 28.84
C SER F 509 -2.73 37.13 27.74
N PRO F 510 -2.30 36.07 27.06
CA PRO F 510 -3.14 35.49 26.00
C PRO F 510 -4.55 35.12 26.46
N THR F 511 -4.71 34.69 27.70
CA THR F 511 -6.05 34.35 28.19
C THR F 511 -6.96 35.57 28.25
N MET F 512 -6.44 36.68 28.79
CA MET F 512 -7.18 37.94 28.79
C MET F 512 -7.51 38.39 27.37
N LEU F 513 -6.55 38.27 26.46
CA LEU F 513 -6.78 38.73 25.10
C LEU F 513 -7.82 37.86 24.41
N ALA F 514 -7.83 36.56 24.70
CA ALA F 514 -8.86 35.68 24.17
C ALA F 514 -10.24 36.05 24.70
N ALA F 515 -10.32 36.42 25.98
CA ALA F 515 -11.61 36.86 26.51
C ALA F 515 -12.07 38.15 25.85
N ILE F 516 -11.16 39.12 25.72
CA ILE F 516 -11.51 40.40 25.13
C ILE F 516 -11.91 40.22 23.66
N SER F 517 -11.21 39.36 22.93
CA SER F 517 -11.43 39.18 21.51
C SER F 517 -12.66 38.35 21.19
N LYS F 518 -13.07 37.47 22.12
CA LYS F 518 -14.05 36.43 21.84
C LYS F 518 -13.55 35.49 20.74
N GLN F 519 -12.23 35.34 20.66
CA GLN F 519 -11.56 34.40 19.77
C GLN F 519 -10.38 33.82 20.53
N TRP F 520 -10.14 32.53 20.34
CA TRP F 520 -9.01 31.90 20.98
C TRP F 520 -7.71 32.36 20.32
N VAL F 521 -6.67 32.57 21.13
CA VAL F 521 -5.36 32.98 20.65
C VAL F 521 -4.34 31.99 21.19
N ARG F 522 -3.18 31.95 20.55
CA ARG F 522 -2.14 31.02 20.93
CA ARG F 522 -2.14 31.02 20.93
C ARG F 522 -1.66 31.30 22.35
N GLY F 523 -1.61 30.27 23.18
CA GLY F 523 -1.21 30.41 24.56
C GLY F 523 -2.34 30.55 25.54
N ALA F 524 -3.57 30.71 25.08
CA ALA F 524 -4.68 30.96 25.97
C ALA F 524 -5.23 29.66 26.54
N LYS F 525 -5.89 29.79 27.68
CA LYS F 525 -6.55 28.66 28.33
C LYS F 525 -7.55 27.99 27.40
N VAL F 526 -7.50 26.66 27.37
CA VAL F 526 -8.47 25.87 26.64
C VAL F 526 -9.36 25.14 27.65
N GLU F 527 -10.36 24.45 27.14
CA GLU F 527 -11.25 23.62 27.94
C GLU F 527 -11.58 22.35 27.18
N GLU F 528 -11.46 21.20 27.85
CA GLU F 528 -11.72 19.90 27.25
C GLU F 528 -13.03 19.33 27.80
N ASP F 529 -13.67 18.46 27.02
CA ASP F 529 -15.08 18.13 27.27
C ASP F 529 -15.40 16.67 27.51
N ARG F 530 -14.60 15.72 27.03
CA ARG F 530 -14.90 14.29 26.87
C ARG F 530 -15.79 14.02 25.66
N ILE F 531 -16.32 15.05 25.01
CA ILE F 531 -17.03 14.92 23.74
C ILE F 531 -16.15 15.54 22.67
N HIS F 532 -15.92 14.79 21.60
CA HIS F 532 -15.15 15.30 20.48
C HIS F 532 -15.77 16.60 19.97
N PRO F 533 -14.98 17.65 19.73
CA PRO F 533 -15.55 18.92 19.26
C PRO F 533 -16.31 18.84 17.94
N PHE F 534 -15.96 17.90 17.06
CA PHE F 534 -16.65 17.82 15.78
C PHE F 534 -18.07 17.26 15.91
N ARG F 535 -18.46 16.79 17.08
CA ARG F 535 -19.81 16.33 17.31
C ARG F 535 -20.74 17.43 17.81
N LYS F 536 -20.20 18.59 18.16
CA LYS F 536 -21.01 19.70 18.65
C LYS F 536 -21.56 20.52 17.48
N TYR F 537 -22.77 21.02 17.67
CA TYR F 537 -23.35 21.97 16.74
C TYR F 537 -22.75 23.36 16.95
N PHE F 538 -23.01 24.24 15.97
CA PHE F 538 -22.46 25.59 16.01
C PHE F 538 -22.74 26.28 17.33
N GLU F 539 -23.99 26.30 17.77
CA GLU F 539 -24.35 27.01 19.00
C GLU F 539 -23.68 26.43 20.24
N GLU F 540 -23.38 25.13 20.25
CA GLU F 540 -22.71 24.55 21.40
C GLU F 540 -21.21 24.78 21.42
N LEU F 541 -20.62 25.13 20.29
CA LEU F 541 -19.19 25.34 20.21
C LEU F 541 -18.79 26.65 20.86
N GLN F 542 -17.65 26.66 21.53
CA GLN F 542 -17.11 27.88 22.12
C GLN F 542 -15.66 28.03 21.73
N PRO F 543 -15.21 29.25 21.42
CA PRO F 543 -13.78 29.46 21.16
C PRO F 543 -12.92 29.00 22.33
N GLY F 544 -12.01 28.07 22.05
CA GLY F 544 -11.17 27.48 23.05
C GLY F 544 -11.51 26.04 23.41
N ASP F 545 -12.62 25.50 22.90
CA ASP F 545 -12.91 24.07 23.06
C ASP F 545 -11.85 23.28 22.33
N SER F 546 -11.28 22.30 23.01
CA SER F 546 -10.00 21.76 22.58
C SER F 546 -9.93 20.26 22.79
N LEU F 547 -9.18 19.60 21.91
CA LEU F 547 -9.02 18.15 21.92
C LEU F 547 -7.57 17.79 21.73
N LEU F 548 -7.04 16.99 22.66
CA LEU F 548 -5.72 16.36 22.51
C LEU F 548 -5.93 14.98 21.93
N THR F 549 -5.35 14.75 20.76
CA THR F 549 -5.52 13.50 20.05
C THR F 549 -4.50 12.47 20.54
N PRO F 550 -4.66 11.20 20.17
CA PRO F 550 -3.60 10.21 20.41
C PRO F 550 -2.41 10.43 19.49
N ARG F 551 -1.37 9.66 19.75
CA ARG F 551 -0.07 9.83 19.11
C ARG F 551 0.11 8.87 17.95
N ARG F 552 0.94 9.28 16.98
CA ARG F 552 1.35 8.43 15.88
C ARG F 552 2.86 8.54 15.69
N THR F 553 3.54 7.41 15.79
CA THR F 553 4.98 7.35 15.61
C THR F 553 5.33 7.28 14.12
N MET F 554 6.15 8.21 13.65
CA MET F 554 6.59 8.20 12.27
C MET F 554 7.68 7.16 12.05
N THR F 555 7.56 6.41 10.96
CA THR F 555 8.53 5.39 10.60
C THR F 555 9.03 5.63 9.18
N GLU F 556 10.09 4.92 8.82
CA GLU F 556 10.58 4.93 7.43
C GLU F 556 9.51 4.43 6.46
N ALA F 557 8.71 3.46 6.90
CA ALA F 557 7.59 2.97 6.10
C ALA F 557 6.66 4.10 5.70
N ASP F 558 6.42 5.05 6.61
CA ASP F 558 5.49 6.14 6.31
C ASP F 558 6.05 7.05 5.23
N ILE F 559 7.35 7.34 5.29
CA ILE F 559 8.01 8.13 4.26
C ILE F 559 7.89 7.45 2.90
N VAL F 560 8.21 6.16 2.85
CA VAL F 560 8.16 5.43 1.59
C VAL F 560 6.73 5.41 1.05
N ASN F 561 5.76 5.03 1.89
CA ASN F 561 4.38 4.93 1.44
C ASN F 561 3.82 6.27 0.96
N PHE F 562 4.12 7.36 1.67
CA PHE F 562 3.56 8.64 1.25
C PHE F 562 4.21 9.13 -0.04
N ALA F 563 5.53 8.98 -0.16
CA ALA F 563 6.20 9.37 -1.41
C ALA F 563 5.66 8.55 -2.58
N CYS F 564 5.35 7.28 -2.34
CA CYS F 564 4.83 6.45 -3.42
C CYS F 564 3.41 6.86 -3.80
N LEU F 565 2.53 7.00 -2.81
CA LEU F 565 1.13 7.32 -3.09
C LEU F 565 0.98 8.71 -3.71
N SER F 566 1.74 9.69 -3.24
CA SER F 566 1.59 11.05 -3.72
C SER F 566 2.41 11.34 -4.96
N GLY F 567 3.50 10.60 -5.18
CA GLY F 567 4.39 10.83 -6.29
C GLY F 567 5.54 11.77 -6.02
N ASP F 568 5.72 12.24 -4.79
CA ASP F 568 6.75 13.22 -4.48
C ASP F 568 8.00 12.50 -3.97
N HIS F 569 8.98 12.35 -4.85
CA HIS F 569 10.23 11.67 -4.54
C HIS F 569 11.38 12.67 -4.37
N PHE F 570 11.08 13.83 -3.81
CA PHE F 570 12.10 14.83 -3.51
C PHE F 570 13.23 14.23 -2.67
N TYR F 571 14.47 14.62 -3.01
CA TYR F 571 15.64 13.92 -2.47
C TYR F 571 15.72 14.00 -0.95
N ALA F 572 15.13 15.03 -0.33
CA ALA F 572 15.21 15.12 1.12
C ALA F 572 14.45 14.01 1.83
N HIS F 573 13.65 13.24 1.09
CA HIS F 573 12.90 12.12 1.66
C HIS F 573 13.35 10.77 1.15
N MET F 574 13.82 10.68 -0.10
CA MET F 574 14.03 9.40 -0.76
C MET F 574 15.48 9.08 -1.09
N ASP F 575 16.42 10.00 -0.89
CA ASP F 575 17.81 9.84 -1.28
C ASP F 575 18.68 10.11 -0.07
N LYS F 576 19.20 9.05 0.53
CA LYS F 576 19.95 9.19 1.77
C LYS F 576 21.31 9.85 1.54
N ILE F 577 21.88 9.67 0.35
CA ILE F 577 23.16 10.28 0.00
C ILE F 577 23.03 11.80 -0.09
N ALA F 578 22.05 12.27 -0.86
CA ALA F 578 21.87 13.71 -0.99
C ALA F 578 21.37 14.33 0.30
N ALA F 579 20.54 13.60 1.06
CA ALA F 579 20.06 14.12 2.33
C ALA F 579 21.18 14.23 3.35
N ALA F 580 22.23 13.41 3.22
CA ALA F 580 23.37 13.52 4.12
C ALA F 580 23.98 14.92 4.10
N GLU F 581 24.09 15.55 2.93
CA GLU F 581 24.58 16.92 2.89
C GLU F 581 23.47 17.95 2.75
N SER F 582 22.27 17.67 3.23
CA SER F 582 21.27 18.71 3.37
C SER F 582 21.46 19.43 4.70
N ILE F 583 20.60 20.42 4.96
CA ILE F 583 20.66 21.10 6.25
C ILE F 583 20.26 20.16 7.37
N PHE F 584 19.30 19.27 7.12
CA PHE F 584 18.82 18.37 8.17
C PHE F 584 19.84 17.27 8.44
N GLY F 585 20.55 16.80 7.42
CA GLY F 585 21.56 15.79 7.59
C GLY F 585 21.08 14.36 7.50
N GLU F 586 19.79 14.14 7.28
CA GLU F 586 19.24 12.81 7.06
C GLU F 586 17.86 12.97 6.43
N ARG F 587 17.26 11.84 6.08
CA ARG F 587 15.93 11.86 5.47
C ARG F 587 14.88 12.28 6.49
N VAL F 588 13.95 13.13 6.05
CA VAL F 588 12.87 13.61 6.89
C VAL F 588 11.52 13.21 6.29
N VAL F 589 10.47 13.47 7.03
CA VAL F 589 9.10 13.17 6.62
C VAL F 589 8.53 14.33 5.81
N HIS F 590 7.76 14.00 4.77
CA HIS F 590 7.07 15.01 3.97
C HIS F 590 6.17 15.87 4.85
N GLY F 591 6.26 17.19 4.66
CA GLY F 591 5.37 18.09 5.38
C GLY F 591 3.91 17.81 5.11
N TYR F 592 3.59 17.49 3.85
CA TYR F 592 2.20 17.20 3.51
C TYR F 592 1.71 15.93 4.19
N PHE F 593 2.61 15.01 4.50
CA PHE F 593 2.19 13.83 5.24
C PHE F 593 2.00 14.16 6.72
N VAL F 594 2.77 15.09 7.27
CA VAL F 594 2.48 15.58 8.62
C VAL F 594 1.09 16.17 8.66
N LEU F 595 0.75 16.99 7.67
CA LEU F 595 -0.58 17.57 7.56
C LEU F 595 -1.67 16.51 7.47
N SER F 596 -1.47 15.51 6.61
CA SER F 596 -2.49 14.48 6.40
C SER F 596 -2.66 13.58 7.62
N ALA F 597 -1.56 13.17 8.24
CA ALA F 597 -1.62 12.37 9.45
C ALA F 597 -2.25 13.15 10.60
N ALA F 598 -2.04 14.47 10.65
CA ALA F 598 -2.72 15.26 11.67
C ALA F 598 -4.23 15.24 11.45
N ALA F 599 -4.66 15.48 10.21
CA ALA F 599 -6.07 15.32 9.89
C ALA F 599 -6.59 13.95 10.30
N GLY F 600 -5.81 12.90 10.05
CA GLY F 600 -6.20 11.58 10.46
C GLY F 600 -6.33 11.42 11.97
N LEU F 601 -5.51 12.14 12.73
CA LEU F 601 -5.58 12.04 14.19
C LEU F 601 -6.80 12.78 14.74
N PHE F 602 -7.20 13.92 14.15
CA PHE F 602 -8.27 14.66 14.83
C PHE F 602 -9.64 14.56 14.18
N VAL F 603 -9.75 14.10 12.94
CA VAL F 603 -11.03 14.15 12.25
C VAL F 603 -11.94 13.05 12.78
N ASP F 604 -13.17 13.42 13.13
CA ASP F 604 -14.19 12.45 13.52
C ASP F 604 -14.85 11.87 12.28
N ALA F 605 -14.99 10.55 12.26
CA ALA F 605 -15.38 9.89 11.01
C ALA F 605 -16.86 9.96 10.73
N GLY F 606 -17.70 9.80 11.75
CA GLY F 606 -19.12 9.62 11.52
C GLY F 606 -19.85 10.90 11.18
N VAL F 607 -21.06 10.73 10.65
CA VAL F 607 -21.91 11.85 10.28
C VAL F 607 -22.14 12.74 11.49
N GLY F 608 -21.93 14.03 11.32
CA GLY F 608 -22.11 14.98 12.39
C GLY F 608 -22.38 16.37 11.89
N PRO F 609 -22.25 17.36 12.77
CA PRO F 609 -22.49 18.75 12.35
C PRO F 609 -21.44 19.30 11.40
N VAL F 610 -20.21 18.79 11.44
CA VAL F 610 -19.19 19.27 10.52
C VAL F 610 -19.54 18.82 9.10
N ILE F 611 -19.68 19.78 8.20
CA ILE F 611 -20.15 19.52 6.84
C ILE F 611 -19.02 19.58 5.82
N ALA F 612 -18.16 20.59 5.90
CA ALA F 612 -17.15 20.83 4.89
C ALA F 612 -15.86 21.28 5.55
N ASN F 613 -14.73 21.00 4.90
CA ASN F 613 -13.44 21.52 5.34
C ASN F 613 -12.98 22.71 4.49
N TYR F 614 -12.78 22.49 3.20
CA TYR F 614 -12.65 23.50 2.16
C TYR F 614 -11.56 24.56 2.34
N GLY F 615 -10.75 24.53 3.39
CA GLY F 615 -9.81 25.62 3.57
C GLY F 615 -8.73 25.37 4.59
N LEU F 616 -7.53 25.83 4.26
CA LEU F 616 -6.35 25.79 5.13
C LEU F 616 -5.65 27.12 4.99
N GLU F 617 -5.39 27.79 6.11
CA GLU F 617 -5.10 29.22 6.01
C GLU F 617 -3.62 29.57 6.09
N SER F 618 -2.92 29.24 7.16
CA SER F 618 -1.55 29.77 7.28
C SER F 618 -0.63 28.67 7.79
N LEU F 619 -0.09 27.88 6.87
CA LEU F 619 0.67 26.70 7.24
C LEU F 619 2.15 27.00 7.14
N ARG F 620 2.84 26.88 8.27
CA ARG F 620 4.29 26.93 8.33
C ARG F 620 4.81 25.61 8.87
N PHE F 621 5.92 25.14 8.34
CA PHE F 621 6.59 23.95 8.84
C PHE F 621 7.80 24.41 9.65
N ILE F 622 7.73 24.23 10.96
CA ILE F 622 8.72 24.81 11.86
C ILE F 622 9.96 23.93 11.94
N GLU F 623 9.79 22.67 12.31
CA GLU F 623 10.90 21.79 12.56
C GLU F 623 10.74 20.51 11.75
N PRO F 624 11.84 19.92 11.31
CA PRO F 624 11.75 18.63 10.60
C PRO F 624 11.28 17.51 11.52
N VAL F 625 10.44 16.65 10.96
CA VAL F 625 10.00 15.44 11.61
C VAL F 625 10.79 14.28 11.02
N LYS F 626 11.37 13.46 11.88
CA LYS F 626 12.23 12.34 11.51
C LYS F 626 11.56 11.02 11.81
N PRO F 627 11.94 9.96 11.10
CA PRO F 627 11.54 8.61 11.53
C PRO F 627 11.99 8.34 12.96
N GLY F 628 11.09 7.78 13.75
CA GLY F 628 11.30 7.60 15.16
C GLY F 628 10.69 8.69 16.02
N ASP F 629 10.28 9.81 15.43
CA ASP F 629 9.56 10.83 16.16
C ASP F 629 8.08 10.47 16.25
N THR F 630 7.44 10.96 17.30
CA THR F 630 6.03 10.71 17.55
C THR F 630 5.31 12.05 17.54
N ILE F 631 4.19 12.13 16.87
CA ILE F 631 3.47 13.38 16.75
C ILE F 631 2.13 13.24 17.46
N GLN F 632 1.63 14.37 17.92
CA GLN F 632 0.36 14.47 18.62
C GLN F 632 -0.19 15.85 18.28
N VAL F 633 -1.51 15.97 18.23
CA VAL F 633 -2.16 17.17 17.73
C VAL F 633 -3.02 17.74 18.85
N ARG F 634 -3.05 19.06 18.93
CA ARG F 634 -4.01 19.79 19.74
C ARG F 634 -4.89 20.59 18.78
N LEU F 635 -6.20 20.29 18.78
CA LEU F 635 -7.18 20.94 17.91
C LEU F 635 -8.07 21.85 18.75
N THR F 636 -8.02 23.15 18.49
CA THR F 636 -8.74 24.12 19.28
C THR F 636 -9.64 24.98 18.40
N CYS F 637 -10.89 25.13 18.83
CA CYS F 637 -11.82 26.03 18.16
C CYS F 637 -11.40 27.49 18.38
N LYS F 638 -11.10 28.18 17.29
CA LYS F 638 -10.51 29.51 17.32
C LYS F 638 -11.50 30.64 17.14
N ARG F 639 -12.43 30.55 16.18
CA ARG F 639 -13.29 31.65 15.82
C ARG F 639 -14.55 31.11 15.14
N LYS F 640 -15.72 31.63 15.53
CA LYS F 640 -16.99 31.23 14.96
C LYS F 640 -17.64 32.40 14.25
N THR F 641 -18.24 32.15 13.09
CA THR F 641 -18.92 33.20 12.34
C THR F 641 -20.21 32.65 11.76
N LEU F 642 -21.34 33.13 12.26
CA LEU F 642 -22.64 32.69 11.78
C LEU F 642 -22.90 33.18 10.36
N LYS F 643 -23.55 32.35 9.56
CA LYS F 643 -23.94 32.70 8.20
C LYS F 643 -25.45 32.87 8.15
N LYS F 644 -25.89 34.02 7.63
CA LYS F 644 -27.31 34.30 7.52
C LYS F 644 -27.94 33.42 6.44
N GLN F 645 -29.06 32.80 6.79
CA GLN F 645 -29.84 32.06 5.79
C GLN F 645 -30.33 33.03 4.73
N ARG F 646 -30.01 32.74 3.47
CA ARG F 646 -30.40 33.58 2.35
C ARG F 646 -31.77 33.24 1.81
N SER F 647 -32.45 32.27 2.42
CA SER F 647 -33.81 31.86 2.07
C SER F 647 -34.44 31.28 3.32
N ALA F 648 -35.58 30.61 3.14
CA ALA F 648 -36.11 29.74 4.19
C ALA F 648 -35.81 28.28 3.92
N GLU F 649 -35.22 27.96 2.78
CA GLU F 649 -34.91 26.59 2.40
C GLU F 649 -33.56 26.11 2.89
N GLU F 650 -32.50 26.89 2.64
CA GLU F 650 -31.15 26.42 2.88
C GLU F 650 -30.91 26.14 4.36
N LYS F 651 -30.10 25.14 4.63
CA LYS F 651 -29.84 24.73 6.01
C LYS F 651 -28.92 25.73 6.69
N PRO F 652 -29.16 26.08 7.95
CA PRO F 652 -28.35 27.10 8.62
C PRO F 652 -27.00 26.54 9.05
N THR F 653 -25.94 27.08 8.48
CA THR F 653 -24.58 26.68 8.82
C THR F 653 -23.84 27.88 9.38
N GLY F 654 -22.70 27.61 10.01
CA GLY F 654 -21.79 28.66 10.42
C GLY F 654 -20.38 28.28 10.03
N VAL F 655 -19.50 29.26 10.03
CA VAL F 655 -18.10 29.06 9.70
C VAL F 655 -17.31 29.01 10.99
N VAL F 656 -16.54 27.94 11.18
CA VAL F 656 -15.67 27.78 12.33
C VAL F 656 -14.24 27.66 11.84
N GLU F 657 -13.35 28.47 12.39
CA GLU F 657 -11.91 28.34 12.17
C GLU F 657 -11.32 27.57 13.34
N TRP F 658 -10.47 26.60 13.04
CA TRP F 658 -9.86 25.75 14.06
C TRP F 658 -8.36 25.98 14.06
N ALA F 659 -7.79 26.13 15.25
CA ALA F 659 -6.35 26.16 15.41
C ALA F 659 -5.83 24.74 15.54
N VAL F 660 -4.82 24.40 14.74
CA VAL F 660 -4.18 23.09 14.78
C VAL F 660 -2.73 23.28 15.18
N GLU F 661 -2.27 22.49 16.14
CA GLU F 661 -0.88 22.52 16.62
C GLU F 661 -0.37 21.10 16.70
N VAL F 662 0.65 20.78 15.91
CA VAL F 662 1.26 19.45 15.89
C VAL F 662 2.56 19.50 16.67
N PHE F 663 2.72 18.61 17.64
CA PHE F 663 3.89 18.54 18.50
C PHE F 663 4.63 17.23 18.29
N ASN F 664 5.95 17.26 18.47
CA ASN F 664 6.71 16.02 18.54
C ASN F 664 6.81 15.60 20.01
N GLN F 665 7.62 14.59 20.29
CA GLN F 665 7.66 14.01 21.63
C GLN F 665 8.41 14.86 22.65
N HIS F 666 9.18 15.84 22.20
CA HIS F 666 9.73 16.86 23.10
C HIS F 666 8.76 18.01 23.34
N GLN F 667 7.49 17.84 22.98
CA GLN F 667 6.49 18.91 22.98
C GLN F 667 6.91 20.13 22.17
N THR F 668 7.84 19.96 21.24
CA THR F 668 8.19 21.04 20.34
C THR F 668 7.19 21.08 19.19
N PRO F 669 6.67 22.25 18.85
CA PRO F 669 5.77 22.36 17.69
C PRO F 669 6.54 22.13 16.40
N VAL F 670 5.93 21.39 15.48
CA VAL F 670 6.53 21.16 14.17
C VAL F 670 5.65 21.68 13.05
N ALA F 671 4.41 22.08 13.34
CA ALA F 671 3.50 22.62 12.33
C ALA F 671 2.40 23.40 13.03
N LEU F 672 2.07 24.56 12.47
CA LEU F 672 0.98 25.39 12.98
C LEU F 672 0.16 25.85 11.78
N TYR F 673 -1.16 25.82 11.90
CA TYR F 673 -2.02 26.26 10.81
C TYR F 673 -3.46 26.31 11.31
N SER F 674 -4.33 26.88 10.50
CA SER F 674 -5.75 26.95 10.77
C SER F 674 -6.50 26.24 9.65
N ILE F 675 -7.59 25.57 10.01
CA ILE F 675 -8.52 25.00 9.03
C ILE F 675 -9.84 25.74 9.14
N LEU F 676 -10.48 25.95 8.00
CA LEU F 676 -11.82 26.49 7.95
C LEU F 676 -12.81 25.33 7.84
N THR F 677 -14.04 25.58 8.24
CA THR F 677 -15.04 24.51 8.31
C THR F 677 -16.43 25.11 8.30
N LEU F 678 -17.36 24.43 7.63
CA LEU F 678 -18.78 24.73 7.72
C LEU F 678 -19.41 23.82 8.76
N VAL F 679 -20.11 24.40 9.72
CA VAL F 679 -20.72 23.65 10.82
C VAL F 679 -22.20 23.93 10.84
N ALA F 680 -23.01 22.88 10.94
CA ALA F 680 -24.45 23.02 10.98
C ALA F 680 -24.93 23.63 12.28
N ARG F 681 -25.92 24.51 12.18
CA ARG F 681 -26.58 25.13 13.32
C ARG F 681 -27.84 24.36 13.69
N GLN F 682 -28.22 24.48 14.97
CA GLN F 682 -29.47 23.88 15.43
C GLN F 682 -30.67 24.73 15.06
N HIS F 683 -30.52 26.06 15.10
CA HIS F 683 -31.64 26.98 14.90
C HIS F 683 -31.27 28.00 13.85
N GLY F 684 -32.01 27.98 12.74
CA GLY F 684 -31.84 28.98 11.71
C GLY F 684 -32.52 30.29 12.07
N ASP F 685 -32.25 31.31 11.28
CA ASP F 685 -32.88 32.62 11.45
C ASP F 685 -33.60 33.03 10.18
N PHE F 686 -34.16 32.05 9.47
CA PHE F 686 -34.90 32.23 8.21
C PHE F 686 -34.31 33.27 7.27
#